data_9I30
#
_entry.id   9I30
#
_cell.length_a   276.694
_cell.length_b   276.694
_cell.length_c   390.43
_cell.angle_alpha   90
_cell.angle_beta   90
_cell.angle_gamma   90
#
_symmetry.space_group_name_H-M   'I 4 2 2'
#
loop_
_entity.id
_entity.type
_entity.pdbx_description
1 polymer 'Alpha-methylacyl-CoA racemase'
2 non-polymer (S)-ketoprofenoyl-CoA
3 water water
#
_entity_poly.entity_id   1
_entity_poly.type   'polypeptide(L)'
_entity_poly.pdbx_seq_one_letter_code
;MAGPLSGLRVVELAGIGPGPHAAMILGDLGADVVRIDRPSSVDGISRDAMLRNRRIVTADLKSDQGLELALKLIAKADVL
IEGYRPGVTERLGLGPEECAKVNDRLIYARMTGWGQTGPRSQQAGHDINYISLNGILHAIGRGDERPVPPLNLVGDFGGG
SMFLLVGILAALWERQSSGKGQVVDAAMVDGSSVLIQMMWAMRATGMWTDTRGANMLDGGAPYYDTYECADGRYVAVGAI
EPQFYAAMLAGLGLDAAELPPQNDRARWPELRALLTEAFASHDRDHWGAVFANSDACVTPVLAFGEVHNEPHIIERNTFY
EANGGWQPMPAPRFSRTASSQPRPPAATIDIEAVLTDWDGGSGC
;
_entity_poly.pdbx_strand_id   A,B,C,D,E,F,G,H,I,J,K,L
#
loop_
_chem_comp.id
_chem_comp.type
_chem_comp.name
_chem_comp.formula
A1IZD non-polymer (S)-ketoprofenoyl-CoA 'C37 H48 N7 O18 P3 S'
#
# COMPACT_ATOMS: atom_id res chain seq x y z
N MET A 1 48.74 5.06 -50.48
CA MET A 1 48.78 6.11 -49.42
C MET A 1 50.10 6.02 -48.65
N ALA A 2 50.92 7.08 -48.76
CA ALA A 2 52.26 7.12 -48.20
C ALA A 2 52.24 7.25 -46.68
N GLY A 3 53.25 6.70 -46.02
CA GLY A 3 53.50 6.97 -44.62
C GLY A 3 53.49 5.69 -43.80
N PRO A 4 53.98 5.69 -42.55
CA PRO A 4 54.13 4.45 -41.80
C PRO A 4 52.84 3.77 -41.41
N LEU A 5 51.71 4.49 -41.53
CA LEU A 5 50.41 4.02 -41.08
C LEU A 5 49.56 3.62 -42.28
N SER A 6 50.22 3.49 -43.45
CA SER A 6 49.59 2.88 -44.62
C SER A 6 48.88 1.60 -44.18
N GLY A 7 47.65 1.44 -44.68
CA GLY A 7 46.86 0.26 -44.36
C GLY A 7 45.90 0.54 -43.20
N LEU A 8 46.28 1.42 -42.26
CA LEU A 8 45.49 1.60 -41.05
C LEU A 8 44.17 2.29 -41.40
N ARG A 9 43.07 1.73 -40.84
CA ARG A 9 41.72 2.12 -41.16
C ARG A 9 41.04 2.71 -39.94
N VAL A 10 40.42 3.88 -40.12
CA VAL A 10 40.02 4.66 -38.97
C VAL A 10 38.64 5.24 -39.22
N VAL A 11 37.76 5.06 -38.23
CA VAL A 11 36.45 5.72 -38.27
C VAL A 11 36.39 6.80 -37.19
N GLU A 12 35.99 8.00 -37.61
CA GLU A 12 35.97 9.17 -36.77
C GLU A 12 34.54 9.73 -36.73
N LEU A 13 33.94 9.66 -35.55
CA LEU A 13 32.66 10.30 -35.31
C LEU A 13 32.92 11.78 -35.02
N ALA A 14 32.43 12.63 -35.93
CA ALA A 14 32.81 14.03 -35.98
C ALA A 14 32.55 14.74 -34.67
N GLY A 15 33.59 15.42 -34.17
CA GLY A 15 33.52 16.26 -32.99
C GLY A 15 34.30 17.56 -33.21
N ILE A 16 34.75 18.18 -32.12
CA ILE A 16 35.57 19.39 -32.23
C ILE A 16 36.87 19.19 -31.45
N GLY A 17 37.95 19.78 -31.99
CA GLY A 17 39.21 19.94 -31.25
C GLY A 17 40.03 18.65 -31.24
N PRO A 18 40.24 18.00 -30.08
CA PRO A 18 41.17 16.89 -30.00
C PRO A 18 40.86 15.75 -30.95
N GLY A 19 39.59 15.29 -30.95
CA GLY A 19 39.14 14.21 -31.81
C GLY A 19 39.59 14.38 -33.25
N PRO A 20 39.22 15.48 -33.94
CA PRO A 20 39.72 15.71 -35.28
C PRO A 20 41.24 15.95 -35.43
N HIS A 21 41.92 16.38 -34.37
CA HIS A 21 43.35 16.66 -34.50
C HIS A 21 44.09 15.34 -34.54
N ALA A 22 43.67 14.42 -33.66
CA ALA A 22 44.12 13.04 -33.68
C ALA A 22 43.86 12.39 -35.03
N ALA A 23 42.63 12.49 -35.51
CA ALA A 23 42.27 11.88 -36.77
C ALA A 23 43.18 12.41 -37.89
N MET A 24 43.39 13.73 -37.93
CA MET A 24 44.26 14.37 -38.90
C MET A 24 45.67 13.74 -38.91
N ILE A 25 46.26 13.60 -37.74
CA ILE A 25 47.63 13.13 -37.69
C ILE A 25 47.68 11.70 -38.24
N LEU A 26 46.72 10.84 -37.88
CA LEU A 26 46.67 9.48 -38.43
C LEU A 26 46.60 9.57 -39.95
N GLY A 27 45.71 10.40 -40.46
CA GLY A 27 45.66 10.64 -41.90
C GLY A 27 47.03 11.09 -42.43
N ASP A 28 47.62 12.07 -41.74
CA ASP A 28 48.89 12.66 -42.12
C ASP A 28 49.94 11.57 -42.37
N LEU A 29 49.91 10.51 -41.53
CA LEU A 29 50.93 9.48 -41.51
C LEU A 29 50.56 8.25 -42.38
N GLY A 30 49.52 8.36 -43.23
CA GLY A 30 49.17 7.27 -44.13
C GLY A 30 47.86 6.52 -43.82
N ALA A 31 47.32 6.65 -42.59
CA ALA A 31 46.07 5.99 -42.22
C ALA A 31 44.95 6.41 -43.17
N ASP A 32 44.02 5.46 -43.36
CA ASP A 32 42.81 5.65 -44.15
C ASP A 32 41.67 6.11 -43.24
N VAL A 33 41.29 7.37 -43.39
CA VAL A 33 40.47 7.98 -42.36
C VAL A 33 39.12 8.33 -42.98
N VAL A 34 38.09 7.74 -42.38
CA VAL A 34 36.73 8.01 -42.79
C VAL A 34 35.99 8.71 -41.66
N ARG A 35 35.47 9.89 -42.02
CA ARG A 35 34.81 10.77 -41.06
C ARG A 35 33.31 10.80 -41.32
N ILE A 36 32.53 10.37 -40.32
CA ILE A 36 31.08 10.42 -40.35
C ILE A 36 30.63 11.71 -39.67
N ASP A 37 30.13 12.68 -40.45
CA ASP A 37 29.45 13.85 -39.91
C ASP A 37 27.92 13.68 -40.06
N ARG A 38 27.17 14.51 -39.32
CA ARG A 38 25.72 14.53 -39.40
C ARG A 38 25.33 15.36 -40.63
N PRO A 39 24.20 15.05 -41.31
CA PRO A 39 23.84 15.76 -42.54
C PRO A 39 23.64 17.28 -42.39
N SER A 40 23.18 17.75 -41.20
CA SER A 40 23.10 19.18 -40.90
C SER A 40 24.46 19.82 -41.13
N SER A 41 24.87 19.86 -42.41
CA SER A 41 26.26 20.08 -42.83
C SER A 41 26.46 19.58 -44.26
N SER A 46 34.57 21.88 -47.48
CA SER A 46 35.10 22.16 -46.12
C SER A 46 36.38 22.99 -46.20
N ARG A 47 36.40 24.13 -45.50
CA ARG A 47 37.54 25.06 -45.57
C ARG A 47 38.36 24.99 -44.29
N ASP A 48 38.11 23.98 -43.44
CA ASP A 48 38.96 23.73 -42.28
C ASP A 48 40.02 22.70 -42.66
N ALA A 49 41.27 23.15 -42.70
CA ALA A 49 42.39 22.29 -43.02
C ALA A 49 42.62 21.22 -41.93
N MET A 50 41.94 21.31 -40.77
CA MET A 50 42.09 20.26 -39.77
C MET A 50 41.41 18.98 -40.25
N LEU A 51 40.61 19.08 -41.31
CA LEU A 51 39.90 17.94 -41.89
C LEU A 51 40.60 17.44 -43.15
N ARG A 52 41.89 17.75 -43.31
CA ARG A 52 42.70 17.20 -44.39
C ARG A 52 42.91 15.70 -44.14
N ASN A 53 43.40 15.02 -45.19
CA ASN A 53 43.63 13.58 -45.21
C ASN A 53 42.40 12.80 -44.74
N ARG A 54 41.23 13.15 -45.29
CA ARG A 54 39.97 12.55 -44.90
C ARG A 54 39.10 12.21 -46.11
N ARG A 55 38.35 11.11 -45.98
CA ARG A 55 37.06 10.98 -46.66
C ARG A 55 35.94 11.29 -45.66
N ILE A 56 35.09 12.27 -46.02
CA ILE A 56 33.91 12.65 -45.25
C ILE A 56 32.69 11.84 -45.72
N VAL A 57 31.81 11.45 -44.78
CA VAL A 57 30.51 10.89 -45.12
C VAL A 57 29.43 11.47 -44.21
N THR A 58 28.21 11.59 -44.75
CA THR A 58 26.99 11.97 -44.04
C THR A 58 26.32 10.75 -43.41
N ALA A 59 25.54 10.95 -42.34
CA ALA A 59 24.71 9.89 -41.77
C ALA A 59 24.07 10.33 -40.46
N ASP A 60 22.74 10.44 -40.47
CA ASP A 60 21.95 10.49 -39.26
C ASP A 60 22.14 9.18 -38.51
N LEU A 61 22.81 9.22 -37.36
CA LEU A 61 23.06 8.04 -36.54
C LEU A 61 21.89 7.81 -35.60
N LYS A 62 20.96 8.77 -35.56
CA LYS A 62 19.76 8.61 -34.77
C LYS A 62 18.79 7.70 -35.53
N SER A 63 18.90 7.68 -36.86
CA SER A 63 18.07 6.81 -37.67
C SER A 63 18.55 5.36 -37.58
N ASP A 64 17.69 4.43 -37.98
CA ASP A 64 18.00 3.01 -37.91
C ASP A 64 18.99 2.61 -39.00
N GLN A 65 18.85 3.22 -40.19
CA GLN A 65 19.71 2.90 -41.32
C GLN A 65 21.10 3.50 -41.11
N GLY A 66 21.14 4.78 -40.70
CA GLY A 66 22.36 5.44 -40.24
C GLY A 66 23.21 4.51 -39.37
N LEU A 67 22.66 4.10 -38.23
CA LEU A 67 23.36 3.29 -37.25
C LEU A 67 24.02 2.07 -37.88
N GLU A 68 23.34 1.47 -38.86
CA GLU A 68 23.75 0.14 -39.29
C GLU A 68 24.79 0.26 -40.39
N LEU A 69 24.71 1.31 -41.22
CA LEU A 69 25.80 1.70 -42.09
C LEU A 69 27.06 1.96 -41.26
N ALA A 70 26.95 2.92 -40.34
CA ALA A 70 28.00 3.20 -39.37
C ALA A 70 28.59 1.90 -38.85
N LEU A 71 27.72 0.94 -38.44
CA LEU A 71 28.21 -0.25 -37.74
C LEU A 71 28.93 -1.20 -38.69
N LYS A 72 28.66 -1.08 -39.99
CA LYS A 72 29.37 -1.84 -41.00
C LYS A 72 30.79 -1.31 -41.15
N LEU A 73 30.93 0.01 -41.35
CA LEU A 73 32.24 0.65 -41.39
C LEU A 73 33.09 0.20 -40.21
N ILE A 74 32.58 0.43 -39.00
CA ILE A 74 33.31 0.07 -37.80
C ILE A 74 33.83 -1.38 -37.89
N ALA A 75 32.98 -2.27 -38.41
CA ALA A 75 33.31 -3.69 -38.49
C ALA A 75 34.55 -3.91 -39.36
N LYS A 76 34.68 -3.12 -40.43
CA LYS A 76 35.77 -3.26 -41.40
C LYS A 76 36.97 -2.35 -41.06
N ALA A 77 37.05 -1.79 -39.84
CA ALA A 77 38.06 -0.78 -39.54
C ALA A 77 38.84 -1.14 -38.28
N ASP A 78 40.01 -0.51 -38.11
CA ASP A 78 40.91 -0.84 -37.03
C ASP A 78 40.66 0.02 -35.81
N VAL A 79 40.19 1.26 -36.06
CA VAL A 79 40.11 2.25 -35.00
C VAL A 79 38.82 3.05 -35.13
N LEU A 80 38.21 3.27 -33.96
CA LEU A 80 37.15 4.27 -33.83
C LEU A 80 37.58 5.40 -32.88
N ILE A 81 37.41 6.63 -33.37
CA ILE A 81 37.58 7.83 -32.56
C ILE A 81 36.22 8.48 -32.34
N GLU A 82 35.89 8.76 -31.08
CA GLU A 82 34.73 9.59 -30.79
C GLU A 82 35.09 10.54 -29.65
N GLY A 83 34.59 11.79 -29.72
CA GLY A 83 34.82 12.77 -28.67
C GLY A 83 33.55 13.49 -28.21
N TYR A 84 32.54 12.70 -27.79
CA TYR A 84 31.27 13.18 -27.27
C TYR A 84 31.28 12.93 -25.78
N ARG A 85 30.30 13.50 -25.06
CA ARG A 85 30.21 13.22 -23.65
C ARG A 85 30.06 11.71 -23.46
N PRO A 86 30.47 11.15 -22.30
CA PRO A 86 30.19 9.75 -22.02
C PRO A 86 28.71 9.42 -22.15
N GLY A 87 28.40 8.24 -22.69
CA GLY A 87 27.01 7.79 -22.78
C GLY A 87 26.40 8.11 -24.14
N VAL A 88 26.99 9.04 -24.88
CA VAL A 88 26.38 9.39 -26.14
C VAL A 88 26.48 8.23 -27.14
N THR A 89 27.63 7.58 -27.24
CA THR A 89 27.76 6.57 -28.30
C THR A 89 26.87 5.39 -27.90
N GLU A 90 26.88 5.04 -26.61
CA GLU A 90 26.02 3.99 -26.09
C GLU A 90 24.58 4.20 -26.60
N ARG A 91 23.98 5.31 -26.18
CA ARG A 91 22.62 5.69 -26.55
C ARG A 91 22.44 5.84 -28.05
N LEU A 92 23.50 5.80 -28.86
CA LEU A 92 23.37 5.82 -30.31
C LEU A 92 23.32 4.40 -30.88
N GLY A 93 23.76 3.42 -30.07
CA GLY A 93 24.01 2.05 -30.55
C GLY A 93 25.45 1.82 -31.07
N LEU A 94 26.39 2.75 -30.77
CA LEU A 94 27.78 2.72 -31.23
C LEU A 94 28.76 2.62 -30.07
N GLY A 95 28.30 2.25 -28.87
CA GLY A 95 29.14 2.14 -27.67
C GLY A 95 30.22 1.09 -27.83
N PRO A 96 31.17 0.96 -26.87
CA PRO A 96 32.18 -0.08 -26.94
C PRO A 96 31.59 -1.48 -27.07
N GLU A 97 30.58 -1.80 -26.24
CA GLU A 97 30.04 -3.15 -26.13
C GLU A 97 29.40 -3.58 -27.45
N GLU A 98 28.68 -2.64 -28.07
CA GLU A 98 28.05 -2.87 -29.36
C GLU A 98 29.09 -3.04 -30.46
N CYS A 99 30.20 -2.30 -30.33
CA CYS A 99 31.25 -2.33 -31.33
C CYS A 99 32.01 -3.66 -31.19
N ALA A 100 32.25 -4.11 -29.95
CA ALA A 100 32.96 -5.36 -29.65
C ALA A 100 32.23 -6.59 -30.16
N LYS A 101 30.97 -6.43 -30.58
CA LYS A 101 30.18 -7.52 -31.11
C LYS A 101 30.26 -7.58 -32.63
N VAL A 102 30.61 -6.49 -33.31
CA VAL A 102 30.77 -6.59 -34.76
C VAL A 102 32.25 -6.53 -35.17
N ASN A 103 33.19 -6.71 -34.23
CA ASN A 103 34.60 -6.47 -34.49
C ASN A 103 35.41 -6.35 -33.21
N ASP A 104 35.91 -7.46 -32.68
CA ASP A 104 36.64 -7.46 -31.41
C ASP A 104 38.12 -7.14 -31.63
N ARG A 105 38.46 -6.65 -32.83
CA ARG A 105 39.81 -6.16 -33.08
C ARG A 105 39.87 -4.63 -32.92
N LEU A 106 38.72 -3.99 -32.65
CA LEU A 106 38.58 -2.55 -32.71
C LEU A 106 39.35 -1.87 -31.57
N ILE A 107 40.04 -0.80 -31.93
CA ILE A 107 40.56 0.08 -30.91
C ILE A 107 39.53 1.19 -30.76
N TYR A 108 38.96 1.24 -29.55
CA TYR A 108 37.80 2.10 -29.30
C TYR A 108 38.32 3.34 -28.56
N ALA A 109 38.48 4.46 -29.29
CA ALA A 109 39.22 5.60 -28.75
C ALA A 109 38.28 6.74 -28.34
N ARG A 110 38.28 7.00 -27.03
CA ARG A 110 37.33 7.92 -26.41
C ARG A 110 38.04 9.20 -25.89
N MET A 111 37.79 10.29 -26.61
CA MET A 111 38.42 11.57 -26.32
C MET A 111 37.50 12.49 -25.52
N THR A 112 37.78 12.68 -24.23
CA THR A 112 37.05 13.68 -23.46
C THR A 112 37.99 14.60 -22.68
N GLY A 113 37.37 15.57 -21.99
CA GLY A 113 38.07 16.46 -21.09
C GLY A 113 38.13 15.89 -19.68
N TRP A 114 36.98 15.49 -19.17
CA TRP A 114 36.91 15.12 -17.76
C TRP A 114 37.07 13.61 -17.52
N GLY A 115 36.92 12.83 -18.60
CA GLY A 115 36.98 11.39 -18.46
C GLY A 115 35.60 10.77 -18.61
N GLN A 116 35.51 9.46 -18.32
CA GLN A 116 34.33 8.67 -18.58
C GLN A 116 33.43 8.66 -17.34
N THR A 117 33.99 8.87 -16.15
CA THR A 117 33.19 8.90 -14.94
C THR A 117 33.58 10.07 -14.05
N GLY A 118 32.89 10.20 -12.92
CA GLY A 118 33.18 11.14 -11.84
C GLY A 118 32.31 12.39 -11.97
N PRO A 119 32.35 13.30 -10.98
CA PRO A 119 31.38 14.39 -10.86
C PRO A 119 31.31 15.38 -12.02
N ARG A 120 32.40 15.52 -12.79
CA ARG A 120 32.42 16.52 -13.85
C ARG A 120 32.21 15.87 -15.19
N SER A 121 32.01 14.55 -15.22
CA SER A 121 32.02 13.81 -16.48
C SER A 121 30.93 14.22 -17.46
N GLN A 122 29.89 14.93 -16.99
CA GLN A 122 28.86 15.41 -17.92
C GLN A 122 28.91 16.93 -18.12
N GLN A 123 29.78 17.65 -17.40
CA GLN A 123 29.87 19.10 -17.59
C GLN A 123 30.50 19.41 -18.93
N ALA A 124 29.88 20.31 -19.68
CA ALA A 124 30.53 20.91 -20.85
C ALA A 124 31.80 21.64 -20.41
N GLY A 125 32.71 21.78 -21.34
CA GLY A 125 34.00 22.35 -20.98
C GLY A 125 34.82 22.59 -22.23
N HIS A 126 35.87 23.39 -22.05
CA HIS A 126 36.87 23.49 -23.09
C HIS A 126 38.26 23.41 -22.47
N ASP A 127 39.27 23.50 -23.36
CA ASP A 127 40.68 23.46 -22.96
C ASP A 127 40.91 24.18 -21.63
N ILE A 128 40.55 25.46 -21.59
CA ILE A 128 40.83 26.29 -20.43
C ILE A 128 40.27 25.70 -19.15
N ASN A 129 39.10 25.06 -19.23
CA ASN A 129 38.50 24.43 -18.06
C ASN A 129 39.34 23.24 -17.59
N TYR A 130 39.77 22.35 -18.51
CA TYR A 130 40.47 21.14 -18.07
C TYR A 130 41.84 21.47 -17.44
N ILE A 131 42.52 22.50 -17.94
CA ILE A 131 43.83 22.85 -17.40
C ILE A 131 43.69 23.74 -16.17
N SER A 132 42.50 24.29 -15.95
CA SER A 132 42.27 25.05 -14.72
C SER A 132 42.24 24.14 -13.50
N LEU A 133 41.82 22.88 -13.69
CA LEU A 133 41.57 22.00 -12.54
C LEU A 133 42.85 21.32 -12.03
N ASN A 134 43.87 21.15 -12.89
CA ASN A 134 45.02 20.33 -12.54
C ASN A 134 46.29 21.16 -12.30
N GLY A 135 46.12 22.46 -12.06
CA GLY A 135 47.24 23.29 -11.66
C GLY A 135 47.96 23.99 -12.81
N ILE A 136 47.68 23.62 -14.07
CA ILE A 136 48.49 24.08 -15.19
C ILE A 136 48.22 25.56 -15.46
N LEU A 137 46.94 25.94 -15.55
CA LEU A 137 46.56 27.27 -15.99
C LEU A 137 47.11 28.27 -15.00
N HIS A 138 47.00 27.94 -13.72
CA HIS A 138 47.44 28.83 -12.67
C HIS A 138 48.93 29.16 -12.80
N ALA A 139 49.72 28.29 -13.44
CA ALA A 139 51.16 28.45 -13.49
C ALA A 139 51.61 29.32 -14.65
N ILE A 140 50.68 29.70 -15.56
CA ILE A 140 51.03 30.42 -16.78
C ILE A 140 50.63 31.89 -16.76
N GLY A 141 51.62 32.76 -17.04
CA GLY A 141 51.45 34.20 -17.13
C GLY A 141 52.35 34.94 -16.14
N ARG A 142 52.28 36.26 -16.16
CA ARG A 142 53.10 37.05 -15.27
C ARG A 142 52.53 37.02 -13.86
N GLY A 143 53.40 37.29 -12.88
CA GLY A 143 53.05 37.15 -11.48
C GLY A 143 52.13 38.27 -10.96
N ASP A 144 52.15 39.42 -11.62
CA ASP A 144 51.34 40.52 -11.12
C ASP A 144 49.98 40.56 -11.81
N GLU A 145 49.61 39.47 -12.51
CA GLU A 145 48.41 39.47 -13.33
C GLU A 145 47.74 38.10 -13.27
N ARG A 146 46.52 38.01 -13.79
CA ARG A 146 45.76 36.77 -13.72
C ARG A 146 46.29 35.81 -14.77
N PRO A 147 46.09 34.49 -14.59
CA PRO A 147 46.64 33.52 -15.52
C PRO A 147 46.24 33.79 -16.95
N VAL A 148 47.09 33.40 -17.89
CA VAL A 148 46.77 33.59 -19.28
C VAL A 148 46.74 32.22 -19.95
N PRO A 149 45.72 31.95 -20.76
CA PRO A 149 45.62 30.67 -21.40
C PRO A 149 46.61 30.54 -22.53
N PRO A 150 47.33 29.40 -22.56
CA PRO A 150 48.26 29.10 -23.65
C PRO A 150 47.57 28.57 -24.90
N LEU A 151 46.79 29.45 -25.52
CA LEU A 151 45.79 29.06 -26.50
C LEU A 151 45.09 27.81 -25.99
N ASN A 152 44.81 26.87 -26.92
CA ASN A 152 44.25 25.58 -26.57
C ASN A 152 45.28 24.51 -26.84
N LEU A 153 46.55 24.84 -26.64
CA LEU A 153 47.66 23.96 -27.01
C LEU A 153 47.83 22.85 -25.98
N VAL A 154 47.61 23.13 -24.69
CA VAL A 154 48.02 22.21 -23.65
C VAL A 154 46.95 21.18 -23.32
N GLY A 155 45.66 21.51 -23.41
CA GLY A 155 44.59 20.59 -23.06
C GLY A 155 44.06 19.83 -24.27
N ASP A 156 43.66 20.56 -25.30
CA ASP A 156 43.17 19.96 -26.52
C ASP A 156 44.22 19.05 -27.14
N PHE A 157 45.42 19.58 -27.44
CA PHE A 157 46.32 18.89 -28.34
C PHE A 157 47.39 18.18 -27.53
N GLY A 158 48.31 18.90 -26.88
CA GLY A 158 49.43 18.24 -26.25
C GLY A 158 49.00 17.20 -25.22
N GLY A 159 47.96 17.56 -24.45
CA GLY A 159 47.46 16.74 -23.38
C GLY A 159 46.18 15.98 -23.75
N GLY A 160 45.76 16.09 -25.00
CA GLY A 160 44.50 15.53 -25.44
C GLY A 160 44.70 14.62 -26.64
N SER A 161 44.57 15.20 -27.82
CA SER A 161 44.79 14.45 -29.04
C SER A 161 46.04 13.59 -28.96
N MET A 162 47.18 14.15 -28.50
CA MET A 162 48.42 13.41 -28.59
C MET A 162 48.41 12.18 -27.69
N PHE A 163 47.74 12.27 -26.54
CA PHE A 163 47.60 11.07 -25.72
C PHE A 163 46.63 10.07 -26.36
N LEU A 164 45.63 10.58 -27.08
CA LEU A 164 44.73 9.72 -27.81
C LEU A 164 45.57 8.93 -28.81
N LEU A 165 46.52 9.61 -29.47
CA LEU A 165 47.33 8.96 -30.49
C LEU A 165 48.21 7.89 -29.86
N VAL A 166 48.88 8.22 -28.77
CA VAL A 166 49.74 7.24 -28.13
C VAL A 166 48.89 6.03 -27.74
N GLY A 167 47.70 6.24 -27.17
CA GLY A 167 46.83 5.15 -26.74
C GLY A 167 46.39 4.25 -27.90
N ILE A 168 45.95 4.86 -29.00
CA ILE A 168 45.57 4.13 -30.18
C ILE A 168 46.74 3.25 -30.60
N LEU A 169 47.92 3.88 -30.76
CA LEU A 169 49.07 3.19 -31.32
C LEU A 169 49.65 2.21 -30.30
N ALA A 170 49.56 2.49 -29.00
CA ALA A 170 50.01 1.51 -28.03
C ALA A 170 49.11 0.27 -28.03
N ALA A 171 47.81 0.48 -28.31
CA ALA A 171 46.85 -0.61 -28.30
C ALA A 171 46.99 -1.45 -29.57
N LEU A 172 47.29 -0.80 -30.70
CA LEU A 172 47.59 -1.50 -31.94
C LEU A 172 48.78 -2.46 -31.76
N TRP A 173 49.79 -2.02 -31.01
CA TRP A 173 50.93 -2.87 -30.71
C TRP A 173 50.50 -4.04 -29.83
N GLU A 174 49.60 -3.77 -28.88
CA GLU A 174 49.13 -4.81 -27.99
C GLU A 174 48.36 -5.87 -28.78
N ARG A 175 47.51 -5.43 -29.70
CA ARG A 175 46.73 -6.28 -30.58
C ARG A 175 47.60 -7.10 -31.55
N GLN A 176 48.92 -6.99 -31.43
CA GLN A 176 49.80 -7.85 -32.20
C GLN A 176 50.01 -9.14 -31.42
N SER A 177 50.15 -9.05 -30.09
CA SER A 177 50.06 -10.22 -29.22
C SER A 177 48.67 -10.85 -29.30
N SER A 178 47.73 -10.22 -28.61
CA SER A 178 46.48 -10.83 -28.14
C SER A 178 45.47 -11.10 -29.27
N GLY A 179 45.53 -10.35 -30.37
CA GLY A 179 44.54 -10.46 -31.43
C GLY A 179 43.23 -9.73 -31.09
N LYS A 180 43.13 -9.11 -29.90
CA LYS A 180 41.94 -8.34 -29.53
C LYS A 180 42.23 -6.84 -29.33
N GLY A 181 41.31 -6.00 -29.83
CA GLY A 181 41.26 -4.58 -29.49
C GLY A 181 40.96 -4.31 -28.01
N GLN A 182 40.59 -3.05 -27.72
CA GLN A 182 40.30 -2.59 -26.36
C GLN A 182 39.87 -1.11 -26.39
N VAL A 183 39.48 -0.62 -25.20
CA VAL A 183 38.96 0.72 -25.03
C VAL A 183 40.10 1.61 -24.53
N VAL A 184 40.31 2.72 -25.25
CA VAL A 184 41.24 3.76 -24.88
C VAL A 184 40.46 4.97 -24.36
N ASP A 185 40.70 5.27 -23.08
CA ASP A 185 40.07 6.39 -22.40
C ASP A 185 41.05 7.56 -22.23
N ALA A 186 41.00 8.51 -23.16
CA ALA A 186 41.90 9.66 -23.11
C ALA A 186 41.18 10.91 -22.59
N ALA A 187 41.46 11.29 -21.34
CA ALA A 187 40.96 12.54 -20.80
C ALA A 187 42.05 13.64 -20.74
N MET A 188 41.74 14.82 -21.28
CA MET A 188 42.59 15.99 -21.27
C MET A 188 43.08 16.33 -19.86
N VAL A 189 42.28 16.08 -18.85
CA VAL A 189 42.74 16.48 -17.52
C VAL A 189 43.87 15.56 -17.07
N ASP A 190 43.89 14.34 -17.59
CA ASP A 190 44.92 13.38 -17.21
C ASP A 190 46.16 13.54 -18.10
N GLY A 191 45.94 13.59 -19.41
CA GLY A 191 47.02 13.72 -20.38
C GLY A 191 47.86 14.98 -20.12
N SER A 192 47.19 16.12 -19.87
CA SER A 192 47.88 17.38 -19.61
C SER A 192 48.65 17.30 -18.28
N SER A 193 48.15 16.53 -17.31
CA SER A 193 48.89 16.30 -16.07
C SER A 193 50.20 15.52 -16.33
N VAL A 194 50.19 14.59 -17.27
CA VAL A 194 51.40 13.85 -17.61
C VAL A 194 52.30 14.74 -18.44
N LEU A 195 51.70 15.61 -19.25
CA LEU A 195 52.44 16.58 -20.03
C LEU A 195 53.27 17.46 -19.11
N ILE A 196 52.79 17.77 -17.91
CA ILE A 196 53.52 18.67 -17.03
C ILE A 196 54.19 17.88 -15.91
N GLN A 197 54.52 16.62 -16.15
CA GLN A 197 55.10 15.81 -15.08
C GLN A 197 56.39 16.42 -14.55
N MET A 198 57.16 17.07 -15.43
CA MET A 198 58.41 17.72 -15.01
C MET A 198 58.15 18.67 -13.84
N MET A 199 57.05 19.42 -13.89
CA MET A 199 56.85 20.43 -12.85
C MET A 199 56.43 19.74 -11.57
N TRP A 200 55.71 18.63 -11.72
CA TRP A 200 55.35 17.85 -10.54
C TRP A 200 56.61 17.26 -9.92
N ALA A 201 57.60 16.88 -10.74
CA ALA A 201 58.86 16.33 -10.22
C ALA A 201 59.67 17.38 -9.46
N MET A 202 59.82 18.55 -10.09
CA MET A 202 60.57 19.65 -9.51
C MET A 202 59.86 20.20 -8.28
N ARG A 203 58.52 20.18 -8.31
CA ARG A 203 57.79 20.67 -7.16
C ARG A 203 58.14 19.80 -5.94
N ALA A 204 58.26 18.48 -6.17
CA ALA A 204 58.49 17.53 -5.09
C ALA A 204 59.86 17.77 -4.46
N THR A 205 60.83 18.23 -5.25
CA THR A 205 62.21 18.36 -4.79
C THR A 205 62.58 19.84 -4.60
N GLY A 206 61.60 20.70 -4.32
CA GLY A 206 61.85 22.09 -3.93
C GLY A 206 62.26 23.01 -5.08
N MET A 207 62.22 22.57 -6.33
CA MET A 207 62.70 23.37 -7.44
C MET A 207 61.59 24.08 -8.24
N TRP A 208 60.34 24.11 -7.73
CA TRP A 208 59.27 24.84 -8.40
C TRP A 208 58.27 25.33 -7.36
N THR A 209 57.96 26.65 -7.29
CA THR A 209 56.88 27.15 -6.45
C THR A 209 55.57 27.20 -7.25
N ASP A 210 54.50 27.33 -6.47
CA ASP A 210 53.16 27.61 -6.95
C ASP A 210 52.99 29.10 -7.30
N THR A 211 53.98 29.93 -6.96
CA THR A 211 53.93 31.35 -7.28
C THR A 211 54.17 31.52 -8.77
N ARG A 212 53.17 32.06 -9.46
CA ARG A 212 53.22 32.32 -10.88
C ARG A 212 54.31 33.34 -11.14
N GLY A 213 55.21 33.11 -12.12
CA GLY A 213 56.14 34.14 -12.59
C GLY A 213 57.41 34.21 -11.74
N ALA A 214 57.67 33.15 -10.97
CA ALA A 214 58.80 33.10 -10.07
C ALA A 214 59.57 31.78 -10.18
N ASN A 215 59.60 31.16 -11.36
CA ASN A 215 60.28 29.89 -11.58
C ASN A 215 61.25 29.96 -12.76
N MET A 216 61.99 28.88 -12.98
CA MET A 216 63.04 28.91 -13.97
C MET A 216 62.45 29.01 -15.37
N LEU A 217 61.27 28.38 -15.59
CA LEU A 217 60.74 28.22 -16.94
C LEU A 217 59.40 28.92 -17.17
N ASP A 218 58.93 29.77 -16.26
CA ASP A 218 57.64 30.39 -16.46
C ASP A 218 57.80 31.85 -16.86
N GLY A 219 59.05 32.31 -16.99
CA GLY A 219 59.28 33.72 -17.31
C GLY A 219 59.91 34.50 -16.16
N GLY A 220 59.99 33.93 -14.98
CA GLY A 220 60.61 34.57 -13.82
C GLY A 220 62.14 34.67 -13.89
N ALA A 221 62.80 33.78 -14.64
CA ALA A 221 64.25 33.84 -14.74
C ALA A 221 64.64 34.82 -15.84
N PRO A 222 65.49 35.84 -15.56
CA PRO A 222 65.88 36.80 -16.60
C PRO A 222 66.55 36.19 -17.82
N TYR A 223 67.02 34.96 -17.69
CA TYR A 223 67.65 34.25 -18.80
C TYR A 223 66.74 33.27 -19.50
N TYR A 224 65.46 33.18 -19.10
CA TYR A 224 64.49 32.39 -19.86
C TYR A 224 63.21 33.20 -19.97
N ASP A 225 63.15 34.09 -20.94
CA ASP A 225 62.02 34.99 -21.07
C ASP A 225 62.11 35.68 -22.42
N THR A 226 61.10 36.50 -22.75
CA THR A 226 61.21 37.36 -23.91
C THR A 226 61.67 38.75 -23.46
N TYR A 227 62.21 39.50 -24.43
CA TYR A 227 62.65 40.87 -24.23
C TYR A 227 62.18 41.71 -25.40
N GLU A 228 61.72 42.92 -25.09
CA GLU A 228 61.30 43.89 -26.09
C GLU A 228 62.52 44.61 -26.65
N CYS A 229 62.59 44.76 -27.97
CA CYS A 229 63.70 45.36 -28.68
C CYS A 229 63.31 46.79 -29.06
N ALA A 230 64.22 47.49 -29.76
CA ALA A 230 64.10 48.91 -30.03
C ALA A 230 62.90 49.19 -30.93
N ASP A 231 62.50 48.19 -31.73
CA ASP A 231 61.47 48.35 -32.73
C ASP A 231 60.12 47.88 -32.17
N GLY A 232 60.04 47.52 -30.87
CA GLY A 232 58.77 47.08 -30.32
C GLY A 232 58.50 45.60 -30.59
N ARG A 233 59.42 44.91 -31.29
CA ARG A 233 59.32 43.48 -31.52
C ARG A 233 60.14 42.73 -30.46
N TYR A 234 60.13 41.40 -30.47
CA TYR A 234 60.69 40.67 -29.35
C TYR A 234 61.70 39.62 -29.79
N VAL A 235 62.60 39.33 -28.84
CA VAL A 235 63.42 38.14 -28.89
C VAL A 235 63.07 37.23 -27.73
N ALA A 236 63.36 35.95 -27.91
CA ALA A 236 63.37 34.97 -26.85
C ALA A 236 64.80 34.69 -26.40
N VAL A 237 64.97 34.55 -25.08
CA VAL A 237 66.21 34.16 -24.44
C VAL A 237 65.94 32.88 -23.66
N GLY A 238 66.69 31.81 -23.95
CA GLY A 238 66.58 30.54 -23.26
C GLY A 238 67.96 30.04 -22.79
N ALA A 239 68.81 30.96 -22.32
CA ALA A 239 70.22 30.68 -22.06
C ALA A 239 70.41 30.12 -20.66
N ILE A 240 69.95 28.88 -20.46
CA ILE A 240 69.95 28.30 -19.14
C ILE A 240 71.38 27.91 -18.74
N GLU A 241 72.07 27.19 -19.62
CA GLU A 241 73.39 26.66 -19.26
C GLU A 241 74.38 27.83 -19.18
N PRO A 242 75.29 27.82 -18.19
CA PRO A 242 76.18 28.95 -17.97
C PRO A 242 77.03 29.35 -19.17
N GLN A 243 77.43 28.37 -19.98
CA GLN A 243 78.26 28.61 -21.17
C GLN A 243 77.46 29.41 -22.22
N PHE A 244 76.16 29.09 -22.36
CA PHE A 244 75.31 29.76 -23.35
C PHE A 244 74.98 31.16 -22.85
N TYR A 245 74.74 31.28 -21.55
CA TYR A 245 74.47 32.57 -20.95
C TYR A 245 75.70 33.48 -21.19
N ALA A 246 76.91 32.93 -21.00
CA ALA A 246 78.11 33.74 -21.18
C ALA A 246 78.18 34.23 -22.61
N ALA A 247 77.82 33.36 -23.54
CA ALA A 247 77.84 33.73 -24.96
C ALA A 247 76.83 34.85 -25.26
N MET A 248 75.71 34.81 -24.57
CA MET A 248 74.67 35.83 -24.75
C MET A 248 75.20 37.18 -24.26
N LEU A 249 75.77 37.17 -23.04
CA LEU A 249 76.31 38.37 -22.40
C LEU A 249 77.34 39.05 -23.30
N ALA A 250 78.18 38.25 -23.93
CA ALA A 250 79.21 38.77 -24.80
C ALA A 250 78.58 39.40 -26.02
N GLY A 251 77.52 38.76 -26.56
CA GLY A 251 76.88 39.36 -27.73
C GLY A 251 76.16 40.64 -27.36
N LEU A 252 75.75 40.76 -26.09
CA LEU A 252 74.98 41.93 -25.65
C LEU A 252 75.91 43.09 -25.34
N GLY A 253 77.21 42.82 -25.18
CA GLY A 253 78.17 43.85 -24.82
C GLY A 253 78.27 44.04 -23.31
N LEU A 254 77.77 43.10 -22.51
CA LEU A 254 77.74 43.26 -21.07
C LEU A 254 78.87 42.44 -20.49
N ASP A 255 79.61 43.02 -19.54
CA ASP A 255 80.67 42.29 -18.86
C ASP A 255 80.08 41.59 -17.66
N ALA A 256 80.27 40.27 -17.58
CA ALA A 256 79.89 39.47 -16.42
C ALA A 256 80.30 40.13 -15.12
N ALA A 257 81.43 40.85 -15.12
CA ALA A 257 81.93 41.48 -13.91
C ALA A 257 80.98 42.54 -13.37
N GLU A 258 80.22 43.24 -14.24
CA GLU A 258 79.32 44.31 -13.82
C GLU A 258 77.92 43.79 -13.48
N LEU A 259 77.64 42.49 -13.65
CA LEU A 259 76.29 41.99 -13.53
C LEU A 259 76.24 41.17 -12.27
N PRO A 260 75.05 41.00 -11.66
CA PRO A 260 74.89 40.03 -10.59
C PRO A 260 75.01 38.61 -11.14
N PRO A 261 75.21 37.60 -10.28
CA PRO A 261 75.28 36.24 -10.79
C PRO A 261 73.97 35.81 -11.44
N GLN A 262 74.11 34.86 -12.38
CA GLN A 262 73.03 34.44 -13.25
C GLN A 262 71.90 33.86 -12.42
N ASN A 263 72.27 33.07 -11.39
CA ASN A 263 71.29 32.37 -10.58
C ASN A 263 71.19 32.92 -9.16
N ASP A 264 71.62 34.16 -8.93
CA ASP A 264 71.31 34.81 -7.66
C ASP A 264 69.89 35.40 -7.72
N ARG A 265 68.89 34.61 -7.32
CA ARG A 265 67.49 34.93 -7.53
C ARG A 265 67.17 36.27 -6.86
N ALA A 266 67.85 36.57 -5.75
CA ALA A 266 67.50 37.76 -5.02
C ALA A 266 67.87 39.02 -5.81
N ARG A 267 68.79 38.87 -6.78
CA ARG A 267 69.25 40.01 -7.57
C ARG A 267 68.73 39.96 -9.01
N TRP A 268 67.77 39.08 -9.26
CA TRP A 268 67.10 39.01 -10.56
C TRP A 268 66.48 40.34 -11.01
N PRO A 269 65.93 41.20 -10.10
CA PRO A 269 65.43 42.50 -10.51
C PRO A 269 66.47 43.38 -11.18
N GLU A 270 67.66 43.42 -10.55
CA GLU A 270 68.80 44.12 -11.12
C GLU A 270 69.20 43.50 -12.46
N LEU A 271 69.27 42.17 -12.48
CA LEU A 271 69.79 41.48 -13.66
C LEU A 271 68.84 41.77 -14.82
N ARG A 272 67.55 41.58 -14.55
CA ARG A 272 66.52 41.83 -15.55
C ARG A 272 66.57 43.26 -16.09
N ALA A 273 66.71 44.27 -15.21
CA ALA A 273 66.85 45.66 -15.65
C ALA A 273 68.03 45.80 -16.60
N LEU A 274 69.18 45.18 -16.26
CA LEU A 274 70.36 45.29 -17.10
C LEU A 274 70.10 44.67 -18.48
N LEU A 275 69.51 43.46 -18.52
CA LEU A 275 69.28 42.76 -19.79
C LEU A 275 68.21 43.50 -20.62
N THR A 276 67.17 43.98 -19.92
CA THR A 276 66.12 44.77 -20.55
C THR A 276 66.70 45.97 -21.30
N GLU A 277 67.54 46.76 -20.64
CA GLU A 277 68.13 47.94 -21.28
C GLU A 277 69.00 47.54 -22.47
N ALA A 278 69.79 46.47 -22.33
CA ALA A 278 70.60 45.99 -23.44
C ALA A 278 69.75 45.56 -24.63
N PHE A 279 68.77 44.67 -24.45
CA PHE A 279 68.00 44.21 -25.58
C PHE A 279 67.26 45.36 -26.24
N ALA A 280 66.83 46.34 -25.43
CA ALA A 280 66.02 47.46 -25.91
C ALA A 280 66.83 48.44 -26.77
N SER A 281 68.15 48.28 -26.87
CA SER A 281 68.98 49.28 -27.53
C SER A 281 69.16 48.98 -29.01
N HIS A 282 68.79 47.80 -29.49
CA HIS A 282 68.76 47.53 -30.92
C HIS A 282 67.49 46.79 -31.27
N ASP A 283 67.25 46.60 -32.57
CA ASP A 283 65.99 46.05 -33.00
C ASP A 283 66.13 44.54 -33.10
N ARG A 284 65.00 43.84 -33.25
CA ARG A 284 64.98 42.38 -33.17
C ARG A 284 65.95 41.79 -34.20
N ASP A 285 65.95 42.34 -35.41
CA ASP A 285 66.71 41.77 -36.52
C ASP A 285 68.20 41.98 -36.32
N HIS A 286 68.61 43.10 -35.72
CA HIS A 286 69.97 43.21 -35.23
C HIS A 286 70.33 41.99 -34.39
N TRP A 287 69.58 41.74 -33.31
CA TRP A 287 69.92 40.65 -32.41
C TRP A 287 69.92 39.34 -33.16
N GLY A 288 69.10 39.24 -34.23
CA GLY A 288 68.99 38.00 -35.00
C GLY A 288 70.30 37.71 -35.73
N ALA A 289 70.91 38.80 -36.24
CA ALA A 289 72.18 38.76 -36.92
C ALA A 289 73.29 38.41 -35.93
N VAL A 290 73.55 39.31 -34.97
CA VAL A 290 74.50 39.07 -33.90
C VAL A 290 74.50 37.60 -33.48
N PHE A 291 73.34 36.93 -33.30
CA PHE A 291 73.36 35.66 -32.60
C PHE A 291 73.17 34.43 -33.51
N ALA A 292 72.86 34.59 -34.80
CA ALA A 292 72.73 33.40 -35.62
C ALA A 292 74.02 32.58 -35.57
N ASN A 293 73.85 31.25 -35.60
CA ASN A 293 74.93 30.28 -35.49
C ASN A 293 75.57 30.28 -34.11
N SER A 294 75.02 31.04 -33.15
CA SER A 294 75.56 31.08 -31.81
C SER A 294 74.82 30.11 -30.89
N ASP A 295 75.45 29.72 -29.80
CA ASP A 295 74.81 28.97 -28.75
C ASP A 295 74.23 29.87 -27.65
N ALA A 296 74.02 31.15 -27.95
CA ALA A 296 73.53 32.09 -26.95
C ALA A 296 72.03 31.88 -26.64
N CYS A 297 71.31 31.08 -27.43
CA CYS A 297 69.90 30.77 -27.19
C CYS A 297 69.04 32.04 -27.24
N VAL A 298 69.28 32.86 -28.26
CA VAL A 298 68.53 34.06 -28.53
C VAL A 298 67.95 33.92 -29.94
N THR A 299 66.63 33.97 -30.08
CA THR A 299 66.00 33.82 -31.37
C THR A 299 64.97 34.93 -31.51
N PRO A 300 64.67 35.33 -32.75
CA PRO A 300 63.58 36.27 -32.96
C PRO A 300 62.23 35.62 -32.68
N VAL A 301 61.34 36.37 -32.02
CA VAL A 301 59.97 35.94 -31.83
C VAL A 301 59.17 36.33 -33.06
N LEU A 302 58.97 35.39 -33.98
CA LEU A 302 58.27 35.70 -35.22
C LEU A 302 56.74 35.55 -35.03
N ALA A 303 56.02 36.40 -35.74
CA ALA A 303 54.58 36.30 -35.89
C ALA A 303 54.27 35.31 -37.01
N PHE A 304 53.09 34.70 -36.94
CA PHE A 304 52.69 33.68 -37.88
C PHE A 304 52.99 34.13 -39.30
N GLY A 305 52.68 35.39 -39.59
CA GLY A 305 52.78 35.91 -40.94
C GLY A 305 54.19 35.99 -41.50
N GLU A 306 55.20 35.98 -40.62
CA GLU A 306 56.61 36.12 -40.99
C GLU A 306 57.32 34.76 -41.04
N VAL A 307 56.64 33.70 -40.58
CA VAL A 307 57.32 32.43 -40.42
C VAL A 307 57.81 31.89 -41.76
N HIS A 308 57.04 32.14 -42.81
CA HIS A 308 57.34 31.62 -44.14
C HIS A 308 58.63 32.25 -44.69
N ASN A 309 59.13 33.34 -44.11
CA ASN A 309 60.37 33.96 -44.57
C ASN A 309 61.62 33.53 -43.80
N GLU A 310 61.50 32.64 -42.80
CA GLU A 310 62.65 32.24 -42.01
C GLU A 310 63.42 31.11 -42.70
N PRO A 311 64.72 31.31 -43.04
CA PRO A 311 65.52 30.32 -43.74
C PRO A 311 65.37 28.89 -43.24
N HIS A 312 65.59 28.67 -41.94
CA HIS A 312 65.54 27.33 -41.41
C HIS A 312 64.16 26.67 -41.56
N ILE A 313 63.08 27.46 -41.53
CA ILE A 313 61.73 26.95 -41.75
C ILE A 313 61.54 26.56 -43.22
N ILE A 314 61.90 27.46 -44.15
CA ILE A 314 61.83 27.23 -45.58
C ILE A 314 62.59 25.96 -45.95
N GLU A 315 63.83 25.85 -45.51
CA GLU A 315 64.71 24.82 -46.01
C GLU A 315 64.31 23.44 -45.53
N ARG A 316 63.70 23.30 -44.34
CA ARG A 316 63.32 21.98 -43.87
C ARG A 316 61.91 21.63 -44.33
N ASN A 317 61.31 22.48 -45.17
CA ASN A 317 59.91 22.38 -45.52
C ASN A 317 59.03 22.03 -44.31
N THR A 318 59.08 22.87 -43.26
CA THR A 318 58.20 22.64 -42.13
C THR A 318 56.76 22.95 -42.58
N PHE A 319 56.57 23.87 -43.54
CA PHE A 319 55.27 24.27 -44.05
C PHE A 319 55.15 24.01 -45.55
N TYR A 320 53.90 23.85 -46.01
CA TYR A 320 53.55 23.80 -47.43
C TYR A 320 52.42 24.81 -47.64
N GLU A 321 52.20 25.20 -48.89
CA GLU A 321 51.19 26.21 -49.20
C GLU A 321 49.91 25.51 -49.62
N ALA A 322 48.76 26.06 -49.25
CA ALA A 322 47.47 25.47 -49.57
C ALA A 322 46.38 26.52 -49.42
N ASN A 323 45.60 26.74 -50.49
CA ASN A 323 44.36 27.48 -50.38
C ASN A 323 44.62 28.76 -49.58
N GLY A 324 45.41 29.67 -50.14
CA GLY A 324 45.78 30.90 -49.46
C GLY A 324 46.06 30.66 -47.98
N GLY A 325 47.13 29.93 -47.69
CA GLY A 325 47.63 29.87 -46.34
C GLY A 325 48.69 28.77 -46.20
N TRP A 326 49.71 29.05 -45.41
CA TRP A 326 50.68 28.01 -45.13
C TRP A 326 50.06 27.06 -44.13
N GLN A 327 50.43 25.79 -44.23
CA GLN A 327 49.98 24.80 -43.29
C GLN A 327 51.17 23.93 -42.90
N PRO A 328 51.20 23.41 -41.67
CA PRO A 328 52.29 22.54 -41.27
C PRO A 328 52.32 21.19 -41.99
N MET A 329 53.52 20.78 -42.40
CA MET A 329 53.72 19.46 -42.94
C MET A 329 53.69 18.44 -41.81
N PRO A 330 53.40 17.19 -42.15
CA PRO A 330 53.27 16.18 -41.12
C PRO A 330 54.51 16.10 -40.25
N ALA A 331 54.29 15.68 -39.01
CA ALA A 331 55.38 15.38 -38.13
C ALA A 331 55.03 14.08 -37.41
N PRO A 332 56.00 13.32 -36.90
CA PRO A 332 57.42 13.55 -37.19
C PRO A 332 57.76 13.03 -38.58
N ARG A 333 59.06 12.92 -38.90
CA ARG A 333 59.49 12.46 -40.21
C ARG A 333 60.06 11.05 -40.12
N PHE A 334 59.91 10.30 -41.22
CA PHE A 334 60.31 8.90 -41.26
C PHE A 334 61.29 8.69 -42.41
N SER A 335 62.42 8.04 -42.13
CA SER A 335 63.48 7.80 -43.12
C SER A 335 63.00 6.98 -44.33
N ARG A 336 62.31 5.85 -44.12
CA ARG A 336 61.92 4.95 -45.21
C ARG A 336 60.49 5.20 -45.72
N THR A 337 59.49 5.23 -44.82
CA THR A 337 58.11 5.39 -45.24
C THR A 337 57.65 6.82 -44.95
N ALA A 338 58.07 7.74 -45.82
CA ALA A 338 57.83 9.15 -45.60
C ALA A 338 56.37 9.44 -45.83
N SER A 339 55.85 10.46 -45.14
CA SER A 339 54.52 10.97 -45.37
C SER A 339 54.53 11.74 -46.67
N SER A 340 53.33 11.93 -47.21
CA SER A 340 53.12 12.80 -48.34
C SER A 340 52.65 14.15 -47.84
N GLN A 341 52.67 15.11 -48.76
CA GLN A 341 51.91 16.32 -48.62
C GLN A 341 50.46 15.93 -48.35
N PRO A 342 49.78 16.54 -47.35
CA PRO A 342 48.39 16.25 -47.07
C PRO A 342 47.49 16.61 -48.25
N ARG A 343 46.44 15.79 -48.46
CA ARG A 343 45.43 16.07 -49.45
C ARG A 343 44.40 16.99 -48.82
N PRO A 344 43.87 17.99 -49.57
CA PRO A 344 42.92 18.92 -48.98
C PRO A 344 41.64 18.20 -48.56
N PRO A 345 40.73 18.82 -47.78
CA PRO A 345 39.47 18.17 -47.45
C PRO A 345 38.71 17.77 -48.72
N ALA A 346 38.15 16.54 -48.72
CA ALA A 346 37.55 15.99 -49.93
C ALA A 346 36.03 16.16 -49.86
N ALA A 347 35.43 16.76 -50.90
CA ALA A 347 33.98 16.83 -51.00
C ALA A 347 33.41 15.43 -50.79
N THR A 348 32.18 15.37 -50.26
CA THR A 348 31.64 14.20 -49.57
C THR A 348 31.61 12.95 -50.47
N ILE A 349 31.40 11.82 -49.80
CA ILE A 349 31.36 10.53 -50.45
C ILE A 349 30.16 9.79 -49.84
N ASP A 350 29.60 8.82 -50.57
CA ASP A 350 28.51 8.02 -50.06
C ASP A 350 29.07 6.86 -49.25
N ILE A 351 28.48 6.62 -48.09
CA ILE A 351 28.98 5.63 -47.16
C ILE A 351 28.99 4.23 -47.81
N GLU A 352 28.18 4.05 -48.86
CA GLU A 352 28.13 2.79 -49.59
C GLU A 352 29.39 2.62 -50.41
N ALA A 353 29.72 3.64 -51.22
CA ALA A 353 30.95 3.66 -52.00
C ALA A 353 32.16 3.23 -51.16
N VAL A 354 32.20 3.68 -49.90
CA VAL A 354 33.33 3.41 -49.01
C VAL A 354 33.33 1.94 -48.59
N LEU A 355 32.14 1.40 -48.27
CA LEU A 355 32.00 0.02 -47.84
C LEU A 355 32.42 -0.95 -48.96
N THR A 356 32.12 -0.54 -50.21
CA THR A 356 32.57 -1.20 -51.44
C THR A 356 34.10 -1.26 -51.46
N ASP A 357 34.72 -0.11 -51.78
CA ASP A 357 36.15 0.09 -51.72
C ASP A 357 36.80 -0.75 -50.62
N TRP A 358 36.31 -0.64 -49.38
CA TRP A 358 36.70 -1.58 -48.34
C TRP A 358 36.03 -2.93 -48.60
N MET B 1 55.20 -7.02 -16.45
CA MET B 1 55.01 -5.54 -16.53
C MET B 1 53.64 -5.20 -17.12
N ALA B 2 52.87 -4.38 -16.41
CA ALA B 2 51.50 -4.02 -16.80
C ALA B 2 51.49 -3.00 -17.94
N GLY B 3 50.56 -3.14 -18.87
CA GLY B 3 50.23 -2.10 -19.84
C GLY B 3 50.26 -2.61 -21.27
N PRO B 4 49.71 -1.84 -22.24
CA PRO B 4 49.67 -2.29 -23.62
C PRO B 4 51.03 -2.44 -24.30
N LEU B 5 52.09 -1.91 -23.70
CA LEU B 5 53.40 -1.98 -24.32
C LEU B 5 54.24 -3.00 -23.57
N SER B 6 53.61 -4.08 -23.11
CA SER B 6 54.35 -5.07 -22.35
C SER B 6 55.34 -5.72 -23.30
N GLY B 7 56.60 -5.78 -22.84
CA GLY B 7 57.67 -6.43 -23.60
C GLY B 7 58.17 -5.63 -24.80
N LEU B 8 57.74 -4.38 -24.96
CA LEU B 8 58.48 -3.48 -25.82
C LEU B 8 59.78 -3.13 -25.10
N ARG B 9 60.88 -3.17 -25.86
CA ARG B 9 62.21 -2.91 -25.31
C ARG B 9 62.79 -1.63 -25.90
N VAL B 10 63.29 -0.77 -25.00
CA VAL B 10 63.59 0.61 -25.33
C VAL B 10 64.92 0.94 -24.67
N VAL B 11 65.85 1.44 -25.48
CA VAL B 11 67.11 1.97 -24.96
C VAL B 11 67.09 3.49 -25.08
N GLU B 12 67.36 4.16 -23.97
CA GLU B 12 67.32 5.60 -23.91
C GLU B 12 68.73 6.11 -23.59
N LEU B 13 69.28 6.95 -24.47
CA LEU B 13 70.53 7.63 -24.20
C LEU B 13 70.23 8.93 -23.46
N ALA B 14 70.74 9.08 -22.25
CA ALA B 14 70.24 10.10 -21.34
C ALA B 14 70.46 11.51 -21.88
N GLY B 15 69.39 12.31 -21.80
CA GLY B 15 69.43 13.73 -22.15
C GLY B 15 68.42 14.48 -21.29
N ILE B 16 67.96 15.63 -21.77
CA ILE B 16 67.02 16.42 -20.98
C ILE B 16 65.79 16.75 -21.80
N GLY B 17 64.70 16.98 -21.06
CA GLY B 17 63.46 17.46 -21.65
C GLY B 17 62.73 16.34 -22.38
N PRO B 18 62.59 16.43 -23.71
CA PRO B 18 61.66 15.57 -24.42
C PRO B 18 62.02 14.09 -24.39
N GLY B 19 63.28 13.73 -24.71
CA GLY B 19 63.67 12.34 -24.79
C GLY B 19 63.34 11.58 -23.50
N PRO B 20 63.71 12.10 -22.33
CA PRO B 20 63.33 11.51 -21.05
C PRO B 20 61.82 11.41 -20.80
N HIS B 21 61.06 12.39 -21.29
CA HIS B 21 59.62 12.40 -21.12
C HIS B 21 58.98 11.28 -21.95
N ALA B 22 59.44 11.11 -23.20
CA ALA B 22 58.97 10.07 -24.08
C ALA B 22 59.27 8.68 -23.50
N ALA B 23 60.49 8.54 -22.98
CA ALA B 23 60.89 7.27 -22.40
C ALA B 23 59.98 6.96 -21.21
N MET B 24 59.65 7.99 -20.42
CA MET B 24 58.79 7.85 -19.26
C MET B 24 57.44 7.32 -19.69
N ILE B 25 56.81 7.94 -20.67
CA ILE B 25 55.49 7.48 -21.10
C ILE B 25 55.54 6.04 -21.61
N LEU B 26 56.66 5.65 -22.24
CA LEU B 26 56.80 4.30 -22.75
C LEU B 26 56.85 3.35 -21.56
N GLY B 27 57.73 3.65 -20.60
CA GLY B 27 57.74 2.96 -19.34
C GLY B 27 56.32 2.85 -18.75
N ASP B 28 55.65 4.00 -18.66
CA ASP B 28 54.39 4.13 -17.96
C ASP B 28 53.40 3.07 -18.46
N LEU B 29 53.39 2.85 -19.78
CA LEU B 29 52.53 1.93 -20.50
C LEU B 29 53.11 0.50 -20.60
N GLY B 30 54.09 0.17 -19.76
CA GLY B 30 54.59 -1.18 -19.61
C GLY B 30 55.85 -1.54 -20.39
N ALA B 31 56.54 -0.56 -20.99
CA ALA B 31 57.70 -0.90 -21.80
C ALA B 31 58.90 -1.13 -20.88
N ASP B 32 59.82 -1.96 -21.41
CA ASP B 32 61.08 -2.28 -20.75
C ASP B 32 62.09 -1.22 -21.18
N VAL B 33 62.42 -0.31 -20.25
CA VAL B 33 63.13 0.90 -20.60
C VAL B 33 64.47 0.95 -19.86
N VAL B 34 65.56 0.92 -20.65
CA VAL B 34 66.90 0.99 -20.10
C VAL B 34 67.56 2.28 -20.57
N ARG B 35 67.97 3.08 -19.58
CA ARG B 35 68.56 4.37 -19.85
C ARG B 35 70.06 4.34 -19.49
N ILE B 36 70.89 4.61 -20.52
CA ILE B 36 72.33 4.73 -20.38
C ILE B 36 72.66 6.17 -20.03
N ASP B 37 73.13 6.40 -18.81
CA ASP B 37 73.69 7.69 -18.46
C ASP B 37 75.21 7.59 -18.45
N ARG B 38 75.88 8.68 -18.08
CA ARG B 38 77.33 8.69 -18.05
C ARG B 38 77.77 8.66 -16.59
N PRO B 39 78.92 8.04 -16.25
CA PRO B 39 79.33 7.84 -14.86
C PRO B 39 79.24 9.10 -14.00
N SER B 40 79.36 10.29 -14.63
CA SER B 40 78.94 11.54 -13.99
C SER B 40 77.63 12.05 -14.63
N SER B 46 68.19 8.35 -8.19
CA SER B 46 67.88 9.54 -9.02
C SER B 46 66.58 10.18 -8.53
N ARG B 47 66.62 11.50 -8.30
CA ARG B 47 65.56 12.19 -7.55
C ARG B 47 64.54 12.84 -8.49
N ASP B 48 64.70 12.66 -9.81
CA ASP B 48 63.71 13.14 -10.77
C ASP B 48 62.75 12.00 -11.12
N ALA B 49 61.48 12.22 -10.77
CA ALA B 49 60.41 11.28 -11.05
C ALA B 49 60.16 11.12 -12.55
N MET B 50 60.76 11.98 -13.42
CA MET B 50 60.68 11.77 -14.86
C MET B 50 61.48 10.52 -15.23
N LEU B 51 62.27 9.98 -14.27
CA LEU B 51 63.07 8.79 -14.48
C LEU B 51 62.39 7.56 -13.89
N ARG B 52 61.12 7.70 -13.52
CA ARG B 52 60.31 6.56 -13.11
C ARG B 52 60.22 5.55 -14.26
N ASN B 53 60.02 4.28 -13.90
CA ASN B 53 59.76 3.20 -14.86
C ASN B 53 60.95 2.95 -15.80
N ARG B 54 62.15 3.01 -15.22
CA ARG B 54 63.38 2.76 -15.93
C ARG B 54 64.32 1.86 -15.11
N ARG B 55 65.19 1.14 -15.82
CA ARG B 55 66.46 0.76 -15.22
C ARG B 55 67.52 1.76 -15.67
N ILE B 56 68.31 2.24 -14.72
CA ILE B 56 69.45 3.10 -15.01
C ILE B 56 70.73 2.26 -15.05
N VAL B 57 71.56 2.45 -16.09
CA VAL B 57 72.91 1.92 -16.17
C VAL B 57 73.85 3.04 -16.62
N THR B 58 75.09 3.07 -16.11
CA THR B 58 76.12 3.97 -16.62
C THR B 58 77.02 3.27 -17.64
N ALA B 59 77.76 4.11 -18.38
CA ALA B 59 78.71 3.70 -19.39
C ALA B 59 79.31 4.93 -20.05
N ASP B 60 80.64 5.05 -20.01
CA ASP B 60 81.38 5.96 -20.88
C ASP B 60 81.26 5.47 -22.32
N LEU B 61 80.38 6.11 -23.10
CA LEU B 61 80.16 5.75 -24.49
C LEU B 61 81.37 6.13 -25.34
N LYS B 62 82.26 6.95 -24.77
CA LYS B 62 83.53 7.28 -25.41
C LYS B 62 84.53 6.11 -25.30
N SER B 63 84.47 5.32 -24.21
CA SER B 63 85.32 4.15 -24.10
C SER B 63 84.96 3.13 -25.18
N ASP B 64 85.81 2.12 -25.37
CA ASP B 64 85.60 1.12 -26.40
C ASP B 64 84.57 0.10 -25.94
N GLN B 65 84.59 -0.13 -24.63
CA GLN B 65 83.77 -1.14 -23.98
C GLN B 65 82.34 -0.61 -23.80
N GLY B 66 82.23 0.59 -23.19
CA GLY B 66 80.99 1.35 -23.18
C GLY B 66 80.27 1.30 -24.53
N LEU B 67 80.99 1.57 -25.63
CA LEU B 67 80.34 1.51 -26.93
C LEU B 67 79.87 0.08 -27.20
N GLU B 68 80.71 -0.91 -26.88
CA GLU B 68 80.43 -2.27 -27.30
C GLU B 68 79.21 -2.79 -26.53
N LEU B 69 79.22 -2.55 -25.21
CA LEU B 69 78.11 -2.91 -24.33
C LEU B 69 76.82 -2.30 -24.88
N ALA B 70 76.84 -0.99 -25.17
CA ALA B 70 75.68 -0.26 -25.66
C ALA B 70 75.13 -0.91 -26.91
N LEU B 71 76.03 -1.29 -27.84
CA LEU B 71 75.61 -1.86 -29.10
C LEU B 71 75.01 -3.26 -28.88
N LYS B 72 75.39 -3.93 -27.79
CA LYS B 72 74.79 -5.21 -27.45
C LYS B 72 73.36 -4.98 -26.94
N LEU B 73 73.15 -4.03 -26.00
CA LEU B 73 71.79 -3.62 -25.64
C LEU B 73 70.96 -3.36 -26.90
N ILE B 74 71.44 -2.48 -27.78
CA ILE B 74 70.63 -1.98 -28.87
C ILE B 74 70.24 -3.12 -29.80
N ALA B 75 71.16 -4.08 -29.94
CA ALA B 75 70.96 -5.24 -30.79
C ALA B 75 69.76 -6.04 -30.30
N LYS B 76 69.52 -6.04 -28.97
CA LYS B 76 68.46 -6.80 -28.32
C LYS B 76 67.21 -5.96 -28.06
N ALA B 77 67.02 -4.80 -28.72
CA ALA B 77 65.95 -3.87 -28.35
C ALA B 77 65.10 -3.52 -29.56
N ASP B 78 63.97 -2.86 -29.30
CA ASP B 78 63.06 -2.47 -30.37
C ASP B 78 63.25 -1.02 -30.77
N VAL B 79 63.52 -0.17 -29.77
CA VAL B 79 63.55 1.27 -29.97
C VAL B 79 64.79 1.84 -29.29
N LEU B 80 65.44 2.77 -29.99
CA LEU B 80 66.47 3.60 -29.38
C LEU B 80 66.00 5.05 -29.46
N ILE B 81 66.13 5.72 -28.31
CA ILE B 81 65.86 7.14 -28.19
C ILE B 81 67.17 7.88 -27.93
N GLU B 82 67.45 8.92 -28.73
CA GLU B 82 68.56 9.82 -28.44
C GLU B 82 68.13 11.28 -28.64
N GLY B 83 68.57 12.15 -27.75
CA GLY B 83 68.16 13.55 -27.82
C GLY B 83 69.36 14.50 -27.84
N TYR B 84 70.40 14.13 -28.60
CA TYR B 84 71.58 14.98 -28.73
C TYR B 84 71.49 15.75 -30.04
N ARG B 85 72.41 16.72 -30.20
CA ARG B 85 72.51 17.43 -31.46
C ARG B 85 72.86 16.43 -32.54
N PRO B 86 72.45 16.71 -33.80
CA PRO B 86 72.84 15.87 -34.91
C PRO B 86 74.36 15.69 -34.96
N GLY B 87 74.79 14.47 -35.34
CA GLY B 87 76.19 14.17 -35.50
C GLY B 87 76.72 13.50 -34.24
N VAL B 88 76.07 13.75 -33.10
CA VAL B 88 76.65 13.29 -31.84
C VAL B 88 76.69 11.77 -31.80
N THR B 89 75.57 11.07 -32.04
CA THR B 89 75.57 9.62 -31.90
C THR B 89 76.46 9.01 -32.99
N GLU B 90 76.51 9.63 -34.17
CA GLU B 90 77.37 9.15 -35.24
C GLU B 90 78.81 9.05 -34.74
N ARG B 91 79.33 10.13 -34.16
CA ARG B 91 80.70 10.21 -33.69
C ARG B 91 80.96 9.18 -32.60
N LEU B 92 79.94 8.82 -31.81
CA LEU B 92 80.13 7.79 -30.81
C LEU B 92 80.21 6.41 -31.44
N GLY B 93 79.88 6.30 -32.74
CA GLY B 93 79.63 5.02 -33.39
C GLY B 93 78.31 4.37 -32.91
N LEU B 94 77.30 5.20 -32.60
CA LEU B 94 75.96 4.74 -32.26
C LEU B 94 74.93 5.32 -33.21
N GLY B 95 75.39 5.76 -34.39
CA GLY B 95 74.55 6.40 -35.37
C GLY B 95 73.53 5.42 -35.92
N PRO B 96 72.53 5.86 -36.71
CA PRO B 96 71.56 4.94 -37.26
C PRO B 96 72.22 3.82 -38.07
N GLU B 97 73.23 4.12 -38.89
CA GLU B 97 73.82 3.09 -39.73
C GLU B 97 74.56 2.04 -38.91
N GLU B 98 75.28 2.45 -37.86
CA GLU B 98 75.96 1.47 -37.01
C GLU B 98 74.97 0.52 -36.34
N CYS B 99 73.81 1.08 -35.99
CA CYS B 99 72.80 0.36 -35.23
C CYS B 99 72.12 -0.65 -36.15
N ALA B 100 71.90 -0.26 -37.42
CA ALA B 100 71.24 -1.06 -38.45
C ALA B 100 72.08 -2.28 -38.85
N LYS B 101 73.38 -2.22 -38.56
CA LYS B 101 74.20 -3.39 -38.77
C LYS B 101 73.85 -4.42 -37.71
N VAL B 102 73.66 -4.01 -36.45
CA VAL B 102 73.49 -4.97 -35.36
C VAL B 102 72.02 -5.27 -35.10
N ASN B 103 71.08 -4.77 -35.95
CA ASN B 103 69.65 -4.86 -35.69
C ASN B 103 68.89 -4.02 -36.71
N ASP B 104 68.55 -4.60 -37.87
CA ASP B 104 67.85 -3.88 -38.92
C ASP B 104 66.37 -3.68 -38.57
N ARG B 105 65.98 -4.07 -37.34
CA ARG B 105 64.60 -3.96 -36.90
C ARG B 105 64.39 -2.76 -35.97
N LEU B 106 65.48 -2.22 -35.40
CA LEU B 106 65.46 -1.11 -34.46
C LEU B 106 64.69 0.09 -35.01
N ILE B 107 63.89 0.69 -34.14
CA ILE B 107 63.29 2.00 -34.39
C ILE B 107 64.22 3.05 -33.78
N TYR B 108 64.77 3.90 -34.66
CA TYR B 108 65.84 4.82 -34.27
C TYR B 108 65.22 6.21 -34.15
N ALA B 109 65.06 6.67 -32.90
CA ALA B 109 64.25 7.85 -32.58
C ALA B 109 65.14 9.02 -32.15
N ARG B 110 65.14 10.05 -33.00
CA ARG B 110 65.97 11.23 -32.81
C ARG B 110 65.14 12.46 -32.44
N MET B 111 65.31 12.91 -31.20
CA MET B 111 64.58 14.02 -30.62
C MET B 111 65.44 15.28 -30.63
N THR B 112 65.15 16.20 -31.54
CA THR B 112 65.80 17.51 -31.49
C THR B 112 64.79 18.65 -31.46
N GLY B 113 65.30 19.87 -31.27
CA GLY B 113 64.48 21.06 -31.45
C GLY B 113 64.45 21.49 -32.91
N TRP B 114 65.62 21.62 -33.54
CA TRP B 114 65.68 22.29 -34.83
C TRP B 114 65.63 21.30 -35.98
N GLY B 115 65.80 20.01 -35.67
CA GLY B 115 65.81 18.97 -36.71
C GLY B 115 67.22 18.47 -37.03
N GLN B 116 67.29 17.63 -38.07
CA GLN B 116 68.50 16.88 -38.36
C GLN B 116 69.44 17.68 -39.25
N THR B 117 68.90 18.57 -40.08
CA THR B 117 69.72 19.34 -40.99
C THR B 117 69.19 20.77 -41.03
N GLY B 118 69.96 21.65 -41.68
CA GLY B 118 69.55 23.02 -41.89
C GLY B 118 70.32 23.99 -41.02
N PRO B 119 70.20 25.29 -41.31
CA PRO B 119 71.08 26.31 -40.78
C PRO B 119 71.13 26.42 -39.26
N ARG B 120 70.10 25.93 -38.57
CA ARG B 120 70.09 26.08 -37.13
C ARG B 120 70.32 24.73 -36.47
N SER B 121 70.64 23.72 -37.27
CA SER B 121 70.66 22.35 -36.74
C SER B 121 71.70 22.17 -35.67
N GLN B 122 72.73 23.05 -35.63
CA GLN B 122 73.76 22.88 -34.63
C GLN B 122 73.67 23.92 -33.53
N GLN B 123 72.66 24.78 -33.58
CA GLN B 123 72.48 25.78 -32.55
C GLN B 123 71.91 25.15 -31.28
N ALA B 124 72.54 25.44 -30.15
CA ALA B 124 71.87 25.21 -28.88
C ALA B 124 70.53 25.97 -28.83
N GLY B 125 69.64 25.40 -28.04
CA GLY B 125 68.32 26.00 -27.84
C GLY B 125 67.55 25.29 -26.71
N HIS B 126 66.50 25.96 -26.27
CA HIS B 126 65.49 25.36 -25.43
C HIS B 126 64.10 25.68 -26.00
N ASP B 127 63.11 25.13 -25.31
CA ASP B 127 61.70 25.22 -25.70
C ASP B 127 61.37 26.61 -26.23
N ILE B 128 61.62 27.64 -25.41
CA ILE B 128 61.26 29.01 -25.75
C ILE B 128 61.80 29.42 -27.12
N ASN B 129 63.00 28.93 -27.48
CA ASN B 129 63.58 29.27 -28.78
C ASN B 129 62.82 28.57 -29.91
N TYR B 130 62.49 27.27 -29.76
CA TYR B 130 61.84 26.53 -30.85
C TYR B 130 60.48 27.16 -31.14
N ILE B 131 59.73 27.55 -30.09
CA ILE B 131 58.39 28.11 -30.31
C ILE B 131 58.46 29.58 -30.72
N SER B 132 59.62 30.22 -30.60
CA SER B 132 59.72 31.60 -31.04
C SER B 132 59.73 31.66 -32.56
N LEU B 133 60.21 30.59 -33.22
CA LEU B 133 60.53 30.70 -34.64
C LEU B 133 59.33 30.40 -35.52
N ASN B 134 58.30 29.74 -34.97
CA ASN B 134 57.23 29.22 -35.77
C ASN B 134 55.89 29.86 -35.41
N GLY B 135 55.92 31.01 -34.72
CA GLY B 135 54.74 31.85 -34.59
C GLY B 135 53.99 31.63 -33.27
N ILE B 136 54.33 30.54 -32.58
CA ILE B 136 53.56 30.11 -31.43
C ILE B 136 53.76 31.06 -30.28
N LEU B 137 55.02 31.37 -29.94
CA LEU B 137 55.32 32.17 -28.75
C LEU B 137 54.73 33.56 -28.92
N HIS B 138 54.78 34.12 -30.12
CA HIS B 138 54.31 35.47 -30.33
C HIS B 138 52.82 35.59 -29.97
N ALA B 139 52.11 34.44 -30.05
CA ALA B 139 50.67 34.41 -29.98
C ALA B 139 50.17 34.26 -28.53
N ILE B 140 51.08 34.08 -27.59
CA ILE B 140 50.73 33.78 -26.22
C ILE B 140 51.02 34.97 -25.31
N GLY B 141 49.99 35.40 -24.56
CA GLY B 141 50.09 36.42 -23.54
C GLY B 141 49.15 37.60 -23.80
N ARG B 142 49.15 38.60 -22.94
CA ARG B 142 48.29 39.74 -23.15
C ARG B 142 48.86 40.66 -24.24
N GLY B 143 47.97 41.39 -24.91
CA GLY B 143 48.32 42.23 -26.04
C GLY B 143 49.17 43.45 -25.68
N ASP B 144 49.07 43.92 -24.43
CA ASP B 144 49.74 45.15 -24.05
C ASP B 144 51.12 44.85 -23.45
N GLU B 145 51.71 43.70 -23.82
CA GLU B 145 52.80 43.17 -23.03
C GLU B 145 53.61 42.16 -23.84
N ARG B 146 54.75 41.77 -23.31
CA ARG B 146 55.58 40.91 -24.10
C ARG B 146 55.10 39.48 -23.97
N PRO B 147 55.33 38.64 -24.99
CA PRO B 147 54.88 37.27 -24.97
C PRO B 147 55.37 36.54 -23.74
N VAL B 148 54.58 35.57 -23.27
CA VAL B 148 54.94 34.87 -22.07
C VAL B 148 55.09 33.39 -22.41
N PRO B 149 56.16 32.73 -21.93
CA PRO B 149 56.35 31.33 -22.22
C PRO B 149 55.32 30.49 -21.51
N PRO B 150 54.68 29.58 -22.25
CA PRO B 150 53.77 28.60 -21.68
C PRO B 150 54.54 27.45 -21.06
N LEU B 151 55.24 27.79 -19.99
CA LEU B 151 56.27 26.91 -19.46
C LEU B 151 57.02 26.31 -20.64
N ASN B 152 57.38 25.03 -20.52
CA ASN B 152 57.97 24.30 -21.62
C ASN B 152 57.00 23.20 -22.05
N LEU B 153 55.70 23.49 -22.08
CA LEU B 153 54.71 22.47 -22.34
C LEU B 153 54.56 22.24 -23.83
N VAL B 154 54.84 23.26 -24.67
CA VAL B 154 54.46 23.20 -26.08
C VAL B 154 55.62 22.74 -26.97
N GLY B 155 56.87 23.05 -26.62
CA GLY B 155 57.98 22.62 -27.46
C GLY B 155 58.54 21.28 -27.00
N ASP B 156 58.90 21.21 -25.72
CA ASP B 156 59.46 19.99 -25.15
C ASP B 156 58.47 18.83 -25.23
N PHE B 157 57.20 19.04 -24.81
CA PHE B 157 56.34 17.90 -24.54
C PHE B 157 55.28 17.76 -25.63
N GLY B 158 54.37 18.73 -25.70
CA GLY B 158 53.28 18.72 -26.64
C GLY B 158 53.75 18.54 -28.08
N GLY B 159 54.69 19.38 -28.52
CA GLY B 159 55.19 19.31 -29.89
C GLY B 159 56.52 18.55 -30.00
N GLY B 160 56.87 17.83 -28.94
CA GLY B 160 58.21 17.28 -28.78
C GLY B 160 58.17 15.78 -28.49
N SER B 161 58.21 15.44 -27.20
CA SER B 161 58.13 14.08 -26.73
C SER B 161 56.92 13.36 -27.37
N MET B 162 55.77 14.04 -27.43
CA MET B 162 54.55 13.37 -27.86
C MET B 162 54.65 13.01 -29.33
N PHE B 163 55.31 13.84 -30.15
CA PHE B 163 55.51 13.50 -31.54
C PHE B 163 56.59 12.42 -31.67
N LEU B 164 57.61 12.43 -30.81
CA LEU B 164 58.55 11.31 -30.80
C LEU B 164 57.77 9.99 -30.58
N LEU B 165 56.84 9.99 -29.61
CA LEU B 165 56.06 8.81 -29.27
C LEU B 165 55.18 8.36 -30.43
N VAL B 166 54.42 9.29 -31.00
CA VAL B 166 53.61 8.94 -32.14
C VAL B 166 54.48 8.35 -33.26
N GLY B 167 55.73 8.81 -33.37
CA GLY B 167 56.64 8.31 -34.39
C GLY B 167 57.15 6.91 -34.04
N ILE B 168 57.57 6.73 -32.79
CA ILE B 168 58.06 5.44 -32.35
C ILE B 168 57.00 4.36 -32.56
N LEU B 169 55.73 4.68 -32.22
CA LEU B 169 54.65 3.71 -32.28
C LEU B 169 54.08 3.59 -33.68
N ALA B 170 54.07 4.65 -34.49
CA ALA B 170 53.68 4.45 -35.87
C ALA B 170 54.70 3.57 -36.61
N ALA B 171 55.98 3.63 -36.22
CA ALA B 171 57.00 2.91 -36.98
C ALA B 171 57.00 1.45 -36.56
N LEU B 172 56.59 1.17 -35.32
CA LEU B 172 56.40 -0.18 -34.83
C LEU B 172 55.26 -0.89 -35.58
N TRP B 173 54.21 -0.13 -35.94
CA TRP B 173 53.11 -0.64 -36.75
C TRP B 173 53.60 -0.95 -38.16
N GLU B 174 54.31 0.02 -38.77
CA GLU B 174 54.79 -0.16 -40.12
C GLU B 174 55.71 -1.38 -40.20
N ARG B 175 56.53 -1.61 -39.15
CA ARG B 175 57.45 -2.73 -39.02
C ARG B 175 56.74 -4.08 -39.07
N GLN B 176 55.57 -4.17 -38.44
CA GLN B 176 54.79 -5.41 -38.42
C GLN B 176 54.52 -5.90 -39.86
N SER B 177 54.39 -5.00 -40.84
CA SER B 177 54.14 -5.46 -42.18
C SER B 177 55.40 -5.45 -43.07
N SER B 178 56.55 -4.98 -42.56
CA SER B 178 57.72 -4.86 -43.42
C SER B 178 58.94 -5.56 -42.82
N GLY B 179 58.91 -5.88 -41.52
CA GLY B 179 59.99 -6.59 -40.85
C GLY B 179 61.21 -5.72 -40.52
N LYS B 180 61.11 -4.42 -40.83
CA LYS B 180 62.24 -3.52 -40.83
C LYS B 180 61.94 -2.30 -39.95
N GLY B 181 62.95 -1.88 -39.17
CA GLY B 181 62.93 -0.60 -38.47
C GLY B 181 63.11 0.58 -39.42
N GLN B 182 63.39 1.76 -38.84
CA GLN B 182 63.66 3.00 -39.57
C GLN B 182 63.92 4.14 -38.57
N VAL B 183 64.18 5.34 -39.13
CA VAL B 183 64.64 6.48 -38.35
C VAL B 183 63.47 7.45 -38.26
N VAL B 184 63.18 7.84 -37.01
CA VAL B 184 62.19 8.84 -36.70
C VAL B 184 62.92 10.13 -36.32
N ASP B 185 62.70 11.15 -37.15
CA ASP B 185 63.23 12.49 -36.94
C ASP B 185 62.12 13.38 -36.41
N ALA B 186 62.09 13.55 -35.08
CA ALA B 186 61.14 14.41 -34.40
C ALA B 186 61.78 15.73 -33.96
N ALA B 187 61.43 16.77 -34.70
CA ALA B 187 61.88 18.12 -34.40
C ALA B 187 60.77 18.94 -33.71
N MET B 188 61.12 19.56 -32.57
CA MET B 188 60.15 20.32 -31.80
C MET B 188 59.58 21.47 -32.63
N VAL B 189 60.36 22.04 -33.53
CA VAL B 189 59.84 23.14 -34.35
C VAL B 189 58.76 22.64 -35.33
N ASP B 190 58.81 21.34 -35.69
CA ASP B 190 57.82 20.71 -36.56
C ASP B 190 56.59 20.28 -35.75
N GLY B 191 56.79 19.47 -34.73
CA GLY B 191 55.68 18.93 -33.97
C GLY B 191 54.83 20.06 -33.40
N SER B 192 55.49 21.10 -32.89
CA SER B 192 54.77 22.17 -32.25
C SER B 192 53.97 22.90 -33.32
N SER B 193 54.46 22.96 -34.57
CA SER B 193 53.69 23.54 -35.67
C SER B 193 52.43 22.72 -36.00
N VAL B 194 52.53 21.39 -35.94
CA VAL B 194 51.37 20.56 -36.17
C VAL B 194 50.42 20.67 -34.99
N LEU B 195 51.01 20.80 -33.79
CA LEU B 195 50.23 20.92 -32.58
C LEU B 195 49.30 22.12 -32.67
N ILE B 196 49.74 23.17 -33.38
CA ILE B 196 48.98 24.42 -33.50
C ILE B 196 48.35 24.57 -34.89
N GLN B 197 48.09 23.45 -35.58
CA GLN B 197 47.50 23.51 -36.90
C GLN B 197 46.15 24.24 -36.93
N MET B 198 45.35 24.10 -35.86
CA MET B 198 44.06 24.77 -35.79
C MET B 198 44.20 26.27 -36.04
N MET B 199 45.22 26.90 -35.47
CA MET B 199 45.42 28.33 -35.67
C MET B 199 45.81 28.60 -37.12
N TRP B 200 46.62 27.72 -37.72
CA TRP B 200 46.98 27.94 -39.11
C TRP B 200 45.72 27.80 -40.00
N ALA B 201 44.84 26.83 -39.71
CA ALA B 201 43.55 26.69 -40.40
C ALA B 201 42.71 27.96 -40.29
N MET B 202 42.49 28.40 -39.05
CA MET B 202 41.75 29.63 -38.76
C MET B 202 42.38 30.87 -39.39
N ARG B 203 43.72 31.01 -39.45
CA ARG B 203 44.23 32.24 -40.04
C ARG B 203 43.93 32.19 -41.55
N ALA B 204 43.92 30.99 -42.14
CA ALA B 204 43.78 30.87 -43.58
C ALA B 204 42.36 31.29 -43.99
N THR B 205 41.38 31.06 -43.11
CA THR B 205 40.00 31.44 -43.34
C THR B 205 39.63 32.74 -42.62
N GLY B 206 40.60 33.64 -42.40
CA GLY B 206 40.33 34.97 -41.86
C GLY B 206 39.75 34.99 -40.44
N MET B 207 39.96 33.92 -39.64
CA MET B 207 39.38 33.80 -38.32
C MET B 207 40.44 33.77 -37.19
N TRP B 208 41.69 34.17 -37.48
CA TRP B 208 42.70 34.36 -36.45
C TRP B 208 43.62 35.49 -36.89
N THR B 209 43.90 36.52 -36.05
CA THR B 209 44.94 37.52 -36.37
C THR B 209 46.26 37.20 -35.65
N ASP B 210 47.31 37.84 -36.19
CA ASP B 210 48.63 37.88 -35.61
C ASP B 210 48.68 38.87 -34.43
N THR B 211 47.64 39.71 -34.24
CA THR B 211 47.53 40.54 -33.04
C THR B 211 47.32 39.67 -31.81
N ARG B 212 48.27 39.76 -30.87
CA ARG B 212 48.16 39.08 -29.60
C ARG B 212 47.02 39.65 -28.77
N GLY B 213 46.29 38.78 -28.09
CA GLY B 213 45.23 39.17 -27.18
C GLY B 213 43.97 39.65 -27.88
N ALA B 214 43.76 39.26 -29.15
CA ALA B 214 42.60 39.70 -29.91
C ALA B 214 41.85 38.54 -30.57
N ASN B 215 41.83 37.34 -29.96
CA ASN B 215 41.37 36.15 -30.65
C ASN B 215 40.41 35.36 -29.77
N MET B 216 39.77 34.34 -30.36
CA MET B 216 38.81 33.51 -29.63
C MET B 216 39.48 32.80 -28.45
N LEU B 217 40.74 32.36 -28.60
CA LEU B 217 41.31 31.40 -27.66
C LEU B 217 42.58 31.85 -26.97
N ASP B 218 42.99 33.12 -27.18
CA ASP B 218 44.26 33.61 -26.67
C ASP B 218 44.05 34.45 -25.43
N GLY B 219 42.78 34.64 -25.04
CA GLY B 219 42.48 35.35 -23.80
C GLY B 219 41.78 36.67 -24.10
N GLY B 220 41.75 37.04 -25.37
CA GLY B 220 41.09 38.27 -25.77
C GLY B 220 39.56 38.16 -25.69
N ALA B 221 39.00 36.96 -25.78
CA ALA B 221 37.56 36.85 -25.77
C ALA B 221 37.10 36.84 -24.32
N PRO B 222 36.14 37.69 -23.93
CA PRO B 222 35.68 37.75 -22.55
C PRO B 222 35.03 36.47 -22.02
N TYR B 223 34.58 35.62 -22.93
CA TYR B 223 34.02 34.32 -22.54
C TYR B 223 35.03 33.18 -22.60
N TYR B 224 36.31 33.51 -22.83
CA TYR B 224 37.37 32.50 -22.84
C TYR B 224 38.62 33.12 -22.22
N ASP B 225 38.64 33.17 -20.88
CA ASP B 225 39.69 33.86 -20.16
C ASP B 225 39.51 33.54 -18.70
N THR B 226 40.46 33.98 -17.88
CA THR B 226 40.33 33.88 -16.44
C THR B 226 39.79 35.20 -15.90
N TYR B 227 39.22 35.15 -14.71
CA TYR B 227 38.68 36.33 -14.07
C TYR B 227 39.10 36.26 -12.63
N GLU B 228 39.49 37.40 -12.07
CA GLU B 228 39.83 37.47 -10.66
C GLU B 228 38.54 37.58 -9.84
N CYS B 229 38.53 36.95 -8.67
CA CYS B 229 37.35 36.87 -7.82
C CYS B 229 37.60 37.69 -6.55
N ALA B 230 36.60 37.80 -5.68
CA ALA B 230 36.68 38.67 -4.51
C ALA B 230 37.86 38.34 -3.62
N ASP B 231 38.29 37.07 -3.59
CA ASP B 231 39.34 36.63 -2.67
C ASP B 231 40.73 36.69 -3.32
N GLY B 232 40.84 37.15 -4.56
CA GLY B 232 42.12 37.25 -5.23
C GLY B 232 42.51 35.99 -5.99
N ARG B 233 41.68 34.92 -5.86
CA ARG B 233 41.84 33.69 -6.62
C ARG B 233 41.07 33.83 -7.93
N TYR B 234 41.15 32.82 -8.80
CA TYR B 234 40.66 32.99 -10.15
C TYR B 234 39.66 31.91 -10.55
N VAL B 235 38.81 32.24 -11.53
CA VAL B 235 38.07 31.21 -12.23
C VAL B 235 38.49 31.27 -13.69
N ALA B 236 38.26 30.15 -14.38
CA ALA B 236 38.34 30.14 -15.82
C ALA B 236 36.95 30.01 -16.42
N VAL B 237 36.74 30.81 -17.46
CA VAL B 237 35.54 30.82 -18.25
C VAL B 237 35.88 30.38 -19.66
N GLY B 238 35.11 29.39 -20.17
CA GLY B 238 35.36 28.83 -21.49
C GLY B 238 34.06 28.62 -22.27
N ALA B 239 33.13 29.55 -22.06
CA ALA B 239 31.77 29.46 -22.54
C ALA B 239 31.64 29.94 -23.96
N ILE B 240 32.21 29.16 -24.88
CA ILE B 240 32.20 29.52 -26.29
C ILE B 240 30.78 29.41 -26.90
N GLU B 241 30.15 28.23 -26.78
CA GLU B 241 28.84 27.96 -27.37
C GLU B 241 27.81 28.88 -26.69
N PRO B 242 26.95 29.57 -27.48
CA PRO B 242 26.04 30.58 -26.96
C PRO B 242 25.16 30.11 -25.81
N GLN B 243 24.80 28.82 -25.82
CA GLN B 243 23.91 28.28 -24.81
C GLN B 243 24.68 28.13 -23.50
N PHE B 244 25.96 27.77 -23.57
CA PHE B 244 26.75 27.71 -22.35
C PHE B 244 26.96 29.15 -21.86
N TYR B 245 27.20 30.06 -22.80
CA TYR B 245 27.42 31.45 -22.46
C TYR B 245 26.18 32.01 -21.76
N ALA B 246 25.00 31.77 -22.34
CA ALA B 246 23.74 32.18 -21.71
C ALA B 246 23.60 31.63 -20.29
N ALA B 247 24.03 30.39 -20.09
CA ALA B 247 23.90 29.76 -18.78
C ALA B 247 24.78 30.46 -17.79
N MET B 248 25.99 30.83 -18.24
CA MET B 248 26.90 31.55 -17.37
C MET B 248 26.32 32.90 -16.95
N LEU B 249 25.84 33.70 -17.92
CA LEU B 249 25.26 35.01 -17.63
C LEU B 249 24.12 34.86 -16.58
N ALA B 250 23.23 33.88 -16.73
CA ALA B 250 22.16 33.72 -15.74
C ALA B 250 22.75 33.48 -14.35
N GLY B 251 23.83 32.69 -14.29
CA GLY B 251 24.42 32.35 -13.00
C GLY B 251 25.18 33.53 -12.40
N LEU B 252 25.61 34.48 -13.24
CA LEU B 252 26.23 35.70 -12.76
C LEU B 252 25.18 36.71 -12.32
N GLY B 253 23.92 36.48 -12.62
CA GLY B 253 22.91 37.47 -12.31
C GLY B 253 22.85 38.54 -13.38
N LEU B 254 23.28 38.23 -14.60
CA LEU B 254 23.40 39.24 -15.64
C LEU B 254 22.33 39.03 -16.69
N ASP B 255 21.66 40.13 -16.97
CA ASP B 255 20.58 40.13 -17.91
C ASP B 255 21.22 40.33 -19.28
N ALA B 256 21.01 39.38 -20.19
CA ALA B 256 21.63 39.39 -21.50
C ALA B 256 21.33 40.66 -22.29
N ALA B 257 20.18 41.32 -22.02
CA ALA B 257 19.76 42.53 -22.72
C ALA B 257 20.63 43.75 -22.38
N GLU B 258 21.20 43.78 -21.17
CA GLU B 258 22.09 44.84 -20.73
C GLU B 258 23.46 44.82 -21.42
N LEU B 259 23.81 43.69 -22.06
CA LEU B 259 25.19 43.37 -22.39
C LEU B 259 25.34 43.49 -23.88
N PRO B 260 26.55 43.82 -24.38
CA PRO B 260 26.80 43.78 -25.82
C PRO B 260 26.72 42.35 -26.32
N PRO B 261 26.55 42.11 -27.63
CA PRO B 261 26.64 40.77 -28.17
C PRO B 261 27.93 40.05 -27.75
N GLN B 262 27.79 38.73 -27.47
CA GLN B 262 28.87 37.87 -27.06
C GLN B 262 30.07 38.01 -28.00
N ASN B 263 29.79 38.12 -29.30
CA ASN B 263 30.82 38.07 -30.30
C ASN B 263 30.93 39.38 -31.09
N ASP B 264 30.51 40.51 -30.52
CA ASP B 264 30.89 41.80 -31.09
C ASP B 264 32.27 42.23 -30.55
N ARG B 265 33.32 41.94 -31.31
CA ARG B 265 34.69 42.05 -30.83
C ARG B 265 34.99 43.52 -30.50
N ALA B 266 34.38 44.47 -31.19
CA ALA B 266 34.64 45.87 -30.92
C ALA B 266 34.19 46.25 -29.50
N ARG B 267 33.21 45.53 -28.96
CA ARG B 267 32.72 45.82 -27.63
C ARG B 267 33.22 44.83 -26.57
N TRP B 268 34.17 43.99 -26.92
CA TRP B 268 34.71 43.07 -25.93
C TRP B 268 35.23 43.78 -24.70
N PRO B 269 36.00 44.88 -24.83
CA PRO B 269 36.43 45.66 -23.68
C PRO B 269 35.32 45.95 -22.67
N GLU B 270 34.19 46.39 -23.21
CA GLU B 270 33.02 46.75 -22.41
C GLU B 270 32.38 45.51 -21.80
N LEU B 271 32.26 44.44 -22.57
CA LEU B 271 31.68 43.19 -22.06
C LEU B 271 32.53 42.67 -20.90
N ARG B 272 33.85 42.66 -21.13
CA ARG B 272 34.82 42.21 -20.13
C ARG B 272 34.67 42.98 -18.83
N ALA B 273 34.44 44.31 -18.91
CA ALA B 273 34.33 45.12 -17.69
C ALA B 273 33.10 44.70 -16.88
N LEU B 274 32.00 44.38 -17.56
CA LEU B 274 30.78 43.93 -16.91
C LEU B 274 30.93 42.57 -16.24
N LEU B 275 31.54 41.62 -16.95
CA LEU B 275 31.82 40.30 -16.41
C LEU B 275 32.86 40.40 -15.29
N THR B 276 33.83 41.31 -15.42
CA THR B 276 34.87 41.46 -14.41
C THR B 276 34.24 41.85 -13.07
N GLU B 277 33.33 42.81 -13.11
CA GLU B 277 32.67 43.28 -11.89
C GLU B 277 31.82 42.17 -11.28
N ALA B 278 31.17 41.37 -12.12
CA ALA B 278 30.35 40.27 -11.63
C ALA B 278 31.19 39.22 -10.91
N PHE B 279 32.26 38.71 -11.55
CA PHE B 279 33.06 37.68 -10.90
C PHE B 279 33.74 38.23 -9.65
N ALA B 280 34.03 39.54 -9.62
CA ALA B 280 34.74 40.11 -8.48
C ALA B 280 33.90 40.14 -7.21
N SER B 281 32.58 39.99 -7.34
CA SER B 281 31.69 40.24 -6.22
C SER B 281 31.54 39.00 -5.33
N HIS B 282 32.05 37.84 -5.75
CA HIS B 282 32.11 36.66 -4.89
C HIS B 282 33.46 35.95 -5.04
N ASP B 283 33.78 35.05 -4.10
CA ASP B 283 35.07 34.37 -4.09
C ASP B 283 35.03 33.15 -5.01
N ARG B 284 36.22 32.61 -5.33
CA ARG B 284 36.32 31.53 -6.30
C ARG B 284 35.45 30.34 -5.92
N ASP B 285 35.50 29.91 -4.65
CA ASP B 285 34.78 28.74 -4.18
C ASP B 285 33.29 28.89 -4.47
N HIS B 286 32.77 30.09 -4.21
CA HIS B 286 31.38 30.41 -4.45
C HIS B 286 31.01 30.08 -5.88
N TRP B 287 31.84 30.47 -6.85
CA TRP B 287 31.48 30.27 -8.24
C TRP B 287 31.59 28.79 -8.58
N GLY B 288 32.57 28.12 -7.96
CA GLY B 288 32.74 26.70 -8.12
C GLY B 288 31.47 25.95 -7.72
N ALA B 289 30.86 26.39 -6.61
CA ALA B 289 29.60 25.84 -6.15
C ALA B 289 28.47 26.16 -7.14
N VAL B 290 28.17 27.45 -7.32
CA VAL B 290 27.12 27.92 -8.22
C VAL B 290 27.10 27.17 -9.55
N PHE B 291 28.29 26.87 -10.11
CA PHE B 291 28.37 26.33 -11.46
C PHE B 291 28.65 24.81 -11.47
N ALA B 292 28.79 24.13 -10.33
CA ALA B 292 28.87 22.67 -10.40
C ALA B 292 27.63 22.08 -11.08
N ASN B 293 27.86 21.06 -11.92
CA ASN B 293 26.80 20.39 -12.67
C ASN B 293 26.29 21.25 -13.82
N SER B 294 26.91 22.41 -14.05
CA SER B 294 26.51 23.36 -15.07
C SER B 294 27.27 23.17 -16.37
N ASP B 295 26.67 23.56 -17.48
CA ASP B 295 27.33 23.68 -18.76
C ASP B 295 27.82 25.11 -19.04
N ALA B 296 27.93 25.92 -17.98
CA ALA B 296 28.36 27.31 -18.07
C ALA B 296 29.87 27.45 -18.37
N CYS B 297 30.65 26.37 -18.21
CA CYS B 297 32.07 26.30 -18.56
C CYS B 297 32.85 27.28 -17.70
N VAL B 298 32.65 27.20 -16.39
CA VAL B 298 33.25 28.06 -15.38
C VAL B 298 33.86 27.09 -14.38
N THR B 299 35.18 27.15 -14.13
CA THR B 299 35.86 26.24 -13.20
C THR B 299 36.82 27.02 -12.33
N PRO B 300 37.06 26.56 -11.09
CA PRO B 300 38.09 27.16 -10.27
C PRO B 300 39.48 26.91 -10.87
N VAL B 301 40.34 27.95 -10.85
CA VAL B 301 41.74 27.82 -11.24
C VAL B 301 42.51 27.39 -10.01
N LEU B 302 42.88 26.11 -9.93
CA LEU B 302 43.58 25.55 -8.77
C LEU B 302 45.10 25.69 -8.97
N ALA B 303 45.79 26.06 -7.91
CA ALA B 303 47.23 25.93 -7.83
C ALA B 303 47.60 24.47 -7.60
N PHE B 304 48.84 24.09 -7.91
CA PHE B 304 49.28 22.70 -7.80
C PHE B 304 48.93 22.09 -6.43
N GLY B 305 49.20 22.84 -5.35
CA GLY B 305 49.05 22.38 -3.99
C GLY B 305 47.59 22.12 -3.57
N GLU B 306 46.61 22.57 -4.37
CA GLU B 306 45.18 22.36 -4.13
C GLU B 306 44.61 21.20 -4.96
N VAL B 307 45.36 20.71 -5.94
CA VAL B 307 44.80 19.78 -6.90
C VAL B 307 44.37 18.48 -6.20
N HIS B 308 45.15 18.07 -5.17
CA HIS B 308 44.88 16.84 -4.46
C HIS B 308 43.54 16.90 -3.69
N ASN B 309 42.98 18.10 -3.43
CA ASN B 309 41.71 18.25 -2.73
C ASN B 309 40.48 18.35 -3.64
N GLU B 310 40.61 18.16 -4.95
CA GLU B 310 39.50 18.38 -5.85
C GLU B 310 38.77 17.06 -6.10
N PRO B 311 37.45 16.94 -5.81
CA PRO B 311 36.75 15.68 -5.93
C PRO B 311 37.00 14.97 -7.25
N HIS B 312 36.86 15.67 -8.38
CA HIS B 312 36.93 14.96 -9.64
C HIS B 312 38.33 14.39 -9.85
N ILE B 313 39.34 15.02 -9.24
CA ILE B 313 40.72 14.57 -9.33
C ILE B 313 40.89 13.32 -8.46
N ILE B 314 40.42 13.39 -7.22
CA ILE B 314 40.60 12.31 -6.26
C ILE B 314 40.00 11.02 -6.81
N GLU B 315 38.75 11.08 -7.27
CA GLU B 315 37.97 9.91 -7.58
C GLU B 315 38.32 9.25 -8.90
N ARG B 316 38.98 9.99 -9.79
CA ARG B 316 39.45 9.37 -11.01
C ARG B 316 40.91 8.91 -10.85
N ASN B 317 41.47 9.10 -9.65
CA ASN B 317 42.88 8.84 -9.37
C ASN B 317 43.79 9.37 -10.48
N THR B 318 43.74 10.68 -10.76
CA THR B 318 44.54 11.24 -11.84
C THR B 318 45.99 11.29 -11.35
N PHE B 319 46.18 11.29 -10.01
CA PHE B 319 47.45 11.35 -9.34
C PHE B 319 47.62 10.20 -8.34
N TYR B 320 48.88 9.90 -7.96
CA TYR B 320 49.20 9.01 -6.85
C TYR B 320 50.23 9.69 -5.97
N GLU B 321 50.30 9.31 -4.70
CA GLU B 321 51.32 9.82 -3.80
C GLU B 321 52.64 9.06 -3.99
N ALA B 322 53.75 9.78 -4.12
CA ALA B 322 55.09 9.21 -4.01
C ALA B 322 55.93 10.05 -3.06
N ASN B 323 57.20 9.66 -2.89
CA ASN B 323 58.31 10.60 -2.75
C ASN B 323 57.93 11.82 -1.90
N GLY B 324 58.27 13.02 -2.41
CA GLY B 324 57.90 14.27 -1.77
C GLY B 324 56.39 14.54 -1.86
N GLY B 325 55.78 14.21 -3.01
CA GLY B 325 54.36 14.46 -3.17
C GLY B 325 53.74 13.81 -4.41
N TRP B 326 52.67 14.44 -4.89
CA TRP B 326 51.80 13.86 -5.91
C TRP B 326 52.47 13.88 -7.27
N GLN B 327 52.14 12.85 -8.05
CA GLN B 327 52.61 12.68 -9.40
C GLN B 327 51.46 12.21 -10.27
N PRO B 328 51.42 12.59 -11.56
CA PRO B 328 50.41 12.10 -12.47
C PRO B 328 50.54 10.60 -12.76
N MET B 329 49.42 9.90 -12.59
CA MET B 329 49.31 8.52 -13.02
C MET B 329 49.42 8.47 -14.53
N PRO B 330 49.72 7.30 -15.14
CA PRO B 330 49.85 7.17 -16.58
C PRO B 330 48.64 7.64 -17.35
N ALA B 331 48.86 8.00 -18.60
CA ALA B 331 47.79 8.34 -19.49
C ALA B 331 48.19 7.88 -20.88
N PRO B 332 47.25 7.58 -21.80
CA PRO B 332 45.84 7.51 -21.44
C PRO B 332 45.53 6.20 -20.71
N ARG B 333 44.24 5.86 -20.53
CA ARG B 333 43.85 4.66 -19.80
C ARG B 333 43.34 3.57 -20.75
N PHE B 334 43.54 2.31 -20.34
CA PHE B 334 43.31 1.15 -21.20
C PHE B 334 42.38 0.15 -20.48
N SER B 335 41.36 -0.36 -21.16
CA SER B 335 40.34 -1.18 -20.49
C SER B 335 40.88 -2.56 -20.09
N ARG B 336 41.48 -3.28 -21.07
CA ARG B 336 42.00 -4.61 -20.84
C ARG B 336 43.40 -4.59 -20.20
N THR B 337 44.39 -3.97 -20.87
CA THR B 337 45.77 -4.01 -20.38
C THR B 337 46.12 -2.71 -19.70
N ALA B 338 45.76 -2.60 -18.43
CA ALA B 338 45.82 -1.34 -17.74
C ALA B 338 47.25 -1.10 -17.28
N SER B 339 47.72 0.14 -17.44
CA SER B 339 48.98 0.53 -16.82
C SER B 339 48.88 0.31 -15.33
N SER B 340 50.03 0.15 -14.66
CA SER B 340 50.05 0.13 -13.21
C SER B 340 50.71 1.39 -12.71
N GLN B 341 50.72 1.53 -11.39
CA GLN B 341 51.31 2.67 -10.75
C GLN B 341 52.81 2.68 -11.02
N PRO B 342 53.40 3.82 -11.44
CA PRO B 342 54.81 3.88 -11.75
C PRO B 342 55.75 3.42 -10.64
N ARG B 343 56.76 2.66 -11.06
CA ARG B 343 57.83 2.21 -10.17
C ARG B 343 58.79 3.37 -9.98
N PRO B 344 59.24 3.66 -8.74
CA PRO B 344 60.23 4.70 -8.56
C PRO B 344 61.50 4.44 -9.34
N PRO B 345 62.35 5.47 -9.53
CA PRO B 345 63.56 5.32 -10.33
C PRO B 345 64.43 4.16 -9.82
N ALA B 346 64.76 3.19 -10.70
CA ALA B 346 65.39 1.94 -10.28
C ALA B 346 66.91 2.06 -10.23
N ALA B 347 67.42 2.45 -9.04
CA ALA B 347 68.82 2.70 -8.75
C ALA B 347 69.76 1.82 -9.59
N THR B 348 70.96 2.35 -9.85
CA THR B 348 71.84 1.90 -10.92
C THR B 348 72.11 0.40 -10.82
N ILE B 349 71.74 -0.34 -11.87
CA ILE B 349 72.15 -1.73 -11.99
C ILE B 349 73.37 -1.80 -12.92
N ASP B 350 73.82 -3.02 -13.20
CA ASP B 350 75.01 -3.21 -14.02
C ASP B 350 74.60 -3.71 -15.40
N ILE B 351 75.19 -3.10 -16.43
CA ILE B 351 74.70 -3.22 -17.80
C ILE B 351 74.77 -4.67 -18.28
N GLU B 352 75.63 -5.46 -17.61
CA GLU B 352 75.75 -6.89 -17.85
C GLU B 352 74.52 -7.65 -17.36
N ALA B 353 74.05 -7.30 -16.15
CA ALA B 353 72.82 -7.84 -15.59
C ALA B 353 71.69 -7.81 -16.63
N VAL B 354 71.50 -6.61 -17.20
CA VAL B 354 70.42 -6.37 -18.15
C VAL B 354 70.59 -7.31 -19.34
N LEU B 355 71.84 -7.43 -19.81
CA LEU B 355 72.11 -8.22 -20.99
C LEU B 355 71.75 -9.68 -20.77
N THR B 356 72.02 -10.19 -19.55
CA THR B 356 71.72 -11.59 -19.21
C THR B 356 70.19 -11.75 -19.23
N ASP B 357 69.53 -10.91 -18.42
CA ASP B 357 68.07 -10.76 -18.40
C ASP B 357 67.47 -10.69 -19.81
N TRP B 358 68.11 -9.99 -20.75
CA TRP B 358 67.59 -9.87 -22.11
C TRP B 358 68.06 -10.99 -23.04
N ASP B 359 68.98 -11.85 -22.56
CA ASP B 359 69.68 -12.89 -23.33
C ASP B 359 71.16 -12.51 -23.51
N MET C 1 -40.75 -0.60 59.55
CA MET C 1 -39.30 -0.25 59.51
C MET C 1 -39.10 1.18 60.00
N ALA C 2 -38.30 1.34 61.06
CA ALA C 2 -38.16 2.60 61.77
C ALA C 2 -37.16 3.51 61.05
N GLY C 3 -37.48 4.80 60.98
CA GLY C 3 -36.49 5.81 60.63
C GLY C 3 -37.09 6.72 59.59
N PRO C 4 -36.42 7.82 59.21
CA PRO C 4 -36.97 8.73 58.22
C PRO C 4 -36.96 8.24 56.77
N LEU C 5 -36.29 7.10 56.53
CA LEU C 5 -36.19 6.53 55.19
C LEU C 5 -37.00 5.23 55.15
N SER C 6 -37.99 5.11 56.03
CA SER C 6 -38.97 4.04 55.88
C SER C 6 -39.61 4.21 54.50
N GLY C 7 -39.63 3.13 53.72
CA GLY C 7 -40.30 3.16 52.42
C GLY C 7 -39.35 3.32 51.24
N LEU C 8 -38.12 3.78 51.46
CA LEU C 8 -37.09 3.80 50.42
C LEU C 8 -36.58 2.37 50.22
N ARG C 9 -36.49 1.97 48.94
CA ARG C 9 -35.99 0.65 48.59
C ARG C 9 -34.67 0.78 47.86
N VAL C 10 -33.69 -0.01 48.29
CA VAL C 10 -32.32 0.12 47.81
C VAL C 10 -31.81 -1.24 47.34
N VAL C 11 -31.22 -1.24 46.14
CA VAL C 11 -30.51 -2.43 45.70
C VAL C 11 -29.00 -2.12 45.69
N GLU C 12 -28.26 -2.93 46.44
CA GLU C 12 -26.81 -2.81 46.57
C GLU C 12 -26.12 -3.98 45.87
N LEU C 13 -25.27 -3.69 44.86
CA LEU C 13 -24.41 -4.72 44.28
C LEU C 13 -23.16 -4.85 45.15
N ALA C 14 -23.03 -5.98 45.84
CA ALA C 14 -21.99 -6.17 46.83
C ALA C 14 -20.62 -5.71 46.32
N GLY C 15 -19.98 -4.83 47.11
CA GLY C 15 -18.62 -4.37 46.88
C GLY C 15 -17.90 -4.26 48.22
N ILE C 16 -16.82 -3.46 48.29
CA ILE C 16 -16.08 -3.30 49.53
C ILE C 16 -15.91 -1.81 49.87
N GLY C 17 -15.84 -1.51 51.17
CA GLY C 17 -15.51 -0.16 51.61
C GLY C 17 -16.70 0.80 51.52
N PRO C 18 -16.65 1.85 50.67
CA PRO C 18 -17.68 2.89 50.67
C PRO C 18 -19.11 2.45 50.30
N GLY C 19 -19.28 1.55 49.32
CA GLY C 19 -20.60 1.17 48.84
C GLY C 19 -21.41 0.53 49.94
N PRO C 20 -20.86 -0.48 50.63
CA PRO C 20 -21.55 -1.07 51.77
C PRO C 20 -21.76 -0.14 52.97
N HIS C 21 -20.94 0.90 53.08
CA HIS C 21 -21.05 1.79 54.23
C HIS C 21 -22.24 2.70 53.98
N ALA C 22 -22.35 3.19 52.75
CA ALA C 22 -23.49 3.99 52.33
C ALA C 22 -24.79 3.18 52.46
N ALA C 23 -24.73 1.94 51.98
CA ALA C 23 -25.88 1.05 52.07
C ALA C 23 -26.27 0.89 53.53
N MET C 24 -25.29 0.71 54.43
CA MET C 24 -25.53 0.47 55.84
C MET C 24 -26.27 1.67 56.45
N ILE C 25 -25.81 2.88 56.12
CA ILE C 25 -26.40 4.09 56.69
C ILE C 25 -27.83 4.26 56.18
N LEU C 26 -28.10 3.82 54.95
CA LEU C 26 -29.44 3.95 54.39
C LEU C 26 -30.38 3.07 55.20
N GLY C 27 -29.99 1.81 55.38
CA GLY C 27 -30.74 0.83 56.15
C GLY C 27 -30.78 1.15 57.65
N ASP C 28 -29.75 1.83 58.15
CA ASP C 28 -29.72 2.26 59.54
C ASP C 28 -30.90 3.20 59.78
N LEU C 29 -31.17 4.07 58.79
CA LEU C 29 -32.22 5.09 58.88
C LEU C 29 -33.57 4.59 58.35
N GLY C 30 -33.71 3.26 58.19
CA GLY C 30 -34.98 2.63 57.92
C GLY C 30 -35.19 2.15 56.48
N ALA C 31 -34.27 2.47 55.55
CA ALA C 31 -34.44 2.04 54.17
C ALA C 31 -34.41 0.52 54.09
N ASP C 32 -35.05 0.02 53.02
CA ASP C 32 -35.20 -1.40 52.74
C ASP C 32 -34.07 -1.80 51.79
N VAL C 33 -33.10 -2.57 52.28
CA VAL C 33 -31.84 -2.71 51.58
C VAL C 33 -31.64 -4.16 51.20
N VAL C 34 -31.58 -4.39 49.88
CA VAL C 34 -31.30 -5.71 49.36
C VAL C 34 -29.94 -5.69 48.66
N ARG C 35 -29.07 -6.57 49.17
CA ARG C 35 -27.70 -6.67 48.68
C ARG C 35 -27.56 -7.98 47.93
N ILE C 36 -27.17 -7.88 46.65
CA ILE C 36 -26.91 -9.02 45.77
C ILE C 36 -25.42 -9.36 45.85
N ASP C 37 -25.09 -10.54 46.39
CA ASP C 37 -23.71 -11.00 46.44
C ASP C 37 -23.54 -12.19 45.49
N ARG C 38 -22.28 -12.52 45.12
CA ARG C 38 -21.98 -13.71 44.32
C ARG C 38 -22.14 -14.98 45.16
N PRO C 39 -22.67 -16.10 44.59
CA PRO C 39 -22.87 -17.34 45.34
C PRO C 39 -21.59 -17.88 45.99
N SER C 40 -20.42 -17.44 45.51
CA SER C 40 -19.15 -17.81 46.13
C SER C 40 -18.85 -16.93 47.35
N SER C 41 -19.91 -16.38 47.98
CA SER C 41 -19.84 -15.30 48.96
C SER C 41 -19.22 -14.02 48.36
N GLY C 44 -22.53 -19.06 56.37
CA GLY C 44 -23.70 -18.78 57.23
C GLY C 44 -24.20 -17.35 57.06
N ILE C 45 -24.50 -16.68 58.18
CA ILE C 45 -24.81 -15.26 58.25
C ILE C 45 -23.48 -14.50 58.28
N SER C 46 -23.31 -13.51 57.39
CA SER C 46 -22.06 -12.77 57.27
C SER C 46 -21.76 -12.03 58.57
N ARG C 47 -20.54 -12.17 59.10
CA ARG C 47 -20.24 -11.67 60.43
C ARG C 47 -19.67 -10.25 60.38
N ASP C 48 -19.72 -9.57 59.22
CA ASP C 48 -19.37 -8.16 59.18
C ASP C 48 -20.60 -7.33 59.58
N ALA C 49 -20.51 -6.68 60.76
CA ALA C 49 -21.56 -5.81 61.24
C ALA C 49 -21.84 -4.66 60.26
N MET C 50 -20.97 -4.45 59.24
CA MET C 50 -21.23 -3.43 58.23
C MET C 50 -22.37 -3.88 57.31
N LEU C 51 -22.78 -5.16 57.43
CA LEU C 51 -23.86 -5.70 56.64
C LEU C 51 -25.13 -5.81 57.47
N ARG C 52 -25.21 -5.01 58.53
CA ARG C 52 -26.41 -4.91 59.33
C ARG C 52 -27.48 -4.20 58.49
N ASN C 53 -28.76 -4.33 58.91
CA ASN C 53 -29.91 -3.68 58.27
C ASN C 53 -29.99 -3.97 56.77
N ARG C 54 -29.83 -5.25 56.41
CA ARG C 54 -29.84 -5.71 55.02
C ARG C 54 -30.62 -7.02 54.85
N ARG C 55 -31.14 -7.24 53.63
CA ARG C 55 -31.34 -8.62 53.16
C ARG C 55 -30.24 -8.96 52.15
N ILE C 56 -29.61 -10.13 52.36
CA ILE C 56 -28.54 -10.64 51.51
C ILE C 56 -29.12 -11.69 50.56
N VAL C 57 -29.00 -11.47 49.24
CA VAL C 57 -29.43 -12.45 48.26
C VAL C 57 -28.26 -12.82 47.34
N THR C 58 -28.14 -14.11 47.04
CA THR C 58 -27.13 -14.63 46.12
C THR C 58 -27.64 -14.53 44.69
N ALA C 59 -26.70 -14.34 43.75
CA ALA C 59 -27.01 -14.37 42.32
C ALA C 59 -25.71 -14.24 41.53
N ASP C 60 -25.60 -15.08 40.50
CA ASP C 60 -24.59 -14.94 39.47
C ASP C 60 -25.13 -13.98 38.42
N LEU C 61 -24.58 -12.75 38.38
CA LEU C 61 -25.04 -11.73 37.45
C LEU C 61 -24.47 -11.97 36.06
N LYS C 62 -23.57 -12.95 35.94
CA LYS C 62 -23.08 -13.37 34.65
C LYS C 62 -24.07 -14.36 34.01
N SER C 63 -24.78 -15.16 34.83
CA SER C 63 -25.80 -16.06 34.30
C SER C 63 -26.96 -15.24 33.77
N ASP C 64 -27.94 -15.90 33.13
CA ASP C 64 -29.06 -15.21 32.50
C ASP C 64 -30.21 -15.06 33.49
N GLN C 65 -30.40 -16.13 34.29
CA GLN C 65 -31.28 -16.11 35.45
C GLN C 65 -30.85 -14.96 36.36
N GLY C 66 -29.68 -15.14 36.98
CA GLY C 66 -28.91 -14.06 37.62
C GLY C 66 -29.35 -12.68 37.16
N LEU C 67 -29.11 -12.34 35.88
CA LEU C 67 -29.29 -10.97 35.40
C LEU C 67 -30.77 -10.60 35.40
N GLU C 68 -31.64 -11.58 35.20
CA GLU C 68 -33.04 -11.25 35.02
C GLU C 68 -33.69 -10.98 36.37
N LEU C 69 -33.36 -11.81 37.38
CA LEU C 69 -33.76 -11.57 38.75
C LEU C 69 -33.34 -10.16 39.20
N ALA C 70 -32.04 -9.84 39.07
CA ALA C 70 -31.51 -8.54 39.46
C ALA C 70 -32.29 -7.41 38.78
N LEU C 71 -32.56 -7.54 37.48
CA LEU C 71 -33.25 -6.48 36.75
C LEU C 71 -34.68 -6.30 37.22
N LYS C 72 -35.26 -7.33 37.86
CA LYS C 72 -36.61 -7.23 38.39
C LYS C 72 -36.63 -6.55 39.76
N LEU C 73 -35.63 -6.80 40.62
CA LEU C 73 -35.47 -6.06 41.87
C LEU C 73 -35.28 -4.59 41.52
N ILE C 74 -34.41 -4.30 40.57
CA ILE C 74 -34.08 -2.91 40.26
C ILE C 74 -35.33 -2.19 39.78
N ALA C 75 -36.27 -2.93 39.17
CA ALA C 75 -37.45 -2.32 38.58
C ALA C 75 -38.41 -1.79 39.67
N LYS C 76 -38.50 -2.58 40.74
CA LYS C 76 -39.26 -2.34 41.96
C LYS C 76 -38.55 -1.45 42.99
N ALA C 77 -37.42 -0.79 42.65
CA ALA C 77 -36.57 -0.17 43.66
C ALA C 77 -36.27 1.30 43.35
N ASP C 78 -35.88 2.06 44.38
CA ASP C 78 -35.65 3.50 44.24
C ASP C 78 -34.17 3.82 43.94
N VAL C 79 -33.26 3.00 44.48
CA VAL C 79 -31.85 3.35 44.44
C VAL C 79 -31.04 2.11 44.12
N LEU C 80 -30.10 2.30 43.19
CA LEU C 80 -29.09 1.29 42.95
C LEU C 80 -27.73 1.84 43.35
N ILE C 81 -27.02 1.01 44.13
CA ILE C 81 -25.66 1.32 44.54
C ILE C 81 -24.74 0.27 43.92
N GLU C 82 -23.73 0.75 43.18
CA GLU C 82 -22.64 -0.10 42.71
C GLU C 82 -21.28 0.56 42.91
N GLY C 83 -20.31 -0.25 43.34
CA GLY C 83 -18.96 0.22 43.62
C GLY C 83 -17.87 -0.56 42.89
N TYR C 84 -18.08 -0.81 41.59
CA TYR C 84 -17.10 -1.53 40.77
C TYR C 84 -16.40 -0.53 39.85
N ARG C 85 -15.41 -1.02 39.09
CA ARG C 85 -14.70 -0.15 38.19
C ARG C 85 -15.68 0.30 37.12
N PRO C 86 -15.53 1.49 36.52
CA PRO C 86 -16.40 1.87 35.42
C PRO C 86 -16.35 0.83 34.31
N GLY C 87 -17.52 0.53 33.72
CA GLY C 87 -17.66 -0.44 32.65
C GLY C 87 -18.30 -1.72 33.18
N VAL C 88 -18.16 -1.98 34.47
CA VAL C 88 -18.41 -3.33 34.93
C VAL C 88 -19.90 -3.63 34.95
N THR C 89 -20.72 -2.63 35.28
CA THR C 89 -22.15 -2.88 35.31
C THR C 89 -22.63 -2.88 33.86
N GLU C 90 -22.08 -2.01 33.01
CA GLU C 90 -22.47 -1.98 31.61
C GLU C 90 -22.38 -3.39 31.04
N ARG C 91 -21.18 -3.99 31.11
CA ARG C 91 -20.99 -5.34 30.62
C ARG C 91 -22.04 -6.26 31.22
N LEU C 92 -22.21 -6.25 32.54
CA LEU C 92 -23.09 -7.23 33.16
C LEU C 92 -24.49 -7.12 32.55
N GLY C 93 -24.78 -5.99 31.90
CA GLY C 93 -26.14 -5.64 31.47
C GLY C 93 -26.96 -4.99 32.57
N LEU C 94 -26.28 -4.28 33.51
CA LEU C 94 -26.88 -3.65 34.67
C LEU C 94 -26.42 -2.19 34.72
N GLY C 95 -26.03 -1.64 33.58
CA GLY C 95 -25.57 -0.26 33.51
C GLY C 95 -26.76 0.69 33.62
N PRO C 96 -26.53 2.02 33.67
CA PRO C 96 -27.65 2.96 33.79
C PRO C 96 -28.67 2.81 32.68
N GLU C 97 -28.20 2.74 31.42
CA GLU C 97 -29.09 2.78 30.28
C GLU C 97 -30.00 1.55 30.27
N GLU C 98 -29.47 0.38 30.60
CA GLU C 98 -30.30 -0.79 30.77
C GLU C 98 -31.28 -0.59 31.93
N CYS C 99 -30.78 -0.06 33.05
CA CYS C 99 -31.55 0.09 34.28
C CYS C 99 -32.69 1.09 34.04
N ALA C 100 -32.40 2.18 33.30
CA ALA C 100 -33.37 3.20 32.94
C ALA C 100 -34.57 2.61 32.18
N LYS C 101 -34.28 1.70 31.22
CA LYS C 101 -35.31 0.98 30.48
C LYS C 101 -36.35 0.37 31.41
N VAL C 102 -35.95 -0.29 32.50
CA VAL C 102 -36.93 -0.97 33.35
C VAL C 102 -37.36 -0.09 34.53
N ASN C 103 -36.99 1.20 34.56
CA ASN C 103 -37.25 2.05 35.72
C ASN C 103 -36.62 3.43 35.51
N ASP C 104 -37.37 4.36 34.89
CA ASP C 104 -36.86 5.70 34.59
C ASP C 104 -36.85 6.58 35.84
N ARG C 105 -37.21 5.98 36.99
CA ARG C 105 -37.24 6.73 38.23
C ARG C 105 -35.91 6.56 38.98
N LEU C 106 -35.23 5.42 38.78
CA LEU C 106 -34.09 4.97 39.57
C LEU C 106 -33.04 6.05 39.83
N ILE C 107 -32.56 6.08 41.07
CA ILE C 107 -31.32 6.78 41.42
C ILE C 107 -30.16 5.79 41.26
N TYR C 108 -29.30 6.12 40.30
CA TYR C 108 -28.23 5.22 39.89
C TYR C 108 -26.94 5.71 40.53
N ALA C 109 -26.49 5.01 41.58
CA ALA C 109 -25.39 5.54 42.38
C ALA C 109 -24.09 4.75 42.16
N ARG C 110 -23.08 5.46 41.62
CA ARG C 110 -21.82 4.88 41.22
C ARG C 110 -20.66 5.34 42.12
N MET C 111 -20.13 4.40 42.90
CA MET C 111 -19.15 4.68 43.96
C MET C 111 -17.77 4.20 43.50
N THR C 112 -16.88 5.14 43.13
CA THR C 112 -15.52 4.80 42.75
C THR C 112 -14.53 5.69 43.52
N GLY C 113 -13.24 5.41 43.29
CA GLY C 113 -12.19 6.26 43.78
C GLY C 113 -11.81 7.35 42.79
N TRP C 114 -11.60 6.95 41.53
CA TRP C 114 -10.96 7.86 40.59
C TRP C 114 -12.01 8.59 39.74
N GLY C 115 -13.27 8.14 39.82
CA GLY C 115 -14.34 8.66 38.96
C GLY C 115 -14.63 7.75 37.75
N GLN C 116 -15.50 8.25 36.85
CA GLN C 116 -16.08 7.41 35.81
C GLN C 116 -15.22 7.44 34.56
N THR C 117 -14.52 8.55 34.33
CA THR C 117 -13.61 8.67 33.21
C THR C 117 -12.26 9.21 33.67
N GLY C 118 -11.30 9.27 32.74
CA GLY C 118 -10.04 9.97 32.94
C GLY C 118 -8.96 8.92 33.07
N PRO C 119 -7.68 9.37 33.05
CA PRO C 119 -6.51 8.49 32.95
C PRO C 119 -6.38 7.41 34.01
N ARG C 120 -6.93 7.67 35.21
CA ARG C 120 -6.74 6.74 36.32
C ARG C 120 -7.99 5.90 36.51
N SER C 121 -8.97 6.03 35.61
CA SER C 121 -10.31 5.53 35.91
C SER C 121 -10.37 4.01 35.94
N GLN C 122 -9.33 3.32 35.42
CA GLN C 122 -9.33 1.86 35.52
C GLN C 122 -8.25 1.34 36.46
N GLN C 123 -7.46 2.21 37.08
CA GLN C 123 -6.48 1.78 38.07
C GLN C 123 -7.12 1.28 39.38
N ALA C 124 -6.79 0.06 39.77
CA ALA C 124 -7.04 -0.39 41.13
C ALA C 124 -6.50 0.65 42.10
N GLY C 125 -7.14 0.74 43.27
CA GLY C 125 -6.68 1.65 44.29
C GLY C 125 -7.40 1.41 45.61
N HIS C 126 -6.87 2.03 46.66
CA HIS C 126 -7.52 2.07 47.94
C HIS C 126 -7.46 3.49 48.50
N ASP C 127 -8.15 3.67 49.64
CA ASP C 127 -8.23 4.96 50.32
C ASP C 127 -6.93 5.75 50.20
N ILE C 128 -5.83 5.15 50.68
CA ILE C 128 -4.55 5.84 50.74
C ILE C 128 -4.12 6.43 49.40
N ASN C 129 -4.45 5.73 48.30
CA ASN C 129 -4.12 6.20 46.97
C ASN C 129 -4.92 7.45 46.63
N TYR C 130 -6.23 7.40 46.87
CA TYR C 130 -7.09 8.52 46.47
C TYR C 130 -6.69 9.79 47.22
N ILE C 131 -6.33 9.65 48.50
CA ILE C 131 -6.00 10.86 49.26
C ILE C 131 -4.56 11.30 49.03
N SER C 132 -3.74 10.45 48.38
CA SER C 132 -2.37 10.85 48.08
C SER C 132 -2.34 11.88 46.95
N LEU C 133 -3.29 11.78 46.01
CA LEU C 133 -3.26 12.56 44.78
C LEU C 133 -3.83 13.97 44.96
N ASN C 134 -4.61 14.24 46.01
CA ASN C 134 -5.31 15.52 46.12
C ASN C 134 -4.79 16.37 47.28
N GLY C 135 -3.64 15.98 47.85
CA GLY C 135 -2.93 16.79 48.83
C GLY C 135 -3.22 16.40 50.27
N ILE C 136 -4.26 15.60 50.47
CA ILE C 136 -4.68 15.31 51.81
C ILE C 136 -3.65 14.50 52.57
N LEU C 137 -3.12 13.43 51.96
CA LEU C 137 -2.26 12.51 52.70
C LEU C 137 -0.98 13.25 53.07
N HIS C 138 -0.53 14.14 52.21
CA HIS C 138 0.72 14.82 52.48
C HIS C 138 0.63 15.70 53.72
N ALA C 139 -0.59 16.14 54.07
CA ALA C 139 -0.79 17.12 55.12
C ALA C 139 -0.85 16.47 56.51
N ILE C 140 -0.85 15.12 56.59
CA ILE C 140 -1.16 14.38 57.81
C ILE C 140 0.07 13.68 58.37
N GLY C 141 0.42 14.05 59.62
CA GLY C 141 1.46 13.40 60.40
C GLY C 141 2.45 14.42 60.95
N ARG C 142 3.50 13.94 61.61
CA ARG C 142 4.53 14.85 62.10
C ARG C 142 5.44 15.28 60.94
N GLY C 143 6.11 16.43 61.14
CA GLY C 143 6.83 17.07 60.05
C GLY C 143 8.16 16.40 59.76
N ASP C 144 8.67 15.63 60.72
CA ASP C 144 10.00 15.08 60.58
C ASP C 144 9.88 13.61 60.17
N GLU C 145 8.75 13.27 59.55
CA GLU C 145 8.39 11.89 59.33
C GLU C 145 7.51 11.80 58.08
N ARG C 146 7.40 10.57 57.58
CA ARG C 146 6.60 10.33 56.39
C ARG C 146 5.11 10.38 56.72
N PRO C 147 4.26 10.76 55.76
CA PRO C 147 2.85 10.96 56.05
C PRO C 147 2.21 9.69 56.53
N VAL C 148 1.22 9.84 57.40
CA VAL C 148 0.62 8.67 57.98
C VAL C 148 -0.84 8.60 57.54
N PRO C 149 -1.32 7.41 57.14
CA PRO C 149 -2.69 7.32 56.69
C PRO C 149 -3.65 7.45 57.87
N PRO C 150 -4.66 8.31 57.74
CA PRO C 150 -5.70 8.43 58.75
C PRO C 150 -6.72 7.31 58.66
N LEU C 151 -6.25 6.10 58.93
CA LEU C 151 -6.96 4.89 58.57
C LEU C 151 -7.55 5.08 57.15
N ASN C 152 -8.74 4.53 56.91
CA ASN C 152 -9.43 4.77 55.67
C ASN C 152 -10.67 5.62 55.89
N LEU C 153 -10.59 6.60 56.81
CA LEU C 153 -11.75 7.39 57.22
C LEU C 153 -12.01 8.50 56.21
N VAL C 154 -10.96 9.00 55.53
CA VAL C 154 -11.08 10.21 54.75
C VAL C 154 -11.51 9.91 53.31
N GLY C 155 -10.97 8.87 52.66
CA GLY C 155 -11.36 8.56 51.27
C GLY C 155 -12.60 7.69 51.17
N ASP C 156 -12.57 6.55 51.84
CA ASP C 156 -13.69 5.62 51.82
C ASP C 156 -14.95 6.26 52.37
N PHE C 157 -14.86 6.90 53.56
CA PHE C 157 -16.11 7.18 54.27
C PHE C 157 -16.39 8.67 54.17
N GLY C 158 -15.56 9.48 54.83
CA GLY C 158 -15.79 10.91 54.84
C GLY C 158 -16.04 11.44 53.45
N GLY C 159 -15.13 11.11 52.53
CA GLY C 159 -15.14 11.68 51.19
C GLY C 159 -15.72 10.72 50.17
N GLY C 160 -16.27 9.61 50.63
CA GLY C 160 -16.69 8.54 49.73
C GLY C 160 -18.14 8.17 49.96
N SER C 161 -18.38 7.21 50.86
CA SER C 161 -19.73 6.82 51.21
C SER C 161 -20.58 8.05 51.55
N MET C 162 -20.04 9.01 52.30
CA MET C 162 -20.88 10.10 52.78
C MET C 162 -21.34 10.97 51.61
N PHE C 163 -20.47 11.22 50.64
CA PHE C 163 -20.88 11.97 49.47
C PHE C 163 -21.79 11.13 48.56
N LEU C 164 -21.65 9.81 48.59
CA LEU C 164 -22.56 8.99 47.83
C LEU C 164 -23.97 9.22 48.39
N LEU C 165 -24.09 9.17 49.73
CA LEU C 165 -25.32 9.41 50.47
C LEU C 165 -25.87 10.79 50.14
N VAL C 166 -25.06 11.82 50.19
CA VAL C 166 -25.60 13.14 49.88
C VAL C 166 -26.10 13.20 48.44
N GLY C 167 -25.54 12.43 47.51
CA GLY C 167 -25.94 12.51 46.10
C GLY C 167 -27.25 11.75 45.85
N ILE C 168 -27.36 10.56 46.43
CA ILE C 168 -28.59 9.81 46.42
C ILE C 168 -29.73 10.69 46.96
N LEU C 169 -29.59 11.12 48.21
CA LEU C 169 -30.68 11.77 48.93
C LEU C 169 -31.00 13.09 48.24
N ALA C 170 -30.00 13.79 47.68
CA ALA C 170 -30.26 15.03 46.97
C ALA C 170 -31.00 14.79 45.67
N ALA C 171 -30.69 13.67 44.99
CA ALA C 171 -31.33 13.34 43.74
C ALA C 171 -32.76 12.88 44.01
N LEU C 172 -33.02 12.29 45.18
CA LEU C 172 -34.36 11.90 45.60
C LEU C 172 -35.25 13.13 45.80
N TRP C 173 -34.70 14.17 46.43
CA TRP C 173 -35.37 15.46 46.47
C TRP C 173 -35.72 15.91 45.06
N GLU C 174 -34.72 15.92 44.17
CA GLU C 174 -34.91 16.37 42.79
C GLU C 174 -36.02 15.59 42.09
N ARG C 175 -36.13 14.29 42.37
CA ARG C 175 -37.09 13.37 41.76
C ARG C 175 -38.53 13.73 42.09
N GLN C 176 -38.76 14.28 43.29
CA GLN C 176 -40.07 14.77 43.70
C GLN C 176 -40.58 15.79 42.68
N SER C 177 -39.77 16.80 42.35
CA SER C 177 -40.12 17.82 41.35
C SER C 177 -40.31 17.25 39.95
N SER C 178 -39.49 16.28 39.52
CA SER C 178 -39.41 15.97 38.09
C SER C 178 -39.81 14.54 37.77
N GLY C 179 -40.11 13.69 38.77
CA GLY C 179 -40.55 12.32 38.54
C GLY C 179 -39.48 11.40 37.92
N LYS C 180 -38.27 11.95 37.66
CA LYS C 180 -37.18 11.28 36.96
C LYS C 180 -35.95 11.03 37.83
N GLY C 181 -35.32 9.86 37.64
CA GLY C 181 -34.03 9.54 38.25
C GLY C 181 -32.85 10.23 37.59
N GLN C 182 -31.64 9.80 38.00
CA GLN C 182 -30.40 10.13 37.32
C GLN C 182 -29.24 9.30 37.90
N VAL C 183 -28.03 9.64 37.44
CA VAL C 183 -26.80 8.99 37.85
C VAL C 183 -26.05 9.90 38.81
N VAL C 184 -25.61 9.32 39.93
CA VAL C 184 -24.71 9.96 40.88
C VAL C 184 -23.31 9.35 40.72
N ASP C 185 -22.39 10.19 40.27
CA ASP C 185 -20.97 9.90 40.17
C ASP C 185 -20.26 10.41 41.44
N ALA C 186 -20.10 9.51 42.42
CA ALA C 186 -19.34 9.79 43.64
C ALA C 186 -17.94 9.19 43.55
N ALA C 187 -16.95 10.05 43.29
CA ALA C 187 -15.54 9.70 43.30
C ALA C 187 -14.83 10.16 44.59
N MET C 188 -14.14 9.24 45.28
CA MET C 188 -13.47 9.54 46.54
C MET C 188 -12.51 10.71 46.40
N VAL C 189 -11.84 10.82 45.26
CA VAL C 189 -10.89 11.90 45.04
C VAL C 189 -11.60 13.24 45.02
N ASP C 190 -12.87 13.30 44.59
CA ASP C 190 -13.62 14.56 44.56
C ASP C 190 -14.17 14.87 45.96
N GLY C 191 -14.91 13.91 46.54
CA GLY C 191 -15.57 14.10 47.83
C GLY C 191 -14.56 14.46 48.93
N SER C 192 -13.44 13.71 49.00
CA SER C 192 -12.41 13.95 49.98
C SER C 192 -11.88 15.38 49.79
N SER C 193 -11.87 15.88 48.53
CA SER C 193 -11.38 17.23 48.25
C SER C 193 -12.36 18.30 48.78
N VAL C 194 -13.66 18.01 48.73
CA VAL C 194 -14.62 18.96 49.27
C VAL C 194 -14.59 18.90 50.79
N LEU C 195 -14.40 17.69 51.31
CA LEU C 195 -14.24 17.47 52.73
C LEU C 195 -13.16 18.40 53.30
N ILE C 196 -12.09 18.62 52.54
CA ILE C 196 -10.97 19.42 53.02
C ILE C 196 -11.01 20.83 52.43
N GLN C 197 -12.18 21.29 51.97
CA GLN C 197 -12.30 22.65 51.42
C GLN C 197 -11.76 23.71 52.38
N MET C 198 -12.01 23.54 53.69
CA MET C 198 -11.46 24.48 54.67
C MET C 198 -9.98 24.78 54.44
N MET C 199 -9.19 23.72 54.16
CA MET C 199 -7.75 23.91 54.04
C MET C 199 -7.42 24.65 52.76
N TRP C 200 -8.16 24.37 51.68
CA TRP C 200 -8.00 25.09 50.44
C TRP C 200 -8.35 26.56 50.61
N ALA C 201 -9.41 26.87 51.35
CA ALA C 201 -9.69 28.27 51.69
C ALA C 201 -8.52 28.90 52.44
N MET C 202 -8.07 28.26 53.52
CA MET C 202 -7.03 28.82 54.36
C MET C 202 -5.74 29.00 53.57
N ARG C 203 -5.44 28.14 52.58
CA ARG C 203 -4.16 28.29 51.90
C ARG C 203 -4.23 29.52 51.01
N ALA C 204 -5.40 29.84 50.46
CA ALA C 204 -5.54 30.99 49.58
C ALA C 204 -5.30 32.29 50.33
N THR C 205 -5.73 32.35 51.58
CA THR C 205 -5.58 33.56 52.38
C THR C 205 -4.33 33.45 53.25
N GLY C 206 -3.30 32.72 52.82
CA GLY C 206 -2.04 32.65 53.56
C GLY C 206 -2.13 32.06 54.97
N MET C 207 -3.18 31.31 55.32
CA MET C 207 -3.28 30.76 56.66
C MET C 207 -3.04 29.23 56.72
N TRP C 208 -2.41 28.62 55.71
CA TRP C 208 -2.17 27.20 55.75
C TRP C 208 -1.01 26.90 54.83
N THR C 209 0.06 26.24 55.33
CA THR C 209 1.23 25.94 54.51
C THR C 209 1.26 24.46 54.15
N ASP C 210 1.98 24.20 53.05
CA ASP C 210 2.15 22.85 52.56
C ASP C 210 3.10 22.11 53.48
N THR C 211 3.80 22.83 54.36
CA THR C 211 4.64 22.18 55.34
C THR C 211 3.83 21.40 56.37
N ARG C 212 4.16 20.12 56.50
CA ARG C 212 3.49 19.23 57.41
C ARG C 212 3.94 19.50 58.85
N GLY C 213 2.97 19.49 59.77
CA GLY C 213 3.23 19.68 61.19
C GLY C 213 3.54 21.13 61.53
N ALA C 214 3.08 22.06 60.71
CA ALA C 214 3.34 23.47 60.95
C ALA C 214 2.06 24.34 60.86
N ASN C 215 0.88 23.78 61.11
CA ASN C 215 -0.35 24.53 60.95
C ASN C 215 -1.20 24.46 62.21
N MET C 216 -2.37 25.10 62.15
CA MET C 216 -3.20 25.29 63.31
C MET C 216 -3.81 23.94 63.70
N LEU C 217 -4.07 23.11 62.68
CA LEU C 217 -4.91 21.94 62.91
C LEU C 217 -4.23 20.62 62.56
N ASP C 218 -2.93 20.61 62.20
CA ASP C 218 -2.29 19.36 61.80
C ASP C 218 -1.49 18.75 62.93
N GLY C 219 -1.49 19.42 64.09
CA GLY C 219 -0.77 18.97 65.26
C GLY C 219 0.45 19.84 65.52
N GLY C 220 0.71 20.82 64.62
CA GLY C 220 1.78 21.80 64.78
C GLY C 220 1.52 22.81 65.92
N ALA C 221 0.27 23.20 66.17
CA ALA C 221 -0.02 24.14 67.25
C ALA C 221 0.04 23.43 68.60
N PRO C 222 0.81 23.95 69.57
CA PRO C 222 0.84 23.35 70.90
C PRO C 222 -0.52 23.27 71.58
N TYR C 223 -1.45 24.15 71.18
CA TYR C 223 -2.79 24.17 71.75
C TYR C 223 -3.79 23.31 70.98
N TYR C 224 -3.33 22.62 69.92
CA TYR C 224 -4.18 21.68 69.19
C TYR C 224 -3.38 20.41 68.89
N ASP C 225 -3.30 19.52 69.87
CA ASP C 225 -2.41 18.37 69.79
C ASP C 225 -2.69 17.42 70.94
N THR C 226 -2.06 16.23 70.90
CA THR C 226 -2.12 15.36 72.05
C THR C 226 -0.87 15.59 72.91
N TYR C 227 -0.98 15.21 74.17
CA TYR C 227 0.15 15.27 75.09
C TYR C 227 0.17 13.97 75.86
N GLU C 228 1.38 13.50 76.16
CA GLU C 228 1.53 12.30 76.93
C GLU C 228 1.51 12.63 78.42
N CYS C 229 0.83 11.79 79.21
CA CYS C 229 0.63 12.00 80.64
C CYS C 229 1.57 11.09 81.44
N ALA C 230 1.61 11.26 82.77
CA ALA C 230 2.55 10.56 83.64
C ALA C 230 2.40 9.05 83.50
N ASP C 231 1.21 8.59 83.13
CA ASP C 231 0.92 7.18 83.03
C ASP C 231 1.22 6.64 81.63
N GLY C 232 1.77 7.45 80.74
CA GLY C 232 1.94 6.98 79.36
C GLY C 232 0.65 7.04 78.53
N ARG C 233 -0.50 7.45 79.12
CA ARG C 233 -1.72 7.69 78.35
C ARG C 233 -1.74 9.16 77.86
N TYR C 234 -2.76 9.51 77.07
CA TYR C 234 -2.75 10.79 76.38
C TYR C 234 -3.98 11.62 76.69
N VAL C 235 -3.80 12.93 76.64
CA VAL C 235 -4.93 13.82 76.50
C VAL C 235 -4.84 14.55 75.17
N ALA C 236 -6.01 15.03 74.72
CA ALA C 236 -6.11 15.90 73.56
C ALA C 236 -6.44 17.30 74.06
N VAL C 237 -5.75 18.27 73.49
CA VAL C 237 -5.96 19.67 73.74
C VAL C 237 -6.40 20.31 72.44
N GLY C 238 -7.54 21.02 72.50
CA GLY C 238 -8.13 21.72 71.37
C GLY C 238 -8.47 23.17 71.66
N ALA C 239 -7.69 23.83 72.52
CA ALA C 239 -8.00 25.15 73.03
C ALA C 239 -7.56 26.24 72.08
N ILE C 240 -8.29 26.38 70.97
CA ILE C 240 -7.99 27.36 69.95
C ILE C 240 -8.36 28.76 70.43
N GLU C 241 -9.58 28.91 70.96
CA GLU C 241 -10.04 30.21 71.40
C GLU C 241 -9.18 30.65 72.58
N PRO C 242 -8.70 31.91 72.56
CA PRO C 242 -7.83 32.43 73.61
C PRO C 242 -8.37 32.25 75.03
N GLN C 243 -9.70 32.35 75.20
CA GLN C 243 -10.31 32.22 76.51
C GLN C 243 -10.22 30.78 76.98
N PHE C 244 -10.47 29.84 76.04
CA PHE C 244 -10.31 28.42 76.38
C PHE C 244 -8.85 28.10 76.70
N TYR C 245 -7.93 28.64 75.88
CA TYR C 245 -6.51 28.44 76.06
C TYR C 245 -6.11 28.90 77.48
N ALA C 246 -6.57 30.11 77.85
CA ALA C 246 -6.25 30.68 79.16
C ALA C 246 -6.76 29.78 80.27
N ALA C 247 -7.98 29.24 80.12
CA ALA C 247 -8.50 28.34 81.14
C ALA C 247 -7.64 27.08 81.24
N MET C 248 -7.17 26.63 80.07
CA MET C 248 -6.28 25.48 80.02
C MET C 248 -4.99 25.76 80.82
N LEU C 249 -4.33 26.90 80.58
CA LEU C 249 -3.10 27.24 81.29
C LEU C 249 -3.31 27.27 82.81
N ALA C 250 -4.41 27.87 83.29
CA ALA C 250 -4.66 27.93 84.73
C ALA C 250 -4.88 26.53 85.28
N GLY C 251 -5.59 25.68 84.54
CA GLY C 251 -5.75 24.30 84.99
C GLY C 251 -4.42 23.57 85.19
N LEU C 252 -3.44 23.87 84.32
CA LEU C 252 -2.14 23.21 84.36
C LEU C 252 -1.27 23.80 85.47
N GLY C 253 -1.70 24.90 86.06
CA GLY C 253 -0.89 25.55 87.09
C GLY C 253 0.13 26.47 86.45
N LEU C 254 -0.06 26.85 85.18
CA LEU C 254 0.90 27.71 84.51
C LEU C 254 0.38 29.14 84.53
N ASP C 255 1.34 30.05 84.63
CA ASP C 255 1.03 31.45 84.69
C ASP C 255 1.28 32.01 83.29
N ALA C 256 0.22 32.42 82.58
CA ALA C 256 0.32 32.95 81.22
C ALA C 256 1.46 33.94 81.03
N ALA C 257 1.76 34.77 82.05
CA ALA C 257 2.78 35.81 81.92
C ALA C 257 4.20 35.22 81.78
N GLU C 258 4.39 33.92 81.98
CA GLU C 258 5.70 33.29 81.89
C GLU C 258 5.88 32.57 80.56
N LEU C 259 4.91 32.67 79.64
CA LEU C 259 4.87 31.77 78.50
C LEU C 259 4.95 32.62 77.24
N PRO C 260 5.42 32.07 76.10
CA PRO C 260 5.28 32.76 74.84
C PRO C 260 3.81 32.95 74.51
N PRO C 261 3.52 33.91 73.63
CA PRO C 261 2.17 34.05 73.09
C PRO C 261 1.67 32.79 72.38
N GLN C 262 0.37 32.53 72.55
CA GLN C 262 -0.30 31.37 72.01
C GLN C 262 0.00 31.19 70.52
N ASN C 263 0.01 32.31 69.78
CA ASN C 263 0.14 32.25 68.34
C ASN C 263 1.44 32.89 67.83
N ASP C 264 2.49 32.93 68.64
CA ASP C 264 3.83 33.16 68.12
C ASP C 264 4.41 31.83 67.63
N ARG C 265 4.22 31.55 66.33
CA ARG C 265 4.56 30.29 65.71
C ARG C 265 6.04 30.00 65.94
N ALA C 266 6.88 31.05 65.93
CA ALA C 266 8.32 30.85 66.06
C ALA C 266 8.68 30.26 67.43
N ARG C 267 7.81 30.43 68.45
CA ARG C 267 8.14 29.96 69.78
C ARG C 267 7.28 28.75 70.17
N TRP C 268 6.58 28.19 69.20
CA TRP C 268 5.80 27.01 69.47
C TRP C 268 6.64 25.90 70.10
N PRO C 269 7.88 25.62 69.61
CA PRO C 269 8.70 24.58 70.23
C PRO C 269 8.93 24.80 71.72
N GLU C 270 9.19 26.06 72.08
CA GLU C 270 9.35 26.45 73.46
C GLU C 270 8.05 26.30 74.25
N LEU C 271 6.93 26.72 73.66
CA LEU C 271 5.65 26.64 74.33
C LEU C 271 5.28 25.18 74.51
N ARG C 272 5.48 24.36 73.47
CA ARG C 272 5.19 22.93 73.54
C ARG C 272 5.99 22.28 74.65
N ALA C 273 7.27 22.67 74.81
CA ALA C 273 8.08 22.09 75.88
C ALA C 273 7.46 22.35 77.25
N LEU C 274 6.95 23.57 77.47
CA LEU C 274 6.38 23.90 78.78
C LEU C 274 5.09 23.12 79.05
N LEU C 275 4.20 23.03 78.05
CA LEU C 275 2.97 22.29 78.16
C LEU C 275 3.27 20.80 78.31
N THR C 276 4.28 20.31 77.59
CA THR C 276 4.67 18.90 77.68
C THR C 276 5.05 18.54 79.11
N GLU C 277 5.86 19.38 79.74
CA GLU C 277 6.29 19.09 81.09
C GLU C 277 5.08 19.14 82.04
N ALA C 278 4.16 20.09 81.83
CA ALA C 278 3.02 20.18 82.73
C ALA C 278 2.11 18.95 82.61
N PHE C 279 1.73 18.55 81.37
CA PHE C 279 0.86 17.41 81.20
C PHE C 279 1.50 16.13 81.73
N ALA C 280 2.83 16.00 81.56
CA ALA C 280 3.52 14.79 81.97
C ALA C 280 3.54 14.64 83.49
N SER C 281 3.23 15.69 84.25
CA SER C 281 3.35 15.64 85.70
C SER C 281 2.21 14.88 86.37
N HIS C 282 1.07 14.67 85.70
CA HIS C 282 0.01 13.85 86.25
C HIS C 282 -0.58 12.92 85.19
N ASP C 283 -1.38 11.95 85.64
CA ASP C 283 -1.89 10.91 84.76
C ASP C 283 -3.17 11.39 84.07
N ARG C 284 -3.63 10.64 83.06
CA ARG C 284 -4.67 11.16 82.18
C ARG C 284 -5.96 11.41 82.96
N ASP C 285 -6.26 10.53 83.92
CA ASP C 285 -7.53 10.58 84.61
C ASP C 285 -7.59 11.80 85.53
N HIS C 286 -6.44 12.22 86.06
CA HIS C 286 -6.34 13.46 86.79
C HIS C 286 -6.81 14.62 85.92
N TRP C 287 -6.29 14.70 84.69
CA TRP C 287 -6.62 15.83 83.84
C TRP C 287 -8.09 15.77 83.44
N GLY C 288 -8.66 14.56 83.35
CA GLY C 288 -10.08 14.39 83.11
C GLY C 288 -10.93 14.94 84.26
N ALA C 289 -10.54 14.66 85.49
CA ALA C 289 -11.18 15.25 86.65
C ALA C 289 -11.03 16.79 86.62
N VAL C 290 -9.80 17.29 86.77
CA VAL C 290 -9.49 18.70 86.73
C VAL C 290 -10.30 19.48 85.69
N PHE C 291 -10.52 18.93 84.49
CA PHE C 291 -11.10 19.73 83.42
C PHE C 291 -12.53 19.35 83.10
N ALA C 292 -13.17 18.50 83.90
CA ALA C 292 -14.59 18.23 83.70
C ALA C 292 -15.35 19.51 83.95
N ASN C 293 -16.30 19.80 83.06
CA ASN C 293 -17.22 20.93 83.13
C ASN C 293 -16.53 22.23 82.72
N SER C 294 -15.26 22.10 82.35
CA SER C 294 -14.43 23.19 81.87
C SER C 294 -14.57 23.44 80.36
N ASP C 295 -14.32 24.67 79.95
CA ASP C 295 -14.12 25.04 78.57
C ASP C 295 -12.65 24.95 78.13
N ALA C 296 -11.79 24.24 78.86
CA ALA C 296 -10.37 24.20 78.53
C ALA C 296 -10.08 23.38 77.26
N CYS C 297 -11.06 22.62 76.76
CA CYS C 297 -10.91 21.77 75.58
C CYS C 297 -9.80 20.74 75.77
N VAL C 298 -9.87 20.05 76.93
CA VAL C 298 -8.97 18.99 77.29
C VAL C 298 -9.83 17.76 77.56
N THR C 299 -9.53 16.67 76.84
CA THR C 299 -10.28 15.43 76.93
C THR C 299 -9.29 14.28 76.97
N PRO C 300 -9.70 13.17 77.64
CA PRO C 300 -8.94 11.94 77.61
C PRO C 300 -8.94 11.33 76.22
N VAL C 301 -7.78 10.87 75.77
CA VAL C 301 -7.70 10.14 74.51
C VAL C 301 -7.97 8.68 74.82
N LEU C 302 -9.20 8.22 74.56
CA LEU C 302 -9.61 6.88 74.95
C LEU C 302 -9.34 5.89 73.80
N ALA C 303 -8.82 4.72 74.16
CA ALA C 303 -8.77 3.59 73.24
C ALA C 303 -10.15 2.95 73.12
N PHE C 304 -10.37 2.27 71.98
CA PHE C 304 -11.65 1.69 71.64
C PHE C 304 -12.21 0.91 72.82
N GLY C 305 -11.40 -0.01 73.36
CA GLY C 305 -11.77 -0.87 74.46
C GLY C 305 -12.25 -0.14 75.71
N GLU C 306 -11.99 1.17 75.84
CA GLU C 306 -12.36 1.91 77.03
C GLU C 306 -13.59 2.79 76.83
N VAL C 307 -14.02 2.97 75.59
CA VAL C 307 -15.07 3.92 75.23
C VAL C 307 -16.38 3.60 75.95
N HIS C 308 -16.67 2.30 76.11
CA HIS C 308 -17.91 1.81 76.70
C HIS C 308 -18.01 2.21 78.19
N ASN C 309 -16.87 2.51 78.83
CA ASN C 309 -16.89 2.98 80.20
C ASN C 309 -17.01 4.50 80.33
N GLU C 310 -17.15 5.26 79.24
CA GLU C 310 -17.12 6.71 79.39
C GLU C 310 -18.54 7.23 79.61
N PRO C 311 -18.83 7.96 80.74
CA PRO C 311 -20.17 8.45 81.05
C PRO C 311 -20.91 9.14 79.91
N HIS C 312 -20.28 10.09 79.22
CA HIS C 312 -20.98 10.80 78.16
C HIS C 312 -21.34 9.87 76.97
N ILE C 313 -20.57 8.79 76.76
CA ILE C 313 -20.88 7.80 75.73
C ILE C 313 -22.04 6.91 76.19
N ILE C 314 -21.97 6.42 77.44
CA ILE C 314 -23.01 5.56 77.99
C ILE C 314 -24.34 6.29 78.00
N GLU C 315 -24.36 7.45 78.65
CA GLU C 315 -25.60 8.16 78.87
C GLU C 315 -26.30 8.49 77.56
N ARG C 316 -25.59 8.81 76.47
CA ARG C 316 -26.29 9.14 75.24
C ARG C 316 -26.50 7.93 74.33
N ASN C 317 -26.16 6.72 74.79
CA ASN C 317 -26.39 5.54 73.97
C ASN C 317 -25.74 5.66 72.59
N THR C 318 -24.50 6.13 72.50
CA THR C 318 -23.85 6.25 71.21
C THR C 318 -23.58 4.85 70.64
N PHE C 319 -23.43 3.84 71.52
CA PHE C 319 -23.14 2.47 71.15
C PHE C 319 -24.21 1.51 71.69
N TYR C 320 -24.31 0.32 71.07
CA TYR C 320 -25.17 -0.78 71.52
C TYR C 320 -24.31 -2.02 71.48
N GLU C 321 -24.61 -3.00 72.30
CA GLU C 321 -23.87 -4.25 72.33
C GLU C 321 -24.44 -5.21 71.30
N ALA C 322 -23.58 -6.06 70.73
CA ALA C 322 -23.96 -6.95 69.64
C ALA C 322 -22.88 -7.99 69.47
N ASN C 323 -23.20 -9.24 69.84
CA ASN C 323 -22.43 -10.38 69.38
C ASN C 323 -20.96 -10.15 69.73
N GLY C 324 -20.66 -10.07 71.03
CA GLY C 324 -19.29 -9.91 71.51
C GLY C 324 -18.60 -8.66 70.96
N GLY C 325 -19.18 -7.49 71.23
CA GLY C 325 -18.58 -6.24 70.79
C GLY C 325 -19.60 -5.13 70.61
N TRP C 326 -19.16 -3.92 70.96
CA TRP C 326 -19.96 -2.72 70.81
C TRP C 326 -19.91 -2.25 69.37
N GLN C 327 -21.02 -1.63 68.94
CA GLN C 327 -21.18 -1.10 67.59
C GLN C 327 -21.92 0.21 67.73
N PRO C 328 -21.62 1.21 66.88
CA PRO C 328 -22.28 2.50 66.95
C PRO C 328 -23.71 2.46 66.46
N MET C 329 -24.57 3.14 67.21
CA MET C 329 -25.96 3.27 66.86
C MET C 329 -26.05 4.21 65.67
N PRO C 330 -27.19 4.18 64.95
CA PRO C 330 -27.39 5.07 63.82
C PRO C 330 -27.12 6.52 64.15
N ALA C 331 -26.66 7.26 63.16
CA ALA C 331 -26.53 8.68 63.25
C ALA C 331 -26.94 9.26 61.91
N PRO C 332 -27.42 10.51 61.83
CA PRO C 332 -27.70 11.33 63.01
C PRO C 332 -29.00 10.89 63.66
N ARG C 333 -29.55 11.74 64.54
CA ARG C 333 -30.73 11.35 65.31
C ARG C 333 -31.92 12.21 64.89
N PHE C 334 -33.11 11.59 65.01
CA PHE C 334 -34.35 12.21 64.52
C PHE C 334 -35.37 12.30 65.65
N SER C 335 -35.99 13.48 65.80
CA SER C 335 -36.98 13.71 66.87
C SER C 335 -38.24 12.85 66.69
N ARG C 336 -38.82 12.83 65.49
CA ARG C 336 -40.11 12.17 65.26
C ARG C 336 -39.98 10.73 64.72
N THR C 337 -39.22 10.53 63.61
CA THR C 337 -39.04 9.19 63.03
C THR C 337 -37.72 8.59 63.49
N ALA C 338 -37.70 8.06 64.70
CA ALA C 338 -36.45 7.63 65.29
C ALA C 338 -36.01 6.36 64.59
N SER C 339 -34.69 6.25 64.33
CA SER C 339 -34.09 4.98 63.98
C SER C 339 -34.25 4.02 65.15
N SER C 340 -34.14 2.74 64.86
CA SER C 340 -34.10 1.74 65.90
C SER C 340 -32.74 1.07 65.90
N GLN C 341 -32.54 0.21 66.88
CA GLN C 341 -31.32 -0.54 66.96
C GLN C 341 -31.15 -1.34 65.67
N PRO C 342 -29.92 -1.46 65.12
CA PRO C 342 -29.68 -2.23 63.89
C PRO C 342 -29.95 -3.73 64.01
N ARG C 343 -30.56 -4.30 62.96
CA ARG C 343 -30.79 -5.73 62.85
C ARG C 343 -29.50 -6.37 62.37
N PRO C 344 -29.03 -7.47 62.99
CA PRO C 344 -27.83 -8.15 62.51
C PRO C 344 -27.96 -8.65 61.07
N PRO C 345 -26.84 -9.03 60.43
CA PRO C 345 -26.90 -9.49 59.05
C PRO C 345 -27.88 -10.64 58.88
N ALA C 346 -28.74 -10.53 57.85
CA ALA C 346 -29.93 -11.37 57.73
C ALA C 346 -29.68 -12.56 56.81
N ALA C 347 -29.53 -13.74 57.41
CA ALA C 347 -29.37 -15.03 56.73
C ALA C 347 -29.91 -14.96 55.30
N THR C 348 -29.23 -15.65 54.38
CA THR C 348 -29.50 -15.49 52.95
C THR C 348 -30.99 -15.67 52.68
N ILE C 349 -31.53 -14.72 51.94
CA ILE C 349 -32.89 -14.80 51.45
C ILE C 349 -32.80 -15.27 50.00
N ASP C 350 -33.88 -15.90 49.53
CA ASP C 350 -34.05 -16.29 48.14
C ASP C 350 -34.59 -15.09 47.36
N ILE C 351 -33.87 -14.67 46.33
CA ILE C 351 -34.18 -13.42 45.65
C ILE C 351 -35.65 -13.41 45.18
N GLU C 352 -36.16 -14.59 44.83
CA GLU C 352 -37.56 -14.82 44.50
C GLU C 352 -38.45 -14.26 45.61
N ALA C 353 -38.26 -14.78 46.84
CA ALA C 353 -39.04 -14.43 48.02
C ALA C 353 -39.08 -12.91 48.25
N VAL C 354 -38.01 -12.20 47.88
CA VAL C 354 -37.95 -10.75 48.02
C VAL C 354 -38.86 -10.12 46.99
N LEU C 355 -38.83 -10.64 45.75
CA LEU C 355 -39.71 -10.16 44.71
C LEU C 355 -41.18 -10.40 45.06
N THR C 356 -41.46 -11.52 45.75
CA THR C 356 -42.80 -11.78 46.28
C THR C 356 -43.20 -10.64 47.24
N ASP C 357 -42.32 -10.35 48.22
CA ASP C 357 -42.56 -9.33 49.23
C ASP C 357 -42.70 -7.93 48.62
N TRP C 358 -41.87 -7.60 47.62
CA TRP C 358 -41.97 -6.32 46.93
C TRP C 358 -43.13 -6.31 45.93
N ASP C 359 -43.56 -7.52 45.50
CA ASP C 359 -44.72 -7.75 44.64
C ASP C 359 -44.79 -6.73 43.50
N MET D 1 -31.08 28.31 39.76
CA MET D 1 -29.80 27.81 40.35
C MET D 1 -29.57 26.36 39.94
N ALA D 2 -28.34 26.04 39.50
CA ALA D 2 -28.02 24.72 38.97
C ALA D 2 -27.89 23.70 40.10
N GLY D 3 -28.57 22.55 39.95
CA GLY D 3 -28.22 21.36 40.67
C GLY D 3 -29.46 20.72 41.28
N PRO D 4 -29.34 19.53 41.89
CA PRO D 4 -30.51 18.75 42.29
C PRO D 4 -31.27 19.35 43.47
N LEU D 5 -30.68 20.33 44.15
CA LEU D 5 -31.32 20.95 45.30
C LEU D 5 -31.76 22.36 44.92
N SER D 6 -31.93 22.60 43.62
CA SER D 6 -32.62 23.80 43.18
C SER D 6 -33.98 23.85 43.85
N GLY D 7 -34.30 25.00 44.48
CA GLY D 7 -35.60 25.23 45.10
C GLY D 7 -35.67 24.89 46.59
N LEU D 8 -34.60 24.29 47.15
CA LEU D 8 -34.49 24.11 48.60
C LEU D 8 -34.00 25.42 49.20
N ARG D 9 -34.69 25.85 50.27
CA ARG D 9 -34.36 27.08 50.99
C ARG D 9 -33.80 26.77 52.37
N VAL D 10 -32.68 27.44 52.66
CA VAL D 10 -31.90 27.06 53.84
C VAL D 10 -31.53 28.35 54.58
N VAL D 11 -31.85 28.33 55.88
CA VAL D 11 -31.40 29.37 56.80
C VAL D 11 -30.29 28.80 57.69
N GLU D 12 -29.14 29.47 57.65
CA GLU D 12 -27.95 29.02 58.36
C GLU D 12 -27.64 30.02 59.47
N LEU D 13 -27.66 29.60 60.74
CA LEU D 13 -27.17 30.47 61.80
C LEU D 13 -25.64 30.33 61.93
N ALA D 14 -24.94 31.44 61.67
CA ALA D 14 -23.50 31.43 61.47
C ALA D 14 -22.78 30.81 62.66
N GLY D 15 -22.01 29.76 62.38
CA GLY D 15 -21.08 29.18 63.34
C GLY D 15 -19.71 28.95 62.73
N ILE D 16 -19.03 27.90 63.21
CA ILE D 16 -17.72 27.53 62.72
C ILE D 16 -17.68 26.02 62.44
N GLY D 17 -16.91 25.62 61.42
CA GLY D 17 -16.64 24.21 61.16
C GLY D 17 -17.81 23.53 60.48
N PRO D 18 -18.51 22.57 61.14
CA PRO D 18 -19.45 21.70 60.45
C PRO D 18 -20.66 22.42 59.88
N GLY D 19 -21.21 23.38 60.63
CA GLY D 19 -22.43 24.07 60.23
C GLY D 19 -22.28 24.74 58.87
N PRO D 20 -21.27 25.61 58.69
CA PRO D 20 -20.99 26.22 57.41
C PRO D 20 -20.59 25.27 56.28
N HIS D 21 -20.00 24.11 56.61
CA HIS D 21 -19.55 23.20 55.57
C HIS D 21 -20.80 22.54 55.00
N ALA D 22 -21.71 22.13 55.91
CA ALA D 22 -22.98 21.59 55.47
C ALA D 22 -23.71 22.61 54.61
N ALA D 23 -23.78 23.85 55.08
CA ALA D 23 -24.48 24.88 54.33
C ALA D 23 -23.81 25.04 52.96
N MET D 24 -22.49 24.91 52.93
CA MET D 24 -21.70 25.08 51.72
C MET D 24 -22.08 24.06 50.65
N ILE D 25 -22.16 22.79 51.05
CA ILE D 25 -22.49 21.71 50.16
C ILE D 25 -23.92 21.87 49.63
N LEU D 26 -24.88 22.19 50.52
CA LEU D 26 -26.25 22.46 50.09
C LEU D 26 -26.27 23.52 49.00
N GLY D 27 -25.68 24.67 49.27
CA GLY D 27 -25.47 25.71 48.28
C GLY D 27 -24.77 25.19 47.02
N ASP D 28 -23.72 24.37 47.19
CA ASP D 28 -22.97 23.79 46.08
C ASP D 28 -23.91 23.15 45.07
N LEU D 29 -24.87 22.36 45.58
CA LEU D 29 -25.79 21.53 44.82
C LEU D 29 -27.12 22.25 44.48
N GLY D 30 -27.10 23.59 44.49
CA GLY D 30 -28.19 24.39 43.95
C GLY D 30 -29.13 25.01 44.98
N ALA D 31 -28.95 24.74 46.28
CA ALA D 31 -29.92 25.18 47.29
C ALA D 31 -29.73 26.66 47.56
N ASP D 32 -30.81 27.32 48.00
CA ASP D 32 -30.78 28.75 48.31
C ASP D 32 -30.47 28.92 49.79
N VAL D 33 -29.30 29.50 50.06
CA VAL D 33 -28.74 29.47 51.39
C VAL D 33 -28.55 30.90 51.83
N VAL D 34 -29.27 31.18 52.92
CA VAL D 34 -29.16 32.48 53.58
C VAL D 34 -28.58 32.25 54.96
N ARG D 35 -27.46 32.92 55.17
CA ARG D 35 -26.71 32.80 56.40
C ARG D 35 -26.92 34.04 57.24
N ILE D 36 -27.49 33.89 58.43
CA ILE D 36 -27.60 35.01 59.37
C ILE D 36 -26.36 35.07 60.27
N ASP D 37 -25.50 36.06 59.99
CA ASP D 37 -24.33 36.36 60.80
C ASP D 37 -24.68 37.48 61.79
N ARG D 38 -23.78 37.81 62.73
CA ARG D 38 -24.01 38.94 63.61
C ARG D 38 -23.22 40.14 63.08
N PRO D 39 -23.74 41.39 63.25
CA PRO D 39 -23.10 42.59 62.70
C PRO D 39 -21.62 42.77 62.99
N SER D 40 -21.22 42.41 64.22
CA SER D 40 -19.85 42.57 64.70
C SER D 40 -18.86 41.66 63.97
N SER D 41 -19.33 40.88 63.00
CA SER D 41 -18.45 39.97 62.28
C SER D 41 -18.17 40.44 60.85
N VAL D 42 -18.84 41.50 60.38
CA VAL D 42 -18.65 41.97 59.01
C VAL D 42 -18.28 43.46 59.03
N ILE D 45 -17.00 42.03 51.69
CA ILE D 45 -17.04 40.69 51.03
C ILE D 45 -16.16 39.74 51.85
N SER D 46 -16.65 38.51 52.08
CA SER D 46 -16.00 37.58 53.00
C SER D 46 -14.75 36.94 52.40
N ARG D 47 -13.85 36.52 53.29
CA ARG D 47 -12.51 36.07 52.94
C ARG D 47 -12.44 34.54 52.84
N ASP D 48 -13.49 33.85 53.31
CA ASP D 48 -13.51 32.40 53.39
C ASP D 48 -14.34 31.83 52.24
N ALA D 49 -13.68 31.09 51.34
CA ALA D 49 -14.35 30.41 50.25
C ALA D 49 -15.31 29.35 50.81
N MET D 50 -15.26 29.05 52.11
CA MET D 50 -16.24 28.11 52.69
C MET D 50 -17.60 28.79 52.76
N LEU D 51 -17.61 30.10 52.53
CA LEU D 51 -18.85 30.87 52.52
C LEU D 51 -19.34 31.07 51.09
N ARG D 52 -18.88 30.22 50.15
CA ARG D 52 -19.34 30.29 48.77
C ARG D 52 -20.79 29.86 48.73
N ASN D 53 -21.48 30.24 47.63
CA ASN D 53 -22.86 29.86 47.37
C ASN D 53 -23.80 30.27 48.50
N ARG D 54 -23.70 31.54 48.93
CA ARG D 54 -24.50 32.04 50.04
C ARG D 54 -24.96 33.47 49.78
N ARG D 55 -26.14 33.80 50.34
CA ARG D 55 -26.44 35.19 50.64
C ARG D 55 -26.25 35.41 52.15
N ILE D 56 -25.46 36.44 52.50
CA ILE D 56 -25.19 36.75 53.89
C ILE D 56 -25.98 37.98 54.34
N VAL D 57 -26.85 37.79 55.36
CA VAL D 57 -27.46 38.89 56.10
C VAL D 57 -26.93 38.96 57.53
N THR D 58 -26.89 40.17 58.11
CA THR D 58 -26.63 40.32 59.55
C THR D 58 -27.93 40.66 60.29
N ALA D 59 -27.91 40.48 61.62
CA ALA D 59 -29.05 40.64 62.51
C ALA D 59 -28.58 40.46 63.95
N ASP D 60 -29.08 41.31 64.86
CA ASP D 60 -28.84 41.13 66.28
C ASP D 60 -29.97 40.25 66.79
N LEU D 61 -29.70 38.96 66.95
CA LEU D 61 -30.74 38.05 67.42
C LEU D 61 -31.04 38.32 68.89
N LYS D 62 -30.23 39.17 69.55
CA LYS D 62 -30.55 39.55 70.91
C LYS D 62 -31.68 40.58 70.87
N SER D 63 -31.65 41.52 69.92
CA SER D 63 -32.73 42.48 69.75
C SER D 63 -34.05 41.80 69.36
N ASP D 64 -35.17 42.52 69.53
CA ASP D 64 -36.51 41.99 69.25
C ASP D 64 -36.78 42.01 67.76
N GLN D 65 -36.15 42.97 67.08
CA GLN D 65 -36.38 43.15 65.65
C GLN D 65 -35.62 42.03 64.90
N GLY D 66 -34.30 42.00 65.10
CA GLY D 66 -33.46 40.87 64.71
C GLY D 66 -34.23 39.56 64.80
N LEU D 67 -34.75 39.23 65.99
CA LEU D 67 -35.44 37.96 66.22
C LEU D 67 -36.67 37.83 65.33
N GLU D 68 -37.28 38.96 64.96
CA GLU D 68 -38.56 38.87 64.25
C GLU D 68 -38.28 38.61 62.77
N LEU D 69 -37.34 39.36 62.18
CA LEU D 69 -36.80 39.09 60.85
C LEU D 69 -36.33 37.65 60.68
N ALA D 70 -35.53 37.16 61.64
CA ALA D 70 -35.05 35.79 61.61
C ALA D 70 -36.20 34.79 61.55
N LEU D 71 -37.24 35.01 62.35
CA LEU D 71 -38.34 34.06 62.42
C LEU D 71 -39.21 34.14 61.16
N LYS D 72 -39.10 35.25 60.43
CA LYS D 72 -39.82 35.42 59.18
C LYS D 72 -39.20 34.52 58.11
N LEU D 73 -37.87 34.66 57.94
CA LEU D 73 -37.05 33.81 57.08
C LEU D 73 -37.31 32.34 57.32
N ILE D 74 -37.17 31.92 58.57
CA ILE D 74 -37.35 30.52 58.91
C ILE D 74 -38.73 30.03 58.47
N ALA D 75 -39.73 30.92 58.56
CA ALA D 75 -41.10 30.57 58.18
C ALA D 75 -41.19 30.22 56.69
N LYS D 76 -40.38 30.88 55.87
CA LYS D 76 -40.43 30.71 54.42
C LYS D 76 -39.36 29.73 53.91
N ALA D 77 -38.80 28.86 54.77
CA ALA D 77 -37.64 28.08 54.38
C ALA D 77 -37.86 26.61 54.70
N ASP D 78 -37.03 25.74 54.11
CA ASP D 78 -37.16 24.30 54.33
C ASP D 78 -36.27 23.84 55.47
N VAL D 79 -35.15 24.52 55.64
CA VAL D 79 -34.14 24.04 56.56
C VAL D 79 -33.55 25.16 57.40
N LEU D 80 -33.35 24.80 58.66
CA LEU D 80 -32.55 25.60 59.56
C LEU D 80 -31.34 24.81 60.02
N ILE D 81 -30.18 25.47 59.93
CA ILE D 81 -28.94 24.94 60.47
C ILE D 81 -28.44 25.82 61.62
N GLU D 82 -28.22 25.19 62.78
CA GLU D 82 -27.50 25.88 63.83
C GLU D 82 -26.43 24.97 64.45
N GLY D 83 -25.32 25.63 64.83
CA GLY D 83 -24.16 24.97 65.41
C GLY D 83 -23.63 25.61 66.69
N TYR D 84 -24.54 26.01 67.59
CA TYR D 84 -24.24 26.59 68.89
C TYR D 84 -24.46 25.54 69.97
N ARG D 85 -24.05 25.84 71.22
CA ARG D 85 -24.25 24.90 72.32
C ARG D 85 -25.75 24.65 72.45
N PRO D 86 -26.16 23.46 72.91
CA PRO D 86 -27.56 23.26 73.25
C PRO D 86 -28.07 24.34 74.23
N GLY D 87 -29.35 24.67 74.08
CA GLY D 87 -29.99 25.69 74.88
C GLY D 87 -29.78 27.08 74.31
N VAL D 88 -28.82 27.30 73.41
CA VAL D 88 -28.60 28.63 72.91
C VAL D 88 -29.80 29.10 72.06
N THR D 89 -30.30 28.28 71.11
CA THR D 89 -31.30 28.84 70.20
C THR D 89 -32.61 29.00 70.98
N GLU D 90 -32.90 28.06 71.88
CA GLU D 90 -34.05 28.15 72.76
C GLU D 90 -34.12 29.52 73.41
N ARG D 91 -33.07 29.91 74.15
CA ARG D 91 -33.12 31.16 74.90
C ARG D 91 -33.05 32.37 73.97
N LEU D 92 -32.84 32.19 72.66
CA LEU D 92 -32.92 33.32 71.74
C LEU D 92 -34.34 33.43 71.20
N GLY D 93 -35.18 32.40 71.46
CA GLY D 93 -36.51 32.26 70.89
C GLY D 93 -36.52 31.70 69.45
N LEU D 94 -35.45 30.98 69.07
CA LEU D 94 -35.30 30.34 67.76
C LEU D 94 -35.21 28.82 67.97
N GLY D 95 -35.59 28.33 69.14
CA GLY D 95 -35.60 26.90 69.40
C GLY D 95 -36.51 26.16 68.42
N PRO D 96 -36.44 24.82 68.39
CA PRO D 96 -37.33 24.03 67.54
C PRO D 96 -38.80 24.28 67.83
N GLU D 97 -39.16 24.54 69.10
CA GLU D 97 -40.56 24.68 69.48
C GLU D 97 -41.13 26.00 68.99
N GLU D 98 -40.37 27.09 69.20
CA GLU D 98 -40.69 28.37 68.59
C GLU D 98 -40.80 28.25 67.07
N CYS D 99 -39.86 27.53 66.46
CA CYS D 99 -39.76 27.46 65.01
C CYS D 99 -40.94 26.67 64.43
N ALA D 100 -41.34 25.60 65.14
CA ALA D 100 -42.43 24.73 64.74
C ALA D 100 -43.76 25.49 64.69
N LYS D 101 -43.83 26.59 65.46
CA LYS D 101 -44.98 27.48 65.48
C LYS D 101 -45.04 28.36 64.24
N VAL D 102 -43.94 28.69 63.57
CA VAL D 102 -44.05 29.48 62.36
C VAL D 102 -43.87 28.63 61.10
N ASN D 103 -43.79 27.29 61.22
CA ASN D 103 -43.43 26.43 60.09
C ASN D 103 -43.23 25.00 60.55
N ASP D 104 -44.28 24.18 60.46
CA ASP D 104 -44.22 22.79 60.89
C ASP D 104 -43.66 21.90 59.76
N ARG D 105 -43.17 22.51 58.68
CA ARG D 105 -42.51 21.75 57.63
C ARG D 105 -40.99 21.81 57.79
N LEU D 106 -40.52 22.63 58.75
CA LEU D 106 -39.11 22.98 58.86
C LEU D 106 -38.26 21.78 59.25
N ILE D 107 -37.10 21.67 58.59
CA ILE D 107 -36.07 20.74 59.04
C ILE D 107 -35.12 21.52 59.93
N TYR D 108 -35.10 21.11 61.20
CA TYR D 108 -34.38 21.83 62.24
C TYR D 108 -33.08 21.05 62.51
N ALA D 109 -31.98 21.60 61.99
CA ALA D 109 -30.72 20.86 61.93
C ALA D 109 -29.74 21.40 62.98
N ARG D 110 -29.45 20.53 63.97
CA ARG D 110 -28.60 20.88 65.10
C ARG D 110 -27.22 20.20 65.02
N MET D 111 -26.21 21.01 64.72
CA MET D 111 -24.82 20.58 64.61
C MET D 111 -24.02 20.88 65.87
N THR D 112 -23.75 19.83 66.69
CA THR D 112 -22.86 19.90 67.85
C THR D 112 -21.78 18.80 67.79
N GLY D 113 -20.85 18.86 68.77
CA GLY D 113 -19.86 17.83 69.01
C GLY D 113 -20.37 16.74 69.94
N TRP D 114 -20.95 17.16 71.08
CA TRP D 114 -21.26 16.25 72.17
C TRP D 114 -22.71 15.77 72.17
N GLY D 115 -23.59 16.44 71.41
CA GLY D 115 -25.00 16.10 71.46
C GLY D 115 -25.81 17.15 72.20
N GLN D 116 -27.10 16.84 72.35
CA GLN D 116 -28.02 17.80 72.92
C GLN D 116 -28.05 17.63 74.44
N THR D 117 -27.76 16.43 74.95
CA THR D 117 -27.74 16.20 76.38
C THR D 117 -26.48 15.47 76.80
N GLY D 118 -26.31 15.35 78.12
CA GLY D 118 -25.30 14.51 78.74
C GLY D 118 -24.21 15.34 79.37
N PRO D 119 -23.32 14.69 80.17
CA PRO D 119 -22.39 15.39 81.04
C PRO D 119 -21.45 16.35 80.34
N ARG D 120 -21.16 16.13 79.05
CA ARG D 120 -20.21 16.96 78.34
C ARG D 120 -20.90 17.97 77.46
N SER D 121 -22.25 17.97 77.48
CA SER D 121 -23.00 18.63 76.43
C SER D 121 -22.85 20.14 76.45
N GLN D 122 -22.26 20.71 77.51
CA GLN D 122 -22.04 22.15 77.52
C GLN D 122 -20.56 22.53 77.39
N GLN D 123 -19.66 21.54 77.42
CA GLN D 123 -18.24 21.83 77.32
C GLN D 123 -17.94 22.38 75.92
N ALA D 124 -17.16 23.46 75.84
CA ALA D 124 -16.56 23.83 74.57
C ALA D 124 -15.66 22.68 74.11
N GLY D 125 -15.43 22.64 72.81
CA GLY D 125 -14.57 21.63 72.21
C GLY D 125 -14.35 21.85 70.72
N HIS D 126 -13.40 21.07 70.19
CA HIS D 126 -13.08 21.07 68.79
C HIS D 126 -12.93 19.64 68.30
N ASP D 127 -12.75 19.51 66.99
CA ASP D 127 -12.70 18.19 66.35
C ASP D 127 -11.91 17.21 67.22
N ILE D 128 -10.68 17.60 67.55
CA ILE D 128 -9.75 16.69 68.23
C ILE D 128 -10.33 16.17 69.53
N ASN D 129 -11.16 16.99 70.23
CA ASN D 129 -11.82 16.53 71.45
C ASN D 129 -12.86 15.44 71.18
N TYR D 130 -13.66 15.64 70.14
CA TYR D 130 -14.76 14.71 69.90
C TYR D 130 -14.19 13.37 69.45
N ILE D 131 -13.14 13.38 68.62
CA ILE D 131 -12.56 12.10 68.20
C ILE D 131 -11.64 11.51 69.27
N SER D 132 -11.31 12.24 70.33
CA SER D 132 -10.54 11.63 71.41
C SER D 132 -11.42 10.67 72.20
N LEU D 133 -12.73 10.94 72.26
CA LEU D 133 -13.55 10.26 73.25
C LEU D 133 -14.07 8.93 72.74
N ASN D 134 -14.09 8.72 71.42
CA ASN D 134 -14.74 7.53 70.86
C ASN D 134 -13.73 6.55 70.24
N GLY D 135 -12.46 6.65 70.61
CA GLY D 135 -11.44 5.69 70.19
C GLY D 135 -10.77 6.05 68.86
N ILE D 136 -11.22 7.08 68.16
CA ILE D 136 -10.71 7.38 66.83
C ILE D 136 -9.29 7.91 66.92
N LEU D 137 -9.08 8.96 67.72
CA LEU D 137 -7.81 9.67 67.76
C LEU D 137 -6.71 8.72 68.20
N HIS D 138 -7.00 7.89 69.20
CA HIS D 138 -6.03 6.94 69.71
C HIS D 138 -5.48 6.03 68.60
N ALA D 139 -6.27 5.78 67.55
CA ALA D 139 -5.93 4.80 66.52
C ALA D 139 -5.10 5.41 65.39
N ILE D 140 -4.86 6.73 65.46
CA ILE D 140 -4.18 7.40 64.37
C ILE D 140 -2.75 7.81 64.74
N GLY D 141 -1.80 7.35 63.90
CA GLY D 141 -0.41 7.77 63.88
C GLY D 141 0.53 6.60 64.17
N ARG D 142 1.84 6.85 64.27
CA ARG D 142 2.80 5.77 64.43
C ARG D 142 2.72 5.21 65.85
N GLY D 143 3.09 3.91 66.00
CA GLY D 143 3.00 3.18 67.25
C GLY D 143 4.01 3.68 68.29
N ASP D 144 5.12 4.24 67.83
CA ASP D 144 6.18 4.65 68.72
C ASP D 144 5.98 6.09 69.21
N GLU D 145 4.78 6.64 69.08
CA GLU D 145 4.62 8.08 69.22
C GLU D 145 3.21 8.40 69.70
N ARG D 146 2.95 9.65 70.06
CA ARG D 146 1.62 10.00 70.53
C ARG D 146 0.68 10.20 69.35
N PRO D 147 -0.65 10.03 69.54
CA PRO D 147 -1.59 10.13 68.44
C PRO D 147 -1.48 11.45 67.69
N VAL D 148 -1.82 11.43 66.40
CA VAL D 148 -1.71 12.62 65.62
C VAL D 148 -3.08 12.96 65.06
N PRO D 149 -3.49 14.24 65.17
CA PRO D 149 -4.80 14.62 64.65
C PRO D 149 -4.83 14.51 63.13
N PRO D 150 -5.88 13.87 62.57
CA PRO D 150 -6.06 13.83 61.13
C PRO D 150 -6.74 15.09 60.61
N LEU D 151 -6.01 16.19 60.70
CA LEU D 151 -6.56 17.51 60.61
C LEU D 151 -7.88 17.52 61.37
N ASN D 152 -8.86 18.27 60.86
CA ASN D 152 -10.22 18.26 61.40
C ASN D 152 -11.18 17.61 60.42
N LEU D 153 -10.76 16.51 59.81
CA LEU D 153 -11.50 15.90 58.71
C LEU D 153 -12.55 14.91 59.25
N VAL D 154 -12.29 14.32 60.41
CA VAL D 154 -13.06 13.16 60.80
C VAL D 154 -14.24 13.57 61.68
N GLY D 155 -14.01 14.56 62.55
CA GLY D 155 -14.99 15.06 63.50
C GLY D 155 -15.88 16.13 62.86
N ASP D 156 -15.27 17.23 62.45
CA ASP D 156 -15.97 18.35 61.86
C ASP D 156 -16.71 17.91 60.58
N PHE D 157 -16.03 17.24 59.63
CA PHE D 157 -16.61 17.07 58.30
C PHE D 157 -17.12 15.66 58.12
N GLY D 158 -16.22 14.68 58.00
CA GLY D 158 -16.65 13.33 57.72
C GLY D 158 -17.77 12.88 58.64
N GLY D 159 -17.58 13.10 59.95
CA GLY D 159 -18.47 12.57 60.98
C GLY D 159 -19.36 13.66 61.55
N GLY D 160 -19.30 14.86 60.96
CA GLY D 160 -19.95 16.05 61.48
C GLY D 160 -20.92 16.63 60.44
N SER D 161 -20.44 17.56 59.61
CA SER D 161 -21.27 18.16 58.56
C SER D 161 -21.92 17.10 57.66
N MET D 162 -21.20 16.00 57.35
CA MET D 162 -21.72 15.08 56.37
C MET D 162 -22.93 14.38 56.96
N PHE D 163 -22.92 14.12 58.28
CA PHE D 163 -24.06 13.44 58.88
C PHE D 163 -25.22 14.43 59.04
N LEU D 164 -24.93 15.69 59.34
CA LEU D 164 -25.95 16.73 59.28
C LEU D 164 -26.64 16.72 57.91
N LEU D 165 -25.85 16.66 56.82
CA LEU D 165 -26.37 16.65 55.45
C LEU D 165 -27.26 15.43 55.19
N VAL D 166 -26.84 14.26 55.65
CA VAL D 166 -27.63 13.06 55.47
C VAL D 166 -28.93 13.13 56.27
N GLY D 167 -28.88 13.74 57.47
CA GLY D 167 -30.05 13.92 58.31
C GLY D 167 -31.06 14.87 57.66
N ILE D 168 -30.57 16.01 57.15
CA ILE D 168 -31.40 17.01 56.52
C ILE D 168 -32.12 16.35 55.33
N LEU D 169 -31.35 15.77 54.42
CA LEU D 169 -31.92 15.26 53.18
C LEU D 169 -32.80 14.03 53.45
N ALA D 170 -32.50 13.23 54.47
CA ALA D 170 -33.35 12.10 54.79
C ALA D 170 -34.68 12.57 55.40
N ALA D 171 -34.62 13.67 56.17
CA ALA D 171 -35.77 14.30 56.78
C ALA D 171 -36.72 14.79 55.68
N LEU D 172 -36.15 15.40 54.62
CA LEU D 172 -36.89 15.96 53.49
C LEU D 172 -37.60 14.85 52.71
N TRP D 173 -36.94 13.71 52.57
CA TRP D 173 -37.62 12.55 52.05
C TRP D 173 -38.83 12.25 52.93
N GLU D 174 -38.59 12.12 54.24
CA GLU D 174 -39.66 11.74 55.15
C GLU D 174 -40.83 12.73 55.03
N ARG D 175 -40.50 14.04 55.04
CA ARG D 175 -41.45 15.13 54.88
C ARG D 175 -42.36 14.95 53.67
N GLN D 176 -41.85 14.34 52.58
CA GLN D 176 -42.61 14.27 51.36
C GLN D 176 -43.85 13.40 51.60
N SER D 177 -43.78 12.43 52.52
CA SER D 177 -44.97 11.60 52.75
C SER D 177 -45.74 12.00 54.02
N SER D 178 -45.14 12.77 54.96
CA SER D 178 -45.80 13.09 56.23
C SER D 178 -46.30 14.54 56.31
N GLY D 179 -45.82 15.44 55.44
CA GLY D 179 -46.16 16.86 55.48
C GLY D 179 -45.38 17.65 56.54
N LYS D 180 -44.56 16.97 57.36
CA LYS D 180 -44.00 17.55 58.57
C LYS D 180 -42.46 17.51 58.61
N GLY D 181 -41.90 18.64 59.05
CA GLY D 181 -40.51 18.74 59.45
C GLY D 181 -40.21 17.95 60.73
N GLN D 182 -39.01 18.19 61.26
CA GLN D 182 -38.53 17.56 62.49
C GLN D 182 -37.10 18.04 62.75
N VAL D 183 -36.59 17.58 63.90
CA VAL D 183 -35.30 17.99 64.46
C VAL D 183 -34.29 16.87 64.21
N VAL D 184 -33.21 17.30 63.53
CA VAL D 184 -32.04 16.46 63.28
C VAL D 184 -30.98 16.82 64.31
N ASP D 185 -30.60 15.85 65.14
CA ASP D 185 -29.57 15.99 66.16
C ASP D 185 -28.29 15.30 65.68
N ALA D 186 -27.40 16.08 65.02
CA ALA D 186 -26.12 15.57 64.54
C ALA D 186 -24.98 15.93 65.49
N ALA D 187 -24.50 14.92 66.21
CA ALA D 187 -23.33 15.07 67.07
C ALA D 187 -22.10 14.38 66.46
N MET D 188 -21.03 15.18 66.28
CA MET D 188 -19.73 14.74 65.79
C MET D 188 -19.24 13.48 66.48
N VAL D 189 -19.57 13.28 67.77
CA VAL D 189 -19.06 12.12 68.49
C VAL D 189 -19.78 10.87 68.01
N ASP D 190 -21.06 11.06 67.63
CA ASP D 190 -21.87 9.97 67.09
C ASP D 190 -21.50 9.69 65.62
N GLY D 191 -21.51 10.75 64.81
CA GLY D 191 -21.28 10.68 63.37
C GLY D 191 -19.92 10.06 63.07
N SER D 192 -18.90 10.49 63.81
CA SER D 192 -17.57 9.98 63.58
C SER D 192 -17.51 8.53 64.03
N SER D 193 -18.35 8.09 64.99
CA SER D 193 -18.37 6.69 65.39
C SER D 193 -19.02 5.81 64.31
N VAL D 194 -20.00 6.33 63.59
CA VAL D 194 -20.58 5.57 62.50
C VAL D 194 -19.60 5.54 61.32
N LEU D 195 -18.91 6.66 61.10
CA LEU D 195 -17.91 6.74 60.06
C LEU D 195 -16.86 5.63 60.17
N ILE D 196 -16.56 5.20 61.41
CA ILE D 196 -15.49 4.26 61.67
C ILE D 196 -16.06 2.89 62.04
N GLN D 197 -17.29 2.61 61.60
CA GLN D 197 -17.95 1.36 61.92
C GLN D 197 -17.14 0.12 61.48
N MET D 198 -16.46 0.22 60.32
CA MET D 198 -15.59 -0.85 59.84
C MET D 198 -14.65 -1.32 60.93
N MET D 199 -14.03 -0.39 61.66
CA MET D 199 -13.08 -0.79 62.70
C MET D 199 -13.81 -1.41 63.89
N TRP D 200 -15.02 -0.93 64.20
CA TRP D 200 -15.79 -1.56 65.26
C TRP D 200 -16.18 -3.00 64.89
N ALA D 201 -16.48 -3.22 63.61
CA ALA D 201 -16.72 -4.58 63.10
C ALA D 201 -15.43 -5.41 63.15
N MET D 202 -14.35 -4.85 62.62
CA MET D 202 -13.13 -5.62 62.52
C MET D 202 -12.67 -6.02 63.92
N ARG D 203 -12.85 -5.11 64.87
CA ARG D 203 -12.39 -5.30 66.22
C ARG D 203 -13.12 -6.48 66.86
N ALA D 204 -14.42 -6.57 66.59
CA ALA D 204 -15.28 -7.60 67.16
C ALA D 204 -14.90 -8.98 66.64
N THR D 205 -14.35 -9.08 65.43
CA THR D 205 -14.02 -10.37 64.85
C THR D 205 -12.51 -10.62 64.92
N GLY D 206 -11.78 -9.93 65.82
CA GLY D 206 -10.38 -10.21 66.04
C GLY D 206 -9.43 -9.66 64.96
N MET D 207 -9.92 -8.81 64.03
CA MET D 207 -9.16 -8.33 62.87
C MET D 207 -8.64 -6.88 63.06
N TRP D 208 -8.85 -6.29 64.24
CA TRP D 208 -8.32 -4.97 64.52
C TRP D 208 -7.92 -4.91 65.99
N THR D 209 -6.70 -4.46 66.33
CA THR D 209 -6.33 -4.27 67.73
C THR D 209 -6.24 -2.79 68.08
N ASP D 210 -6.27 -2.55 69.39
CA ASP D 210 -6.21 -1.22 69.95
C ASP D 210 -4.77 -0.67 69.92
N THR D 211 -3.79 -1.51 69.59
CA THR D 211 -2.42 -1.03 69.49
C THR D 211 -2.29 -0.17 68.24
N ARG D 212 -1.83 1.06 68.41
CA ARG D 212 -1.67 1.98 67.31
C ARG D 212 -0.49 1.55 66.44
N GLY D 213 -0.65 1.73 65.13
CA GLY D 213 0.45 1.53 64.20
C GLY D 213 0.74 0.04 63.98
N ALA D 214 -0.22 -0.84 64.31
CA ALA D 214 -0.06 -2.27 64.14
C ALA D 214 -1.26 -2.93 63.43
N ASN D 215 -1.97 -2.23 62.54
CA ASN D 215 -3.10 -2.86 61.89
C ASN D 215 -2.96 -2.76 60.37
N MET D 216 -3.90 -3.36 59.65
CA MET D 216 -3.83 -3.42 58.19
C MET D 216 -3.88 -2.02 57.59
N LEU D 217 -4.63 -1.10 58.21
CA LEU D 217 -4.95 0.15 57.53
C LEU D 217 -4.46 1.39 58.26
N ASP D 218 -3.61 1.23 59.30
CA ASP D 218 -3.20 2.37 60.13
C ASP D 218 -1.74 2.74 59.88
N GLY D 219 -1.11 2.06 58.91
CA GLY D 219 0.30 2.30 58.65
C GLY D 219 1.18 1.12 59.05
N GLY D 220 0.65 0.20 59.88
CA GLY D 220 1.29 -1.03 60.33
C GLY D 220 1.63 -2.03 59.21
N ALA D 221 0.86 -2.13 58.12
CA ALA D 221 1.16 -3.10 57.07
C ALA D 221 2.12 -2.50 56.05
N PRO D 222 3.27 -3.15 55.73
CA PRO D 222 4.21 -2.62 54.74
C PRO D 222 3.63 -2.34 53.36
N TYR D 223 2.54 -3.05 53.06
CA TYR D 223 1.84 -2.84 51.80
C TYR D 223 0.70 -1.82 51.90
N TYR D 224 0.57 -1.13 53.03
CA TYR D 224 -0.45 -0.08 53.16
C TYR D 224 0.16 1.08 53.95
N ASP D 225 0.95 1.90 53.26
CA ASP D 225 1.68 2.95 53.95
C ASP D 225 2.32 3.84 52.90
N THR D 226 3.00 4.90 53.38
CA THR D 226 3.84 5.73 52.56
C THR D 226 5.29 5.30 52.68
N TYR D 227 6.08 5.67 51.66
CA TYR D 227 7.49 5.36 51.59
C TYR D 227 8.20 6.60 51.08
N GLU D 228 9.36 6.86 51.65
CA GLU D 228 10.18 7.97 51.22
C GLU D 228 11.04 7.53 50.02
N CYS D 229 11.10 8.39 49.01
CA CYS D 229 11.83 8.14 47.78
C CYS D 229 13.17 8.85 47.82
N ALA D 230 14.00 8.65 46.78
CA ALA D 230 15.38 9.15 46.75
C ALA D 230 15.44 10.67 46.90
N ASP D 231 14.41 11.40 46.43
CA ASP D 231 14.38 12.86 46.45
C ASP D 231 13.79 13.39 47.76
N GLY D 232 13.36 12.54 48.69
CA GLY D 232 12.77 13.06 49.91
C GLY D 232 11.24 13.22 49.83
N ARG D 233 10.66 12.98 48.64
CA ARG D 233 9.21 12.96 48.49
C ARG D 233 8.66 11.55 48.73
N TYR D 234 7.34 11.39 48.67
CA TYR D 234 6.76 10.11 49.05
C TYR D 234 5.85 9.56 47.98
N VAL D 235 5.69 8.24 48.03
CA VAL D 235 4.62 7.52 47.39
C VAL D 235 3.77 6.85 48.46
N ALA D 236 2.56 6.57 48.03
CA ALA D 236 1.59 5.79 48.78
C ALA D 236 1.47 4.41 48.14
N VAL D 237 1.43 3.39 48.98
CA VAL D 237 1.27 2.01 48.59
C VAL D 237 0.01 1.47 49.27
N GLY D 238 -0.91 0.93 48.46
CA GLY D 238 -2.16 0.39 48.95
C GLY D 238 -2.49 -0.98 48.37
N ALA D 239 -1.42 -1.79 48.18
CA ALA D 239 -1.50 -3.08 47.52
C ALA D 239 -1.96 -4.14 48.50
N ILE D 240 -3.25 -4.07 48.83
CA ILE D 240 -3.83 -5.02 49.75
C ILE D 240 -3.99 -6.35 49.04
N GLU D 241 -4.62 -6.35 47.86
CA GLU D 241 -4.94 -7.60 47.19
C GLU D 241 -3.66 -8.26 46.67
N PRO D 242 -3.52 -9.59 46.83
CA PRO D 242 -2.28 -10.28 46.47
C PRO D 242 -1.80 -10.07 45.04
N GLN D 243 -2.73 -9.88 44.10
CA GLN D 243 -2.36 -9.71 42.71
C GLN D 243 -1.80 -8.30 42.48
N PHE D 244 -2.37 -7.32 43.19
CA PHE D 244 -1.88 -5.96 43.08
C PHE D 244 -0.52 -5.88 43.76
N TYR D 245 -0.38 -6.54 44.91
CA TYR D 245 0.90 -6.62 45.59
C TYR D 245 1.95 -7.22 44.65
N ALA D 246 1.60 -8.27 43.91
CA ALA D 246 2.57 -8.94 43.06
C ALA D 246 3.00 -8.02 41.92
N ALA D 247 2.03 -7.25 41.38
CA ALA D 247 2.33 -6.29 40.34
C ALA D 247 3.29 -5.26 40.87
N MET D 248 3.13 -4.91 42.16
CA MET D 248 3.98 -3.89 42.71
C MET D 248 5.42 -4.40 42.82
N LEU D 249 5.60 -5.65 43.30
CA LEU D 249 6.93 -6.19 43.53
C LEU D 249 7.71 -6.24 42.22
N ALA D 250 7.00 -6.62 41.15
CA ALA D 250 7.59 -6.74 39.82
C ALA D 250 8.14 -5.41 39.36
N GLY D 251 7.35 -4.35 39.59
CA GLY D 251 7.73 -2.99 39.27
C GLY D 251 8.90 -2.49 40.11
N LEU D 252 9.03 -2.99 41.35
CA LEU D 252 10.14 -2.58 42.21
C LEU D 252 11.40 -3.37 41.85
N GLY D 253 11.24 -4.43 41.06
CA GLY D 253 12.37 -5.28 40.74
C GLY D 253 12.70 -6.25 41.87
N LEU D 254 11.73 -6.60 42.72
CA LEU D 254 11.95 -7.55 43.81
C LEU D 254 11.31 -8.89 43.47
N ASP D 255 12.07 -9.96 43.56
CA ASP D 255 11.50 -11.29 43.31
C ASP D 255 10.77 -11.69 44.56
N ALA D 256 9.56 -12.23 44.39
CA ALA D 256 8.76 -12.70 45.51
C ALA D 256 9.60 -13.70 46.32
N ALA D 257 10.50 -14.42 45.64
CA ALA D 257 11.25 -15.52 46.24
C ALA D 257 12.16 -15.05 47.37
N GLU D 258 12.62 -13.80 47.33
CA GLU D 258 13.58 -13.33 48.31
C GLU D 258 12.90 -12.49 49.40
N LEU D 259 11.58 -12.51 49.48
CA LEU D 259 10.83 -11.64 50.37
C LEU D 259 10.06 -12.52 51.36
N PRO D 260 9.80 -12.07 52.60
CA PRO D 260 8.86 -12.77 53.45
C PRO D 260 7.48 -12.72 52.82
N PRO D 261 6.52 -13.58 53.22
CA PRO D 261 5.14 -13.47 52.75
C PRO D 261 4.51 -12.14 53.12
N GLN D 262 3.69 -11.63 52.20
CA GLN D 262 3.07 -10.34 52.36
C GLN D 262 2.33 -10.21 53.69
N ASN D 263 1.68 -11.31 54.12
CA ASN D 263 0.88 -11.26 55.31
C ASN D 263 1.48 -12.08 56.45
N ASP D 264 2.80 -12.30 56.45
CA ASP D 264 3.44 -12.80 57.65
C ASP D 264 3.85 -11.63 58.57
N ARG D 265 2.91 -11.26 59.46
CA ARG D 265 3.02 -10.09 60.34
C ARG D 265 4.33 -10.14 61.13
N ALA D 266 4.75 -11.34 61.51
CA ALA D 266 5.96 -11.48 62.31
C ALA D 266 7.20 -11.08 61.52
N ARG D 267 7.14 -11.14 60.19
CA ARG D 267 8.30 -10.74 59.42
C ARG D 267 8.11 -9.40 58.73
N TRP D 268 7.15 -8.58 59.19
CA TRP D 268 6.90 -7.31 58.53
C TRP D 268 8.11 -6.38 58.66
N PRO D 269 8.88 -6.45 59.76
CA PRO D 269 10.10 -5.65 59.86
C PRO D 269 11.07 -5.86 58.70
N GLU D 270 11.26 -7.11 58.32
CA GLU D 270 12.12 -7.42 57.19
C GLU D 270 11.50 -6.94 55.90
N LEU D 271 10.21 -7.21 55.75
CA LEU D 271 9.50 -6.84 54.53
C LEU D 271 9.60 -5.34 54.37
N ARG D 272 9.35 -4.61 55.47
CA ARG D 272 9.38 -3.15 55.42
C ARG D 272 10.78 -2.65 55.04
N ALA D 273 11.83 -3.22 55.62
CA ALA D 273 13.17 -2.80 55.25
C ALA D 273 13.44 -3.06 53.76
N LEU D 274 12.97 -4.19 53.21
CA LEU D 274 13.22 -4.47 51.80
C LEU D 274 12.47 -3.48 50.91
N LEU D 275 11.20 -3.21 51.23
CA LEU D 275 10.42 -2.27 50.43
C LEU D 275 11.00 -0.87 50.56
N THR D 276 11.49 -0.53 51.76
CA THR D 276 11.99 0.81 52.05
C THR D 276 13.21 1.08 51.18
N GLU D 277 14.10 0.09 51.08
CA GLU D 277 15.31 0.19 50.28
C GLU D 277 14.95 0.33 48.80
N ALA D 278 13.96 -0.43 48.34
CA ALA D 278 13.58 -0.34 46.93
C ALA D 278 13.05 1.06 46.62
N PHE D 279 12.07 1.58 47.40
CA PHE D 279 11.43 2.84 47.03
C PHE D 279 12.44 3.98 47.17
N ALA D 280 13.41 3.84 48.09
CA ALA D 280 14.42 4.88 48.30
C ALA D 280 15.42 5.00 47.15
N SER D 281 15.41 4.06 46.20
CA SER D 281 16.45 4.02 45.19
C SER D 281 16.09 4.86 43.95
N HIS D 282 14.85 5.30 43.82
CA HIS D 282 14.43 6.22 42.76
C HIS D 282 13.55 7.30 43.37
N ASP D 283 13.32 8.35 42.59
CA ASP D 283 12.59 9.49 43.10
C ASP D 283 11.11 9.26 42.85
N ARG D 284 10.27 10.10 43.44
CA ARG D 284 8.85 9.86 43.42
C ARG D 284 8.30 9.82 41.99
N ASP D 285 8.73 10.79 41.17
CA ASP D 285 8.19 10.95 39.84
C ASP D 285 8.50 9.72 38.98
N HIS D 286 9.64 9.07 39.25
CA HIS D 286 10.00 7.83 38.60
C HIS D 286 8.95 6.75 38.89
N TRP D 287 8.65 6.60 40.19
CA TRP D 287 7.68 5.62 40.60
C TRP D 287 6.33 5.93 40.01
N GLY D 288 5.98 7.21 39.91
CA GLY D 288 4.69 7.60 39.38
C GLY D 288 4.52 7.17 37.93
N ALA D 289 5.60 7.30 37.15
CA ALA D 289 5.64 6.88 35.77
C ALA D 289 5.51 5.36 35.71
N VAL D 290 6.49 4.67 36.31
CA VAL D 290 6.58 3.22 36.29
C VAL D 290 5.20 2.61 36.56
N PHE D 291 4.40 3.19 37.45
CA PHE D 291 3.19 2.53 37.88
C PHE D 291 1.92 3.12 37.24
N ALA D 292 2.06 4.18 36.46
CA ALA D 292 0.93 4.70 35.68
C ALA D 292 0.23 3.56 34.93
N ASN D 293 -1.09 3.52 35.06
CA ASN D 293 -1.94 2.54 34.38
C ASN D 293 -1.78 1.14 34.97
N SER D 294 -1.08 1.01 36.12
CA SER D 294 -0.90 -0.30 36.74
C SER D 294 -1.90 -0.49 37.89
N ASP D 295 -2.08 -1.73 38.31
CA ASP D 295 -2.91 -2.05 39.45
C ASP D 295 -2.05 -2.25 40.71
N ALA D 296 -0.80 -1.77 40.69
CA ALA D 296 0.11 -1.94 41.80
C ALA D 296 -0.29 -1.09 43.02
N CYS D 297 -1.19 -0.11 42.84
CA CYS D 297 -1.71 0.69 43.96
C CYS D 297 -0.58 1.51 44.58
N VAL D 298 0.17 2.17 43.71
CA VAL D 298 1.30 3.01 44.06
C VAL D 298 1.07 4.35 43.37
N THR D 299 1.08 5.45 44.12
CA THR D 299 0.71 6.77 43.64
C THR D 299 1.63 7.78 44.29
N PRO D 300 1.91 8.91 43.63
CA PRO D 300 2.71 9.95 44.25
C PRO D 300 1.90 10.66 45.33
N VAL D 301 2.52 11.00 46.45
CA VAL D 301 1.89 11.80 47.49
C VAL D 301 2.15 13.25 47.15
N LEU D 302 1.13 13.90 46.61
CA LEU D 302 1.26 15.28 46.17
C LEU D 302 0.92 16.24 47.31
N ALA D 303 1.77 17.28 47.42
CA ALA D 303 1.49 18.46 48.21
C ALA D 303 0.36 19.28 47.56
N PHE D 304 -0.42 19.98 48.39
CA PHE D 304 -1.48 20.85 47.91
C PHE D 304 -1.07 21.58 46.63
N GLY D 305 0.10 22.23 46.68
CA GLY D 305 0.57 23.09 45.61
C GLY D 305 0.84 22.37 44.29
N GLU D 306 1.01 21.03 44.30
CA GLU D 306 1.30 20.29 43.09
C GLU D 306 0.05 19.69 42.47
N VAL D 307 -1.07 19.71 43.20
CA VAL D 307 -2.27 19.01 42.79
C VAL D 307 -2.75 19.50 41.42
N HIS D 308 -2.65 20.82 41.17
CA HIS D 308 -3.22 21.44 39.98
C HIS D 308 -2.54 20.90 38.71
N ASN D 309 -1.42 20.18 38.86
CA ASN D 309 -0.65 19.73 37.72
C ASN D 309 -0.84 18.25 37.45
N GLU D 310 -1.55 17.55 38.33
CA GLU D 310 -1.82 16.15 38.10
C GLU D 310 -2.84 15.98 36.96
N PRO D 311 -2.52 15.22 35.89
CA PRO D 311 -3.42 15.01 34.77
C PRO D 311 -4.84 14.59 35.12
N HIS D 312 -5.01 13.60 36.02
CA HIS D 312 -6.32 13.07 36.27
C HIS D 312 -7.17 14.10 37.00
N ILE D 313 -6.49 14.99 37.72
CA ILE D 313 -7.14 16.06 38.45
C ILE D 313 -7.60 17.11 37.44
N ILE D 314 -6.67 17.53 36.57
CA ILE D 314 -6.96 18.51 35.53
C ILE D 314 -8.14 18.03 34.69
N GLU D 315 -8.09 16.80 34.17
CA GLU D 315 -9.03 16.39 33.15
C GLU D 315 -10.44 16.18 33.69
N ARG D 316 -10.58 15.79 34.96
CA ARG D 316 -11.91 15.60 35.52
C ARG D 316 -12.49 16.87 36.15
N ASN D 317 -11.73 17.96 36.10
CA ASN D 317 -12.18 19.24 36.62
C ASN D 317 -12.53 19.11 38.09
N THR D 318 -11.62 18.57 38.89
CA THR D 318 -11.92 18.33 40.29
C THR D 318 -11.87 19.68 41.03
N PHE D 319 -11.04 20.60 40.51
CA PHE D 319 -10.80 21.92 41.09
C PHE D 319 -11.20 22.98 40.08
N TYR D 320 -11.49 24.20 40.54
CA TYR D 320 -11.64 25.37 39.68
C TYR D 320 -10.75 26.44 40.28
N GLU D 321 -10.32 27.41 39.50
CA GLU D 321 -9.48 28.45 40.03
C GLU D 321 -10.37 29.64 40.36
N ALA D 322 -10.27 30.15 41.60
CA ALA D 322 -11.10 31.27 42.02
C ALA D 322 -10.36 32.09 43.05
N ASN D 323 -10.50 33.43 42.98
CA ASN D 323 -10.00 34.29 44.04
C ASN D 323 -8.47 34.21 43.98
N GLY D 324 -7.80 33.54 44.94
CA GLY D 324 -6.34 33.51 44.98
C GLY D 324 -5.79 32.10 45.13
N GLY D 325 -6.33 31.15 44.34
CA GLY D 325 -5.90 29.76 44.34
C GLY D 325 -7.04 28.81 43.96
N TRP D 326 -6.75 27.52 43.98
CA TRP D 326 -7.69 26.49 43.56
C TRP D 326 -8.61 26.13 44.72
N GLN D 327 -9.83 25.73 44.34
CA GLN D 327 -10.88 25.33 45.26
C GLN D 327 -11.54 24.12 44.63
N PRO D 328 -12.03 23.16 45.42
CA PRO D 328 -12.67 21.98 44.87
C PRO D 328 -14.06 22.28 44.32
N MET D 329 -14.40 21.61 43.21
CA MET D 329 -15.71 21.71 42.59
C MET D 329 -16.66 20.88 43.42
N PRO D 330 -17.97 21.17 43.33
CA PRO D 330 -18.98 20.38 44.00
C PRO D 330 -18.79 18.90 43.82
N ALA D 331 -19.21 18.13 44.82
CA ALA D 331 -19.29 16.69 44.74
C ALA D 331 -20.54 16.26 45.50
N PRO D 332 -21.16 15.09 45.20
CA PRO D 332 -20.77 14.29 44.05
C PRO D 332 -21.23 14.97 42.75
N ARG D 333 -21.30 14.19 41.66
CA ARG D 333 -21.69 14.72 40.36
C ARG D 333 -23.02 14.10 39.91
N PHE D 334 -23.82 14.92 39.20
CA PHE D 334 -25.16 14.53 38.76
C PHE D 334 -25.25 14.57 37.22
N SER D 335 -25.75 13.47 36.61
CA SER D 335 -25.82 13.31 35.16
C SER D 335 -26.74 14.34 34.48
N ARG D 336 -27.96 14.51 35.01
CA ARG D 336 -28.97 15.43 34.46
C ARG D 336 -28.95 16.83 35.10
N THR D 337 -29.05 16.96 36.44
CA THR D 337 -29.11 18.27 37.09
C THR D 337 -27.75 18.64 37.70
N ALA D 338 -26.85 19.19 36.88
CA ALA D 338 -25.45 19.24 37.23
C ALA D 338 -25.15 20.54 37.95
N SER D 339 -24.52 20.43 39.14
CA SER D 339 -24.03 21.60 39.85
C SER D 339 -23.27 22.50 38.87
N SER D 340 -23.19 23.78 39.21
CA SER D 340 -22.34 24.68 38.46
C SER D 340 -21.23 25.18 39.36
N GLN D 341 -20.30 25.89 38.76
CA GLN D 341 -19.19 26.45 39.49
C GLN D 341 -19.72 27.30 40.63
N PRO D 342 -19.11 27.24 41.83
CA PRO D 342 -19.56 28.04 42.95
C PRO D 342 -19.40 29.55 42.76
N ARG D 343 -20.41 30.30 43.21
CA ARG D 343 -20.36 31.75 43.25
C ARG D 343 -19.48 32.18 44.43
N PRO D 344 -18.62 33.20 44.26
CA PRO D 344 -17.84 33.70 45.39
C PRO D 344 -18.72 34.20 46.53
N PRO D 345 -18.19 34.35 47.76
CA PRO D 345 -19.01 34.86 48.86
C PRO D 345 -19.65 36.20 48.49
N ALA D 346 -20.98 36.29 48.60
CA ALA D 346 -21.71 37.48 48.18
C ALA D 346 -21.71 38.52 49.30
N ALA D 347 -21.31 39.77 48.97
CA ALA D 347 -21.33 40.89 49.89
C ALA D 347 -22.71 41.03 50.55
N THR D 348 -22.72 41.61 51.76
CA THR D 348 -23.91 41.64 52.61
C THR D 348 -25.08 42.19 51.81
N ILE D 349 -26.21 41.48 51.90
CA ILE D 349 -27.45 42.00 51.39
C ILE D 349 -28.39 42.17 52.58
N ASP D 350 -29.45 42.94 52.36
CA ASP D 350 -30.30 43.43 53.42
C ASP D 350 -31.48 42.48 53.59
N ILE D 351 -31.75 42.06 54.84
CA ILE D 351 -32.64 40.94 55.13
C ILE D 351 -34.08 41.18 54.67
N GLU D 352 -34.43 42.44 54.39
CA GLU D 352 -35.71 42.77 53.77
C GLU D 352 -35.71 42.28 52.32
N ALA D 353 -34.67 42.66 51.56
CA ALA D 353 -34.51 42.29 50.16
C ALA D 353 -34.72 40.80 49.95
N VAL D 354 -34.21 39.99 50.87
CA VAL D 354 -34.33 38.55 50.74
C VAL D 354 -35.80 38.13 50.95
N LEU D 355 -36.43 38.68 52.00
CA LEU D 355 -37.80 38.31 52.37
C LEU D 355 -38.77 38.65 51.23
N THR D 356 -38.46 39.77 50.54
CA THR D 356 -39.14 40.24 49.33
C THR D 356 -39.13 39.12 48.28
N ASP D 357 -37.89 38.74 47.89
CA ASP D 357 -37.59 37.70 46.91
C ASP D 357 -38.32 36.40 47.24
N TRP D 358 -38.30 35.95 48.50
CA TRP D 358 -38.98 34.71 48.84
C TRP D 358 -40.49 34.92 48.91
N ASP D 359 -40.99 35.98 48.25
CA ASP D 359 -42.37 36.44 48.32
C ASP D 359 -42.62 37.10 49.67
N MET E 1 -6.83 52.45 -17.18
CA MET E 1 -6.74 51.02 -16.81
C MET E 1 -5.65 50.33 -17.63
N ALA E 2 -4.74 49.62 -16.95
CA ALA E 2 -3.53 49.05 -17.55
C ALA E 2 -3.76 47.66 -18.11
N GLY E 3 -3.31 47.41 -19.34
CA GLY E 3 -3.21 46.06 -19.85
C GLY E 3 -3.77 45.99 -21.26
N PRO E 4 -3.60 44.87 -22.00
CA PRO E 4 -4.09 44.79 -23.37
C PRO E 4 -5.62 44.77 -23.56
N LEU E 5 -6.38 44.60 -22.46
CA LEU E 5 -7.83 44.47 -22.52
C LEU E 5 -8.48 45.74 -21.99
N SER E 6 -7.70 46.81 -21.85
CA SER E 6 -8.24 48.09 -21.47
C SER E 6 -9.37 48.44 -22.44
N GLY E 7 -10.49 48.88 -21.88
CA GLY E 7 -11.62 49.30 -22.71
C GLY E 7 -12.66 48.19 -22.84
N LEU E 8 -12.25 46.92 -22.90
CA LEU E 8 -13.17 45.79 -22.85
C LEU E 8 -14.05 45.85 -21.59
N ARG E 9 -15.36 45.65 -21.80
CA ARG E 9 -16.34 45.79 -20.74
C ARG E 9 -17.09 44.47 -20.55
N VAL E 10 -17.14 44.08 -19.28
CA VAL E 10 -17.51 42.72 -18.90
C VAL E 10 -18.48 42.84 -17.75
N VAL E 11 -19.62 42.16 -17.92
CA VAL E 11 -20.59 41.92 -16.87
C VAL E 11 -20.50 40.45 -16.46
N GLU E 12 -20.27 40.27 -15.15
CA GLU E 12 -20.15 38.98 -14.49
C GLU E 12 -21.32 38.75 -13.53
N LEU E 13 -22.10 37.70 -13.77
CA LEU E 13 -23.14 37.32 -12.83
C LEU E 13 -22.53 36.41 -11.77
N ALA E 14 -22.41 36.94 -10.55
CA ALA E 14 -21.69 36.26 -9.50
C ALA E 14 -21.97 34.76 -9.46
N GLY E 15 -20.88 33.98 -9.56
CA GLY E 15 -20.88 32.54 -9.40
C GLY E 15 -19.71 32.11 -8.49
N ILE E 16 -19.44 30.80 -8.44
CA ILE E 16 -18.31 30.26 -7.70
C ILE E 16 -17.38 29.49 -8.64
N GLY E 17 -16.08 29.52 -8.36
CA GLY E 17 -15.11 28.72 -9.11
C GLY E 17 -14.76 29.34 -10.46
N PRO E 18 -15.05 28.68 -11.59
CA PRO E 18 -14.46 29.11 -12.85
C PRO E 18 -14.97 30.46 -13.33
N GLY E 19 -16.26 30.76 -13.10
CA GLY E 19 -16.83 32.01 -13.57
C GLY E 19 -16.01 33.19 -13.09
N PRO E 20 -15.87 33.33 -11.77
CA PRO E 20 -15.12 34.45 -11.21
C PRO E 20 -13.62 34.37 -11.47
N HIS E 21 -13.10 33.19 -11.86
CA HIS E 21 -11.67 33.10 -12.08
C HIS E 21 -11.39 33.69 -13.45
N ALA E 22 -12.25 33.37 -14.41
CA ALA E 22 -12.13 33.96 -15.74
C ALA E 22 -12.30 35.47 -15.63
N ALA E 23 -13.23 35.92 -14.80
CA ALA E 23 -13.48 37.36 -14.74
C ALA E 23 -12.30 38.07 -14.07
N MET E 24 -11.61 37.36 -13.16
CA MET E 24 -10.43 37.91 -12.51
C MET E 24 -9.31 38.18 -13.51
N ILE E 25 -9.05 37.21 -14.37
CA ILE E 25 -8.01 37.31 -15.38
C ILE E 25 -8.35 38.45 -16.36
N LEU E 26 -9.64 38.60 -16.74
CA LEU E 26 -10.02 39.65 -17.67
C LEU E 26 -9.70 40.99 -17.01
N GLY E 27 -10.05 41.12 -15.74
CA GLY E 27 -9.72 42.31 -14.99
C GLY E 27 -8.22 42.48 -14.83
N ASP E 28 -7.52 41.38 -14.55
CA ASP E 28 -6.09 41.40 -14.37
C ASP E 28 -5.47 42.07 -15.61
N LEU E 29 -5.96 41.72 -16.80
CA LEU E 29 -5.38 42.22 -18.04
C LEU E 29 -6.03 43.55 -18.47
N GLY E 30 -6.67 44.25 -17.51
CA GLY E 30 -7.13 45.61 -17.72
C GLY E 30 -8.60 45.74 -18.14
N ALA E 31 -9.33 44.63 -18.30
CA ALA E 31 -10.75 44.69 -18.67
C ALA E 31 -11.56 45.39 -17.58
N ASP E 32 -12.66 46.04 -18.01
CA ASP E 32 -13.55 46.75 -17.12
C ASP E 32 -14.67 45.81 -16.67
N VAL E 33 -14.56 45.33 -15.42
CA VAL E 33 -15.33 44.17 -15.01
C VAL E 33 -16.29 44.59 -13.89
N VAL E 34 -17.58 44.34 -14.16
CA VAL E 34 -18.62 44.73 -13.23
C VAL E 34 -19.35 43.47 -12.82
N ARG E 35 -19.35 43.20 -11.51
CA ARG E 35 -19.83 41.93 -11.00
C ARG E 35 -21.14 42.12 -10.24
N ILE E 36 -22.22 41.54 -10.77
CA ILE E 36 -23.53 41.74 -10.18
C ILE E 36 -23.77 40.61 -9.18
N ASP E 37 -23.94 41.01 -7.92
CA ASP E 37 -24.15 40.05 -6.85
C ASP E 37 -25.53 40.30 -6.19
N ARG E 38 -26.11 39.23 -5.63
CA ARG E 38 -27.29 39.33 -4.78
C ARG E 38 -27.04 40.31 -3.64
N PRO E 39 -28.06 41.05 -3.14
CA PRO E 39 -27.87 41.83 -1.92
C PRO E 39 -27.48 41.00 -0.68
N SER E 40 -27.20 39.70 -0.87
CA SER E 40 -26.52 38.88 0.14
C SER E 40 -26.00 37.57 -0.49
N ILE E 45 -16.97 44.71 2.24
CA ILE E 45 -15.81 44.57 1.30
C ILE E 45 -15.33 43.11 1.33
N SER E 46 -15.15 42.51 0.15
CA SER E 46 -14.90 41.09 0.02
C SER E 46 -13.46 40.76 0.45
N ARG E 47 -13.29 39.64 1.18
CA ARG E 47 -11.97 39.24 1.64
C ARG E 47 -11.41 38.10 0.77
N ASP E 48 -12.13 37.73 -0.30
CA ASP E 48 -11.62 36.78 -1.28
C ASP E 48 -10.90 37.53 -2.40
N ALA E 49 -9.57 37.30 -2.46
CA ALA E 49 -8.71 37.95 -3.43
C ALA E 49 -9.06 37.55 -4.87
N MET E 50 -9.95 36.56 -5.08
CA MET E 50 -10.36 36.21 -6.44
C MET E 50 -11.27 37.30 -7.02
N LEU E 51 -11.75 38.21 -6.17
CA LEU E 51 -12.60 39.31 -6.58
C LEU E 51 -11.81 40.62 -6.76
N ARG E 52 -10.48 40.53 -6.85
CA ARG E 52 -9.66 41.67 -7.25
C ARG E 52 -10.02 42.12 -8.67
N ASN E 53 -9.70 43.39 -8.97
CA ASN E 53 -9.93 44.00 -10.28
C ASN E 53 -11.41 43.99 -10.68
N ARG E 54 -12.30 44.31 -9.73
CA ARG E 54 -13.73 44.35 -9.97
C ARG E 54 -14.32 45.70 -9.56
N ARG E 55 -15.51 45.99 -10.10
CA ARG E 55 -16.52 46.75 -9.37
C ARG E 55 -17.68 45.79 -9.02
N ILE E 56 -18.02 45.70 -7.72
CA ILE E 56 -19.11 44.87 -7.20
C ILE E 56 -20.39 45.70 -7.12
N VAL E 57 -21.49 45.18 -7.69
CA VAL E 57 -22.79 45.84 -7.55
C VAL E 57 -23.83 44.82 -7.05
N THR E 58 -24.81 45.34 -6.29
CA THR E 58 -25.96 44.62 -5.77
C THR E 58 -27.17 44.81 -6.66
N ALA E 59 -27.92 43.72 -6.90
CA ALA E 59 -29.22 43.78 -7.58
C ALA E 59 -29.94 42.43 -7.44
N ASP E 60 -31.18 42.48 -6.93
CA ASP E 60 -32.07 41.33 -6.94
C ASP E 60 -32.62 41.16 -8.36
N LEU E 61 -32.12 40.15 -9.08
CA LEU E 61 -32.43 39.95 -10.49
C LEU E 61 -33.81 39.32 -10.68
N LYS E 62 -34.39 38.80 -9.60
CA LYS E 62 -35.75 38.29 -9.62
C LYS E 62 -36.74 39.45 -9.61
N SER E 63 -36.40 40.57 -8.94
CA SER E 63 -37.23 41.77 -8.95
C SER E 63 -37.19 42.44 -10.32
N ASP E 64 -38.19 43.29 -10.62
CA ASP E 64 -38.40 43.83 -11.96
C ASP E 64 -37.42 44.96 -12.27
N GLN E 65 -37.04 45.72 -11.24
CA GLN E 65 -36.14 46.84 -11.42
C GLN E 65 -34.70 46.34 -11.55
N GLY E 66 -34.37 45.28 -10.80
CA GLY E 66 -33.09 44.60 -10.89
C GLY E 66 -32.81 44.12 -12.33
N LEU E 67 -33.74 43.37 -12.91
CA LEU E 67 -33.58 42.86 -14.26
C LEU E 67 -33.40 43.99 -15.28
N GLU E 68 -34.00 45.15 -14.97
CA GLU E 68 -33.96 46.26 -15.92
C GLU E 68 -32.59 46.94 -15.85
N LEU E 69 -32.09 47.18 -14.63
CA LEU E 69 -30.75 47.73 -14.41
C LEU E 69 -29.68 46.82 -15.02
N ALA E 70 -29.77 45.53 -14.71
CA ALA E 70 -28.86 44.52 -15.23
C ALA E 70 -28.89 44.53 -16.76
N LEU E 71 -30.08 44.64 -17.36
CA LEU E 71 -30.16 44.61 -18.81
C LEU E 71 -29.54 45.87 -19.44
N LYS E 72 -29.42 46.95 -18.66
CA LYS E 72 -28.84 48.18 -19.17
C LYS E 72 -27.32 48.07 -19.17
N LEU E 73 -26.73 47.61 -18.06
CA LEU E 73 -25.32 47.24 -18.03
C LEU E 73 -24.97 46.40 -19.25
N ILE E 74 -25.68 45.29 -19.43
CA ILE E 74 -25.36 44.35 -20.50
C ILE E 74 -25.44 45.04 -21.88
N ALA E 75 -26.34 46.02 -22.04
CA ALA E 75 -26.48 46.71 -23.32
C ALA E 75 -25.20 47.51 -23.65
N LYS E 76 -24.52 48.02 -22.60
CA LYS E 76 -23.30 48.81 -22.72
C LYS E 76 -22.01 47.96 -22.66
N ALA E 77 -22.09 46.62 -22.66
CA ALA E 77 -20.94 45.79 -22.37
C ALA E 77 -20.63 44.86 -23.55
N ASP E 78 -19.40 44.34 -23.57
CA ASP E 78 -18.95 43.47 -24.64
C ASP E 78 -19.18 41.99 -24.33
N VAL E 79 -19.13 41.70 -23.02
CA VAL E 79 -18.98 40.34 -22.58
C VAL E 79 -19.90 40.14 -21.39
N LEU E 80 -20.67 39.06 -21.43
CA LEU E 80 -21.34 38.63 -20.21
C LEU E 80 -20.89 37.22 -19.85
N ILE E 81 -20.62 37.07 -18.55
CA ILE E 81 -20.19 35.80 -17.98
C ILE E 81 -21.23 35.35 -16.96
N GLU E 82 -21.74 34.13 -17.17
CA GLU E 82 -22.61 33.52 -16.17
C GLU E 82 -22.20 32.06 -15.99
N GLY E 83 -22.30 31.57 -14.74
CA GLY E 83 -21.97 30.19 -14.45
C GLY E 83 -23.01 29.47 -13.62
N TYR E 84 -24.30 29.72 -13.92
CA TYR E 84 -25.43 29.02 -13.32
C TYR E 84 -25.76 27.79 -14.16
N ARG E 85 -26.66 26.96 -13.62
CA ARG E 85 -27.15 25.83 -14.39
C ARG E 85 -27.83 26.38 -15.63
N PRO E 86 -27.83 25.63 -16.74
CA PRO E 86 -28.56 26.06 -17.93
C PRO E 86 -30.03 26.33 -17.63
N GLY E 87 -30.57 27.39 -18.24
CA GLY E 87 -31.97 27.75 -18.05
C GLY E 87 -32.15 28.78 -16.93
N VAL E 88 -31.14 28.96 -16.06
CA VAL E 88 -31.28 29.87 -14.93
C VAL E 88 -31.29 31.32 -15.41
N THR E 89 -30.39 31.69 -16.34
CA THR E 89 -30.45 33.03 -16.87
C THR E 89 -31.73 33.14 -17.69
N GLU E 90 -32.12 32.10 -18.44
CA GLU E 90 -33.31 32.20 -19.26
C GLU E 90 -34.47 32.65 -18.34
N ARG E 91 -34.68 31.95 -17.22
CA ARG E 91 -35.81 32.23 -16.35
C ARG E 91 -35.72 33.65 -15.80
N LEU E 92 -34.53 34.15 -15.45
CA LEU E 92 -34.43 35.50 -14.91
C LEU E 92 -34.81 36.53 -15.99
N GLY E 93 -34.74 36.12 -17.27
CA GLY E 93 -34.90 37.01 -18.42
C GLY E 93 -33.58 37.64 -18.83
N LEU E 94 -32.47 36.97 -18.48
CA LEU E 94 -31.12 37.36 -18.82
C LEU E 94 -30.52 36.36 -19.79
N GLY E 95 -31.38 35.58 -20.45
CA GLY E 95 -30.97 34.57 -21.42
C GLY E 95 -30.24 35.20 -22.61
N PRO E 96 -29.55 34.39 -23.43
CA PRO E 96 -28.89 34.90 -24.62
C PRO E 96 -29.83 35.77 -25.45
N GLU E 97 -31.04 35.24 -25.72
CA GLU E 97 -31.99 35.86 -26.64
C GLU E 97 -32.46 37.22 -26.17
N GLU E 98 -32.86 37.30 -24.89
CA GLU E 98 -33.19 38.56 -24.25
C GLU E 98 -32.03 39.55 -24.31
N CYS E 99 -30.81 39.06 -24.05
CA CYS E 99 -29.64 39.92 -24.03
C CYS E 99 -29.43 40.45 -25.46
N ALA E 100 -29.63 39.57 -26.45
CA ALA E 100 -29.43 39.88 -27.85
C ALA E 100 -30.37 41.01 -28.31
N LYS E 101 -31.53 41.11 -27.67
CA LYS E 101 -32.47 42.18 -27.97
C LYS E 101 -31.81 43.52 -27.67
N VAL E 102 -31.14 43.64 -26.53
CA VAL E 102 -30.61 44.95 -26.12
C VAL E 102 -29.14 45.13 -26.51
N ASN E 103 -28.54 44.19 -27.28
CA ASN E 103 -27.11 44.27 -27.61
C ASN E 103 -26.66 43.14 -28.53
N ASP E 104 -26.83 43.30 -29.86
CA ASP E 104 -26.55 42.23 -30.81
C ASP E 104 -25.04 41.97 -30.96
N ARG E 105 -24.21 42.67 -30.17
CA ARG E 105 -22.77 42.48 -30.28
C ARG E 105 -22.18 41.74 -29.07
N LEU E 106 -23.03 41.28 -28.14
CA LEU E 106 -22.59 40.76 -26.86
C LEU E 106 -21.96 39.38 -27.05
N ILE E 107 -20.84 39.17 -26.36
CA ILE E 107 -20.29 37.82 -26.24
C ILE E 107 -20.93 37.22 -24.99
N TYR E 108 -21.69 36.15 -25.23
CA TYR E 108 -22.48 35.52 -24.17
C TYR E 108 -21.77 34.25 -23.73
N ALA E 109 -21.17 34.31 -22.53
CA ALA E 109 -20.24 33.26 -22.12
C ALA E 109 -20.81 32.46 -20.96
N ARG E 110 -21.07 31.19 -21.25
CA ARG E 110 -21.73 30.27 -20.35
C ARG E 110 -20.77 29.19 -19.84
N MET E 111 -20.49 29.29 -18.53
CA MET E 111 -19.50 28.48 -17.81
C MET E 111 -20.19 27.38 -17.00
N THR E 112 -20.10 26.14 -17.48
CA THR E 112 -20.75 25.05 -16.77
C THR E 112 -19.77 23.89 -16.67
N GLY E 113 -20.20 22.86 -15.91
CA GLY E 113 -19.46 21.64 -15.78
C GLY E 113 -19.79 20.69 -16.91
N TRP E 114 -21.10 20.40 -17.04
CA TRP E 114 -21.55 19.35 -17.94
C TRP E 114 -21.94 19.89 -19.32
N GLY E 115 -22.07 21.20 -19.48
CA GLY E 115 -22.58 21.73 -20.75
C GLY E 115 -24.05 22.15 -20.69
N GLN E 116 -24.54 22.62 -21.85
CA GLN E 116 -25.81 23.31 -21.92
C GLN E 116 -26.92 22.30 -22.10
N THR E 117 -26.61 21.13 -22.69
CA THR E 117 -27.63 20.12 -22.93
C THR E 117 -27.07 18.74 -22.59
N GLY E 118 -27.93 17.74 -22.68
CA GLY E 118 -27.57 16.35 -22.47
C GLY E 118 -28.02 15.92 -21.08
N PRO E 119 -27.97 14.59 -20.83
CA PRO E 119 -28.57 13.98 -19.63
C PRO E 119 -28.08 14.54 -18.30
N ARG E 120 -26.84 15.03 -18.25
CA ARG E 120 -26.32 15.48 -16.97
C ARG E 120 -26.39 17.00 -16.86
N SER E 121 -27.01 17.67 -17.84
CA SER E 121 -26.90 19.11 -17.92
C SER E 121 -27.47 19.79 -16.70
N GLN E 122 -28.36 19.10 -15.97
CA GLN E 122 -28.94 19.72 -14.78
C GLN E 122 -28.39 19.11 -13.49
N GLN E 123 -27.57 18.05 -13.53
CA GLN E 123 -26.99 17.54 -12.29
C GLN E 123 -26.02 18.51 -11.62
N ALA E 124 -26.11 18.61 -10.29
CA ALA E 124 -25.08 19.27 -9.50
C ALA E 124 -23.75 18.51 -9.65
N GLY E 125 -22.66 19.22 -9.43
CA GLY E 125 -21.34 18.69 -9.67
C GLY E 125 -20.25 19.63 -9.19
N HIS E 126 -19.06 19.05 -9.00
CA HIS E 126 -17.85 19.82 -8.75
C HIS E 126 -16.73 19.24 -9.61
N ASP E 127 -15.56 19.89 -9.53
CA ASP E 127 -14.43 19.58 -10.39
C ASP E 127 -14.23 18.08 -10.47
N ILE E 128 -14.17 17.44 -9.30
CA ILE E 128 -13.82 16.03 -9.23
C ILE E 128 -14.76 15.15 -10.05
N ASN E 129 -16.03 15.55 -10.15
CA ASN E 129 -17.02 14.80 -10.90
C ASN E 129 -16.77 14.92 -12.42
N TYR E 130 -16.49 16.13 -12.88
CA TYR E 130 -16.31 16.34 -14.32
C TYR E 130 -15.09 15.55 -14.82
N ILE E 131 -14.02 15.53 -14.00
CA ILE E 131 -12.79 14.87 -14.41
C ILE E 131 -12.88 13.37 -14.18
N SER E 132 -13.88 12.90 -13.40
CA SER E 132 -14.09 11.45 -13.25
C SER E 132 -14.62 10.79 -14.53
N LEU E 133 -15.38 11.58 -15.32
CA LEU E 133 -16.21 11.04 -16.37
C LEU E 133 -15.48 10.96 -17.71
N ASN E 134 -14.36 11.67 -17.83
CA ASN E 134 -13.66 11.80 -19.09
C ASN E 134 -12.25 11.19 -19.01
N GLY E 135 -12.00 10.40 -17.96
CA GLY E 135 -10.81 9.56 -17.89
C GLY E 135 -9.61 10.20 -17.20
N ILE E 136 -9.72 11.48 -16.85
CA ILE E 136 -8.63 12.24 -16.27
C ILE E 136 -8.31 11.78 -14.84
N LEU E 137 -9.31 11.81 -13.96
CA LEU E 137 -9.09 11.51 -12.56
C LEU E 137 -8.50 10.11 -12.43
N HIS E 138 -8.93 9.20 -13.29
CA HIS E 138 -8.48 7.83 -13.20
C HIS E 138 -6.96 7.76 -13.37
N ALA E 139 -6.39 8.73 -14.06
CA ALA E 139 -4.99 8.61 -14.48
C ALA E 139 -4.03 9.19 -13.47
N ILE E 140 -4.56 9.83 -12.40
CA ILE E 140 -3.78 10.61 -11.47
C ILE E 140 -3.62 9.89 -10.13
N GLY E 141 -2.36 9.67 -9.74
CA GLY E 141 -1.98 9.11 -8.44
C GLY E 141 -1.16 7.84 -8.59
N ARG E 142 -0.77 7.25 -7.46
CA ARG E 142 -0.01 6.02 -7.46
C ARG E 142 -0.86 4.81 -7.90
N GLY E 143 -0.18 3.86 -8.53
CA GLY E 143 -0.80 2.67 -9.12
C GLY E 143 -1.47 1.76 -8.08
N ASP E 144 -0.92 1.70 -6.88
CA ASP E 144 -1.47 0.81 -5.86
C ASP E 144 -2.54 1.50 -5.02
N GLU E 145 -3.15 2.60 -5.50
CA GLU E 145 -3.98 3.42 -4.62
C GLU E 145 -5.14 4.06 -5.39
N ARG E 146 -6.08 4.58 -4.64
CA ARG E 146 -7.22 5.16 -5.29
C ARG E 146 -6.83 6.51 -5.88
N PRO E 147 -7.43 6.91 -7.02
CA PRO E 147 -7.05 8.14 -7.69
C PRO E 147 -7.08 9.32 -6.72
N VAL E 148 -6.22 10.32 -6.97
CA VAL E 148 -6.17 11.47 -6.10
C VAL E 148 -6.54 12.71 -6.92
N PRO E 149 -7.42 13.57 -6.39
CA PRO E 149 -7.81 14.78 -7.08
C PRO E 149 -6.66 15.76 -7.13
N PRO E 150 -6.39 16.31 -8.32
CA PRO E 150 -5.39 17.34 -8.48
C PRO E 150 -5.95 18.71 -8.09
N LEU E 151 -6.28 18.84 -6.80
CA LEU E 151 -7.13 19.90 -6.31
C LEU E 151 -8.29 20.06 -7.30
N ASN E 152 -8.73 21.30 -7.49
CA ASN E 152 -9.69 21.64 -8.53
C ASN E 152 -9.02 22.39 -9.66
N LEU E 153 -7.83 21.95 -10.06
CA LEU E 153 -7.01 22.70 -11.00
C LEU E 153 -7.41 22.34 -12.41
N VAL E 154 -7.80 21.10 -12.64
CA VAL E 154 -7.94 20.63 -13.99
C VAL E 154 -9.34 20.86 -14.54
N GLY E 155 -10.39 20.78 -13.72
CA GLY E 155 -11.75 20.95 -14.25
C GLY E 155 -12.18 22.41 -14.17
N ASP E 156 -12.18 22.96 -12.96
CA ASP E 156 -12.51 24.36 -12.78
C ASP E 156 -11.62 25.30 -13.59
N PHE E 157 -10.27 25.17 -13.48
CA PHE E 157 -9.43 26.26 -13.98
C PHE E 157 -8.84 25.86 -15.33
N GLY E 158 -7.91 24.91 -15.34
CA GLY E 158 -7.27 24.51 -16.59
C GLY E 158 -8.29 24.28 -17.70
N GLY E 159 -9.34 23.53 -17.38
CA GLY E 159 -10.22 23.02 -18.41
C GLY E 159 -11.57 23.73 -18.38
N GLY E 160 -11.65 24.77 -17.56
CA GLY E 160 -12.90 25.46 -17.28
C GLY E 160 -12.77 26.94 -17.62
N SER E 161 -12.40 27.74 -16.62
CA SER E 161 -12.18 29.17 -16.76
C SER E 161 -11.26 29.48 -17.94
N MET E 162 -10.15 28.77 -18.08
CA MET E 162 -9.21 29.13 -19.13
C MET E 162 -9.87 28.96 -20.49
N PHE E 163 -10.71 27.94 -20.66
CA PHE E 163 -11.35 27.73 -21.95
C PHE E 163 -12.49 28.72 -22.19
N LEU E 164 -13.16 29.16 -21.11
CA LEU E 164 -14.08 30.28 -21.19
C LEU E 164 -13.34 31.50 -21.73
N LEU E 165 -12.15 31.80 -21.18
CA LEU E 165 -11.35 32.92 -21.66
C LEU E 165 -11.05 32.78 -23.16
N VAL E 166 -10.56 31.62 -23.57
CA VAL E 166 -10.18 31.46 -24.95
C VAL E 166 -11.40 31.67 -25.86
N GLY E 167 -12.57 31.22 -25.39
CA GLY E 167 -13.81 31.35 -26.16
C GLY E 167 -14.22 32.81 -26.32
N ILE E 168 -14.22 33.54 -25.21
CA ILE E 168 -14.52 34.96 -25.17
C ILE E 168 -13.63 35.74 -26.13
N LEU E 169 -12.31 35.57 -26.00
CA LEU E 169 -11.35 36.33 -26.79
C LEU E 169 -11.40 35.89 -28.25
N ALA E 170 -11.55 34.60 -28.52
CA ALA E 170 -11.69 34.15 -29.89
C ALA E 170 -13.01 34.65 -30.50
N ALA E 171 -14.01 34.92 -29.67
CA ALA E 171 -15.29 35.39 -30.17
C ALA E 171 -15.17 36.87 -30.52
N LEU E 172 -14.46 37.63 -29.66
CA LEU E 172 -14.20 39.05 -29.89
C LEU E 172 -13.44 39.28 -31.17
N TRP E 173 -12.55 38.35 -31.52
CA TRP E 173 -11.82 38.46 -32.78
C TRP E 173 -12.78 38.33 -33.95
N GLU E 174 -13.54 37.23 -33.96
CA GLU E 174 -14.57 36.98 -34.96
C GLU E 174 -15.50 38.19 -35.12
N ARG E 175 -15.81 38.87 -34.02
CA ARG E 175 -16.70 40.02 -34.03
C ARG E 175 -16.13 41.19 -34.82
N GLN E 176 -14.82 41.46 -34.66
CA GLN E 176 -14.17 42.51 -35.41
C GLN E 176 -14.48 42.31 -36.90
N SER E 177 -14.72 41.07 -37.31
CA SER E 177 -14.90 40.70 -38.70
C SER E 177 -16.38 40.61 -39.10
N SER E 178 -17.28 40.32 -38.16
CA SER E 178 -18.67 40.03 -38.52
C SER E 178 -19.65 41.02 -37.89
N GLY E 179 -19.18 41.86 -36.95
CA GLY E 179 -20.00 42.84 -36.25
C GLY E 179 -20.91 42.24 -35.18
N LYS E 180 -21.10 40.90 -35.17
CA LYS E 180 -22.05 40.22 -34.28
C LYS E 180 -21.37 39.48 -33.13
N GLY E 181 -22.07 39.42 -31.98
CA GLY E 181 -21.73 38.54 -30.89
C GLY E 181 -22.16 37.09 -31.17
N GLN E 182 -22.15 36.27 -30.11
CA GLN E 182 -22.56 34.87 -30.19
C GLN E 182 -22.41 34.29 -28.79
N VAL E 183 -22.82 33.03 -28.65
CA VAL E 183 -22.83 32.39 -27.35
C VAL E 183 -21.62 31.45 -27.24
N VAL E 184 -20.94 31.54 -26.09
CA VAL E 184 -19.84 30.63 -25.80
C VAL E 184 -20.26 29.61 -24.75
N ASP E 185 -20.33 28.34 -25.17
CA ASP E 185 -20.60 27.21 -24.30
C ASP E 185 -19.29 26.51 -23.89
N ALA E 186 -18.78 26.89 -22.69
CA ALA E 186 -17.58 26.30 -22.07
C ALA E 186 -17.96 25.32 -20.96
N ALA E 187 -17.88 24.03 -21.29
CA ALA E 187 -18.09 22.96 -20.35
C ALA E 187 -16.75 22.35 -19.88
N MET E 188 -16.54 22.31 -18.55
CA MET E 188 -15.38 21.73 -17.88
C MET E 188 -15.06 20.34 -18.42
N VAL E 189 -16.09 19.52 -18.68
CA VAL E 189 -15.87 18.18 -19.17
C VAL E 189 -15.25 18.22 -20.57
N ASP E 190 -15.46 19.31 -21.31
CA ASP E 190 -14.96 19.41 -22.68
C ASP E 190 -13.53 19.96 -22.65
N GLY E 191 -13.39 21.11 -22.02
CA GLY E 191 -12.12 21.80 -21.91
C GLY E 191 -11.04 20.90 -21.33
N SER E 192 -11.38 20.19 -20.23
CA SER E 192 -10.43 19.36 -19.52
C SER E 192 -10.01 18.26 -20.46
N SER E 193 -10.90 17.85 -21.39
CA SER E 193 -10.59 16.80 -22.35
C SER E 193 -9.57 17.30 -23.39
N VAL E 194 -9.67 18.57 -23.77
CA VAL E 194 -8.75 19.14 -24.74
C VAL E 194 -7.44 19.38 -24.00
N LEU E 195 -7.55 19.73 -22.73
CA LEU E 195 -6.38 19.99 -21.92
C LEU E 195 -5.50 18.74 -21.91
N ILE E 196 -6.12 17.57 -21.98
CA ILE E 196 -5.39 16.32 -21.87
C ILE E 196 -5.29 15.62 -23.25
N GLN E 197 -5.35 16.41 -24.33
CA GLN E 197 -5.29 15.83 -25.67
C GLN E 197 -4.01 14.99 -25.87
N MET E 198 -2.88 15.43 -25.31
CA MET E 198 -1.64 14.69 -25.42
C MET E 198 -1.81 13.22 -25.04
N MET E 199 -2.46 12.98 -23.90
CA MET E 199 -2.62 11.62 -23.41
C MET E 199 -3.48 10.83 -24.38
N TRP E 200 -4.50 11.49 -24.93
CA TRP E 200 -5.37 10.81 -25.89
C TRP E 200 -4.59 10.46 -27.16
N ALA E 201 -3.66 11.34 -27.58
CA ALA E 201 -2.80 11.08 -28.73
C ALA E 201 -1.87 9.91 -28.46
N MET E 202 -1.10 10.02 -27.38
CA MET E 202 -0.15 8.98 -27.01
C MET E 202 -0.87 7.64 -26.91
N ARG E 203 -2.14 7.68 -26.48
CA ARG E 203 -2.91 6.47 -26.25
C ARG E 203 -3.11 5.73 -27.57
N ALA E 204 -3.41 6.50 -28.61
CA ALA E 204 -3.66 5.98 -29.94
C ALA E 204 -2.40 5.33 -30.53
N THR E 205 -1.22 5.85 -30.19
CA THR E 205 0.01 5.37 -30.78
C THR E 205 0.73 4.45 -29.79
N GLY E 206 0.00 3.86 -28.85
CA GLY E 206 0.54 2.87 -27.93
C GLY E 206 1.56 3.40 -26.90
N MET E 207 1.72 4.72 -26.75
CA MET E 207 2.69 5.31 -25.83
C MET E 207 2.06 5.79 -24.50
N TRP E 208 0.82 5.38 -24.19
CA TRP E 208 0.22 5.69 -22.90
C TRP E 208 -0.77 4.59 -22.53
N THR E 209 -0.64 3.96 -21.35
CA THR E 209 -1.64 2.99 -20.90
C THR E 209 -2.59 3.59 -19.87
N ASP E 210 -3.72 2.87 -19.72
CA ASP E 210 -4.75 3.20 -18.76
C ASP E 210 -4.38 2.72 -17.37
N THR E 211 -3.30 1.93 -17.26
CA THR E 211 -2.75 1.64 -15.94
C THR E 211 -2.21 2.91 -15.29
N ARG E 212 -2.72 3.19 -14.10
CA ARG E 212 -2.30 4.31 -13.30
C ARG E 212 -0.91 4.06 -12.74
N GLY E 213 -0.04 5.07 -12.81
CA GLY E 213 1.28 4.99 -12.20
C GLY E 213 2.27 4.16 -13.00
N ALA E 214 2.01 4.00 -14.30
CA ALA E 214 2.87 3.20 -15.16
C ALA E 214 3.24 3.92 -16.45
N ASN E 215 3.18 5.25 -16.49
CA ASN E 215 3.43 5.99 -17.72
C ASN E 215 4.60 6.95 -17.53
N MET E 216 4.97 7.67 -18.60
CA MET E 216 6.15 8.52 -18.54
C MET E 216 5.92 9.73 -17.62
N LEU E 217 4.67 10.22 -17.49
CA LEU E 217 4.41 11.50 -16.86
C LEU E 217 3.44 11.43 -15.68
N ASP E 218 3.08 10.22 -15.21
CA ASP E 218 2.14 10.09 -14.09
C ASP E 218 2.84 9.76 -12.78
N GLY E 219 4.18 9.68 -12.80
CA GLY E 219 4.90 9.36 -11.60
C GLY E 219 5.49 7.96 -11.71
N GLY E 220 5.10 7.25 -12.76
CA GLY E 220 5.65 5.93 -13.05
C GLY E 220 7.14 5.92 -13.40
N ALA E 221 7.61 6.92 -14.16
CA ALA E 221 9.00 6.96 -14.59
C ALA E 221 9.90 7.42 -13.43
N PRO E 222 10.97 6.67 -13.09
CA PRO E 222 11.87 7.10 -12.04
C PRO E 222 12.52 8.45 -12.26
N TYR E 223 12.58 8.88 -13.52
CA TYR E 223 13.21 10.14 -13.87
C TYR E 223 12.17 11.25 -13.99
N TYR E 224 10.89 10.96 -13.70
CA TYR E 224 9.84 11.97 -13.73
C TYR E 224 8.93 11.75 -12.54
N ASP E 225 9.37 12.25 -11.37
CA ASP E 225 8.74 11.94 -10.10
C ASP E 225 9.37 12.81 -9.02
N THR E 226 8.83 12.73 -7.81
CA THR E 226 9.44 13.33 -6.64
C THR E 226 10.21 12.26 -5.87
N TYR E 227 11.17 12.74 -5.06
CA TYR E 227 11.96 11.90 -4.19
C TYR E 227 12.08 12.59 -2.85
N GLU E 228 12.00 11.77 -1.81
CA GLU E 228 12.14 12.26 -0.47
C GLU E 228 13.63 12.37 -0.13
N CYS E 229 14.01 13.44 0.59
CA CYS E 229 15.40 13.76 0.92
C CYS E 229 15.67 13.44 2.39
N ALA E 230 16.90 13.67 2.85
CA ALA E 230 17.28 13.27 4.21
C ALA E 230 16.46 14.00 5.25
N ASP E 231 15.97 15.20 4.93
CA ASP E 231 15.28 16.01 5.93
C ASP E 231 13.77 15.73 5.91
N GLY E 232 13.30 14.86 5.03
CA GLY E 232 11.88 14.59 4.92
C GLY E 232 11.16 15.53 3.96
N ARG E 233 11.87 16.50 3.37
CA ARG E 233 11.33 17.32 2.29
C ARG E 233 11.66 16.66 0.95
N TYR E 234 11.20 17.28 -0.15
CA TYR E 234 11.19 16.58 -1.42
C TYR E 234 11.88 17.37 -2.49
N VAL E 235 12.33 16.63 -3.52
CA VAL E 235 12.74 17.20 -4.78
C VAL E 235 11.89 16.64 -5.90
N ALA E 236 11.77 17.42 -6.97
CA ALA E 236 11.21 16.94 -8.21
C ALA E 236 12.30 16.70 -9.23
N VAL E 237 12.17 15.56 -9.92
CA VAL E 237 13.04 15.17 -11.01
C VAL E 237 12.22 15.10 -12.29
N GLY E 238 12.74 15.73 -13.36
CA GLY E 238 12.03 15.80 -14.62
C GLY E 238 12.94 15.58 -15.81
N ALA E 239 13.88 14.65 -15.63
CA ALA E 239 15.00 14.52 -16.53
C ALA E 239 14.66 13.49 -17.59
N ILE E 240 13.85 13.94 -18.55
CA ILE E 240 13.35 13.08 -19.60
C ILE E 240 14.45 12.84 -20.64
N GLU E 241 15.07 13.94 -21.11
CA GLU E 241 16.06 13.88 -22.19
C GLU E 241 17.30 13.18 -21.66
N PRO E 242 17.87 12.22 -22.42
CA PRO E 242 19.00 11.44 -21.91
C PRO E 242 20.12 12.28 -21.33
N GLN E 243 20.35 13.45 -21.90
CA GLN E 243 21.54 14.22 -21.61
C GLN E 243 21.34 14.92 -20.28
N PHE E 244 20.10 15.31 -20.00
CA PHE E 244 19.76 15.89 -18.72
C PHE E 244 19.71 14.79 -17.66
N TYR E 245 19.22 13.60 -18.05
CA TYR E 245 19.25 12.45 -17.15
C TYR E 245 20.71 12.16 -16.79
N ALA E 246 21.63 12.08 -17.76
CA ALA E 246 23.03 11.77 -17.44
C ALA E 246 23.58 12.82 -16.47
N ALA E 247 23.25 14.08 -16.72
CA ALA E 247 23.71 15.13 -15.84
C ALA E 247 23.25 14.88 -14.41
N MET E 248 22.01 14.41 -14.28
CA MET E 248 21.48 14.17 -12.95
C MET E 248 22.25 13.04 -12.24
N LEU E 249 22.51 11.94 -12.95
CA LEU E 249 23.21 10.82 -12.33
C LEU E 249 24.58 11.27 -11.83
N ALA E 250 25.27 12.05 -12.65
CA ALA E 250 26.59 12.53 -12.27
C ALA E 250 26.53 13.41 -11.03
N GLY E 251 25.47 14.21 -10.90
CA GLY E 251 25.34 15.04 -9.71
C GLY E 251 25.01 14.22 -8.48
N LEU E 252 24.39 13.05 -8.68
CA LEU E 252 24.07 12.12 -7.59
C LEU E 252 25.25 11.20 -7.26
N GLY E 253 26.34 11.30 -8.02
CA GLY E 253 27.51 10.50 -7.76
C GLY E 253 27.25 9.07 -8.22
N LEU E 254 26.32 8.87 -9.16
CA LEU E 254 26.02 7.53 -9.62
C LEU E 254 26.63 7.36 -10.99
N ASP E 255 27.15 6.18 -11.21
CA ASP E 255 27.85 5.83 -12.41
C ASP E 255 26.82 5.18 -13.32
N ALA E 256 26.61 5.73 -14.51
CA ALA E 256 25.62 5.22 -15.45
C ALA E 256 25.83 3.74 -15.75
N ALA E 257 27.08 3.29 -15.63
CA ALA E 257 27.47 1.94 -16.03
C ALA E 257 26.90 0.91 -15.07
N GLU E 258 26.62 1.31 -13.82
CA GLU E 258 26.09 0.38 -12.83
C GLU E 258 24.56 0.39 -12.78
N LEU E 259 23.86 1.29 -13.50
CA LEU E 259 22.41 1.42 -13.38
C LEU E 259 21.74 0.76 -14.56
N PRO E 260 20.45 0.34 -14.43
CA PRO E 260 19.72 -0.13 -15.58
C PRO E 260 19.42 1.01 -16.54
N PRO E 261 19.17 0.72 -17.82
CA PRO E 261 18.83 1.76 -18.77
C PRO E 261 17.67 2.66 -18.32
N GLN E 262 17.71 3.92 -18.74
CA GLN E 262 16.72 4.90 -18.31
C GLN E 262 15.30 4.46 -18.67
N ASN E 263 15.13 3.88 -19.86
CA ASN E 263 13.80 3.57 -20.36
C ASN E 263 13.54 2.08 -20.46
N ASP E 264 14.25 1.27 -19.64
CA ASP E 264 13.86 -0.14 -19.48
C ASP E 264 12.79 -0.21 -18.39
N ARG E 265 11.53 -0.19 -18.81
CA ARG E 265 10.43 -0.09 -17.87
C ARG E 265 10.43 -1.29 -16.91
N ALA E 266 10.89 -2.47 -17.34
CA ALA E 266 10.85 -3.65 -16.49
C ALA E 266 11.73 -3.44 -15.26
N ARG E 267 12.77 -2.61 -15.41
CA ARG E 267 13.75 -2.43 -14.36
C ARG E 267 13.60 -1.09 -13.64
N TRP E 268 12.49 -0.39 -13.86
CA TRP E 268 12.23 0.86 -13.20
C TRP E 268 12.18 0.72 -11.69
N PRO E 269 11.57 -0.34 -11.09
CA PRO E 269 11.63 -0.46 -9.63
C PRO E 269 13.07 -0.49 -9.11
N GLU E 270 13.95 -1.22 -9.81
CA GLU E 270 15.38 -1.27 -9.48
C GLU E 270 16.02 0.13 -9.62
N LEU E 271 15.81 0.79 -10.78
CA LEU E 271 16.26 2.16 -10.97
C LEU E 271 15.76 3.10 -9.87
N ARG E 272 14.46 3.02 -9.53
CA ARG E 272 13.88 3.93 -8.56
C ARG E 272 14.51 3.70 -7.19
N ALA E 273 14.83 2.43 -6.84
CA ALA E 273 15.44 2.19 -5.55
C ALA E 273 16.83 2.84 -5.46
N LEU E 274 17.62 2.82 -6.55
CA LEU E 274 18.95 3.37 -6.53
C LEU E 274 18.88 4.90 -6.41
N LEU E 275 17.97 5.52 -7.18
CA LEU E 275 17.71 6.96 -7.10
C LEU E 275 17.19 7.35 -5.70
N THR E 276 16.32 6.52 -5.13
CA THR E 276 15.73 6.81 -3.84
C THR E 276 16.83 6.92 -2.80
N GLU E 277 17.73 5.91 -2.73
CA GLU E 277 18.84 5.89 -1.79
C GLU E 277 19.73 7.12 -1.98
N ALA E 278 20.03 7.49 -3.23
CA ALA E 278 20.92 8.64 -3.47
C ALA E 278 20.28 9.92 -2.97
N PHE E 279 19.01 10.16 -3.29
CA PHE E 279 18.40 11.42 -2.88
C PHE E 279 18.19 11.44 -1.38
N ALA E 280 17.97 10.27 -0.76
CA ALA E 280 17.74 10.19 0.68
C ALA E 280 18.99 10.52 1.51
N SER E 281 20.17 10.61 0.87
CA SER E 281 21.42 10.82 1.57
C SER E 281 21.73 12.30 1.82
N HIS E 282 21.07 13.24 1.15
CA HIS E 282 21.22 14.65 1.48
C HIS E 282 19.86 15.32 1.59
N ASP E 283 19.84 16.52 2.16
CA ASP E 283 18.62 17.22 2.40
C ASP E 283 18.21 18.02 1.16
N ARG E 284 17.00 18.60 1.17
CA ARG E 284 16.44 19.12 -0.05
C ARG E 284 17.30 20.28 -0.57
N ASP E 285 17.74 21.10 0.36
CA ASP E 285 18.46 22.34 0.03
C ASP E 285 19.84 22.01 -0.53
N HIS E 286 20.51 21.00 0.02
CA HIS E 286 21.72 20.50 -0.59
C HIS E 286 21.51 20.25 -2.10
N TRP E 287 20.42 19.55 -2.45
CA TRP E 287 20.23 19.14 -3.84
C TRP E 287 19.94 20.35 -4.72
N GLY E 288 19.28 21.36 -4.14
CA GLY E 288 18.94 22.59 -4.83
C GLY E 288 20.19 23.36 -5.20
N ALA E 289 21.18 23.37 -4.31
CA ALA E 289 22.50 23.95 -4.54
C ALA E 289 23.25 23.19 -5.63
N VAL E 290 23.55 21.94 -5.35
CA VAL E 290 24.25 21.07 -6.28
C VAL E 290 23.74 21.24 -7.70
N PHE E 291 22.41 21.38 -7.88
CA PHE E 291 21.84 21.33 -9.22
C PHE E 291 21.45 22.71 -9.77
N ALA E 292 21.63 23.77 -8.99
CA ALA E 292 21.47 25.12 -9.53
C ALA E 292 22.38 25.30 -10.75
N ASN E 293 21.80 25.85 -11.82
CA ASN E 293 22.45 26.15 -13.08
C ASN E 293 22.66 24.90 -13.92
N SER E 294 22.19 23.72 -13.46
CA SER E 294 22.28 22.52 -14.28
C SER E 294 20.99 22.31 -15.06
N ASP E 295 21.14 21.51 -16.10
CA ASP E 295 20.04 20.96 -16.86
C ASP E 295 19.63 19.56 -16.37
N ALA E 296 19.96 19.23 -15.12
CA ALA E 296 19.62 17.93 -14.55
C ALA E 296 18.10 17.80 -14.34
N CYS E 297 17.39 18.92 -14.39
CA CYS E 297 15.94 18.94 -14.19
C CYS E 297 15.56 18.48 -12.78
N VAL E 298 16.23 19.05 -11.78
CA VAL E 298 16.03 18.69 -10.39
C VAL E 298 15.77 20.00 -9.69
N THR E 299 14.66 20.09 -8.93
CA THR E 299 14.25 21.30 -8.27
C THR E 299 13.69 20.96 -6.89
N PRO E 300 13.82 21.86 -5.92
CA PRO E 300 13.19 21.65 -4.63
C PRO E 300 11.67 21.77 -4.74
N VAL E 301 10.97 20.89 -4.00
CA VAL E 301 9.52 21.01 -3.93
C VAL E 301 9.18 21.94 -2.79
N LEU E 302 8.80 23.18 -3.12
CA LEU E 302 8.51 24.19 -2.11
C LEU E 302 7.02 24.16 -1.72
N ALA E 303 6.77 24.31 -0.43
CA ALA E 303 5.44 24.54 0.09
C ALA E 303 5.06 26.00 -0.10
N PHE E 304 3.75 26.28 -0.15
CA PHE E 304 3.24 27.62 -0.39
C PHE E 304 4.02 28.62 0.47
N GLY E 305 4.15 28.34 1.76
CA GLY E 305 4.75 29.29 2.69
C GLY E 305 6.21 29.64 2.38
N GLU E 306 6.93 28.82 1.59
CA GLU E 306 8.34 29.02 1.33
C GLU E 306 8.57 29.69 -0.02
N VAL E 307 7.53 29.74 -0.86
CA VAL E 307 7.66 30.20 -2.22
C VAL E 307 8.20 31.62 -2.27
N HIS E 308 7.74 32.46 -1.33
CA HIS E 308 8.12 33.87 -1.29
C HIS E 308 9.64 34.05 -1.11
N ASN E 309 10.33 33.05 -0.55
CA ASN E 309 11.79 33.13 -0.33
C ASN E 309 12.62 32.59 -1.50
N GLU E 310 12.04 32.24 -2.65
CA GLU E 310 12.85 31.60 -3.66
C GLU E 310 13.31 32.67 -4.66
N PRO E 311 14.64 32.85 -4.83
CA PRO E 311 15.19 33.88 -5.68
C PRO E 311 14.49 34.04 -7.02
N HIS E 312 14.25 32.96 -7.76
CA HIS E 312 13.71 33.17 -9.09
C HIS E 312 12.25 33.67 -9.03
N ILE E 313 11.54 33.32 -7.96
CA ILE E 313 10.19 33.82 -7.71
C ILE E 313 10.29 35.32 -7.44
N ILE E 314 11.18 35.70 -6.50
CA ILE E 314 11.31 37.07 -6.04
C ILE E 314 11.64 38.00 -7.20
N GLU E 315 12.67 37.63 -7.98
CA GLU E 315 13.21 38.52 -9.01
C GLU E 315 12.26 38.78 -10.16
N ARG E 316 11.45 37.79 -10.55
CA ARG E 316 10.50 37.97 -11.64
C ARG E 316 9.19 38.60 -11.14
N ASN E 317 9.06 38.88 -9.83
CA ASN E 317 7.82 39.38 -9.26
C ASN E 317 6.63 38.52 -9.69
N THR E 318 6.72 37.21 -9.43
CA THR E 318 5.63 36.33 -9.82
C THR E 318 4.47 36.56 -8.82
N PHE E 319 4.82 36.97 -7.59
CA PHE E 319 3.84 37.33 -6.56
C PHE E 319 3.96 38.80 -6.16
N TYR E 320 2.90 39.33 -5.54
CA TYR E 320 2.91 40.59 -4.81
C TYR E 320 2.25 40.33 -3.44
N GLU E 321 2.50 41.20 -2.48
CA GLU E 321 1.87 41.05 -1.19
C GLU E 321 0.53 41.80 -1.18
N ALA E 322 -0.51 41.13 -0.68
CA ALA E 322 -1.78 41.77 -0.36
C ALA E 322 -2.00 41.66 1.15
N ASN E 323 -3.22 41.96 1.59
CA ASN E 323 -3.64 41.59 2.93
C ASN E 323 -3.87 40.09 2.98
N GLY E 324 -3.48 39.50 4.12
CA GLY E 324 -3.53 38.07 4.29
C GLY E 324 -2.19 37.41 3.95
N GLY E 325 -1.64 37.76 2.77
CA GLY E 325 -0.38 37.19 2.30
C GLY E 325 -0.22 37.35 0.79
N TRP E 326 0.67 36.54 0.22
CA TRP E 326 1.08 36.69 -1.16
C TRP E 326 0.00 36.20 -2.11
N GLN E 327 -0.07 36.83 -3.28
CA GLN E 327 -1.04 36.54 -4.31
C GLN E 327 -0.28 36.55 -5.62
N PRO E 328 -0.66 35.76 -6.64
CA PRO E 328 0.02 35.81 -7.91
C PRO E 328 -0.29 37.08 -8.68
N MET E 329 0.72 37.58 -9.38
CA MET E 329 0.58 38.71 -10.25
C MET E 329 0.00 38.22 -11.56
N PRO E 330 -0.60 39.13 -12.34
CA PRO E 330 -1.20 38.74 -13.60
C PRO E 330 -0.29 37.89 -14.45
N ALA E 331 -0.91 37.16 -15.37
CA ALA E 331 -0.17 36.38 -16.34
C ALA E 331 -1.05 36.24 -17.54
N PRO E 332 -0.52 36.09 -18.77
CA PRO E 332 0.90 36.26 -19.02
C PRO E 332 1.27 37.74 -19.02
N ARG E 333 2.46 38.05 -19.55
CA ARG E 333 3.02 39.39 -19.47
C ARG E 333 3.18 39.95 -20.88
N PHE E 334 3.15 41.29 -20.96
CA PHE E 334 3.01 42.00 -22.23
C PHE E 334 4.09 43.07 -22.36
N SER E 335 4.83 43.02 -23.49
CA SER E 335 5.94 43.94 -23.75
C SER E 335 5.49 45.40 -23.76
N ARG E 336 4.44 45.72 -24.53
CA ARG E 336 4.00 47.11 -24.71
C ARG E 336 2.92 47.52 -23.71
N THR E 337 1.75 46.86 -23.74
CA THR E 337 0.63 47.23 -22.88
C THR E 337 0.66 46.36 -21.63
N ALA E 338 1.51 46.72 -20.66
CA ALA E 338 1.76 45.82 -19.55
C ALA E 338 0.62 45.89 -18.53
N SER E 339 0.31 44.74 -17.90
CA SER E 339 -0.59 44.70 -16.76
C SER E 339 -0.04 45.57 -15.64
N SER E 340 -0.91 45.92 -14.69
CA SER E 340 -0.49 46.58 -13.47
C SER E 340 -0.90 45.72 -12.30
N GLN E 341 -0.47 46.13 -11.12
CA GLN E 341 -0.77 45.35 -9.95
C GLN E 341 -2.28 45.32 -9.72
N PRO E 342 -2.87 44.14 -9.43
CA PRO E 342 -4.28 44.05 -9.07
C PRO E 342 -4.74 44.98 -7.95
N ARG E 343 -5.90 45.63 -8.21
CA ARG E 343 -6.62 46.41 -7.20
C ARG E 343 -7.36 45.44 -6.30
N PRO E 344 -7.31 45.63 -4.96
CA PRO E 344 -8.06 44.79 -4.04
C PRO E 344 -9.57 44.89 -4.18
N PRO E 345 -10.34 43.94 -3.60
CA PRO E 345 -11.79 44.05 -3.59
C PRO E 345 -12.29 45.42 -3.12
N ALA E 346 -13.11 46.07 -3.96
CA ALA E 346 -13.58 47.43 -3.71
C ALA E 346 -15.02 47.41 -3.23
N ALA E 347 -15.26 47.96 -2.03
CA ALA E 347 -16.60 48.18 -1.49
C ALA E 347 -17.63 48.40 -2.60
N THR E 348 -18.90 48.10 -2.31
CA THR E 348 -19.97 48.13 -3.31
C THR E 348 -20.18 49.54 -3.84
N ILE E 349 -19.84 49.73 -5.11
CA ILE E 349 -20.45 50.74 -5.96
C ILE E 349 -21.88 50.28 -6.25
N ASP E 350 -22.83 51.21 -6.38
CA ASP E 350 -24.20 50.87 -6.77
C ASP E 350 -24.46 51.34 -8.20
N ILE E 351 -25.45 50.71 -8.82
CA ILE E 351 -25.37 50.32 -10.21
C ILE E 351 -25.70 51.47 -11.15
N GLU E 352 -26.23 52.57 -10.59
CA GLU E 352 -26.48 53.77 -11.38
C GLU E 352 -25.15 54.47 -11.69
N ALA E 353 -24.28 54.54 -10.66
CA ALA E 353 -22.96 55.14 -10.76
C ALA E 353 -22.17 54.54 -11.93
N VAL E 354 -22.27 53.21 -12.07
CA VAL E 354 -21.59 52.46 -13.12
C VAL E 354 -22.16 52.88 -14.48
N LEU E 355 -23.49 52.84 -14.58
CA LEU E 355 -24.22 53.20 -15.79
C LEU E 355 -23.91 54.64 -16.21
N THR E 356 -23.85 55.55 -15.21
CA THR E 356 -23.30 56.89 -15.38
C THR E 356 -22.00 56.76 -16.17
N ASP E 357 -20.99 56.19 -15.50
CA ASP E 357 -19.63 56.09 -16.00
C ASP E 357 -19.62 55.54 -17.43
N TRP E 358 -20.49 54.57 -17.74
CA TRP E 358 -20.46 53.93 -19.05
C TRP E 358 -21.26 54.72 -20.10
N ASP E 359 -21.63 55.97 -19.79
CA ASP E 359 -22.29 56.86 -20.73
C ASP E 359 -23.47 56.11 -21.37
N MET F 1 -12.17 27.68 -43.73
CA MET F 1 -11.87 27.05 -42.42
C MET F 1 -12.94 27.41 -41.39
N ALA F 2 -13.55 26.39 -40.75
CA ALA F 2 -14.62 26.60 -39.77
C ALA F 2 -14.10 27.19 -38.46
N GLY F 3 -14.82 28.16 -37.89
CA GLY F 3 -14.60 28.56 -36.51
C GLY F 3 -14.32 30.03 -36.34
N PRO F 4 -14.29 30.55 -35.09
CA PRO F 4 -14.23 31.98 -34.85
C PRO F 4 -12.89 32.65 -35.10
N LEU F 5 -11.82 31.84 -35.16
CA LEU F 5 -10.48 32.34 -35.44
C LEU F 5 -10.16 32.24 -36.92
N SER F 6 -11.14 31.81 -37.73
CA SER F 6 -11.04 31.80 -39.18
C SER F 6 -10.42 33.11 -39.65
N GLY F 7 -9.41 32.97 -40.53
CA GLY F 7 -8.71 34.11 -41.07
C GLY F 7 -7.36 34.33 -40.41
N LEU F 8 -7.27 34.12 -39.10
CA LEU F 8 -6.01 34.27 -38.37
C LEU F 8 -4.95 33.25 -38.83
N ARG F 9 -3.71 33.76 -38.94
CA ARG F 9 -2.58 33.03 -39.49
C ARG F 9 -1.46 32.89 -38.46
N VAL F 10 -0.94 31.66 -38.34
CA VAL F 10 -0.07 31.34 -37.23
C VAL F 10 1.13 30.55 -37.73
N VAL F 11 2.29 30.99 -37.26
CA VAL F 11 3.54 30.28 -37.50
C VAL F 11 4.08 29.78 -36.16
N GLU F 12 4.32 28.46 -36.14
CA GLU F 12 4.71 27.78 -34.92
C GLU F 12 6.11 27.20 -35.17
N LEU F 13 7.09 27.75 -34.45
CA LEU F 13 8.41 27.15 -34.39
C LEU F 13 8.39 25.90 -33.50
N ALA F 14 8.47 24.74 -34.14
CA ALA F 14 8.26 23.43 -33.55
C ALA F 14 8.98 23.28 -32.21
N GLY F 15 8.18 22.93 -31.18
CA GLY F 15 8.64 22.71 -29.81
C GLY F 15 7.95 21.48 -29.20
N ILE F 16 8.01 21.38 -27.88
CA ILE F 16 7.29 20.31 -27.19
C ILE F 16 6.40 20.97 -26.12
N GLY F 17 5.27 20.30 -25.86
CA GLY F 17 4.47 20.64 -24.69
C GLY F 17 3.51 21.78 -24.97
N PRO F 18 3.67 22.94 -24.29
CA PRO F 18 2.69 24.01 -24.36
C PRO F 18 2.56 24.69 -25.72
N GLY F 19 3.68 24.82 -26.44
CA GLY F 19 3.70 25.51 -27.72
C GLY F 19 2.80 24.82 -28.71
N PRO F 20 3.04 23.53 -29.00
CA PRO F 20 2.17 22.79 -29.88
C PRO F 20 0.71 22.70 -29.41
N HIS F 21 0.47 22.82 -28.09
CA HIS F 21 -0.89 22.61 -27.60
C HIS F 21 -1.67 23.90 -27.89
N ALA F 22 -1.04 25.06 -27.63
CA ALA F 22 -1.64 26.34 -27.95
C ALA F 22 -1.87 26.45 -29.47
N ALA F 23 -0.94 25.93 -30.26
CA ALA F 23 -1.09 25.99 -31.70
C ALA F 23 -2.27 25.15 -32.13
N MET F 24 -2.40 23.97 -31.51
CA MET F 24 -3.48 23.05 -31.81
C MET F 24 -4.83 23.72 -31.62
N ILE F 25 -4.97 24.41 -30.50
CA ILE F 25 -6.25 24.98 -30.13
C ILE F 25 -6.58 26.08 -31.14
N LEU F 26 -5.58 26.93 -31.47
CA LEU F 26 -5.77 27.98 -32.47
C LEU F 26 -6.27 27.36 -33.77
N GLY F 27 -5.60 26.31 -34.24
CA GLY F 27 -6.03 25.51 -35.38
C GLY F 27 -7.45 24.91 -35.20
N ASP F 28 -7.70 24.25 -34.08
CA ASP F 28 -9.00 23.72 -33.72
C ASP F 28 -10.10 24.75 -34.01
N LEU F 29 -9.88 26.02 -33.60
CA LEU F 29 -10.86 27.09 -33.70
C LEU F 29 -10.84 27.84 -35.05
N GLY F 30 -10.09 27.35 -36.04
CA GLY F 30 -10.21 27.83 -37.42
C GLY F 30 -8.99 28.62 -37.92
N ALA F 31 -8.02 28.96 -37.06
CA ALA F 31 -6.79 29.60 -37.50
C ALA F 31 -6.03 28.72 -38.50
N ASP F 32 -5.31 29.41 -39.41
CA ASP F 32 -4.43 28.79 -40.38
C ASP F 32 -3.03 28.65 -39.77
N VAL F 33 -2.60 27.39 -39.53
CA VAL F 33 -1.46 27.20 -38.66
C VAL F 33 -0.39 26.47 -39.48
N VAL F 34 0.79 27.11 -39.51
CA VAL F 34 1.91 26.57 -40.26
C VAL F 34 3.05 26.38 -39.27
N ARG F 35 3.46 25.11 -39.20
CA ARG F 35 4.43 24.66 -38.22
C ARG F 35 5.76 24.37 -38.91
N ILE F 36 6.81 25.11 -38.52
CA ILE F 36 8.16 24.89 -39.03
C ILE F 36 8.94 23.94 -38.11
N ASP F 37 9.18 22.73 -38.61
CA ASP F 37 10.07 21.77 -37.97
C ASP F 37 11.39 21.69 -38.73
N ARG F 38 12.47 21.27 -38.04
CA ARG F 38 13.73 21.00 -38.70
C ARG F 38 13.59 19.71 -39.50
N PRO F 39 14.33 19.50 -40.62
CA PRO F 39 14.13 18.33 -41.46
C PRO F 39 14.65 17.04 -40.83
N SER F 40 15.57 17.18 -39.86
CA SER F 40 16.03 16.07 -39.03
C SER F 40 15.01 15.72 -37.95
N SER F 41 13.73 15.68 -38.35
CA SER F 41 12.65 15.16 -37.51
C SER F 41 11.30 15.24 -38.24
N VAL F 42 11.32 15.04 -39.57
CA VAL F 42 10.12 14.92 -40.37
C VAL F 42 10.01 13.51 -40.96
N ASP F 43 11.08 12.71 -40.80
CA ASP F 43 11.26 11.47 -41.55
C ASP F 43 11.45 11.82 -43.04
N SER F 46 3.04 12.61 -40.07
CA SER F 46 3.17 12.81 -38.59
C SER F 46 2.06 12.07 -37.85
N ARG F 47 2.45 11.21 -36.90
CA ARG F 47 1.48 10.40 -36.18
C ARG F 47 1.33 10.89 -34.74
N ASP F 48 1.56 12.19 -34.49
CA ASP F 48 1.07 12.83 -33.27
C ASP F 48 -0.18 13.66 -33.60
N ALA F 49 -1.27 13.36 -32.89
CA ALA F 49 -2.56 14.00 -33.09
C ALA F 49 -2.59 15.40 -32.46
N MET F 50 -1.53 15.82 -31.74
CA MET F 50 -1.44 17.19 -31.24
C MET F 50 -1.00 18.12 -32.38
N LEU F 51 -0.62 17.52 -33.53
CA LEU F 51 -0.31 18.26 -34.75
C LEU F 51 -1.47 18.25 -35.74
N ARG F 52 -2.69 18.03 -35.24
CA ARG F 52 -3.91 18.24 -36.01
C ARG F 52 -4.07 19.74 -36.31
N ASN F 53 -4.91 20.03 -37.33
CA ASN F 53 -5.18 21.39 -37.82
C ASN F 53 -3.88 22.18 -38.06
N ARG F 54 -2.95 21.57 -38.80
CA ARG F 54 -1.64 22.14 -39.10
C ARG F 54 -1.22 21.82 -40.53
N ARG F 55 -0.51 22.78 -41.15
CA ARG F 55 0.40 22.44 -42.23
C ARG F 55 1.82 22.40 -41.66
N ILE F 56 2.55 21.32 -41.98
CA ILE F 56 3.92 21.13 -41.51
C ILE F 56 4.90 21.43 -42.65
N VAL F 57 5.82 22.38 -42.43
CA VAL F 57 6.95 22.62 -43.32
C VAL F 57 8.29 22.31 -42.62
N THR F 58 9.26 21.74 -43.34
CA THR F 58 10.63 21.61 -42.85
C THR F 58 11.45 22.82 -43.31
N ALA F 59 12.52 23.12 -42.57
CA ALA F 59 13.36 24.28 -42.85
C ALA F 59 14.46 24.41 -41.80
N ASP F 60 15.72 24.12 -42.19
CA ASP F 60 16.88 24.42 -41.37
C ASP F 60 17.01 25.93 -41.21
N LEU F 61 16.79 26.41 -39.98
CA LEU F 61 16.74 27.83 -39.67
C LEU F 61 18.13 28.39 -39.41
N LYS F 62 19.12 27.48 -39.34
CA LYS F 62 20.50 27.88 -39.14
C LYS F 62 21.07 28.33 -40.49
N SER F 63 20.60 27.73 -41.60
CA SER F 63 21.01 28.12 -42.94
C SER F 63 20.44 29.50 -43.30
N ASP F 64 20.88 30.05 -44.43
CA ASP F 64 20.53 31.42 -44.80
C ASP F 64 19.19 31.41 -45.51
N GLN F 65 18.98 30.41 -46.36
CA GLN F 65 17.74 30.25 -47.10
C GLN F 65 16.60 29.91 -46.14
N GLY F 66 16.89 29.02 -45.17
CA GLY F 66 15.95 28.68 -44.11
C GLY F 66 15.48 29.92 -43.36
N LEU F 67 16.42 30.75 -42.85
CA LEU F 67 16.06 31.97 -42.13
C LEU F 67 15.19 32.86 -43.01
N GLU F 68 15.51 32.96 -44.30
CA GLU F 68 14.84 33.91 -45.17
C GLU F 68 13.40 33.47 -45.45
N LEU F 69 13.19 32.18 -45.81
CA LEU F 69 11.85 31.64 -46.04
C LEU F 69 10.95 31.77 -44.79
N ALA F 70 11.53 31.58 -43.60
CA ALA F 70 10.78 31.69 -42.36
C ALA F 70 10.36 33.13 -42.07
N LEU F 71 11.23 34.09 -42.38
CA LEU F 71 10.98 35.49 -42.07
C LEU F 71 9.89 36.06 -42.98
N LYS F 72 9.69 35.41 -44.13
CA LYS F 72 8.68 35.79 -45.10
C LYS F 72 7.32 35.19 -44.72
N LEU F 73 7.31 33.98 -44.15
CA LEU F 73 6.09 33.46 -43.55
C LEU F 73 5.64 34.41 -42.46
N ILE F 74 6.58 34.80 -41.60
CA ILE F 74 6.27 35.62 -40.45
C ILE F 74 5.79 37.00 -40.90
N ALA F 75 6.26 37.40 -42.08
CA ALA F 75 5.98 38.75 -42.57
C ALA F 75 4.48 38.89 -42.89
N LYS F 76 3.92 37.79 -43.44
CA LYS F 76 2.54 37.68 -43.87
C LYS F 76 1.61 37.10 -42.78
N ALA F 77 2.09 36.93 -41.53
CA ALA F 77 1.34 36.21 -40.52
C ALA F 77 1.05 37.11 -39.33
N ASP F 78 0.06 36.68 -38.51
CA ASP F 78 -0.46 37.43 -37.37
C ASP F 78 0.21 37.06 -36.05
N VAL F 79 0.57 35.77 -35.98
CA VAL F 79 0.99 35.15 -34.74
C VAL F 79 2.22 34.30 -35.00
N LEU F 80 3.21 34.51 -34.11
CA LEU F 80 4.35 33.62 -34.01
C LEU F 80 4.39 32.97 -32.62
N ILE F 81 4.50 31.62 -32.64
CA ILE F 81 4.74 30.86 -31.41
C ILE F 81 6.12 30.21 -31.46
N GLU F 82 6.86 30.44 -30.37
CA GLU F 82 8.12 29.73 -30.13
C GLU F 82 8.19 29.28 -28.66
N GLY F 83 8.66 28.04 -28.43
CA GLY F 83 8.81 27.54 -27.07
C GLY F 83 10.24 27.07 -26.72
N TYR F 84 11.27 27.83 -27.15
CA TYR F 84 12.66 27.48 -26.87
C TYR F 84 13.15 28.30 -25.70
N ARG F 85 14.38 28.02 -25.24
CA ARG F 85 14.95 28.79 -24.15
C ARG F 85 15.09 30.22 -24.62
N PRO F 86 15.07 31.19 -23.71
CA PRO F 86 15.35 32.56 -24.08
C PRO F 86 16.68 32.68 -24.83
N GLY F 87 16.74 33.50 -25.88
CA GLY F 87 17.99 33.68 -26.62
C GLY F 87 18.00 32.84 -27.89
N VAL F 88 17.27 31.73 -27.91
CA VAL F 88 17.40 30.85 -29.05
C VAL F 88 16.91 31.50 -30.35
N THR F 89 15.86 32.34 -30.28
CA THR F 89 15.28 32.86 -31.52
C THR F 89 16.12 34.06 -31.98
N GLU F 90 16.55 34.91 -31.05
CA GLU F 90 17.58 35.91 -31.32
C GLU F 90 18.70 35.30 -32.19
N ARG F 91 19.43 34.35 -31.64
CA ARG F 91 20.63 33.84 -32.29
C ARG F 91 20.30 33.17 -33.62
N LEU F 92 19.03 32.80 -33.84
CA LEU F 92 18.60 32.28 -35.13
C LEU F 92 18.32 33.42 -36.13
N GLY F 93 18.20 34.67 -35.62
CA GLY F 93 17.75 35.82 -36.40
C GLY F 93 16.23 35.87 -36.60
N LEU F 94 15.48 35.32 -35.63
CA LEU F 94 14.02 35.26 -35.64
C LEU F 94 13.48 35.82 -34.32
N GLY F 95 14.30 36.59 -33.62
CA GLY F 95 13.89 37.19 -32.35
C GLY F 95 12.77 38.20 -32.56
N PRO F 96 12.23 38.83 -31.50
CA PRO F 96 11.18 39.83 -31.67
C PRO F 96 11.59 41.04 -32.53
N GLU F 97 12.85 41.49 -32.41
CA GLU F 97 13.27 42.70 -33.09
C GLU F 97 13.43 42.48 -34.59
N GLU F 98 14.06 41.36 -34.97
CA GLU F 98 14.09 40.96 -36.37
C GLU F 98 12.69 40.77 -36.95
N CYS F 99 11.76 40.30 -36.11
CA CYS F 99 10.40 40.05 -36.56
C CYS F 99 9.66 41.39 -36.67
N ALA F 100 9.86 42.32 -35.70
CA ALA F 100 9.21 43.63 -35.67
C ALA F 100 9.70 44.57 -36.78
N LYS F 101 10.71 44.12 -37.54
CA LYS F 101 11.17 44.84 -38.71
C LYS F 101 10.32 44.43 -39.89
N VAL F 102 10.06 43.13 -40.05
CA VAL F 102 9.39 42.65 -41.24
C VAL F 102 7.88 42.53 -41.01
N ASN F 103 7.35 43.06 -39.90
CA ASN F 103 5.93 42.91 -39.55
C ASN F 103 5.72 43.35 -38.11
N ASP F 104 5.43 44.64 -37.91
CA ASP F 104 5.19 45.19 -36.58
C ASP F 104 3.73 44.95 -36.15
N ARG F 105 3.01 44.06 -36.86
CA ARG F 105 1.68 43.65 -36.45
C ARG F 105 1.70 42.27 -35.79
N LEU F 106 2.91 41.69 -35.65
CA LEU F 106 3.09 40.34 -35.15
C LEU F 106 2.76 40.28 -33.67
N ILE F 107 1.99 39.23 -33.33
CA ILE F 107 1.94 38.79 -31.95
C ILE F 107 3.01 37.72 -31.76
N TYR F 108 3.96 38.08 -30.90
CA TYR F 108 5.21 37.33 -30.76
C TYR F 108 5.12 36.54 -29.46
N ALA F 109 4.77 35.26 -29.58
CA ALA F 109 4.32 34.55 -28.38
C ALA F 109 5.41 33.59 -27.91
N ARG F 110 5.90 33.88 -26.70
CA ARG F 110 7.03 33.19 -26.08
C ARG F 110 6.60 32.33 -24.88
N MET F 111 6.68 31.01 -25.09
CA MET F 111 6.23 29.98 -24.16
C MET F 111 7.44 29.37 -23.47
N THR F 112 7.65 29.73 -22.21
CA THR F 112 8.72 29.11 -21.43
C THR F 112 8.15 28.56 -20.13
N GLY F 113 9.03 27.93 -19.34
CA GLY F 113 8.72 27.51 -17.99
C GLY F 113 9.10 28.56 -16.96
N TRP F 114 10.38 29.01 -17.01
CA TRP F 114 10.88 29.93 -16.00
C TRP F 114 10.72 31.40 -16.42
N GLY F 115 10.34 31.68 -17.68
CA GLY F 115 10.30 33.07 -18.15
C GLY F 115 11.57 33.52 -18.91
N GLN F 116 11.66 34.83 -19.16
CA GLN F 116 12.65 35.35 -20.10
C GLN F 116 13.94 35.73 -19.38
N THR F 117 13.88 36.02 -18.08
CA THR F 117 15.05 36.35 -17.29
C THR F 117 14.98 35.73 -15.90
N GLY F 118 16.04 35.96 -15.12
CA GLY F 118 16.16 35.50 -13.75
C GLY F 118 17.05 34.26 -13.69
N PRO F 119 17.43 33.86 -12.47
CA PRO F 119 18.46 32.83 -12.25
C PRO F 119 18.22 31.46 -12.89
N ARG F 120 16.95 31.09 -13.12
CA ARG F 120 16.65 29.75 -13.60
C ARG F 120 16.29 29.78 -15.07
N SER F 121 16.43 30.94 -15.73
CA SER F 121 15.85 31.15 -17.03
C SER F 121 16.56 30.33 -18.11
N GLN F 122 17.76 29.81 -17.79
CA GLN F 122 18.42 28.95 -18.76
C GLN F 122 18.39 27.46 -18.35
N GLN F 123 17.90 27.12 -17.14
CA GLN F 123 17.84 25.72 -16.76
C GLN F 123 16.82 24.95 -17.59
N ALA F 124 17.22 23.80 -18.15
CA ALA F 124 16.24 22.88 -18.70
C ALA F 124 15.22 22.50 -17.62
N GLY F 125 14.06 22.05 -18.07
CA GLY F 125 12.94 21.88 -17.17
C GLY F 125 11.75 21.24 -17.86
N HIS F 126 10.87 20.67 -17.02
CA HIS F 126 9.58 20.22 -17.49
C HIS F 126 8.52 20.61 -16.45
N ASP F 127 7.26 20.33 -16.79
CA ASP F 127 6.11 20.68 -15.98
C ASP F 127 6.36 20.43 -14.50
N ILE F 128 6.76 19.18 -14.13
CA ILE F 128 6.99 18.83 -12.73
C ILE F 128 7.91 19.85 -12.04
N ASN F 129 8.92 20.34 -12.77
CA ASN F 129 9.86 21.31 -12.20
C ASN F 129 9.22 22.68 -11.94
N TYR F 130 8.48 23.19 -12.93
CA TYR F 130 7.83 24.49 -12.84
C TYR F 130 6.82 24.46 -11.67
N ILE F 131 6.02 23.39 -11.50
CA ILE F 131 5.03 23.38 -10.42
C ILE F 131 5.63 23.05 -9.06
N SER F 132 6.91 22.60 -9.02
CA SER F 132 7.56 22.31 -7.75
C SER F 132 7.93 23.58 -7.00
N LEU F 133 8.23 24.66 -7.76
CA LEU F 133 8.82 25.88 -7.21
C LEU F 133 7.76 26.83 -6.66
N ASN F 134 6.50 26.66 -7.08
CA ASN F 134 5.45 27.62 -6.75
C ASN F 134 4.39 27.03 -5.83
N GLY F 135 4.70 25.93 -5.14
CA GLY F 135 3.84 25.42 -4.07
C GLY F 135 2.80 24.43 -4.55
N ILE F 136 2.61 24.28 -5.86
CA ILE F 136 1.54 23.47 -6.40
C ILE F 136 1.77 21.97 -6.17
N LEU F 137 2.94 21.48 -6.59
CA LEU F 137 3.22 20.05 -6.55
C LEU F 137 3.18 19.55 -5.11
N HIS F 138 3.62 20.38 -4.18
CA HIS F 138 3.68 20.03 -2.79
C HIS F 138 2.28 19.75 -2.24
N ALA F 139 1.28 20.38 -2.84
CA ALA F 139 -0.08 20.32 -2.32
C ALA F 139 -0.87 19.13 -2.90
N ILE F 140 -0.28 18.35 -3.79
CA ILE F 140 -0.99 17.30 -4.51
C ILE F 140 -0.53 15.89 -4.08
N GLY F 141 -1.50 15.08 -3.65
CA GLY F 141 -1.21 13.71 -3.24
C GLY F 141 -1.72 13.46 -1.83
N ARG F 142 -1.59 12.21 -1.38
CA ARG F 142 -1.94 11.84 -0.02
C ARG F 142 -0.90 12.34 0.96
N GLY F 143 -1.35 12.58 2.20
CA GLY F 143 -0.58 13.24 3.24
C GLY F 143 0.59 12.39 3.74
N ASP F 144 0.43 11.09 3.68
CA ASP F 144 1.42 10.19 4.24
C ASP F 144 2.46 9.79 3.19
N GLU F 145 2.45 10.42 2.01
CA GLU F 145 3.24 10.00 0.87
C GLU F 145 3.87 11.23 0.21
N ARG F 146 4.81 10.98 -0.69
CA ARG F 146 5.47 12.05 -1.40
C ARG F 146 4.53 12.59 -2.47
N PRO F 147 4.68 13.88 -2.82
CA PRO F 147 3.80 14.50 -3.80
C PRO F 147 3.73 13.71 -5.08
N VAL F 148 2.56 13.76 -5.71
CA VAL F 148 2.36 13.03 -6.93
C VAL F 148 2.07 14.03 -8.03
N PRO F 149 2.70 13.88 -9.20
CA PRO F 149 2.47 14.84 -10.28
C PRO F 149 1.10 14.66 -10.92
N PRO F 150 0.35 15.76 -11.13
CA PRO F 150 -0.91 15.71 -11.88
C PRO F 150 -0.71 15.64 -13.38
N LEU F 151 -0.15 14.52 -13.84
CA LEU F 151 0.40 14.43 -15.17
C LEU F 151 1.13 15.73 -15.49
N ASN F 152 1.05 16.19 -16.74
CA ASN F 152 1.60 17.49 -17.08
C ASN F 152 0.47 18.48 -17.33
N LEU F 153 -0.57 18.47 -16.51
CA LEU F 153 -1.82 19.15 -16.86
C LEU F 153 -1.75 20.60 -16.38
N VAL F 154 -1.00 20.83 -15.30
CA VAL F 154 -1.09 22.09 -14.61
C VAL F 154 -0.02 23.07 -15.10
N GLY F 155 1.18 22.58 -15.42
CA GLY F 155 2.29 23.46 -15.83
C GLY F 155 2.28 23.70 -17.35
N ASP F 156 2.33 22.64 -18.14
CA ASP F 156 2.29 22.70 -19.58
C ASP F 156 0.99 23.26 -20.16
N PHE F 157 -0.18 22.79 -19.69
CA PHE F 157 -1.42 23.11 -20.36
C PHE F 157 -2.19 24.18 -19.57
N GLY F 158 -2.74 23.79 -18.42
CA GLY F 158 -3.58 24.69 -17.65
C GLY F 158 -2.88 26.01 -17.39
N GLY F 159 -1.62 25.93 -16.95
CA GLY F 159 -0.84 27.11 -16.54
C GLY F 159 0.17 27.57 -17.60
N GLY F 160 0.13 26.92 -18.77
CA GLY F 160 1.14 27.02 -19.81
C GLY F 160 0.51 27.55 -21.09
N SER F 161 0.13 26.62 -21.97
CA SER F 161 -0.51 26.87 -23.25
C SER F 161 -1.74 27.78 -23.11
N MET F 162 -2.57 27.56 -22.09
CA MET F 162 -3.82 28.29 -22.00
C MET F 162 -3.54 29.76 -21.73
N PHE F 163 -2.50 30.07 -20.97
CA PHE F 163 -2.15 31.47 -20.71
C PHE F 163 -1.48 32.08 -21.95
N LEU F 164 -0.75 31.26 -22.70
CA LEU F 164 -0.19 31.73 -23.96
C LEU F 164 -1.36 32.12 -24.88
N LEU F 165 -2.39 31.26 -24.94
CA LEU F 165 -3.58 31.51 -25.75
C LEU F 165 -4.27 32.80 -25.33
N VAL F 166 -4.45 32.99 -24.03
CA VAL F 166 -5.04 34.21 -23.50
C VAL F 166 -4.21 35.42 -23.90
N GLY F 167 -2.88 35.31 -23.86
CA GLY F 167 -2.02 36.41 -24.23
C GLY F 167 -2.18 36.74 -25.71
N ILE F 168 -2.08 35.71 -26.55
CA ILE F 168 -2.16 35.87 -27.99
C ILE F 168 -3.48 36.54 -28.33
N LEU F 169 -4.59 36.03 -27.74
CA LEU F 169 -5.91 36.52 -28.06
C LEU F 169 -6.14 37.88 -27.40
N ALA F 170 -5.61 38.13 -26.20
CA ALA F 170 -5.78 39.45 -25.62
C ALA F 170 -5.04 40.48 -26.47
N ALA F 171 -3.89 40.09 -27.01
CA ALA F 171 -3.05 41.03 -27.72
C ALA F 171 -3.63 41.33 -29.08
N LEU F 172 -4.31 40.35 -29.71
CA LEU F 172 -5.05 40.58 -30.94
C LEU F 172 -6.19 41.58 -30.74
N TRP F 173 -6.74 41.71 -29.51
CA TRP F 173 -7.77 42.72 -29.24
C TRP F 173 -7.17 44.11 -29.10
N GLU F 174 -6.02 44.19 -28.43
CA GLU F 174 -5.31 45.45 -28.31
C GLU F 174 -4.84 45.94 -29.70
N ARG F 175 -4.34 45.01 -30.53
CA ARG F 175 -3.92 45.27 -31.90
C ARG F 175 -5.04 45.92 -32.73
N GLN F 176 -6.30 45.55 -32.43
CA GLN F 176 -7.45 46.09 -33.14
C GLN F 176 -7.47 47.61 -32.99
N SER F 177 -7.03 48.16 -31.86
CA SER F 177 -7.11 49.60 -31.66
C SER F 177 -5.75 50.27 -31.47
N SER F 178 -4.64 49.67 -31.95
CA SER F 178 -3.36 50.35 -31.86
C SER F 178 -2.55 50.16 -33.14
N GLY F 179 -2.96 49.23 -34.01
CA GLY F 179 -2.28 48.95 -35.26
C GLY F 179 -1.08 48.02 -35.09
N LYS F 180 -0.65 47.80 -33.84
CA LYS F 180 0.63 47.20 -33.49
C LYS F 180 0.47 45.81 -32.87
N GLY F 181 1.46 44.95 -33.15
CA GLY F 181 1.65 43.71 -32.42
C GLY F 181 2.41 43.93 -31.10
N GLN F 182 3.00 42.85 -30.58
CA GLN F 182 3.82 42.93 -29.37
C GLN F 182 4.19 41.49 -28.92
N VAL F 183 4.91 41.42 -27.79
CA VAL F 183 5.51 40.19 -27.30
C VAL F 183 4.73 39.74 -26.07
N VAL F 184 4.29 38.49 -26.14
CA VAL F 184 3.68 37.81 -25.01
C VAL F 184 4.72 36.87 -24.38
N ASP F 185 5.02 37.18 -23.12
CA ASP F 185 5.85 36.35 -22.26
C ASP F 185 4.99 35.48 -21.33
N ALA F 186 4.80 34.22 -21.71
CA ALA F 186 4.03 33.25 -20.95
C ALA F 186 4.98 32.25 -20.28
N ALA F 187 5.17 32.39 -18.97
CA ALA F 187 5.91 31.41 -18.18
C ALA F 187 4.99 30.50 -17.35
N MET F 188 5.18 29.19 -17.53
CA MET F 188 4.48 28.14 -16.79
C MET F 188 4.49 28.41 -15.29
N VAL F 189 5.55 29.01 -14.78
CA VAL F 189 5.62 29.22 -13.34
C VAL F 189 4.67 30.34 -12.92
N ASP F 190 4.40 31.28 -13.85
CA ASP F 190 3.51 32.39 -13.56
C ASP F 190 2.03 31.97 -13.77
N GLY F 191 1.77 31.40 -14.95
CA GLY F 191 0.43 31.01 -15.37
C GLY F 191 -0.18 29.94 -14.46
N SER F 192 0.65 29.02 -13.93
CA SER F 192 0.17 27.97 -13.04
C SER F 192 -0.11 28.58 -11.67
N SER F 193 0.60 29.65 -11.30
CA SER F 193 0.34 30.30 -10.01
C SER F 193 -1.00 31.07 -10.06
N VAL F 194 -1.32 31.63 -11.24
CA VAL F 194 -2.59 32.32 -11.40
C VAL F 194 -3.71 31.28 -11.45
N LEU F 195 -3.44 30.15 -12.11
CA LEU F 195 -4.36 29.04 -12.14
C LEU F 195 -4.81 28.64 -10.73
N ILE F 196 -3.90 28.71 -9.75
CA ILE F 196 -4.16 28.26 -8.40
C ILE F 196 -4.41 29.43 -7.45
N GLN F 197 -4.94 30.53 -8.00
CA GLN F 197 -5.13 31.73 -7.20
C GLN F 197 -6.10 31.42 -6.06
N MET F 198 -7.10 30.56 -6.37
CA MET F 198 -8.07 30.20 -5.35
C MET F 198 -7.35 29.78 -4.07
N MET F 199 -6.37 28.89 -4.18
CA MET F 199 -5.73 28.35 -3.00
C MET F 199 -4.96 29.46 -2.31
N TRP F 200 -4.35 30.37 -3.11
CA TRP F 200 -3.63 31.46 -2.48
C TRP F 200 -4.61 32.36 -1.71
N ALA F 201 -5.80 32.59 -2.29
CA ALA F 201 -6.87 33.32 -1.60
C ALA F 201 -7.33 32.60 -0.34
N MET F 202 -7.60 31.28 -0.43
CA MET F 202 -8.08 30.54 0.73
C MET F 202 -7.03 30.55 1.84
N ARG F 203 -5.75 30.44 1.45
CA ARG F 203 -4.64 30.42 2.40
C ARG F 203 -4.60 31.73 3.18
N ALA F 204 -4.92 32.84 2.50
CA ALA F 204 -4.86 34.16 3.11
C ALA F 204 -5.91 34.31 4.20
N THR F 205 -7.05 33.61 4.09
CA THR F 205 -8.12 33.71 5.08
C THR F 205 -8.20 32.47 5.95
N GLY F 206 -7.09 31.72 6.08
CA GLY F 206 -7.02 30.61 7.02
C GLY F 206 -7.86 29.39 6.61
N MET F 207 -8.24 29.28 5.34
CA MET F 207 -9.08 28.19 4.88
C MET F 207 -8.33 27.18 4.00
N TRP F 208 -6.99 27.21 4.04
CA TRP F 208 -6.17 26.21 3.38
C TRP F 208 -4.84 26.10 4.10
N THR F 209 -4.40 24.89 4.51
CA THR F 209 -3.06 24.72 5.10
C THR F 209 -2.10 24.11 4.08
N ASP F 210 -0.80 24.36 4.31
CA ASP F 210 0.27 23.78 3.50
C ASP F 210 0.42 22.28 3.77
N THR F 211 -0.25 21.74 4.79
CA THR F 211 -0.23 20.29 4.99
C THR F 211 -0.96 19.60 3.85
N ARG F 212 -0.29 18.63 3.22
CA ARG F 212 -0.85 17.83 2.13
C ARG F 212 -1.90 16.84 2.65
N GLY F 213 -3.03 16.76 1.97
CA GLY F 213 -4.03 15.75 2.24
C GLY F 213 -4.92 16.15 3.40
N ALA F 214 -4.90 17.42 3.79
CA ALA F 214 -5.66 17.86 4.94
C ALA F 214 -6.58 19.03 4.60
N ASN F 215 -6.99 19.20 3.34
CA ASN F 215 -7.80 20.35 2.98
C ASN F 215 -9.13 19.90 2.34
N MET F 216 -9.95 20.90 1.97
CA MET F 216 -11.30 20.65 1.47
C MET F 216 -11.22 19.95 0.13
N LEU F 217 -10.26 20.35 -0.72
CA LEU F 217 -10.29 19.93 -2.12
C LEU F 217 -9.08 19.07 -2.52
N ASP F 218 -8.30 18.58 -1.54
CA ASP F 218 -7.09 17.85 -1.85
C ASP F 218 -7.25 16.35 -1.64
N GLY F 219 -8.44 15.90 -1.18
CA GLY F 219 -8.63 14.52 -0.77
C GLY F 219 -8.73 14.36 0.74
N GLY F 220 -8.37 15.39 1.51
CA GLY F 220 -8.55 15.36 2.96
C GLY F 220 -10.01 15.30 3.43
N ALA F 221 -10.98 15.86 2.69
CA ALA F 221 -12.36 15.82 3.17
C ALA F 221 -13.04 14.54 2.69
N PRO F 222 -13.65 13.74 3.60
CA PRO F 222 -14.34 12.52 3.21
C PRO F 222 -15.41 12.66 2.14
N TYR F 223 -15.96 13.86 2.01
CA TYR F 223 -16.97 14.11 0.99
C TYR F 223 -16.42 14.72 -0.32
N TYR F 224 -15.08 14.84 -0.46
CA TYR F 224 -14.45 15.26 -1.70
C TYR F 224 -13.22 14.38 -1.94
N ASP F 225 -13.46 13.19 -2.52
CA ASP F 225 -12.44 12.18 -2.66
C ASP F 225 -13.00 11.06 -3.52
N THR F 226 -12.11 10.13 -3.89
CA THR F 226 -12.52 8.88 -4.50
C THR F 226 -12.62 7.77 -3.44
N TYR F 227 -13.43 6.75 -3.75
CA TYR F 227 -13.68 5.59 -2.90
C TYR F 227 -13.55 4.34 -3.77
N GLU F 228 -12.94 3.31 -3.19
CA GLU F 228 -12.86 2.04 -3.86
C GLU F 228 -14.17 1.29 -3.66
N CYS F 229 -14.65 0.68 -4.75
CA CYS F 229 -15.86 -0.12 -4.76
C CYS F 229 -15.51 -1.60 -4.64
N ALA F 230 -16.56 -2.42 -4.47
CA ALA F 230 -16.46 -3.85 -4.24
C ALA F 230 -15.69 -4.53 -5.37
N ASP F 231 -15.80 -4.01 -6.61
CA ASP F 231 -15.07 -4.59 -7.73
C ASP F 231 -13.65 -4.04 -7.93
N GLY F 232 -13.12 -3.23 -7.00
CA GLY F 232 -11.80 -2.62 -7.18
C GLY F 232 -11.78 -1.38 -8.08
N ARG F 233 -12.91 -0.99 -8.68
CA ARG F 233 -13.01 0.26 -9.43
C ARG F 233 -13.42 1.37 -8.47
N TYR F 234 -13.67 2.59 -8.96
CA TYR F 234 -13.76 3.74 -8.07
C TYR F 234 -14.91 4.67 -8.46
N VAL F 235 -15.47 5.33 -7.44
CA VAL F 235 -16.35 6.46 -7.65
C VAL F 235 -15.68 7.69 -7.08
N ALA F 236 -16.09 8.85 -7.59
CA ALA F 236 -15.69 10.14 -7.07
C ALA F 236 -16.85 10.75 -6.31
N VAL F 237 -16.56 11.32 -5.15
CA VAL F 237 -17.58 11.99 -4.39
C VAL F 237 -17.21 13.46 -4.30
N GLY F 238 -18.14 14.35 -4.66
CA GLY F 238 -17.86 15.77 -4.59
C GLY F 238 -18.95 16.54 -3.88
N ALA F 239 -19.46 15.97 -2.79
CA ALA F 239 -20.72 16.41 -2.21
C ALA F 239 -20.46 17.44 -1.14
N ILE F 240 -20.11 18.64 -1.58
CA ILE F 240 -19.69 19.68 -0.65
C ILE F 240 -20.91 20.31 0.03
N GLU F 241 -21.89 20.71 -0.77
CA GLU F 241 -23.07 21.37 -0.22
C GLU F 241 -23.83 20.36 0.63
N PRO F 242 -24.26 20.75 1.85
CA PRO F 242 -24.92 19.83 2.75
C PRO F 242 -26.10 19.08 2.14
N GLN F 243 -26.82 19.75 1.24
CA GLN F 243 -28.00 19.13 0.64
C GLN F 243 -27.57 18.02 -0.32
N PHE F 244 -26.46 18.20 -1.03
CA PHE F 244 -25.98 17.13 -1.90
C PHE F 244 -25.40 16.01 -1.03
N TYR F 245 -24.66 16.38 0.02
CA TYR F 245 -24.14 15.40 0.95
C TYR F 245 -25.26 14.55 1.55
N ALA F 246 -26.39 15.18 1.89
CA ALA F 246 -27.53 14.43 2.40
C ALA F 246 -28.05 13.48 1.34
N ALA F 247 -28.16 13.96 0.10
CA ALA F 247 -28.62 13.07 -0.97
C ALA F 247 -27.69 11.86 -1.10
N MET F 248 -26.39 12.10 -0.93
CA MET F 248 -25.41 11.04 -1.07
C MET F 248 -25.60 10.01 0.05
N LEU F 249 -25.71 10.47 1.30
CA LEU F 249 -26.00 9.58 2.43
C LEU F 249 -27.25 8.73 2.16
N ALA F 250 -28.29 9.34 1.57
CA ALA F 250 -29.53 8.61 1.34
C ALA F 250 -29.28 7.44 0.40
N GLY F 251 -28.49 7.67 -0.67
CA GLY F 251 -28.23 6.62 -1.63
C GLY F 251 -27.34 5.51 -1.05
N LEU F 252 -26.41 5.87 -0.14
CA LEU F 252 -25.55 4.87 0.49
C LEU F 252 -26.37 4.06 1.50
N GLY F 253 -27.48 4.62 1.93
CA GLY F 253 -28.30 3.94 2.90
C GLY F 253 -27.74 4.11 4.29
N LEU F 254 -26.98 5.21 4.53
CA LEU F 254 -26.51 5.58 5.84
C LEU F 254 -27.44 6.61 6.43
N ASP F 255 -27.94 6.32 7.63
CA ASP F 255 -28.80 7.25 8.32
C ASP F 255 -27.88 8.31 8.94
N ALA F 256 -28.12 9.59 8.58
CA ALA F 256 -27.31 10.71 9.03
C ALA F 256 -27.11 10.73 10.55
N ALA F 257 -28.09 10.21 11.33
CA ALA F 257 -28.04 10.34 12.78
C ALA F 257 -26.98 9.43 13.42
N GLU F 258 -26.45 8.44 12.69
CA GLU F 258 -25.44 7.55 13.23
C GLU F 258 -24.03 7.98 12.81
N LEU F 259 -23.91 9.16 12.23
CA LEU F 259 -22.67 9.58 11.60
C LEU F 259 -22.16 10.81 12.31
N PRO F 260 -20.85 11.07 12.31
CA PRO F 260 -20.39 12.37 12.71
C PRO F 260 -20.92 13.45 11.76
N PRO F 261 -20.95 14.72 12.20
CA PRO F 261 -21.28 15.81 11.29
C PRO F 261 -20.31 15.92 10.10
N GLN F 262 -20.81 16.40 8.97
CA GLN F 262 -20.05 16.39 7.72
C GLN F 262 -18.74 17.17 7.86
N ASN F 263 -18.80 18.28 8.60
CA ASN F 263 -17.65 19.13 8.72
C ASN F 263 -17.12 19.13 10.15
N ASP F 264 -17.38 18.08 10.94
CA ASP F 264 -16.57 17.89 12.14
C ASP F 264 -15.24 17.23 11.72
N ARG F 265 -14.29 18.09 11.34
CA ARG F 265 -12.93 17.72 10.95
C ARG F 265 -12.32 16.76 11.97
N ALA F 266 -12.52 16.96 13.28
CA ALA F 266 -11.87 16.10 14.26
C ALA F 266 -12.30 14.64 14.11
N ARG F 267 -13.44 14.40 13.45
CA ARG F 267 -14.03 13.09 13.38
C ARG F 267 -14.12 12.58 11.94
N TRP F 268 -13.43 13.27 11.02
CA TRP F 268 -13.27 12.77 9.67
C TRP F 268 -12.69 11.35 9.65
N PRO F 269 -11.78 10.90 10.56
CA PRO F 269 -11.36 9.50 10.55
C PRO F 269 -12.55 8.53 10.61
N GLU F 270 -13.49 8.79 11.54
CA GLU F 270 -14.65 7.93 11.68
C GLU F 270 -15.54 7.99 10.45
N LEU F 271 -15.83 9.22 9.99
CA LEU F 271 -16.70 9.43 8.85
C LEU F 271 -16.13 8.70 7.63
N ARG F 272 -14.83 8.90 7.40
CA ARG F 272 -14.14 8.30 6.28
C ARG F 272 -14.27 6.78 6.36
N ALA F 273 -14.14 6.21 7.56
CA ALA F 273 -14.30 4.76 7.70
C ALA F 273 -15.71 4.31 7.31
N LEU F 274 -16.71 5.07 7.74
CA LEU F 274 -18.10 4.71 7.46
C LEU F 274 -18.36 4.80 5.96
N LEU F 275 -17.89 5.86 5.29
CA LEU F 275 -18.18 5.99 3.86
C LEU F 275 -17.44 4.91 3.06
N THR F 276 -16.22 4.56 3.51
CA THR F 276 -15.34 3.61 2.83
C THR F 276 -15.98 2.23 2.86
N GLU F 277 -16.56 1.84 4.01
CA GLU F 277 -17.23 0.56 4.15
C GLU F 277 -18.48 0.56 3.27
N ALA F 278 -19.21 1.65 3.30
CA ALA F 278 -20.42 1.74 2.52
C ALA F 278 -20.12 1.63 1.03
N PHE F 279 -19.21 2.47 0.48
CA PHE F 279 -18.92 2.39 -0.94
C PHE F 279 -18.30 1.04 -1.31
N ALA F 280 -17.54 0.43 -0.39
CA ALA F 280 -16.90 -0.86 -0.66
C ALA F 280 -17.90 -2.03 -0.70
N SER F 281 -19.16 -1.81 -0.29
CA SER F 281 -20.10 -2.92 -0.16
C SER F 281 -20.81 -3.23 -1.49
N HIS F 282 -20.62 -2.43 -2.53
CA HIS F 282 -21.14 -2.74 -3.85
C HIS F 282 -20.19 -2.24 -4.94
N ASP F 283 -20.43 -2.69 -6.17
CA ASP F 283 -19.51 -2.38 -7.26
C ASP F 283 -19.86 -1.00 -7.83
N ARG F 284 -18.97 -0.47 -8.65
CA ARG F 284 -19.07 0.89 -9.16
C ARG F 284 -20.36 1.08 -9.96
N ASP F 285 -20.68 0.09 -10.80
CA ASP F 285 -21.92 0.11 -11.57
C ASP F 285 -23.12 0.23 -10.64
N HIS F 286 -23.10 -0.46 -9.51
CA HIS F 286 -24.22 -0.36 -8.60
C HIS F 286 -24.45 1.12 -8.27
N TRP F 287 -23.36 1.82 -7.92
CA TRP F 287 -23.46 3.21 -7.49
C TRP F 287 -23.81 4.12 -8.67
N GLY F 288 -23.42 3.73 -9.89
CA GLY F 288 -23.86 4.47 -11.06
C GLY F 288 -25.39 4.49 -11.19
N ALA F 289 -26.00 3.32 -10.96
CA ALA F 289 -27.46 3.19 -11.02
C ALA F 289 -28.08 4.00 -9.88
N VAL F 290 -27.60 3.79 -8.65
CA VAL F 290 -28.17 4.46 -7.50
C VAL F 290 -28.15 5.98 -7.72
N PHE F 291 -27.07 6.55 -8.28
CA PHE F 291 -26.96 8.00 -8.26
C PHE F 291 -27.47 8.52 -9.61
N ALA F 292 -26.68 8.32 -10.68
CA ALA F 292 -27.19 8.37 -12.04
C ALA F 292 -27.67 9.77 -12.43
N ASN F 293 -28.86 10.16 -11.92
CA ASN F 293 -29.53 11.39 -12.30
C ASN F 293 -29.64 12.30 -11.07
N SER F 294 -28.78 12.12 -10.05
CA SER F 294 -29.02 12.75 -8.76
C SER F 294 -28.02 13.88 -8.50
N ASP F 295 -28.33 14.72 -7.53
CA ASP F 295 -27.45 15.80 -7.11
C ASP F 295 -26.50 15.37 -5.99
N ALA F 296 -26.33 14.07 -5.79
CA ALA F 296 -25.47 13.58 -4.73
C ALA F 296 -23.98 13.82 -5.04
N CYS F 297 -23.63 14.25 -6.25
CA CYS F 297 -22.26 14.46 -6.69
C CYS F 297 -21.40 13.20 -6.54
N VAL F 298 -21.89 12.09 -7.08
CA VAL F 298 -21.19 10.83 -7.08
C VAL F 298 -21.15 10.35 -8.52
N THR F 299 -19.95 10.10 -9.07
CA THR F 299 -19.77 9.69 -10.46
C THR F 299 -18.78 8.54 -10.49
N PRO F 300 -18.85 7.66 -11.49
CA PRO F 300 -17.86 6.63 -11.63
C PRO F 300 -16.57 7.26 -12.17
N VAL F 301 -15.44 6.79 -11.67
CA VAL F 301 -14.15 7.18 -12.22
C VAL F 301 -13.81 6.26 -13.39
N LEU F 302 -14.11 6.73 -14.61
CA LEU F 302 -13.91 5.97 -15.82
C LEU F 302 -12.44 6.06 -16.28
N ALA F 303 -11.93 4.92 -16.74
CA ALA F 303 -10.67 4.84 -17.47
C ALA F 303 -10.86 5.38 -18.88
N PHE F 304 -9.76 5.82 -19.51
CA PHE F 304 -9.84 6.44 -20.82
C PHE F 304 -10.67 5.59 -21.78
N GLY F 305 -10.42 4.27 -21.76
CA GLY F 305 -11.01 3.32 -22.69
C GLY F 305 -12.51 3.14 -22.52
N GLU F 306 -13.08 3.59 -21.40
CA GLU F 306 -14.49 3.38 -21.12
C GLU F 306 -15.28 4.65 -21.45
N VAL F 307 -14.57 5.76 -21.70
CA VAL F 307 -15.22 7.06 -21.76
C VAL F 307 -16.23 7.10 -22.93
N HIS F 308 -15.85 6.45 -24.04
CA HIS F 308 -16.64 6.45 -25.26
C HIS F 308 -18.03 5.82 -25.02
N ASN F 309 -18.21 5.03 -23.95
CA ASN F 309 -19.51 4.41 -23.67
C ASN F 309 -20.35 5.22 -22.68
N GLU F 310 -19.98 6.46 -22.39
CA GLU F 310 -20.71 7.19 -21.38
C GLU F 310 -21.76 8.05 -22.09
N PRO F 311 -23.07 7.83 -21.79
CA PRO F 311 -24.18 8.52 -22.45
C PRO F 311 -24.01 10.03 -22.61
N HIS F 312 -23.69 10.74 -21.53
CA HIS F 312 -23.56 12.20 -21.63
C HIS F 312 -22.37 12.60 -22.50
N ILE F 313 -21.33 11.75 -22.55
CA ILE F 313 -20.16 12.00 -23.38
C ILE F 313 -20.54 11.82 -24.85
N ILE F 314 -21.17 10.68 -25.14
CA ILE F 314 -21.60 10.34 -26.49
C ILE F 314 -22.49 11.46 -27.06
N GLU F 315 -23.49 11.89 -26.29
CA GLU F 315 -24.54 12.76 -26.78
C GLU F 315 -24.10 14.18 -27.04
N ARG F 316 -23.05 14.65 -26.35
CA ARG F 316 -22.54 15.99 -26.62
C ARG F 316 -21.39 15.94 -27.63
N ASN F 317 -21.06 14.75 -28.13
CA ASN F 317 -19.94 14.63 -29.07
C ASN F 317 -18.72 15.34 -28.51
N THR F 318 -18.35 14.96 -27.29
CA THR F 318 -17.14 15.46 -26.68
C THR F 318 -15.93 14.86 -27.41
N PHE F 319 -16.07 13.65 -27.97
CA PHE F 319 -14.98 12.96 -28.67
C PHE F 319 -15.41 12.66 -30.11
N TYR F 320 -14.44 12.63 -31.03
CA TYR F 320 -14.65 12.09 -32.38
C TYR F 320 -13.67 10.95 -32.57
N GLU F 321 -14.00 10.04 -33.48
CA GLU F 321 -13.13 8.90 -33.74
C GLU F 321 -12.18 9.24 -34.88
N ALA F 322 -10.91 9.47 -34.57
CA ALA F 322 -9.86 9.54 -35.58
C ALA F 322 -9.20 8.16 -35.69
N ASN F 323 -8.66 7.89 -36.88
CA ASN F 323 -7.39 7.22 -37.01
C ASN F 323 -7.29 6.10 -35.96
N GLY F 324 -6.59 6.38 -34.85
CA GLY F 324 -6.16 5.32 -33.93
C GLY F 324 -6.97 5.28 -32.64
N GLY F 325 -8.16 5.91 -32.64
CA GLY F 325 -9.04 5.92 -31.48
C GLY F 325 -9.53 7.34 -31.20
N TRP F 326 -10.30 7.49 -30.12
CA TRP F 326 -11.04 8.72 -29.84
C TRP F 326 -10.07 9.86 -29.48
N GLN F 327 -10.52 11.07 -29.81
CA GLN F 327 -9.76 12.29 -29.61
C GLN F 327 -10.76 13.35 -29.21
N PRO F 328 -10.38 14.32 -28.36
CA PRO F 328 -11.32 15.36 -27.96
C PRO F 328 -11.64 16.28 -29.12
N MET F 329 -12.95 16.55 -29.31
CA MET F 329 -13.41 17.62 -30.17
C MET F 329 -12.99 18.96 -29.59
N PRO F 330 -12.91 20.02 -30.43
CA PRO F 330 -12.53 21.34 -29.97
C PRO F 330 -13.40 21.85 -28.85
N ALA F 331 -12.83 22.75 -28.06
CA ALA F 331 -13.54 23.42 -27.00
C ALA F 331 -12.99 24.83 -26.90
N PRO F 332 -13.75 25.84 -26.41
CA PRO F 332 -15.18 25.71 -26.13
C PRO F 332 -16.05 25.71 -27.40
N ARG F 333 -17.37 25.83 -27.24
CA ARG F 333 -18.28 25.73 -28.37
C ARG F 333 -18.90 27.10 -28.67
N PHE F 334 -19.17 27.31 -29.98
CA PHE F 334 -19.62 28.61 -30.48
C PHE F 334 -20.96 28.40 -31.17
N SER F 335 -21.97 29.18 -30.77
CA SER F 335 -23.31 29.13 -31.36
C SER F 335 -23.31 29.44 -32.87
N ARG F 336 -22.62 30.52 -33.27
CA ARG F 336 -22.61 30.96 -34.67
C ARG F 336 -21.45 30.35 -35.47
N THR F 337 -20.19 30.64 -35.09
CA THR F 337 -19.06 30.15 -35.86
C THR F 337 -18.49 28.90 -35.21
N ALA F 338 -19.13 27.77 -35.43
CA ALA F 338 -18.81 26.55 -34.72
C ALA F 338 -17.60 25.88 -35.36
N SER F 339 -16.63 25.49 -34.52
CA SER F 339 -15.45 24.82 -34.99
C SER F 339 -15.89 23.55 -35.70
N SER F 340 -15.01 22.92 -36.47
CA SER F 340 -15.35 21.69 -37.17
C SER F 340 -14.40 20.58 -36.73
N GLN F 341 -14.70 19.37 -37.20
CA GLN F 341 -13.95 18.21 -36.76
C GLN F 341 -12.50 18.36 -37.19
N PRO F 342 -11.51 18.25 -36.28
CA PRO F 342 -10.11 18.49 -36.64
C PRO F 342 -9.63 17.66 -37.82
N ARG F 343 -8.81 18.29 -38.67
CA ARG F 343 -8.16 17.61 -39.78
C ARG F 343 -6.89 16.93 -39.28
N PRO F 344 -6.60 15.68 -39.71
CA PRO F 344 -5.34 15.03 -39.35
C PRO F 344 -4.11 15.84 -39.75
N PRO F 345 -2.90 15.45 -39.30
CA PRO F 345 -1.71 16.27 -39.54
C PRO F 345 -1.36 16.36 -41.03
N ALA F 346 -1.09 17.58 -41.54
CA ALA F 346 -1.04 17.81 -42.98
C ALA F 346 0.36 17.57 -43.55
N ALA F 347 0.59 16.31 -43.97
CA ALA F 347 1.87 15.79 -44.44
C ALA F 347 2.72 16.90 -45.08
N THR F 348 4.05 16.82 -44.88
CA THR F 348 4.97 17.94 -45.09
C THR F 348 4.68 18.60 -46.42
N ILE F 349 4.54 19.92 -46.40
CA ILE F 349 4.39 20.64 -47.64
C ILE F 349 5.56 21.61 -47.77
N ASP F 350 5.78 22.09 -49.01
CA ASP F 350 6.80 23.07 -49.34
C ASP F 350 6.48 24.43 -48.72
N ILE F 351 7.49 25.04 -48.11
CA ILE F 351 7.31 26.35 -47.53
C ILE F 351 7.09 27.38 -48.64
N GLU F 352 7.48 26.98 -49.86
CA GLU F 352 7.19 27.73 -51.08
C GLU F 352 5.69 27.78 -51.31
N ALA F 353 5.09 26.59 -51.51
CA ALA F 353 3.67 26.40 -51.81
C ALA F 353 2.80 27.19 -50.82
N VAL F 354 3.26 27.29 -49.56
CA VAL F 354 2.56 28.04 -48.53
C VAL F 354 2.65 29.53 -48.86
N LEU F 355 3.86 30.00 -49.15
CA LEU F 355 4.09 31.43 -49.34
C LEU F 355 3.25 31.94 -50.51
N THR F 356 3.08 31.08 -51.54
CA THR F 356 2.17 31.32 -52.67
C THR F 356 0.79 31.68 -52.12
N ASP F 357 0.10 30.61 -51.69
CA ASP F 357 -1.27 30.63 -51.19
C ASP F 357 -1.52 31.88 -50.35
N TRP F 358 -0.60 32.24 -49.46
CA TRP F 358 -0.75 33.48 -48.71
C TRP F 358 -0.45 34.68 -49.65
N MET G 1 -50.93 -2.16 24.58
CA MET G 1 -50.31 -1.16 25.47
C MET G 1 -49.50 -0.12 24.68
N ALA G 2 -48.93 -0.49 23.52
CA ALA G 2 -47.89 0.31 22.86
C ALA G 2 -48.44 1.53 22.11
N GLY G 3 -47.95 2.73 22.46
CA GLY G 3 -48.23 3.93 21.71
C GLY G 3 -48.54 5.11 22.62
N PRO G 4 -48.59 6.35 22.12
CA PRO G 4 -48.79 7.51 22.97
C PRO G 4 -50.20 7.68 23.55
N LEU G 5 -51.13 6.80 23.18
CA LEU G 5 -52.49 6.92 23.68
C LEU G 5 -52.77 5.71 24.57
N SER G 6 -51.71 5.14 25.17
CA SER G 6 -51.86 4.02 26.07
C SER G 6 -52.74 4.47 27.24
N GLY G 7 -53.62 3.55 27.68
CA GLY G 7 -54.60 3.82 28.73
C GLY G 7 -55.64 4.89 28.39
N LEU G 8 -55.81 5.24 27.10
CA LEU G 8 -57.02 5.94 26.71
C LEU G 8 -58.09 4.88 26.45
N ARG G 9 -59.31 5.21 26.86
CA ARG G 9 -60.42 4.27 26.80
C ARG G 9 -61.53 4.81 25.94
N VAL G 10 -61.96 3.96 25.00
CA VAL G 10 -62.79 4.40 23.89
C VAL G 10 -63.96 3.42 23.76
N VAL G 11 -65.16 4.00 23.70
CA VAL G 11 -66.32 3.18 23.37
C VAL G 11 -66.84 3.56 21.98
N GLU G 12 -66.95 2.53 21.12
CA GLU G 12 -67.33 2.72 19.72
C GLU G 12 -68.68 2.08 19.44
N LEU G 13 -69.68 2.91 19.10
CA LEU G 13 -70.96 2.37 18.63
C LEU G 13 -70.87 2.00 17.14
N ALA G 14 -70.83 0.70 16.81
CA ALA G 14 -70.56 0.25 15.45
C ALA G 14 -71.36 1.01 14.40
N GLY G 15 -70.63 1.46 13.38
CA GLY G 15 -71.16 2.14 12.21
C GLY G 15 -70.34 1.71 10.99
N ILE G 16 -70.36 2.51 9.93
CA ILE G 16 -69.61 2.21 8.73
C ILE G 16 -68.80 3.46 8.36
N GLY G 17 -67.63 3.24 7.74
CA GLY G 17 -66.86 4.34 7.20
C GLY G 17 -66.13 5.11 8.29
N PRO G 18 -66.39 6.42 8.49
CA PRO G 18 -65.50 7.25 9.28
C PRO G 18 -65.41 6.84 10.74
N GLY G 19 -66.54 6.45 11.33
CA GLY G 19 -66.56 6.18 12.75
C GLY G 19 -65.55 5.10 13.08
N PRO G 20 -65.65 3.92 12.43
CA PRO G 20 -64.67 2.86 12.62
C PRO G 20 -63.22 3.16 12.22
N HIS G 21 -63.01 4.14 11.35
CA HIS G 21 -61.65 4.48 10.93
C HIS G 21 -61.00 5.30 12.05
N ALA G 22 -61.74 6.28 12.58
CA ALA G 22 -61.28 7.01 13.74
C ALA G 22 -60.93 6.06 14.88
N ALA G 23 -61.75 5.02 15.09
CA ALA G 23 -61.55 4.13 16.21
C ALA G 23 -60.31 3.29 15.99
N MET G 24 -60.14 2.82 14.75
CA MET G 24 -58.95 2.09 14.32
C MET G 24 -57.69 2.88 14.66
N ILE G 25 -57.70 4.19 14.40
CA ILE G 25 -56.49 5.00 14.51
C ILE G 25 -56.17 5.21 15.99
N LEU G 26 -57.19 5.43 16.82
CA LEU G 26 -57.00 5.52 18.27
C LEU G 26 -56.41 4.21 18.79
N GLY G 27 -56.98 3.07 18.43
CA GLY G 27 -56.44 1.78 18.82
C GLY G 27 -55.11 1.49 18.12
N ASP G 28 -54.86 2.18 17.01
CA ASP G 28 -53.57 2.11 16.33
C ASP G 28 -52.49 2.66 17.28
N LEU G 29 -52.77 3.80 17.91
CA LEU G 29 -51.80 4.52 18.72
C LEU G 29 -51.82 4.10 20.21
N GLY G 30 -52.47 2.96 20.52
CA GLY G 30 -52.35 2.33 21.83
C GLY G 30 -53.60 2.42 22.72
N ALA G 31 -54.62 3.16 22.28
CA ALA G 31 -55.84 3.38 23.05
C ALA G 31 -56.65 2.09 23.19
N ASP G 32 -57.45 2.04 24.26
CA ASP G 32 -58.23 0.86 24.60
C ASP G 32 -59.65 1.00 24.05
N VAL G 33 -59.96 0.20 23.02
CA VAL G 33 -61.11 0.48 22.17
C VAL G 33 -62.08 -0.69 22.25
N VAL G 34 -63.28 -0.33 22.75
CA VAL G 34 -64.35 -1.30 22.90
C VAL G 34 -65.46 -0.91 21.92
N ARG G 35 -65.67 -1.82 20.99
CA ARG G 35 -66.66 -1.67 19.93
C ARG G 35 -67.91 -2.49 20.28
N ILE G 36 -69.04 -1.80 20.47
CA ILE G 36 -70.32 -2.45 20.64
C ILE G 36 -71.03 -2.61 19.29
N ASP G 37 -71.11 -3.85 18.77
CA ASP G 37 -71.93 -4.16 17.61
C ASP G 37 -73.28 -4.70 18.10
N ARG G 38 -74.21 -4.95 17.18
CA ARG G 38 -75.46 -5.61 17.52
C ARG G 38 -75.26 -7.11 17.29
N PRO G 39 -76.03 -7.99 17.99
CA PRO G 39 -75.80 -9.42 17.89
C PRO G 39 -76.12 -10.02 16.52
N SER G 40 -76.93 -9.33 15.70
CA SER G 40 -77.16 -9.72 14.31
C SER G 40 -75.85 -10.12 13.61
N SER G 41 -74.72 -9.47 13.98
CA SER G 41 -73.41 -9.91 13.52
C SER G 41 -72.44 -10.04 14.70
N ILE G 45 -65.57 -13.87 14.59
CA ILE G 45 -64.28 -13.13 14.42
C ILE G 45 -64.37 -12.34 13.11
N SER G 46 -64.22 -11.01 13.19
CA SER G 46 -64.38 -10.11 12.06
C SER G 46 -63.20 -10.21 11.10
N ARG G 47 -63.50 -10.11 9.81
CA ARG G 47 -62.50 -10.25 8.75
C ARG G 47 -62.24 -8.89 8.11
N ASP G 48 -62.78 -7.80 8.69
CA ASP G 48 -62.45 -6.44 8.29
C ASP G 48 -61.29 -5.93 9.16
N ALA G 49 -60.13 -5.83 8.53
CA ALA G 49 -58.95 -5.31 9.21
C ALA G 49 -59.13 -3.84 9.63
N MET G 50 -60.27 -3.18 9.27
CA MET G 50 -60.54 -1.85 9.80
C MET G 50 -61.00 -1.94 11.25
N LEU G 51 -61.26 -3.17 11.74
CA LEU G 51 -61.63 -3.43 13.12
C LEU G 51 -60.44 -3.97 13.92
N ARG G 52 -59.22 -3.78 13.41
CA ARG G 52 -58.01 -4.17 14.13
C ARG G 52 -57.90 -3.31 15.38
N ASN G 53 -57.13 -3.78 16.38
CA ASN G 53 -56.88 -3.05 17.62
C ASN G 53 -58.18 -2.69 18.38
N ARG G 54 -59.08 -3.67 18.48
CA ARG G 54 -60.38 -3.49 19.12
C ARG G 54 -60.74 -4.68 20.01
N ARG G 55 -61.62 -4.47 20.98
CA ARG G 55 -62.42 -5.59 21.48
C ARG G 55 -63.88 -5.41 21.05
N ILE G 56 -64.44 -6.49 20.47
CA ILE G 56 -65.81 -6.51 19.96
C ILE G 56 -66.77 -7.14 20.98
N VAL G 57 -67.81 -6.39 21.36
CA VAL G 57 -68.88 -6.91 22.20
C VAL G 57 -70.24 -6.64 21.54
N THR G 58 -71.11 -7.68 21.46
CA THR G 58 -72.48 -7.53 20.97
C THR G 58 -73.42 -7.24 22.14
N ALA G 59 -74.59 -6.68 21.81
CA ALA G 59 -75.49 -6.07 22.79
C ALA G 59 -76.61 -5.35 22.05
N ASP G 60 -77.82 -5.87 22.18
CA ASP G 60 -79.03 -5.19 21.73
C ASP G 60 -79.24 -3.94 22.56
N LEU G 61 -79.01 -2.76 21.97
CA LEU G 61 -79.11 -1.48 22.67
C LEU G 61 -80.58 -1.08 22.84
N LYS G 62 -81.46 -1.81 22.15
CA LYS G 62 -82.88 -1.53 22.19
C LYS G 62 -83.43 -2.03 23.53
N SER G 63 -82.94 -3.19 23.99
CA SER G 63 -83.31 -3.79 25.27
C SER G 63 -82.86 -2.93 26.46
N ASP G 64 -83.24 -3.38 27.67
CA ASP G 64 -82.87 -2.71 28.90
C ASP G 64 -81.54 -3.29 29.40
N GLN G 65 -81.34 -4.57 29.07
CA GLN G 65 -80.15 -5.35 29.38
C GLN G 65 -78.94 -4.78 28.64
N GLY G 66 -79.14 -4.44 27.36
CA GLY G 66 -78.13 -3.81 26.54
C GLY G 66 -77.79 -2.40 27.03
N LEU G 67 -78.81 -1.55 27.23
CA LEU G 67 -78.61 -0.14 27.53
C LEU G 67 -77.91 0.03 28.88
N GLU G 68 -78.09 -0.92 29.80
CA GLU G 68 -77.49 -0.77 31.12
C GLU G 68 -75.99 -1.05 31.01
N LEU G 69 -75.64 -2.22 30.47
CA LEU G 69 -74.26 -2.61 30.26
C LEU G 69 -73.49 -1.51 29.51
N ALA G 70 -74.07 -0.98 28.42
CA ALA G 70 -73.41 0.00 27.57
C ALA G 70 -73.16 1.30 28.33
N LEU G 71 -74.10 1.67 29.21
CA LEU G 71 -73.89 2.87 30.01
C LEU G 71 -72.82 2.64 31.07
N LYS G 72 -72.51 1.37 31.37
CA LYS G 72 -71.50 1.03 32.36
C LYS G 72 -70.12 0.84 31.72
N LEU G 73 -70.07 0.67 30.40
CA LEU G 73 -68.80 0.86 29.69
C LEU G 73 -68.55 2.36 29.62
N ILE G 74 -69.54 3.13 29.20
CA ILE G 74 -69.36 4.56 28.99
C ILE G 74 -69.02 5.24 30.31
N ALA G 75 -69.34 4.57 31.41
CA ALA G 75 -69.09 5.11 32.74
C ALA G 75 -67.57 5.19 32.97
N LYS G 76 -66.88 4.09 32.64
CA LYS G 76 -65.46 3.86 32.88
C LYS G 76 -64.62 4.14 31.63
N ALA G 77 -64.88 5.25 30.91
CA ALA G 77 -64.24 5.49 29.62
C ALA G 77 -64.14 6.99 29.33
N ASP G 78 -63.22 7.35 28.42
CA ASP G 78 -62.86 8.73 28.12
C ASP G 78 -63.62 9.26 26.91
N VAL G 79 -63.85 8.38 25.94
CA VAL G 79 -64.36 8.79 24.64
C VAL G 79 -65.48 7.86 24.16
N LEU G 80 -66.52 8.50 23.63
CA LEU G 80 -67.57 7.80 22.91
C LEU G 80 -67.67 8.27 21.45
N ILE G 81 -67.74 7.26 20.60
CA ILE G 81 -67.82 7.44 19.15
C ILE G 81 -69.14 6.83 18.66
N GLU G 82 -69.96 7.68 18.05
CA GLU G 82 -71.15 7.21 17.35
C GLU G 82 -71.25 7.88 15.99
N GLY G 83 -71.61 7.07 14.97
CA GLY G 83 -71.80 7.59 13.62
C GLY G 83 -73.14 7.18 13.02
N TYR G 84 -74.22 7.52 13.73
CA TYR G 84 -75.59 7.26 13.31
C TYR G 84 -76.24 8.59 13.01
N ARG G 85 -77.42 8.55 12.37
CA ARG G 85 -78.10 9.80 12.06
C ARG G 85 -78.33 10.51 13.38
N PRO G 86 -78.42 11.86 13.36
CA PRO G 86 -78.74 12.57 14.59
C PRO G 86 -80.12 12.19 15.14
N GLY G 87 -80.21 11.91 16.45
CA GLY G 87 -81.45 11.57 17.14
C GLY G 87 -81.38 10.12 17.61
N VAL G 88 -80.52 9.33 16.96
CA VAL G 88 -80.54 7.91 17.18
C VAL G 88 -80.08 7.60 18.61
N THR G 89 -78.95 8.17 19.05
CA THR G 89 -78.38 7.75 20.33
C THR G 89 -79.28 8.24 21.48
N GLU G 90 -79.83 9.46 21.38
CA GLU G 90 -80.83 9.95 22.31
C GLU G 90 -81.91 8.88 22.52
N ARG G 91 -82.70 8.62 21.47
CA ARG G 91 -83.76 7.63 21.50
C ARG G 91 -83.30 6.27 22.02
N LEU G 92 -82.01 5.96 21.97
CA LEU G 92 -81.55 4.70 22.56
C LEU G 92 -81.37 4.84 24.07
N GLY G 93 -81.23 6.07 24.57
CA GLY G 93 -80.82 6.35 25.94
C GLY G 93 -79.37 6.79 26.10
N LEU G 94 -78.60 6.81 24.98
CA LEU G 94 -77.14 6.95 24.98
C LEU G 94 -76.73 8.32 24.46
N GLY G 95 -77.63 9.29 24.46
CA GLY G 95 -77.37 10.61 23.93
C GLY G 95 -76.37 11.33 24.82
N PRO G 96 -75.97 12.58 24.46
CA PRO G 96 -74.99 13.30 25.26
C PRO G 96 -75.46 13.54 26.69
N GLU G 97 -76.71 14.01 26.86
CA GLU G 97 -77.24 14.35 28.19
C GLU G 97 -77.25 13.11 29.08
N GLU G 98 -77.82 12.01 28.59
CA GLU G 98 -77.80 10.75 29.31
C GLU G 98 -76.39 10.20 29.53
N CYS G 99 -75.42 10.69 28.77
CA CYS G 99 -74.05 10.25 28.98
C CYS G 99 -73.42 11.13 30.05
N ALA G 100 -73.69 12.44 30.01
CA ALA G 100 -73.14 13.43 30.93
C ALA G 100 -73.64 13.22 32.36
N LYS G 101 -73.65 11.96 32.83
CA LYS G 101 -74.46 11.57 33.97
C LYS G 101 -74.11 10.16 34.44
N VAL G 102 -73.45 9.36 33.62
CA VAL G 102 -72.69 8.27 34.22
C VAL G 102 -71.21 8.62 34.09
N ASN G 103 -70.88 9.92 33.82
CA ASN G 103 -69.54 10.30 33.41
C ASN G 103 -69.52 11.65 32.71
N ASP G 104 -69.40 12.78 33.44
CA ASP G 104 -69.38 14.09 32.78
C ASP G 104 -67.94 14.48 32.38
N ARG G 105 -67.03 13.50 32.36
CA ARG G 105 -65.70 13.72 31.78
C ARG G 105 -65.72 13.43 30.27
N LEU G 106 -66.72 12.66 29.81
CA LEU G 106 -66.69 11.93 28.55
C LEU G 106 -66.58 12.86 27.36
N ILE G 107 -65.71 12.46 26.42
CA ILE G 107 -65.68 13.10 25.11
C ILE G 107 -66.67 12.37 24.21
N TYR G 108 -67.74 13.09 23.85
CA TYR G 108 -68.89 12.52 23.16
C TYR G 108 -68.73 12.86 21.68
N ALA G 109 -68.37 11.84 20.89
CA ALA G 109 -67.87 12.14 19.55
C ALA G 109 -68.88 11.69 18.48
N ARG G 110 -69.42 12.69 17.77
CA ARG G 110 -70.51 12.50 16.81
C ARG G 110 -70.03 12.70 15.36
N MET G 111 -69.98 11.57 14.64
CA MET G 111 -69.50 11.49 13.27
C MET G 111 -70.65 11.39 12.26
N THR G 112 -70.96 12.48 11.57
CA THR G 112 -71.97 12.39 10.51
C THR G 112 -71.43 12.96 9.21
N GLY G 113 -72.30 12.99 8.19
CA GLY G 113 -72.01 13.62 6.93
C GLY G 113 -72.49 15.06 6.91
N TRP G 114 -73.76 15.23 7.30
CA TRP G 114 -74.41 16.50 7.08
C TRP G 114 -74.38 17.33 8.35
N GLY G 115 -74.01 16.71 9.48
CA GLY G 115 -74.02 17.42 10.75
C GLY G 115 -75.27 17.13 11.58
N GLN G 116 -75.48 17.95 12.63
CA GLN G 116 -76.40 17.55 13.68
C GLN G 116 -77.77 18.16 13.38
N THR G 117 -77.84 19.30 12.66
CA THR G 117 -79.08 19.94 12.31
C THR G 117 -79.03 20.44 10.87
N GLY G 118 -80.14 21.02 10.40
CA GLY G 118 -80.24 21.65 9.09
C GLY G 118 -81.03 20.75 8.12
N PRO G 119 -81.39 21.27 6.93
CA PRO G 119 -82.35 20.59 6.06
C PRO G 119 -81.97 19.18 5.59
N ARG G 120 -80.68 18.82 5.62
CA ARG G 120 -80.26 17.55 5.04
C ARG G 120 -79.85 16.61 6.14
N SER G 121 -80.05 17.01 7.40
CA SER G 121 -79.48 16.30 8.54
C SER G 121 -80.05 14.90 8.71
N GLN G 122 -81.21 14.59 8.13
CA GLN G 122 -81.74 13.23 8.22
C GLN G 122 -81.61 12.47 6.89
N GLN G 123 -81.05 13.07 5.84
CA GLN G 123 -80.87 12.34 4.60
C GLN G 123 -79.76 11.29 4.74
N ALA G 124 -80.07 10.08 4.31
CA ALA G 124 -79.05 9.09 4.03
C ALA G 124 -78.08 9.67 3.00
N GLY G 125 -76.83 9.25 3.11
CA GLY G 125 -75.83 9.68 2.16
C GLY G 125 -74.55 8.89 2.34
N HIS G 126 -73.63 9.12 1.41
CA HIS G 126 -72.31 8.56 1.53
C HIS G 126 -71.29 9.62 1.06
N ASP G 127 -70.01 9.24 1.07
CA ASP G 127 -68.92 10.15 0.75
C ASP G 127 -69.26 11.04 -0.42
N ILE G 128 -69.59 10.41 -1.57
CA ILE G 128 -69.84 11.11 -2.83
C ILE G 128 -70.87 12.25 -2.69
N ASN G 129 -71.89 12.03 -1.86
CA ASN G 129 -72.91 13.05 -1.62
C ASN G 129 -72.34 14.23 -0.82
N TYR G 130 -71.63 13.94 0.26
CA TYR G 130 -71.09 15.01 1.09
C TYR G 130 -70.15 15.89 0.27
N ILE G 131 -69.30 15.28 -0.57
CA ILE G 131 -68.37 16.11 -1.33
C ILE G 131 -69.03 16.74 -2.57
N SER G 132 -70.23 16.29 -2.98
CA SER G 132 -70.89 16.91 -4.12
C SER G 132 -71.32 18.33 -3.77
N LEU G 133 -71.68 18.52 -2.50
CA LEU G 133 -72.38 19.71 -2.05
C LEU G 133 -71.46 20.89 -1.79
N ASN G 134 -70.14 20.68 -1.61
CA ASN G 134 -69.28 21.75 -1.13
C ASN G 134 -68.17 22.09 -2.13
N GLY G 135 -68.40 21.76 -3.40
CA GLY G 135 -67.47 22.12 -4.47
C GLY G 135 -66.41 21.07 -4.78
N ILE G 136 -66.15 20.13 -3.89
CA ILE G 136 -65.00 19.26 -4.07
C ILE G 136 -65.12 18.32 -5.27
N LEU G 137 -66.24 17.58 -5.34
CA LEU G 137 -66.40 16.53 -6.33
C LEU G 137 -66.36 17.15 -7.73
N HIS G 138 -66.95 18.34 -7.84
CA HIS G 138 -66.97 19.07 -9.10
C HIS G 138 -65.55 19.33 -9.63
N ALA G 139 -64.57 19.45 -8.73
CA ALA G 139 -63.23 19.88 -9.08
C ALA G 139 -62.35 18.71 -9.53
N ILE G 140 -62.85 17.47 -9.41
CA ILE G 140 -62.07 16.27 -9.62
C ILE G 140 -62.40 15.58 -10.94
N GLY G 141 -61.37 15.33 -11.77
CA GLY G 141 -61.50 14.58 -12.99
C GLY G 141 -61.05 15.41 -14.18
N ARG G 142 -61.16 14.83 -15.39
CA ARG G 142 -60.81 15.52 -16.61
C ARG G 142 -61.90 16.51 -17.01
N GLY G 143 -61.52 17.53 -17.79
CA GLY G 143 -62.42 18.62 -18.14
C GLY G 143 -63.50 18.16 -19.11
N ASP G 144 -63.19 17.17 -19.94
CA ASP G 144 -64.07 16.79 -21.03
C ASP G 144 -65.06 15.73 -20.54
N GLU G 145 -65.22 15.59 -19.21
CA GLU G 145 -65.81 14.39 -18.63
C GLU G 145 -66.52 14.74 -17.32
N ARG G 146 -67.42 13.85 -16.90
CA ARG G 146 -68.13 14.06 -15.66
C ARG G 146 -67.17 13.81 -14.49
N PRO G 147 -67.44 14.46 -13.32
CA PRO G 147 -66.59 14.31 -12.16
C PRO G 147 -66.41 12.86 -11.75
N VAL G 148 -65.23 12.57 -11.22
CA VAL G 148 -64.91 11.23 -10.83
C VAL G 148 -64.68 11.25 -9.33
N PRO G 149 -65.26 10.30 -8.60
CA PRO G 149 -65.07 10.26 -7.16
C PRO G 149 -63.65 9.82 -6.82
N PRO G 150 -63.00 10.56 -5.91
CA PRO G 150 -61.73 10.16 -5.36
C PRO G 150 -61.85 9.08 -4.31
N LEU G 151 -62.30 7.89 -4.74
CA LEU G 151 -62.75 6.83 -3.84
C LEU G 151 -63.59 7.48 -2.74
N ASN G 152 -63.47 7.02 -1.50
CA ASN G 152 -64.10 7.69 -0.35
C ASN G 152 -63.05 8.28 0.58
N LEU G 153 -61.97 8.83 0.00
CA LEU G 153 -60.79 9.28 0.73
C LEU G 153 -61.01 10.66 1.33
N VAL G 154 -61.80 11.51 0.67
CA VAL G 154 -61.87 12.91 1.03
C VAL G 154 -63.01 13.16 2.02
N GLY G 155 -64.15 12.46 1.89
CA GLY G 155 -65.34 12.71 2.72
C GLY G 155 -65.35 11.84 3.98
N ASP G 156 -65.22 10.53 3.79
CA ASP G 156 -65.16 9.59 4.89
C ASP G 156 -63.92 9.78 5.76
N PHE G 157 -62.71 9.83 5.16
CA PHE G 157 -61.47 9.74 5.93
C PHE G 157 -60.83 11.12 6.06
N GLY G 158 -60.25 11.65 4.98
CA GLY G 158 -59.59 12.95 5.04
C GLY G 158 -60.41 14.02 5.75
N GLY G 159 -61.70 14.13 5.40
CA GLY G 159 -62.53 15.21 5.93
C GLY G 159 -63.52 14.69 6.97
N GLY G 160 -63.34 13.43 7.37
CA GLY G 160 -64.29 12.68 8.17
C GLY G 160 -63.66 12.18 9.46
N SER G 161 -63.19 10.94 9.45
CA SER G 161 -62.51 10.38 10.58
C SER G 161 -61.42 11.36 11.07
N MET G 162 -60.60 11.90 10.17
CA MET G 162 -59.44 12.64 10.62
C MET G 162 -59.87 13.87 11.43
N PHE G 163 -60.98 14.50 11.08
CA PHE G 163 -61.44 15.64 11.83
C PHE G 163 -62.15 15.21 13.12
N LEU G 164 -62.75 14.02 13.15
CA LEU G 164 -63.25 13.45 14.40
C LEU G 164 -62.07 13.30 15.34
N LEU G 165 -61.02 12.62 14.88
CA LEU G 165 -59.81 12.37 15.66
C LEU G 165 -59.25 13.69 16.20
N VAL G 166 -59.12 14.71 15.33
CA VAL G 166 -58.62 16.00 15.78
C VAL G 166 -59.49 16.50 16.93
N GLY G 167 -60.80 16.63 16.68
CA GLY G 167 -61.75 17.17 17.64
C GLY G 167 -61.69 16.41 18.97
N ILE G 168 -61.64 15.08 18.92
CA ILE G 168 -61.51 14.27 20.10
C ILE G 168 -60.27 14.72 20.87
N LEU G 169 -59.12 14.58 20.20
CA LEU G 169 -57.84 14.79 20.86
C LEU G 169 -57.72 16.24 21.36
N ALA G 170 -58.26 17.21 20.62
CA ALA G 170 -58.27 18.60 21.08
C ALA G 170 -59.13 18.78 22.33
N ALA G 171 -60.18 17.98 22.46
CA ALA G 171 -61.10 18.08 23.58
C ALA G 171 -60.46 17.46 24.81
N LEU G 172 -59.69 16.38 24.59
CA LEU G 172 -58.95 15.69 25.63
C LEU G 172 -57.85 16.59 26.19
N TRP G 173 -57.42 17.57 25.39
CA TRP G 173 -56.46 18.55 25.87
C TRP G 173 -57.18 19.55 26.74
N GLU G 174 -58.39 19.91 26.31
CA GLU G 174 -59.18 20.89 27.03
C GLU G 174 -59.56 20.31 28.40
N ARG G 175 -59.74 18.99 28.44
CA ARG G 175 -60.19 18.26 29.61
C ARG G 175 -59.15 18.28 30.72
N GLN G 176 -57.87 18.40 30.37
CA GLN G 176 -56.79 18.49 31.35
C GLN G 176 -56.88 19.83 32.09
N SER G 177 -57.46 20.87 31.46
CA SER G 177 -57.75 22.14 32.10
C SER G 177 -59.01 22.07 32.96
N SER G 178 -60.14 21.78 32.31
CA SER G 178 -61.46 22.14 32.82
C SER G 178 -62.11 21.01 33.61
N GLY G 179 -61.56 19.78 33.56
CA GLY G 179 -62.11 18.64 34.30
C GLY G 179 -63.22 17.92 33.54
N LYS G 180 -63.72 18.60 32.48
CA LYS G 180 -65.02 18.38 31.87
C LYS G 180 -64.90 17.89 30.42
N GLY G 181 -65.65 16.83 30.11
CA GLY G 181 -65.89 16.37 28.74
C GLY G 181 -66.64 17.41 27.91
N GLN G 182 -67.16 16.96 26.76
CA GLN G 182 -67.96 17.80 25.87
C GLN G 182 -68.24 17.03 24.57
N VAL G 183 -69.03 17.67 23.69
CA VAL G 183 -69.53 17.02 22.48
C VAL G 183 -68.75 17.57 21.29
N VAL G 184 -68.25 16.62 20.48
CA VAL G 184 -67.62 16.95 19.22
C VAL G 184 -68.58 16.65 18.08
N ASP G 185 -68.97 17.69 17.35
CA ASP G 185 -69.77 17.55 16.13
C ASP G 185 -68.86 17.57 14.89
N ALA G 186 -68.50 16.37 14.39
CA ALA G 186 -67.72 16.19 13.15
C ALA G 186 -68.60 15.90 11.94
N ALA G 187 -68.76 16.90 11.08
CA ALA G 187 -69.50 16.72 9.85
C ALA G 187 -68.58 16.69 8.61
N MET G 188 -68.66 15.59 7.85
CA MET G 188 -67.85 15.37 6.65
C MET G 188 -67.93 16.56 5.71
N VAL G 189 -69.10 17.20 5.61
CA VAL G 189 -69.24 18.33 4.72
C VAL G 189 -68.42 19.52 5.24
N ASP G 190 -68.16 19.55 6.56
CA ASP G 190 -67.38 20.63 7.15
C ASP G 190 -65.88 20.28 7.08
N GLY G 191 -65.55 19.11 7.60
CA GLY G 191 -64.18 18.63 7.59
C GLY G 191 -63.58 18.79 6.19
N SER G 192 -64.32 18.30 5.19
CA SER G 192 -63.78 18.24 3.86
C SER G 192 -63.64 19.65 3.29
N SER G 193 -64.48 20.62 3.73
CA SER G 193 -64.34 22.00 3.26
C SER G 193 -63.02 22.60 3.79
N VAL G 194 -62.62 22.21 5.01
CA VAL G 194 -61.41 22.70 5.65
C VAL G 194 -60.22 22.01 5.00
N LEU G 195 -60.38 20.72 4.69
CA LEU G 195 -59.38 19.95 3.97
C LEU G 195 -58.95 20.66 2.69
N ILE G 196 -59.89 21.28 1.97
CA ILE G 196 -59.59 21.91 0.69
C ILE G 196 -59.49 23.42 0.81
N GLN G 197 -59.10 23.93 1.98
CA GLN G 197 -59.02 25.37 2.20
C GLN G 197 -58.03 26.04 1.23
N MET G 198 -56.95 25.34 0.86
CA MET G 198 -56.05 25.89 -0.13
C MET G 198 -56.82 26.30 -1.37
N MET G 199 -57.76 25.46 -1.86
CA MET G 199 -58.41 25.83 -3.10
C MET G 199 -59.26 27.07 -2.87
N TRP G 200 -59.94 27.13 -1.73
CA TRP G 200 -60.72 28.31 -1.35
C TRP G 200 -59.81 29.55 -1.29
N ALA G 201 -58.62 29.45 -0.66
CA ALA G 201 -57.64 30.54 -0.64
C ALA G 201 -57.21 30.97 -2.04
N MET G 202 -56.77 30.00 -2.86
CA MET G 202 -56.31 30.32 -4.21
C MET G 202 -57.46 30.88 -5.05
N ARG G 203 -58.67 30.33 -4.86
CA ARG G 203 -59.85 30.86 -5.50
C ARG G 203 -60.01 32.38 -5.26
N ALA G 204 -59.86 32.82 -4.01
CA ALA G 204 -60.07 34.21 -3.61
C ALA G 204 -59.06 35.13 -4.27
N THR G 205 -57.85 34.63 -4.55
CA THR G 205 -56.81 35.47 -5.11
C THR G 205 -56.63 35.19 -6.60
N GLY G 206 -57.65 34.65 -7.28
CA GLY G 206 -57.61 34.42 -8.72
C GLY G 206 -56.67 33.30 -9.18
N MET G 207 -56.21 32.39 -8.31
CA MET G 207 -55.25 31.38 -8.72
C MET G 207 -55.93 30.02 -8.93
N TRP G 208 -57.26 29.96 -8.92
CA TRP G 208 -57.95 28.71 -9.14
C TRP G 208 -59.31 29.00 -9.74
N THR G 209 -59.67 28.32 -10.84
CA THR G 209 -61.00 28.46 -11.45
C THR G 209 -61.84 27.21 -11.20
N ASP G 210 -63.15 27.39 -11.41
CA ASP G 210 -64.15 26.37 -11.15
C ASP G 210 -64.19 25.40 -12.33
N THR G 211 -63.57 25.77 -13.46
CA THR G 211 -63.41 24.86 -14.59
C THR G 211 -62.56 23.66 -14.22
N ARG G 212 -63.16 22.47 -14.39
CA ARG G 212 -62.49 21.23 -14.09
C ARG G 212 -61.38 20.99 -15.11
N GLY G 213 -60.23 20.54 -14.62
CA GLY G 213 -59.13 20.15 -15.48
C GLY G 213 -58.30 21.33 -16.00
N ALA G 214 -58.43 22.52 -15.42
CA ALA G 214 -57.70 23.67 -15.94
C ALA G 214 -56.95 24.43 -14.84
N ASN G 215 -56.35 23.74 -13.87
CA ASN G 215 -55.72 24.34 -12.72
C ASN G 215 -54.34 23.74 -12.51
N MET G 216 -53.58 24.28 -11.59
CA MET G 216 -52.20 23.82 -11.35
C MET G 216 -52.23 22.38 -10.83
N LEU G 217 -53.25 22.03 -10.03
CA LEU G 217 -53.16 20.79 -9.24
C LEU G 217 -54.23 19.74 -9.57
N ASP G 218 -55.07 19.95 -10.60
CA ASP G 218 -56.18 19.06 -10.91
C ASP G 218 -55.90 18.23 -12.15
N GLY G 219 -54.69 18.36 -12.69
CA GLY G 219 -54.31 17.64 -13.90
C GLY G 219 -54.28 18.53 -15.13
N GLY G 220 -54.65 19.80 -15.00
CA GLY G 220 -54.57 20.72 -16.12
C GLY G 220 -53.14 21.15 -16.49
N ALA G 221 -52.21 21.16 -15.52
CA ALA G 221 -50.85 21.58 -15.78
C ALA G 221 -50.05 20.39 -16.29
N PRO G 222 -49.37 20.52 -17.45
CA PRO G 222 -48.62 19.40 -18.01
C PRO G 222 -47.50 18.86 -17.14
N TYR G 223 -47.04 19.66 -16.17
CA TYR G 223 -45.96 19.25 -15.29
C TYR G 223 -46.54 18.74 -13.98
N TYR G 224 -47.88 18.61 -13.87
CA TYR G 224 -48.48 18.06 -12.65
C TYR G 224 -49.63 17.14 -13.09
N ASP G 225 -49.28 15.91 -13.51
CA ASP G 225 -50.24 15.03 -14.11
C ASP G 225 -49.59 13.67 -14.27
N THR G 226 -50.38 12.68 -14.71
CA THR G 226 -49.85 11.37 -15.02
C THR G 226 -49.64 11.28 -16.52
N TYR G 227 -48.76 10.36 -16.93
CA TYR G 227 -48.48 10.15 -18.34
C TYR G 227 -48.41 8.66 -18.60
N GLU G 228 -48.99 8.25 -19.73
CA GLU G 228 -48.89 6.88 -20.16
C GLU G 228 -47.55 6.63 -20.84
N CYS G 229 -46.95 5.49 -20.50
CA CYS G 229 -45.68 5.03 -21.01
C CYS G 229 -45.86 3.98 -22.12
N ALA G 230 -44.76 3.48 -22.66
CA ALA G 230 -44.82 2.61 -23.84
C ALA G 230 -45.55 1.31 -23.52
N ASP G 231 -45.52 0.89 -22.25
CA ASP G 231 -46.05 -0.40 -21.85
C ASP G 231 -47.49 -0.27 -21.36
N GLY G 232 -48.08 0.92 -21.42
CA GLY G 232 -49.44 1.11 -20.95
C GLY G 232 -49.52 1.33 -19.45
N ARG G 233 -48.37 1.35 -18.74
CA ARG G 233 -48.35 1.76 -17.34
C ARG G 233 -48.11 3.27 -17.26
N TYR G 234 -48.06 3.86 -16.05
CA TYR G 234 -48.08 5.30 -15.91
C TYR G 234 -46.97 5.79 -14.98
N VAL G 235 -46.57 7.04 -15.23
CA VAL G 235 -45.72 7.78 -14.33
C VAL G 235 -46.53 8.98 -13.90
N ALA G 236 -46.18 9.49 -12.71
CA ALA G 236 -46.66 10.76 -12.23
C ALA G 236 -45.51 11.75 -12.33
N VAL G 237 -45.82 12.93 -12.86
CA VAL G 237 -44.96 14.08 -12.91
C VAL G 237 -45.52 15.14 -11.97
N GLY G 238 -44.67 15.65 -11.07
CA GLY G 238 -45.04 16.70 -10.14
C GLY G 238 -44.04 17.86 -10.07
N ALA G 239 -43.47 18.18 -11.23
CA ALA G 239 -42.30 19.05 -11.32
C ALA G 239 -42.71 20.51 -11.38
N ILE G 240 -43.16 21.05 -10.25
CA ILE G 240 -43.72 22.40 -10.20
C ILE G 240 -42.58 23.40 -10.26
N GLU G 241 -41.63 23.24 -9.33
CA GLU G 241 -40.51 24.17 -9.23
C GLU G 241 -39.70 24.09 -10.53
N PRO G 242 -39.31 25.24 -11.10
CA PRO G 242 -38.61 25.27 -12.38
C PRO G 242 -37.36 24.38 -12.42
N GLN G 243 -36.68 24.28 -11.29
CA GLN G 243 -35.40 23.57 -11.24
C GLN G 243 -35.69 22.08 -11.32
N PHE G 244 -36.82 21.65 -10.74
CA PHE G 244 -37.20 20.25 -10.82
C PHE G 244 -37.68 19.98 -12.24
N TYR G 245 -38.47 20.91 -12.79
CA TYR G 245 -38.96 20.74 -14.17
C TYR G 245 -37.77 20.59 -15.12
N ALA G 246 -36.77 21.45 -14.96
CA ALA G 246 -35.56 21.37 -15.77
C ALA G 246 -34.91 19.98 -15.67
N ALA G 247 -34.75 19.46 -14.46
CA ALA G 247 -34.22 18.11 -14.30
C ALA G 247 -35.08 17.08 -15.03
N MET G 248 -36.40 17.29 -15.02
CA MET G 248 -37.28 16.35 -15.69
C MET G 248 -37.01 16.37 -17.20
N LEU G 249 -36.95 17.57 -17.81
CA LEU G 249 -36.68 17.69 -19.24
C LEU G 249 -35.36 17.00 -19.62
N ALA G 250 -34.32 17.19 -18.78
CA ALA G 250 -33.01 16.61 -19.09
C ALA G 250 -33.09 15.09 -19.10
N GLY G 251 -33.83 14.54 -18.13
CA GLY G 251 -34.01 13.10 -18.07
C GLY G 251 -34.82 12.57 -19.25
N LEU G 252 -35.74 13.39 -19.77
CA LEU G 252 -36.60 13.01 -20.90
C LEU G 252 -35.82 13.09 -22.20
N GLY G 253 -34.73 13.85 -22.19
CA GLY G 253 -33.96 14.05 -23.40
C GLY G 253 -34.57 15.18 -24.22
N LEU G 254 -35.32 16.08 -23.57
CA LEU G 254 -35.90 17.18 -24.31
C LEU G 254 -35.05 18.43 -24.11
N ASP G 255 -34.82 19.15 -25.20
CA ASP G 255 -34.02 20.35 -25.14
C ASP G 255 -34.99 21.50 -24.82
N ALA G 256 -34.78 22.16 -23.68
CA ALA G 256 -35.66 23.21 -23.17
C ALA G 256 -35.86 24.34 -24.19
N ALA G 257 -34.89 24.56 -25.08
CA ALA G 257 -35.01 25.63 -26.07
C ALA G 257 -36.02 25.31 -27.17
N GLU G 258 -36.45 24.05 -27.33
CA GLU G 258 -37.41 23.70 -28.38
C GLU G 258 -38.83 23.62 -27.83
N LEU G 259 -39.05 23.96 -26.55
CA LEU G 259 -40.33 23.76 -25.90
C LEU G 259 -40.90 25.13 -25.58
N PRO G 260 -42.24 25.23 -25.44
CA PRO G 260 -42.82 26.43 -24.86
C PRO G 260 -42.43 26.58 -23.39
N PRO G 261 -42.49 27.79 -22.83
CA PRO G 261 -42.23 27.96 -21.41
C PRO G 261 -43.16 27.12 -20.54
N GLN G 262 -42.59 26.62 -19.43
CA GLN G 262 -43.29 25.81 -18.47
C GLN G 262 -44.65 26.40 -18.12
N ASN G 263 -44.74 27.72 -17.89
CA ASN G 263 -45.99 28.28 -17.41
C ASN G 263 -46.63 29.25 -18.42
N ASP G 264 -46.28 29.15 -19.71
CA ASP G 264 -47.11 29.75 -20.75
C ASP G 264 -48.37 28.89 -20.94
N ARG G 265 -49.42 29.19 -20.17
CA ARG G 265 -50.65 28.40 -20.11
C ARG G 265 -51.26 28.29 -21.50
N ALA G 266 -51.16 29.35 -22.29
CA ALA G 266 -51.72 29.35 -23.62
C ALA G 266 -51.04 28.32 -24.53
N ARG G 267 -49.85 27.84 -24.17
CA ARG G 267 -49.14 26.89 -25.01
C ARG G 267 -49.04 25.52 -24.34
N TRP G 268 -49.82 25.30 -23.28
CA TRP G 268 -49.87 24.00 -22.63
C TRP G 268 -50.26 22.88 -23.60
N PRO G 269 -51.19 23.08 -24.57
CA PRO G 269 -51.50 22.08 -25.57
C PRO G 269 -50.27 21.48 -26.25
N GLU G 270 -49.40 22.34 -26.74
CA GLU G 270 -48.17 21.90 -27.37
C GLU G 270 -47.26 21.21 -26.37
N LEU G 271 -47.08 21.84 -25.19
CA LEU G 271 -46.22 21.28 -24.14
C LEU G 271 -46.65 19.86 -23.79
N ARG G 272 -47.97 19.68 -23.55
CA ARG G 272 -48.51 18.39 -23.18
C ARG G 272 -48.22 17.41 -24.32
N ALA G 273 -48.41 17.83 -25.56
CA ALA G 273 -48.17 16.92 -26.68
C ALA G 273 -46.72 16.47 -26.68
N LEU G 274 -45.78 17.38 -26.41
CA LEU G 274 -44.37 17.04 -26.41
C LEU G 274 -44.03 16.09 -25.28
N LEU G 275 -44.55 16.36 -24.08
CA LEU G 275 -44.26 15.49 -22.94
C LEU G 275 -44.88 14.12 -23.13
N THR G 276 -46.08 14.09 -23.74
CA THR G 276 -46.83 12.85 -23.94
C THR G 276 -46.03 11.89 -24.82
N GLU G 277 -45.51 12.42 -25.95
CA GLU G 277 -44.70 11.66 -26.90
C GLU G 277 -43.43 11.20 -26.22
N ALA G 278 -42.81 12.07 -25.44
CA ALA G 278 -41.61 11.69 -24.75
C ALA G 278 -41.87 10.51 -23.80
N PHE G 279 -42.82 10.66 -22.88
CA PHE G 279 -43.02 9.60 -21.90
C PHE G 279 -43.54 8.34 -22.58
N ALA G 280 -44.28 8.49 -23.69
CA ALA G 280 -44.83 7.33 -24.38
C ALA G 280 -43.76 6.53 -25.11
N SER G 281 -42.54 7.05 -25.22
CA SER G 281 -41.51 6.46 -26.06
C SER G 281 -40.72 5.39 -25.31
N HIS G 282 -40.86 5.31 -23.99
CA HIS G 282 -40.26 4.22 -23.24
C HIS G 282 -41.24 3.70 -22.20
N ASP G 283 -40.90 2.54 -21.61
CA ASP G 283 -41.76 1.91 -20.62
C ASP G 283 -41.52 2.51 -19.23
N ARG G 284 -42.43 2.18 -18.30
CA ARG G 284 -42.42 2.81 -16.99
C ARG G 284 -41.13 2.47 -16.25
N ASP G 285 -40.62 1.24 -16.39
CA ASP G 285 -39.37 0.86 -15.73
C ASP G 285 -38.23 1.75 -16.23
N HIS G 286 -38.23 2.03 -17.55
CA HIS G 286 -37.20 2.88 -18.11
C HIS G 286 -37.13 4.19 -17.33
N TRP G 287 -38.30 4.84 -17.15
CA TRP G 287 -38.37 6.12 -16.47
C TRP G 287 -38.04 5.95 -14.99
N GLY G 288 -38.50 4.85 -14.39
CA GLY G 288 -38.13 4.53 -13.02
C GLY G 288 -36.61 4.61 -12.84
N ALA G 289 -35.87 4.06 -13.81
CA ALA G 289 -34.42 4.00 -13.67
C ALA G 289 -33.84 5.38 -13.94
N VAL G 290 -34.22 6.00 -15.06
CA VAL G 290 -33.71 7.32 -15.42
C VAL G 290 -33.89 8.31 -14.27
N PHE G 291 -35.02 8.24 -13.55
CA PHE G 291 -35.34 9.28 -12.58
C PHE G 291 -34.98 8.87 -11.16
N ALA G 292 -34.82 7.56 -10.91
CA ALA G 292 -33.93 7.06 -9.87
C ALA G 292 -34.02 7.87 -8.57
N ASN G 293 -33.07 8.81 -8.45
CA ASN G 293 -32.70 9.45 -7.20
C ASN G 293 -32.95 10.95 -7.31
N SER G 294 -33.64 11.36 -8.37
CA SER G 294 -33.56 12.75 -8.81
C SER G 294 -34.66 13.60 -8.17
N ASP G 295 -34.46 14.90 -8.23
CA ASP G 295 -35.48 15.88 -7.90
C ASP G 295 -36.41 16.17 -9.09
N ALA G 296 -36.39 15.32 -10.11
CA ALA G 296 -37.26 15.51 -11.27
C ALA G 296 -38.76 15.31 -10.97
N CYS G 297 -39.11 14.74 -9.81
CA CYS G 297 -40.49 14.59 -9.37
C CYS G 297 -41.27 13.75 -10.37
N VAL G 298 -40.66 12.63 -10.79
CA VAL G 298 -41.26 11.67 -11.69
C VAL G 298 -41.19 10.33 -10.97
N THR G 299 -42.34 9.69 -10.71
CA THR G 299 -42.40 8.45 -9.96
C THR G 299 -43.28 7.48 -10.70
N PRO G 300 -43.04 6.17 -10.57
CA PRO G 300 -43.92 5.18 -11.17
C PRO G 300 -45.27 5.20 -10.45
N VAL G 301 -46.39 5.13 -11.18
CA VAL G 301 -47.70 4.97 -10.57
C VAL G 301 -47.92 3.48 -10.29
N LEU G 302 -47.72 3.07 -9.04
CA LEU G 302 -47.79 1.66 -8.70
C LEU G 302 -49.24 1.25 -8.38
N ALA G 303 -49.62 0.05 -8.82
CA ALA G 303 -50.82 -0.61 -8.36
C ALA G 303 -50.56 -1.20 -6.98
N PHE G 304 -51.63 -1.34 -6.19
CA PHE G 304 -51.57 -1.89 -4.84
C PHE G 304 -50.67 -3.13 -4.82
N GLY G 305 -50.87 -4.00 -5.81
CA GLY G 305 -50.19 -5.29 -5.88
C GLY G 305 -48.67 -5.19 -5.98
N GLU G 306 -48.13 -4.02 -6.33
CA GLU G 306 -46.70 -3.86 -6.61
C GLU G 306 -46.00 -3.08 -5.50
N VAL G 307 -46.79 -2.48 -4.59
CA VAL G 307 -46.28 -1.56 -3.60
C VAL G 307 -45.28 -2.25 -2.67
N HIS G 308 -45.55 -3.52 -2.34
CA HIS G 308 -44.69 -4.30 -1.49
C HIS G 308 -43.30 -4.49 -2.10
N ASN G 309 -43.12 -4.33 -3.43
CA ASN G 309 -41.78 -4.47 -4.00
C ASN G 309 -41.01 -3.16 -4.12
N GLU G 310 -41.48 -2.08 -3.50
CA GLU G 310 -40.87 -0.79 -3.67
C GLU G 310 -39.90 -0.53 -2.53
N PRO G 311 -38.58 -0.41 -2.83
CA PRO G 311 -37.54 -0.25 -1.81
C PRO G 311 -37.85 0.74 -0.70
N HIS G 312 -38.30 1.96 -1.06
CA HIS G 312 -38.57 2.94 -0.01
C HIS G 312 -39.69 2.46 0.91
N ILE G 313 -40.61 1.64 0.37
CA ILE G 313 -41.78 1.23 1.12
C ILE G 313 -41.35 0.13 2.08
N ILE G 314 -40.56 -0.81 1.56
CA ILE G 314 -40.06 -1.94 2.33
C ILE G 314 -39.24 -1.44 3.52
N GLU G 315 -38.21 -0.63 3.25
CA GLU G 315 -37.28 -0.23 4.29
C GLU G 315 -37.93 0.60 5.40
N ARG G 316 -38.97 1.38 5.11
CA ARG G 316 -39.58 2.17 6.18
C ARG G 316 -40.70 1.38 6.89
N ASN G 317 -40.92 0.12 6.51
CA ASN G 317 -42.00 -0.67 7.10
C ASN G 317 -43.31 0.12 7.07
N THR G 318 -43.73 0.52 5.87
CA THR G 318 -44.97 1.27 5.75
C THR G 318 -46.12 0.26 5.88
N PHE G 319 -45.91 -0.98 5.44
CA PHE G 319 -46.88 -2.06 5.54
C PHE G 319 -46.36 -3.18 6.44
N TYR G 320 -47.28 -4.06 6.90
CA TYR G 320 -46.98 -5.33 7.55
C TYR G 320 -47.89 -6.39 6.94
N GLU G 321 -47.53 -7.68 7.03
CA GLU G 321 -48.38 -8.75 6.50
C GLU G 321 -49.45 -9.18 7.50
N ALA G 322 -50.60 -9.64 7.00
CA ALA G 322 -51.70 -10.09 7.83
C ALA G 322 -52.66 -10.93 6.99
N ASN G 323 -52.53 -12.26 7.11
CA ASN G 323 -53.38 -13.22 6.42
C ASN G 323 -53.49 -12.85 4.94
N GLY G 324 -52.50 -13.29 4.15
CA GLY G 324 -52.43 -12.99 2.73
C GLY G 324 -52.99 -11.60 2.43
N GLY G 325 -52.40 -10.58 3.06
CA GLY G 325 -52.85 -9.22 2.87
C GLY G 325 -51.93 -8.21 3.55
N TRP G 326 -51.14 -7.47 2.77
CA TRP G 326 -50.43 -6.33 3.32
C TRP G 326 -51.43 -5.30 3.82
N GLN G 327 -51.10 -4.67 4.96
CA GLN G 327 -51.95 -3.66 5.58
C GLN G 327 -51.04 -2.54 6.04
N PRO G 328 -51.49 -1.27 6.08
CA PRO G 328 -50.62 -0.19 6.51
C PRO G 328 -50.31 -0.20 8.00
N MET G 329 -49.05 0.12 8.35
CA MET G 329 -48.69 0.28 9.74
C MET G 329 -49.25 1.60 10.26
N PRO G 330 -49.39 1.72 11.58
CA PRO G 330 -49.84 2.95 12.18
C PRO G 330 -49.11 4.20 11.67
N ALA G 331 -49.82 5.33 11.68
CA ALA G 331 -49.20 6.60 11.38
C ALA G 331 -49.88 7.65 12.23
N PRO G 332 -49.20 8.77 12.57
CA PRO G 332 -47.78 8.96 12.25
C PRO G 332 -46.90 8.16 13.19
N ARG G 333 -45.57 8.40 13.16
CA ARG G 333 -44.61 7.71 14.00
C ARG G 333 -44.12 8.60 15.15
N PHE G 334 -43.77 7.92 16.27
CA PHE G 334 -43.41 8.57 17.53
C PHE G 334 -42.03 8.08 17.96
N SER G 335 -41.16 9.03 18.35
CA SER G 335 -39.78 8.67 18.72
C SER G 335 -39.73 7.88 20.03
N ARG G 336 -40.48 8.33 21.06
CA ARG G 336 -40.46 7.66 22.36
C ARG G 336 -41.49 6.53 22.47
N THR G 337 -42.77 6.86 22.24
CA THR G 337 -43.86 5.94 22.53
C THR G 337 -44.38 5.33 21.23
N ALA G 338 -43.59 4.42 20.66
CA ALA G 338 -43.84 3.91 19.32
C ALA G 338 -45.01 2.92 19.35
N SER G 339 -45.95 3.11 18.43
CA SER G 339 -47.05 2.20 18.22
C SER G 339 -46.48 0.84 17.87
N SER G 340 -47.27 -0.23 18.01
CA SER G 340 -46.79 -1.55 17.62
C SER G 340 -47.65 -2.09 16.51
N GLN G 341 -47.24 -3.24 15.98
CA GLN G 341 -47.96 -3.90 14.93
C GLN G 341 -49.39 -4.10 15.41
N PRO G 342 -50.42 -3.65 14.68
CA PRO G 342 -51.79 -3.81 15.14
C PRO G 342 -52.12 -5.29 15.31
N ARG G 343 -53.02 -5.59 16.25
CA ARG G 343 -53.50 -6.95 16.46
C ARG G 343 -54.75 -7.16 15.59
N PRO G 344 -54.98 -8.37 15.04
CA PRO G 344 -56.14 -8.60 14.21
C PRO G 344 -57.41 -8.54 15.05
N PRO G 345 -58.60 -8.45 14.43
CA PRO G 345 -59.84 -8.25 15.17
C PRO G 345 -60.05 -9.31 16.26
N ALA G 346 -60.50 -8.84 17.44
CA ALA G 346 -60.52 -9.68 18.64
C ALA G 346 -61.89 -10.36 18.81
N ALA G 347 -61.93 -11.67 18.52
CA ALA G 347 -63.09 -12.54 18.69
C ALA G 347 -63.95 -12.08 19.87
N THR G 348 -65.25 -12.37 19.79
CA THR G 348 -66.27 -11.69 20.61
C THR G 348 -65.98 -11.91 22.10
N ILE G 349 -65.38 -10.90 22.70
CA ILE G 349 -65.36 -10.79 24.14
C ILE G 349 -66.79 -10.45 24.57
N ASP G 350 -67.17 -10.97 25.75
CA ASP G 350 -68.48 -10.72 26.34
C ASP G 350 -68.32 -9.56 27.31
N ILE G 351 -69.30 -8.64 27.29
CA ILE G 351 -69.18 -7.31 27.86
C ILE G 351 -68.95 -7.36 29.36
N GLU G 352 -69.40 -8.45 29.99
CA GLU G 352 -69.10 -8.70 31.39
C GLU G 352 -67.59 -8.63 31.58
N ALA G 353 -66.89 -9.53 30.89
CA ALA G 353 -65.45 -9.70 31.03
C ALA G 353 -64.74 -8.35 30.96
N VAL G 354 -65.26 -7.43 30.14
CA VAL G 354 -64.60 -6.15 29.91
C VAL G 354 -64.75 -5.28 31.16
N LEU G 355 -65.96 -5.21 31.71
CA LEU G 355 -66.25 -4.35 32.85
C LEU G 355 -65.40 -4.71 34.07
N THR G 356 -65.11 -6.01 34.23
CA THR G 356 -64.13 -6.54 35.16
C THR G 356 -62.83 -5.75 35.00
N ASP G 357 -61.98 -6.25 34.08
CA ASP G 357 -60.75 -5.59 33.63
C ASP G 357 -60.80 -4.10 33.96
N TRP G 358 -61.81 -3.41 33.44
CA TRP G 358 -61.92 -1.98 33.69
C TRP G 358 -62.31 -1.72 35.15
N MET H 1 -58.65 33.77 23.44
CA MET H 1 -58.70 32.99 22.17
C MET H 1 -59.70 31.84 22.28
N ALA H 2 -60.66 31.78 21.33
CA ALA H 2 -61.74 30.80 21.34
C ALA H 2 -61.29 29.44 20.77
N GLY H 3 -61.52 28.38 21.56
CA GLY H 3 -61.55 27.02 21.05
C GLY H 3 -61.06 26.08 22.13
N PRO H 4 -61.05 24.74 21.90
CA PRO H 4 -60.61 23.79 22.92
C PRO H 4 -59.10 23.64 23.07
N LEU H 5 -58.33 24.42 22.31
CA LEU H 5 -56.88 24.31 22.35
C LEU H 5 -56.31 25.56 23.00
N SER H 6 -57.21 26.49 23.41
CA SER H 6 -56.88 27.84 23.84
C SER H 6 -55.59 27.87 24.67
N GLY H 7 -54.66 28.76 24.27
CA GLY H 7 -53.35 28.89 24.89
C GLY H 7 -52.50 27.62 24.78
N LEU H 8 -52.63 26.85 23.69
CA LEU H 8 -51.56 25.96 23.24
C LEU H 8 -50.60 26.84 22.44
N ARG H 9 -49.31 26.61 22.64
CA ARG H 9 -48.30 27.46 22.04
C ARG H 9 -47.54 26.65 21.01
N VAL H 10 -47.50 27.25 19.80
CA VAL H 10 -47.09 26.59 18.59
C VAL H 10 -46.16 27.52 17.82
N VAL H 11 -44.96 26.99 17.48
CA VAL H 11 -44.09 27.67 16.54
C VAL H 11 -44.06 26.90 15.22
N GLU H 12 -44.35 27.62 14.12
CA GLU H 12 -44.34 27.08 12.76
C GLU H 12 -43.15 27.66 11.97
N LEU H 13 -42.26 26.79 11.49
CA LEU H 13 -41.23 27.21 10.54
C LEU H 13 -41.81 27.24 9.12
N ALA H 14 -42.09 28.44 8.62
CA ALA H 14 -42.79 28.60 7.36
C ALA H 14 -42.37 27.55 6.34
N GLY H 15 -43.37 26.82 5.83
CA GLY H 15 -43.22 25.92 4.69
C GLY H 15 -44.44 26.06 3.78
N ILE H 16 -44.66 25.07 2.91
CA ILE H 16 -45.80 25.06 2.01
C ILE H 16 -46.59 23.76 2.21
N GLY H 17 -47.91 23.84 2.02
CA GLY H 17 -48.76 22.66 1.99
C GLY H 17 -49.11 22.16 3.39
N PRO H 18 -48.74 20.91 3.73
CA PRO H 18 -49.24 20.29 4.96
C PRO H 18 -48.88 21.05 6.22
N GLY H 19 -47.68 21.62 6.27
CA GLY H 19 -47.23 22.27 7.50
C GLY H 19 -48.15 23.43 7.86
N PRO H 20 -48.28 24.43 6.96
CA PRO H 20 -49.20 25.53 7.23
C PRO H 20 -50.67 25.11 7.40
N HIS H 21 -51.08 24.00 6.78
CA HIS H 21 -52.46 23.57 6.92
C HIS H 21 -52.68 23.07 8.35
N ALA H 22 -51.77 22.24 8.87
CA ALA H 22 -51.91 21.77 10.23
C ALA H 22 -51.87 22.95 11.20
N ALA H 23 -50.89 23.84 11.01
CA ALA H 23 -50.78 25.01 11.86
C ALA H 23 -52.10 25.75 11.89
N MET H 24 -52.68 25.99 10.70
CA MET H 24 -53.94 26.68 10.56
C MET H 24 -55.03 26.00 11.39
N ILE H 25 -55.07 24.67 11.39
CA ILE H 25 -56.16 24.01 12.07
C ILE H 25 -55.97 24.20 13.58
N LEU H 26 -54.73 24.10 14.07
CA LEU H 26 -54.47 24.30 15.48
C LEU H 26 -54.93 25.69 15.89
N GLY H 27 -54.57 26.70 15.12
CA GLY H 27 -54.97 28.05 15.43
C GLY H 27 -56.46 28.26 15.18
N ASP H 28 -57.04 27.44 14.31
CA ASP H 28 -58.48 27.51 14.05
C ASP H 28 -59.24 27.23 15.36
N LEU H 29 -58.73 26.27 16.12
CA LEU H 29 -59.26 25.75 17.38
C LEU H 29 -58.67 26.47 18.62
N GLY H 30 -58.07 27.66 18.44
CA GLY H 30 -57.69 28.51 19.57
C GLY H 30 -56.24 28.35 20.06
N ALA H 31 -55.38 27.66 19.30
CA ALA H 31 -53.99 27.54 19.70
C ALA H 31 -53.26 28.84 19.38
N ASP H 32 -52.21 29.16 20.16
CA ASP H 32 -51.42 30.35 19.93
C ASP H 32 -50.29 30.03 18.95
N VAL H 33 -50.32 30.66 17.77
CA VAL H 33 -49.51 30.15 16.66
C VAL H 33 -48.67 31.28 16.09
N VAL H 34 -47.36 31.02 16.13
CA VAL H 34 -46.34 31.97 15.74
C VAL H 34 -45.54 31.35 14.59
N ARG H 35 -45.62 32.03 13.45
CA ARG H 35 -45.04 31.54 12.21
C ARG H 35 -43.78 32.35 11.89
N ILE H 36 -42.61 31.67 12.04
CA ILE H 36 -41.30 32.25 11.78
C ILE H 36 -41.01 32.10 10.28
N ASP H 37 -40.94 33.23 9.58
CA ASP H 37 -40.73 33.24 8.14
C ASP H 37 -39.40 33.93 7.80
N ARG H 38 -38.99 33.83 6.52
CA ARG H 38 -37.84 34.54 5.97
C ARG H 38 -38.17 36.02 5.78
N PRO H 39 -37.25 36.94 6.11
CA PRO H 39 -37.41 38.34 5.70
C PRO H 39 -37.68 38.54 4.20
N SER H 40 -37.42 37.53 3.35
CA SER H 40 -37.59 37.63 1.91
C SER H 40 -39.04 37.98 1.54
N GLY H 44 -45.90 43.23 3.08
CA GLY H 44 -46.70 43.57 4.27
C GLY H 44 -47.63 42.42 4.68
N ILE H 45 -48.93 42.57 4.39
CA ILE H 45 -49.96 41.74 4.99
C ILE H 45 -50.32 40.61 4.01
N SER H 46 -50.12 39.35 4.43
CA SER H 46 -50.36 38.21 3.56
C SER H 46 -51.84 38.07 3.23
N ARG H 47 -52.13 37.61 2.00
CA ARG H 47 -53.49 37.28 1.60
C ARG H 47 -53.59 35.82 1.15
N ASP H 48 -52.83 34.93 1.82
CA ASP H 48 -53.13 33.50 1.79
C ASP H 48 -53.95 33.19 3.04
N ALA H 49 -55.26 32.99 2.84
CA ALA H 49 -56.18 32.71 3.92
C ALA H 49 -55.74 31.47 4.72
N MET H 50 -54.80 30.67 4.19
CA MET H 50 -54.28 29.55 4.98
C MET H 50 -53.49 30.07 6.18
N LEU H 51 -53.06 31.34 6.12
CA LEU H 51 -52.24 31.96 7.15
C LEU H 51 -53.11 32.73 8.15
N ARG H 52 -54.42 32.49 8.14
CA ARG H 52 -55.31 32.98 9.19
C ARG H 52 -54.89 32.38 10.54
N ASN H 53 -55.33 32.99 11.65
CA ASN H 53 -55.09 32.53 13.01
C ASN H 53 -53.60 32.39 13.35
N ARG H 54 -52.79 33.36 12.90
CA ARG H 54 -51.35 33.37 13.11
C ARG H 54 -50.85 34.75 13.53
N ARG H 55 -49.69 34.77 14.22
CA ARG H 55 -48.77 35.91 14.18
C ARG H 55 -47.57 35.54 13.30
N ILE H 56 -47.33 36.34 12.25
CA ILE H 56 -46.18 36.22 11.36
C ILE H 56 -45.00 37.05 11.90
N VAL H 57 -43.91 36.38 12.29
CA VAL H 57 -42.63 37.01 12.59
C VAL H 57 -41.63 36.64 11.50
N THR H 58 -40.59 37.47 11.30
CA THR H 58 -39.47 37.10 10.44
C THR H 58 -38.22 36.87 11.31
N ALA H 59 -37.10 36.53 10.65
CA ALA H 59 -35.90 36.06 11.30
C ALA H 59 -35.09 35.23 10.31
N ASP H 60 -33.92 35.74 9.90
CA ASP H 60 -32.93 34.91 9.21
C ASP H 60 -32.38 33.92 10.24
N LEU H 61 -32.68 32.62 10.04
CA LEU H 61 -32.32 31.55 10.97
C LEU H 61 -30.87 31.13 10.75
N LYS H 62 -30.25 31.59 9.67
CA LYS H 62 -28.84 31.35 9.41
C LYS H 62 -27.99 32.32 10.22
N SER H 63 -28.52 33.50 10.59
CA SER H 63 -27.94 34.38 11.61
C SER H 63 -27.79 33.67 12.96
N ASP H 64 -26.94 34.21 13.83
CA ASP H 64 -26.81 33.69 15.19
C ASP H 64 -27.88 34.34 16.06
N GLN H 65 -28.22 35.57 15.68
CA GLN H 65 -29.32 36.31 16.26
C GLN H 65 -30.61 35.54 15.96
N GLY H 66 -30.98 35.50 14.68
CA GLY H 66 -32.09 34.70 14.17
C GLY H 66 -32.27 33.38 14.92
N LEU H 67 -31.18 32.61 15.10
CA LEU H 67 -31.24 31.29 15.71
C LEU H 67 -31.54 31.39 17.20
N GLU H 68 -30.98 32.41 17.85
CA GLU H 68 -31.11 32.51 19.31
C GLU H 68 -32.56 32.86 19.65
N LEU H 69 -33.16 33.80 18.89
CA LEU H 69 -34.55 34.21 19.03
C LEU H 69 -35.50 33.03 18.87
N ALA H 70 -35.46 32.40 17.68
CA ALA H 70 -36.16 31.16 17.42
C ALA H 70 -36.09 30.20 18.61
N LEU H 71 -34.89 30.01 19.18
CA LEU H 71 -34.70 29.05 20.27
C LEU H 71 -35.35 29.54 21.56
N LYS H 72 -35.56 30.86 21.68
CA LYS H 72 -36.22 31.41 22.85
C LYS H 72 -37.73 31.18 22.72
N LEU H 73 -38.29 31.44 21.53
CA LEU H 73 -39.68 31.14 21.20
C LEU H 73 -39.98 29.67 21.49
N ILE H 74 -39.11 28.80 20.99
CA ILE H 74 -39.27 27.36 21.11
C ILE H 74 -39.16 26.91 22.57
N ALA H 75 -38.52 27.74 23.40
CA ALA H 75 -38.37 27.39 24.80
C ALA H 75 -39.71 27.55 25.51
N LYS H 76 -40.45 28.61 25.16
CA LYS H 76 -41.70 28.94 25.81
C LYS H 76 -42.92 28.30 25.11
N ALA H 77 -42.70 27.34 24.19
CA ALA H 77 -43.79 26.81 23.37
C ALA H 77 -44.01 25.32 23.64
N ASP H 78 -45.17 24.83 23.21
CA ASP H 78 -45.57 23.45 23.42
C ASP H 78 -45.21 22.61 22.19
N VAL H 79 -45.32 23.23 21.00
CA VAL H 79 -45.24 22.47 19.77
C VAL H 79 -44.40 23.20 18.73
N LEU H 80 -43.56 22.41 18.03
CA LEU H 80 -42.86 22.88 16.85
C LEU H 80 -43.26 22.08 15.61
N ILE H 81 -43.56 22.85 14.56
CA ILE H 81 -43.92 22.33 13.26
C ILE H 81 -42.85 22.74 12.25
N GLU H 82 -42.21 21.73 11.64
CA GLU H 82 -41.37 22.01 10.48
C GLU H 82 -41.66 21.01 9.35
N GLY H 83 -41.62 21.53 8.12
CA GLY H 83 -41.81 20.69 6.95
C GLY H 83 -40.71 20.85 5.91
N TYR H 84 -39.45 20.92 6.35
CA TYR H 84 -38.33 20.95 5.40
C TYR H 84 -37.84 19.53 5.21
N ARG H 85 -36.91 19.37 4.24
CA ARG H 85 -36.28 18.07 4.03
C ARG H 85 -35.62 17.66 5.35
N PRO H 86 -35.52 16.35 5.65
CA PRO H 86 -34.80 15.91 6.83
C PRO H 86 -33.33 16.35 6.80
N GLY H 87 -32.79 16.78 7.96
CA GLY H 87 -31.44 17.31 8.08
C GLY H 87 -31.41 18.84 8.08
N VAL H 88 -32.50 19.48 7.65
CA VAL H 88 -32.43 20.91 7.43
C VAL H 88 -32.50 21.64 8.77
N THR H 89 -33.43 21.22 9.65
CA THR H 89 -33.50 21.89 10.94
C THR H 89 -32.21 21.57 11.73
N GLU H 90 -31.72 20.33 11.64
CA GLU H 90 -30.47 19.96 12.29
C GLU H 90 -29.36 20.97 11.93
N ARG H 91 -29.16 21.22 10.63
CA ARG H 91 -28.07 22.09 10.21
C ARG H 91 -28.33 23.55 10.57
N LEU H 92 -29.56 23.93 10.88
CA LEU H 92 -29.80 25.32 11.27
C LEU H 92 -29.51 25.52 12.75
N GLY H 93 -29.40 24.42 13.51
CA GLY H 93 -29.29 24.48 14.97
C GLY H 93 -30.63 24.31 15.70
N LEU H 94 -31.66 23.85 14.96
CA LEU H 94 -33.05 23.84 15.41
C LEU H 94 -33.62 22.43 15.40
N GLY H 95 -32.75 21.43 15.30
CA GLY H 95 -33.17 20.04 15.30
C GLY H 95 -33.75 19.61 16.64
N PRO H 96 -34.21 18.34 16.74
CA PRO H 96 -34.77 17.82 17.98
C PRO H 96 -33.79 17.78 19.16
N GLU H 97 -32.49 17.62 18.91
CA GLU H 97 -31.54 17.66 20.00
C GLU H 97 -31.33 19.10 20.48
N GLU H 98 -31.15 20.04 19.56
CA GLU H 98 -31.02 21.44 19.96
C GLU H 98 -32.29 21.94 20.66
N CYS H 99 -33.43 21.34 20.30
CA CYS H 99 -34.70 21.80 20.84
C CYS H 99 -34.91 21.17 22.23
N ALA H 100 -34.47 19.91 22.42
CA ALA H 100 -34.64 19.17 23.67
C ALA H 100 -33.78 19.72 24.82
N LYS H 101 -32.84 20.61 24.48
CA LYS H 101 -32.00 21.29 25.44
C LYS H 101 -32.73 22.47 26.05
N VAL H 102 -33.37 23.27 25.21
CA VAL H 102 -34.05 24.45 25.72
C VAL H 102 -35.52 24.13 26.04
N ASN H 103 -35.90 22.84 26.13
CA ASN H 103 -37.29 22.45 26.38
C ASN H 103 -37.47 20.96 26.12
N ASP H 104 -37.49 20.15 27.19
CA ASP H 104 -37.69 18.70 27.05
C ASP H 104 -39.18 18.33 27.11
N ARG H 105 -40.07 19.32 26.95
CA ARG H 105 -41.50 19.01 26.88
C ARG H 105 -42.05 19.27 25.48
N LEU H 106 -41.16 19.55 24.52
CA LEU H 106 -41.56 20.04 23.21
C LEU H 106 -42.16 18.88 22.41
N ILE H 107 -43.26 19.17 21.71
CA ILE H 107 -43.69 18.27 20.67
C ILE H 107 -43.02 18.72 19.36
N TYR H 108 -42.14 17.86 18.87
CA TYR H 108 -41.33 18.16 17.69
C TYR H 108 -41.96 17.48 16.47
N ALA H 109 -42.62 18.29 15.61
CA ALA H 109 -43.51 17.74 14.60
C ALA H 109 -42.93 17.95 13.23
N ARG H 110 -42.58 16.81 12.60
CA ARG H 110 -41.86 16.81 11.34
C ARG H 110 -42.75 16.28 10.22
N MET H 111 -43.09 17.21 9.32
CA MET H 111 -44.00 16.99 8.20
C MET H 111 -43.22 16.75 6.90
N THR H 112 -43.15 15.52 6.41
CA THR H 112 -42.51 15.32 5.12
C THR H 112 -43.41 14.47 4.24
N GLY H 113 -42.94 14.23 3.01
CA GLY H 113 -43.65 13.30 2.13
C GLY H 113 -43.11 11.90 2.29
N TRP H 114 -41.78 11.78 2.21
CA TRP H 114 -41.16 10.46 2.12
C TRP H 114 -40.76 9.94 3.50
N GLY H 115 -40.73 10.84 4.49
CA GLY H 115 -40.29 10.48 5.83
C GLY H 115 -38.85 10.90 6.13
N GLN H 116 -38.39 10.50 7.32
CA GLN H 116 -37.17 11.01 7.90
C GLN H 116 -35.96 10.24 7.40
N THR H 117 -36.14 8.98 7.00
CA THR H 117 -35.02 8.16 6.56
C THR H 117 -35.43 7.35 5.34
N GLY H 118 -34.46 6.64 4.75
CA GLY H 118 -34.72 5.73 3.65
C GLY H 118 -34.40 6.36 2.29
N PRO H 119 -34.35 5.54 1.22
CA PRO H 119 -33.72 5.94 -0.04
C PRO H 119 -34.30 7.18 -0.68
N ARG H 120 -35.57 7.52 -0.40
CA ARG H 120 -36.16 8.68 -1.03
C ARG H 120 -36.22 9.84 -0.08
N SER H 121 -35.59 9.71 1.09
CA SER H 121 -35.76 10.70 2.16
C SER H 121 -35.31 12.09 1.75
N GLN H 122 -34.43 12.22 0.73
CA GLN H 122 -33.94 13.53 0.34
C GLN H 122 -34.47 13.96 -1.03
N GLN H 123 -35.36 13.18 -1.61
CA GLN H 123 -35.85 13.42 -2.96
C GLN H 123 -36.97 14.46 -2.97
N ALA H 124 -36.88 15.47 -3.83
CA ALA H 124 -37.96 16.43 -3.93
C ALA H 124 -39.22 15.68 -4.33
N GLY H 125 -40.37 16.28 -4.04
CA GLY H 125 -41.63 15.64 -4.40
C GLY H 125 -42.82 16.53 -4.11
N HIS H 126 -43.98 16.09 -4.62
CA HIS H 126 -45.24 16.70 -4.27
C HIS H 126 -46.30 15.61 -4.09
N ASP H 127 -47.50 16.05 -3.71
CA ASP H 127 -48.60 15.14 -3.38
C ASP H 127 -48.64 13.95 -4.35
N ILE H 128 -48.74 14.28 -5.66
CA ILE H 128 -48.92 13.29 -6.71
C ILE H 128 -47.86 12.19 -6.64
N ASN H 129 -46.62 12.56 -6.26
CA ASN H 129 -45.55 11.58 -6.21
C ASN H 129 -45.76 10.65 -5.04
N TYR H 130 -46.10 11.19 -3.87
CA TYR H 130 -46.28 10.37 -2.66
C TYR H 130 -47.43 9.38 -2.86
N ILE H 131 -48.53 9.83 -3.46
CA ILE H 131 -49.67 8.92 -3.63
C ILE H 131 -49.46 7.99 -4.81
N SER H 132 -48.45 8.27 -5.67
CA SER H 132 -48.21 7.34 -6.78
C SER H 132 -47.50 6.07 -6.30
N LEU H 133 -46.75 6.17 -5.19
CA LEU H 133 -45.86 5.08 -4.81
C LEU H 133 -46.58 4.03 -3.96
N ASN H 134 -47.73 4.38 -3.38
CA ASN H 134 -48.37 3.51 -2.40
C ASN H 134 -49.73 3.00 -2.89
N GLY H 135 -49.95 3.09 -4.22
CA GLY H 135 -51.09 2.45 -4.85
C GLY H 135 -52.34 3.32 -5.01
N ILE H 136 -52.39 4.47 -4.35
CA ILE H 136 -53.58 5.32 -4.29
C ILE H 136 -53.89 5.93 -5.67
N LEU H 137 -52.95 6.67 -6.27
CA LEU H 137 -53.19 7.36 -7.52
C LEU H 137 -53.66 6.39 -8.58
N HIS H 138 -53.09 5.19 -8.61
CA HIS H 138 -53.44 4.19 -9.60
C HIS H 138 -54.93 3.86 -9.56
N ALA H 139 -55.52 3.96 -8.38
CA ALA H 139 -56.90 3.58 -8.14
C ALA H 139 -57.89 4.67 -8.52
N ILE H 140 -57.44 5.87 -8.88
CA ILE H 140 -58.34 7.00 -9.09
C ILE H 140 -58.49 7.36 -10.57
N GLY H 141 -59.76 7.41 -11.05
CA GLY H 141 -60.14 7.88 -12.37
C GLY H 141 -60.85 6.79 -13.16
N ARG H 142 -61.30 7.08 -14.37
CA ARG H 142 -61.96 6.08 -15.21
C ARG H 142 -60.97 5.00 -15.69
N GLY H 143 -61.51 3.81 -15.93
CA GLY H 143 -60.73 2.63 -16.24
C GLY H 143 -60.03 2.75 -17.60
N ASP H 144 -60.64 3.46 -18.53
CA ASP H 144 -60.14 3.50 -19.89
C ASP H 144 -59.17 4.67 -20.08
N GLU H 145 -58.52 5.14 -19.03
CA GLU H 145 -57.89 6.45 -19.05
C GLU H 145 -56.79 6.52 -18.00
N ARG H 146 -55.92 7.51 -18.10
CA ARG H 146 -54.80 7.57 -17.19
C ARG H 146 -55.28 8.11 -15.84
N PRO H 147 -54.64 7.67 -14.72
CA PRO H 147 -55.07 8.08 -13.41
C PRO H 147 -55.18 9.59 -13.28
N VAL H 148 -56.15 10.03 -12.49
CA VAL H 148 -56.31 11.46 -12.29
C VAL H 148 -55.96 11.84 -10.85
N PRO H 149 -55.19 12.91 -10.66
CA PRO H 149 -54.85 13.34 -9.31
C PRO H 149 -56.06 13.95 -8.61
N PRO H 150 -56.34 13.51 -7.37
CA PRO H 150 -57.46 14.03 -6.60
C PRO H 150 -57.09 15.35 -5.95
N LEU H 151 -56.78 16.32 -6.83
CA LEU H 151 -56.05 17.50 -6.43
C LEU H 151 -54.91 17.06 -5.52
N ASN H 152 -54.66 17.82 -4.45
CA ASN H 152 -53.64 17.44 -3.47
C ASN H 152 -54.29 17.18 -2.12
N LEU H 153 -55.50 16.60 -2.16
CA LEU H 153 -56.29 16.39 -0.96
C LEU H 153 -55.77 15.20 -0.14
N VAL H 154 -55.18 14.20 -0.81
CA VAL H 154 -55.03 12.92 -0.18
C VAL H 154 -53.61 12.81 0.44
N GLY H 155 -52.62 13.39 -0.22
CA GLY H 155 -51.23 13.32 0.25
C GLY H 155 -50.90 14.48 1.18
N ASP H 156 -51.04 15.72 0.70
CA ASP H 156 -50.83 16.87 1.57
C ASP H 156 -51.76 16.95 2.79
N PHE H 157 -53.08 16.77 2.61
CA PHE H 157 -54.00 17.12 3.69
C PHE H 157 -54.49 15.84 4.36
N GLY H 158 -55.32 15.06 3.66
CA GLY H 158 -55.90 13.91 4.32
C GLY H 158 -54.88 12.98 4.96
N GLY H 159 -53.78 12.69 4.23
CA GLY H 159 -52.76 11.78 4.71
C GLY H 159 -51.49 12.51 5.16
N GLY H 160 -51.60 13.83 5.29
CA GLY H 160 -50.46 14.71 5.51
C GLY H 160 -50.61 15.54 6.80
N SER H 161 -51.05 16.78 6.65
CA SER H 161 -51.39 17.62 7.77
C SER H 161 -52.26 16.90 8.80
N MET H 162 -53.21 16.07 8.37
CA MET H 162 -54.19 15.55 9.33
C MET H 162 -53.54 14.52 10.24
N PHE H 163 -52.58 13.76 9.70
CA PHE H 163 -51.85 12.83 10.52
C PHE H 163 -50.82 13.55 11.39
N LEU H 164 -50.32 14.69 10.93
CA LEU H 164 -49.45 15.54 11.73
C LEU H 164 -50.22 15.94 12.98
N LEU H 165 -51.44 16.47 12.78
CA LEU H 165 -52.30 16.89 13.87
C LEU H 165 -52.63 15.77 14.85
N VAL H 166 -52.98 14.59 14.35
CA VAL H 166 -53.26 13.48 15.23
C VAL H 166 -52.03 13.15 16.07
N GLY H 167 -50.82 13.31 15.50
CA GLY H 167 -49.60 12.93 16.18
C GLY H 167 -49.23 13.94 17.28
N ILE H 168 -49.35 15.22 16.95
CA ILE H 168 -49.20 16.32 17.88
C ILE H 168 -50.13 16.11 19.09
N LEU H 169 -51.45 16.08 18.84
CA LEU H 169 -52.42 16.04 19.93
C LEU H 169 -52.28 14.71 20.66
N ALA H 170 -51.96 13.60 19.98
CA ALA H 170 -51.77 12.34 20.70
C ALA H 170 -50.57 12.42 21.63
N ALA H 171 -49.54 13.17 21.20
CA ALA H 171 -48.31 13.27 21.99
C ALA H 171 -48.52 14.27 23.12
N LEU H 172 -49.34 15.33 22.88
CA LEU H 172 -49.76 16.29 23.89
C LEU H 172 -50.52 15.63 25.03
N TRP H 173 -51.22 14.53 24.74
CA TRP H 173 -51.92 13.76 25.77
C TRP H 173 -50.90 12.97 26.56
N GLU H 174 -50.05 12.23 25.85
CA GLU H 174 -49.06 11.37 26.47
C GLU H 174 -48.11 12.21 27.34
N ARG H 175 -47.93 13.49 26.97
CA ARG H 175 -47.11 14.43 27.72
C ARG H 175 -47.70 14.67 29.11
N GLN H 176 -49.00 14.98 29.14
CA GLN H 176 -49.68 15.29 30.39
C GLN H 176 -49.46 14.18 31.41
N SER H 177 -49.11 12.97 30.95
CA SER H 177 -48.89 11.83 31.83
C SER H 177 -47.42 11.50 32.09
N SER H 178 -46.49 11.84 31.19
CA SER H 178 -45.10 11.49 31.45
C SER H 178 -44.18 12.72 31.40
N GLY H 179 -44.77 13.93 31.40
CA GLY H 179 -44.02 15.16 31.54
C GLY H 179 -43.14 15.50 30.32
N LYS H 180 -43.07 14.58 29.35
CA LYS H 180 -42.05 14.60 28.31
C LYS H 180 -42.65 14.86 26.91
N GLY H 181 -41.92 15.65 26.11
CA GLY H 181 -42.16 15.79 24.69
C GLY H 181 -41.62 14.60 23.89
N GLN H 182 -41.70 14.69 22.55
CA GLN H 182 -41.12 13.66 21.68
C GLN H 182 -41.25 14.12 20.22
N VAL H 183 -40.72 13.28 19.30
CA VAL H 183 -40.71 13.58 17.87
C VAL H 183 -41.84 12.82 17.16
N VAL H 184 -42.65 13.57 16.42
CA VAL H 184 -43.64 13.05 15.49
C VAL H 184 -43.08 13.18 14.07
N ASP H 185 -42.77 12.02 13.50
CA ASP H 185 -42.47 11.81 12.10
C ASP H 185 -43.76 11.48 11.32
N ALA H 186 -44.36 12.50 10.71
CA ALA H 186 -45.53 12.35 9.85
C ALA H 186 -45.11 12.37 8.39
N ALA H 187 -45.17 11.20 7.75
CA ALA H 187 -44.82 11.08 6.34
C ALA H 187 -46.08 10.88 5.49
N MET H 188 -46.26 11.72 4.47
CA MET H 188 -47.43 11.67 3.61
C MET H 188 -47.66 10.28 3.00
N VAL H 189 -46.60 9.53 2.73
CA VAL H 189 -46.74 8.22 2.10
C VAL H 189 -47.30 7.21 3.10
N ASP H 190 -47.12 7.49 4.40
CA ASP H 190 -47.64 6.61 5.43
C ASP H 190 -49.10 6.99 5.76
N GLY H 191 -49.28 8.25 6.15
CA GLY H 191 -50.60 8.76 6.47
C GLY H 191 -51.60 8.43 5.37
N SER H 192 -51.19 8.55 4.10
CA SER H 192 -52.17 8.38 3.04
C SER H 192 -52.44 6.88 2.91
N SER H 193 -51.49 6.04 3.33
CA SER H 193 -51.70 4.60 3.30
C SER H 193 -52.69 4.18 4.40
N VAL H 194 -52.69 4.88 5.53
CA VAL H 194 -53.64 4.52 6.58
C VAL H 194 -55.02 5.06 6.20
N LEU H 195 -55.03 6.24 5.57
CA LEU H 195 -56.22 6.85 5.03
C LEU H 195 -56.99 5.87 4.16
N ILE H 196 -56.28 4.97 3.47
CA ILE H 196 -56.90 4.12 2.47
C ILE H 196 -56.91 2.68 2.99
N GLN H 197 -56.84 2.52 4.30
CA GLN H 197 -56.79 1.16 4.86
C GLN H 197 -58.03 0.33 4.48
N MET H 198 -59.17 1.00 4.26
CA MET H 198 -60.37 0.27 3.81
C MET H 198 -60.06 -0.54 2.54
N MET H 199 -59.39 0.10 1.58
CA MET H 199 -59.14 -0.57 0.32
C MET H 199 -58.19 -1.74 0.54
N TRP H 200 -57.23 -1.56 1.45
CA TRP H 200 -56.26 -2.63 1.67
C TRP H 200 -56.98 -3.79 2.35
N ALA H 201 -57.93 -3.47 3.24
CA ALA H 201 -58.76 -4.49 3.91
C ALA H 201 -59.63 -5.24 2.91
N MET H 202 -60.44 -4.51 2.14
CA MET H 202 -61.31 -5.10 1.14
C MET H 202 -60.50 -5.91 0.13
N ARG H 203 -59.30 -5.46 -0.18
CA ARG H 203 -58.46 -6.16 -1.15
C ARG H 203 -58.14 -7.57 -0.67
N ALA H 204 -57.89 -7.69 0.64
CA ALA H 204 -57.45 -8.93 1.27
C ALA H 204 -58.60 -9.94 1.30
N THR H 205 -59.84 -9.44 1.34
CA THR H 205 -61.02 -10.29 1.36
C THR H 205 -61.64 -10.40 -0.03
N GLY H 206 -60.89 -10.12 -1.11
CA GLY H 206 -61.41 -10.19 -2.47
C GLY H 206 -62.56 -9.21 -2.77
N MET H 207 -62.69 -8.09 -2.05
CA MET H 207 -63.77 -7.14 -2.31
C MET H 207 -63.26 -5.84 -2.96
N TRP H 208 -62.04 -5.86 -3.54
CA TRP H 208 -61.50 -4.73 -4.27
C TRP H 208 -60.41 -5.23 -5.21
N THR H 209 -60.47 -4.86 -6.51
CA THR H 209 -59.40 -5.24 -7.44
C THR H 209 -58.58 -4.01 -7.83
N ASP H 210 -57.36 -4.31 -8.28
CA ASP H 210 -56.42 -3.32 -8.75
C ASP H 210 -56.83 -2.69 -10.09
N THR H 211 -57.85 -3.25 -10.75
CA THR H 211 -58.40 -2.63 -11.95
C THR H 211 -59.10 -1.32 -11.60
N ARG H 212 -58.62 -0.23 -12.20
CA ARG H 212 -59.24 1.08 -12.02
C ARG H 212 -60.61 1.09 -12.70
N GLY H 213 -61.59 1.69 -12.03
CA GLY H 213 -62.92 1.90 -12.61
C GLY H 213 -63.83 0.68 -12.51
N ALA H 214 -63.50 -0.28 -11.66
CA ALA H 214 -64.23 -1.55 -11.59
C ALA H 214 -64.62 -1.93 -10.17
N ASN H 215 -64.82 -0.97 -9.26
CA ASN H 215 -65.04 -1.30 -7.86
C ASN H 215 -66.27 -0.55 -7.36
N MET H 216 -66.67 -0.86 -6.13
CA MET H 216 -67.86 -0.28 -5.55
C MET H 216 -67.72 1.24 -5.45
N LEU H 217 -66.50 1.75 -5.16
CA LEU H 217 -66.40 3.11 -4.68
C LEU H 217 -65.52 4.02 -5.56
N ASP H 218 -65.12 3.54 -6.75
CA ASP H 218 -64.17 4.28 -7.58
C ASP H 218 -64.86 4.89 -8.79
N GLY H 219 -66.20 4.72 -8.90
CA GLY H 219 -66.96 5.22 -10.02
C GLY H 219 -67.41 4.09 -10.95
N GLY H 220 -66.93 2.88 -10.74
CA GLY H 220 -67.37 1.74 -11.55
C GLY H 220 -68.82 1.29 -11.30
N ALA H 221 -69.33 1.45 -10.07
CA ALA H 221 -70.69 1.04 -9.74
C ALA H 221 -71.65 2.11 -10.24
N PRO H 222 -72.68 1.75 -11.04
CA PRO H 222 -73.69 2.68 -11.50
C PRO H 222 -74.45 3.41 -10.40
N TYR H 223 -74.48 2.82 -9.21
CA TYR H 223 -75.15 3.47 -8.08
C TYR H 223 -74.20 4.23 -7.15
N TYR H 224 -72.96 4.46 -7.61
CA TYR H 224 -71.99 5.22 -6.85
C TYR H 224 -71.12 5.97 -7.84
N ASP H 225 -71.66 7.05 -8.39
CA ASP H 225 -71.03 7.72 -9.51
C ASP H 225 -71.79 9.01 -9.79
N THR H 226 -71.26 9.83 -10.70
CA THR H 226 -71.95 11.03 -11.13
C THR H 226 -72.66 10.76 -12.45
N TYR H 227 -73.71 11.56 -12.72
CA TYR H 227 -74.48 11.46 -13.94
C TYR H 227 -74.69 12.88 -14.46
N GLU H 228 -74.69 12.99 -15.78
CA GLU H 228 -74.94 14.25 -16.45
C GLU H 228 -76.44 14.44 -16.66
N CYS H 229 -76.94 15.64 -16.37
CA CYS H 229 -78.35 15.99 -16.46
C CYS H 229 -78.60 16.80 -17.74
N ALA H 230 -79.86 17.12 -18.02
CA ALA H 230 -80.22 17.76 -19.29
C ALA H 230 -79.53 19.12 -19.49
N ASP H 231 -79.16 19.80 -18.40
CA ASP H 231 -78.55 21.12 -18.49
C ASP H 231 -77.01 21.01 -18.54
N GLY H 232 -76.44 19.80 -18.59
CA GLY H 232 -74.98 19.64 -18.65
C GLY H 232 -74.33 19.74 -17.27
N ARG H 233 -75.14 19.88 -16.21
CA ARG H 233 -74.65 19.85 -14.85
C ARG H 233 -74.84 18.44 -14.31
N TYR H 234 -74.35 18.14 -13.11
CA TYR H 234 -74.23 16.77 -12.66
C TYR H 234 -74.96 16.57 -11.33
N VAL H 235 -75.36 15.32 -11.11
CA VAL H 235 -75.72 14.85 -9.79
C VAL H 235 -74.74 13.75 -9.42
N ALA H 236 -74.59 13.59 -8.10
CA ALA H 236 -73.96 12.43 -7.48
C ALA H 236 -75.03 11.46 -6.99
N VAL H 237 -74.77 10.19 -7.28
CA VAL H 237 -75.53 9.07 -6.78
C VAL H 237 -74.64 8.24 -5.87
N GLY H 238 -75.18 7.92 -4.70
CA GLY H 238 -74.45 7.19 -3.68
C GLY H 238 -75.30 6.09 -3.04
N ALA H 239 -76.23 5.52 -3.80
CA ALA H 239 -77.26 4.66 -3.23
C ALA H 239 -76.79 3.23 -3.11
N ILE H 240 -75.91 2.99 -2.14
CA ILE H 240 -75.28 1.69 -1.96
C ILE H 240 -76.27 0.68 -1.36
N GLU H 241 -76.96 1.08 -0.31
CA GLU H 241 -77.89 0.19 0.37
C GLU H 241 -79.11 -0.06 -0.50
N PRO H 242 -79.58 -1.31 -0.59
CA PRO H 242 -80.69 -1.66 -1.48
C PRO H 242 -81.95 -0.79 -1.31
N GLN H 243 -82.26 -0.43 -0.07
CA GLN H 243 -83.48 0.32 0.21
C GLN H 243 -83.30 1.72 -0.33
N PHE H 244 -82.07 2.26 -0.29
CA PHE H 244 -81.84 3.60 -0.78
C PHE H 244 -81.86 3.54 -2.30
N TYR H 245 -81.34 2.45 -2.87
CA TYR H 245 -81.30 2.29 -4.31
C TYR H 245 -82.74 2.21 -4.83
N ALA H 246 -83.57 1.41 -4.16
CA ALA H 246 -84.97 1.26 -4.53
C ALA H 246 -85.67 2.62 -4.52
N ALA H 247 -85.40 3.44 -3.49
CA ALA H 247 -85.95 4.79 -3.44
C ALA H 247 -85.56 5.61 -4.67
N MET H 248 -84.29 5.50 -5.08
CA MET H 248 -83.82 6.27 -6.22
C MET H 248 -84.52 5.86 -7.51
N LEU H 249 -84.67 4.54 -7.73
CA LEU H 249 -85.31 4.01 -8.93
C LEU H 249 -86.73 4.54 -9.05
N ALA H 250 -87.43 4.54 -7.92
CA ALA H 250 -88.82 4.99 -7.89
C ALA H 250 -88.90 6.47 -8.22
N GLY H 251 -87.93 7.29 -7.77
CA GLY H 251 -87.94 8.71 -8.08
C GLY H 251 -87.55 9.00 -9.52
N LEU H 252 -86.84 8.03 -10.15
CA LEU H 252 -86.40 8.17 -11.53
C LEU H 252 -87.48 7.69 -12.48
N GLY H 253 -88.51 7.04 -11.95
CA GLY H 253 -89.59 6.53 -12.76
C GLY H 253 -89.24 5.15 -13.29
N LEU H 254 -88.28 4.46 -12.68
CA LEU H 254 -87.79 3.24 -13.28
C LEU H 254 -88.27 2.07 -12.43
N ASP H 255 -88.66 1.03 -13.16
CA ASP H 255 -89.33 -0.09 -12.57
C ASP H 255 -88.26 -1.17 -12.41
N ALA H 256 -88.09 -1.69 -11.19
CA ALA H 256 -86.99 -2.57 -10.84
C ALA H 256 -87.00 -3.86 -11.66
N ALA H 257 -88.19 -4.38 -12.00
CA ALA H 257 -88.28 -5.62 -12.75
C ALA H 257 -87.80 -5.44 -14.20
N GLU H 258 -87.63 -4.20 -14.67
CA GLU H 258 -87.11 -3.94 -16.02
C GLU H 258 -85.58 -3.83 -16.06
N LEU H 259 -84.91 -3.83 -14.89
CA LEU H 259 -83.52 -3.39 -14.80
C LEU H 259 -82.68 -4.60 -14.45
N PRO H 260 -81.38 -4.63 -14.79
CA PRO H 260 -80.50 -5.64 -14.21
C PRO H 260 -80.46 -5.51 -12.70
N PRO H 261 -80.11 -6.58 -11.96
CA PRO H 261 -79.85 -6.46 -10.53
C PRO H 261 -78.77 -5.41 -10.24
N GLN H 262 -78.89 -4.77 -9.06
CA GLN H 262 -78.06 -3.64 -8.64
C GLN H 262 -76.58 -4.04 -8.65
N ASN H 263 -76.28 -5.28 -8.21
CA ASN H 263 -74.92 -5.73 -7.97
C ASN H 263 -74.54 -6.89 -8.90
N ASP H 264 -75.20 -7.03 -10.05
CA ASP H 264 -74.67 -7.88 -11.09
C ASP H 264 -73.68 -7.04 -11.92
N ARG H 265 -72.39 -7.20 -11.60
CA ARG H 265 -71.28 -6.45 -12.15
C ARG H 265 -71.19 -6.63 -13.67
N ALA H 266 -71.49 -7.82 -14.19
CA ALA H 266 -71.39 -8.04 -15.62
C ALA H 266 -72.37 -7.16 -16.41
N ARG H 267 -73.53 -6.79 -15.79
CA ARG H 267 -74.55 -6.00 -16.45
C ARG H 267 -74.51 -4.52 -16.08
N TRP H 268 -73.46 -4.13 -15.36
CA TRP H 268 -73.36 -2.76 -14.91
C TRP H 268 -73.35 -1.76 -16.07
N PRO H 269 -72.72 -2.05 -17.24
CA PRO H 269 -72.82 -1.13 -18.37
C PRO H 269 -74.26 -0.91 -18.85
N GLU H 270 -75.07 -1.97 -18.82
CA GLU H 270 -76.48 -1.87 -19.17
C GLU H 270 -77.21 -0.98 -18.14
N LEU H 271 -77.04 -1.28 -16.84
CA LEU H 271 -77.65 -0.52 -15.77
C LEU H 271 -77.33 0.96 -15.91
N ARG H 272 -76.04 1.23 -16.13
CA ARG H 272 -75.55 2.59 -16.24
C ARG H 272 -76.23 3.29 -17.41
N ALA H 273 -76.37 2.59 -18.53
CA ALA H 273 -77.00 3.17 -19.71
C ALA H 273 -78.45 3.60 -19.42
N LEU H 274 -79.19 2.77 -18.68
CA LEU H 274 -80.57 3.07 -18.29
C LEU H 274 -80.64 4.24 -17.29
N LEU H 275 -79.77 4.27 -16.27
CA LEU H 275 -79.72 5.39 -15.31
C LEU H 275 -79.33 6.68 -16.02
N THR H 276 -78.42 6.56 -17.00
CA THR H 276 -77.88 7.71 -17.75
C THR H 276 -79.02 8.41 -18.48
N GLU H 277 -79.79 7.63 -19.25
CA GLU H 277 -80.99 8.11 -19.91
C GLU H 277 -81.95 8.79 -18.92
N ALA H 278 -82.22 8.17 -17.76
CA ALA H 278 -83.16 8.78 -16.83
C ALA H 278 -82.66 10.17 -16.39
N PHE H 279 -81.45 10.24 -15.87
CA PHE H 279 -80.97 11.49 -15.30
C PHE H 279 -80.79 12.57 -16.36
N ALA H 280 -80.52 12.16 -17.62
CA ALA H 280 -80.41 13.09 -18.74
C ALA H 280 -81.75 13.72 -19.12
N SER H 281 -82.88 13.23 -18.62
CA SER H 281 -84.16 13.76 -19.10
C SER H 281 -84.58 14.99 -18.31
N HIS H 282 -83.90 15.32 -17.22
CA HIS H 282 -84.20 16.54 -16.50
C HIS H 282 -82.91 17.23 -16.06
N ASP H 283 -83.04 18.49 -15.65
CA ASP H 283 -81.88 19.28 -15.26
C ASP H 283 -81.53 18.97 -13.80
N ARG H 284 -80.33 19.40 -13.39
CA ARG H 284 -79.79 19.03 -12.09
C ARG H 284 -80.68 19.49 -10.94
N ASP H 285 -81.22 20.71 -11.03
CA ASP H 285 -82.02 21.28 -9.93
C ASP H 285 -83.35 20.53 -9.79
N HIS H 286 -83.88 20.01 -10.89
CA HIS H 286 -85.04 19.15 -10.81
C HIS H 286 -84.73 17.97 -9.88
N TRP H 287 -83.59 17.29 -10.08
CA TRP H 287 -83.35 16.09 -9.30
C TRP H 287 -83.09 16.45 -7.83
N GLY H 288 -82.44 17.58 -7.61
CA GLY H 288 -82.13 18.00 -6.26
C GLY H 288 -83.40 18.17 -5.46
N ALA H 289 -84.42 18.74 -6.11
CA ALA H 289 -85.73 19.00 -5.51
C ALA H 289 -86.52 17.69 -5.37
N VAL H 290 -86.57 16.88 -6.42
CA VAL H 290 -87.27 15.61 -6.35
C VAL H 290 -86.80 14.76 -5.17
N PHE H 291 -85.50 14.82 -4.87
CA PHE H 291 -84.90 13.89 -3.93
C PHE H 291 -84.58 14.58 -2.60
N ALA H 292 -84.91 15.87 -2.43
CA ALA H 292 -84.85 16.48 -1.10
C ALA H 292 -85.72 15.69 -0.11
N ASN H 293 -85.12 15.33 1.02
CA ASN H 293 -85.76 14.73 2.19
C ASN H 293 -85.85 13.23 2.01
N SER H 294 -85.21 12.74 0.93
CA SER H 294 -85.25 11.33 0.64
C SER H 294 -83.95 10.70 1.02
N ASP H 295 -84.03 9.38 1.22
CA ASP H 295 -82.89 8.52 1.36
C ASP H 295 -82.37 7.99 0.01
N ALA H 296 -82.71 8.64 -1.10
CA ALA H 296 -82.22 8.18 -2.40
C ALA H 296 -80.70 8.38 -2.62
N CYS H 297 -80.03 9.16 -1.76
CA CYS H 297 -78.61 9.47 -1.88
C CYS H 297 -78.28 10.04 -3.26
N VAL H 298 -79.07 11.02 -3.72
CA VAL H 298 -78.81 11.78 -4.91
C VAL H 298 -78.70 13.25 -4.51
N THR H 299 -77.60 13.90 -4.90
CA THR H 299 -77.37 15.30 -4.52
C THR H 299 -76.88 16.04 -5.76
N PRO H 300 -77.06 17.37 -5.79
CA PRO H 300 -76.49 18.17 -6.85
C PRO H 300 -74.97 18.30 -6.67
N VAL H 301 -74.24 18.25 -7.79
CA VAL H 301 -72.81 18.47 -7.77
C VAL H 301 -72.62 19.95 -8.00
N LEU H 302 -72.29 20.67 -6.91
CA LEU H 302 -72.14 22.13 -6.97
C LEU H 302 -70.68 22.49 -7.26
N ALA H 303 -70.49 23.46 -8.16
CA ALA H 303 -69.22 24.16 -8.29
C ALA H 303 -69.00 25.07 -7.08
N PHE H 304 -67.74 25.26 -6.66
CA PHE H 304 -67.36 26.15 -5.56
C PHE H 304 -68.21 27.44 -5.54
N GLY H 305 -68.36 28.06 -6.72
CA GLY H 305 -69.05 29.32 -6.92
C GLY H 305 -70.55 29.28 -6.62
N GLU H 306 -71.12 28.09 -6.43
CA GLU H 306 -72.54 27.92 -6.15
C GLU H 306 -72.76 27.53 -4.69
N VAL H 307 -71.70 27.18 -3.99
CA VAL H 307 -71.87 26.57 -2.69
C VAL H 307 -72.54 27.53 -1.70
N HIS H 308 -72.24 28.84 -1.81
CA HIS H 308 -72.73 29.83 -0.86
C HIS H 308 -74.26 29.94 -0.92
N ASN H 309 -74.89 29.51 -2.02
CA ASN H 309 -76.34 29.56 -2.17
C ASN H 309 -77.06 28.25 -1.82
N GLU H 310 -76.42 27.36 -1.07
CA GLU H 310 -76.99 26.05 -0.78
C GLU H 310 -77.54 26.06 0.63
N PRO H 311 -78.88 25.91 0.80
CA PRO H 311 -79.51 26.05 2.11
C PRO H 311 -78.78 25.34 3.24
N HIS H 312 -78.41 24.08 3.03
CA HIS H 312 -77.82 23.32 4.11
C HIS H 312 -76.44 23.87 4.49
N ILE H 313 -75.78 24.54 3.53
CA ILE H 313 -74.45 25.08 3.74
C ILE H 313 -74.62 26.36 4.53
N ILE H 314 -75.51 27.21 4.04
CA ILE H 314 -75.88 28.47 4.66
C ILE H 314 -76.29 28.27 6.13
N GLU H 315 -77.25 27.38 6.36
CA GLU H 315 -77.86 27.31 7.67
C GLU H 315 -76.90 26.79 8.72
N ARG H 316 -75.92 25.96 8.38
CA ARG H 316 -74.98 25.49 9.40
C ARG H 316 -73.73 26.37 9.49
N ASN H 317 -73.67 27.45 8.70
CA ASN H 317 -72.52 28.34 8.58
C ASN H 317 -71.24 27.53 8.38
N THR H 318 -71.22 26.68 7.34
CA THR H 318 -70.02 25.92 7.07
C THR H 318 -68.94 26.88 6.55
N PHE H 319 -69.37 27.96 5.89
CA PHE H 319 -68.49 28.98 5.34
C PHE H 319 -68.74 30.33 6.02
N TYR H 320 -67.74 31.22 5.97
CA TYR H 320 -67.90 32.63 6.33
C TYR H 320 -67.29 33.46 5.21
N GLU H 321 -67.77 34.69 5.05
CA GLU H 321 -67.21 35.60 4.07
C GLU H 321 -66.01 36.31 4.67
N ALA H 322 -65.00 36.59 3.82
CA ALA H 322 -63.84 37.37 4.20
C ALA H 322 -63.32 38.05 2.93
N ASN H 323 -62.00 38.24 2.82
CA ASN H 323 -61.31 38.62 1.58
C ASN H 323 -62.28 39.33 0.62
N GLY H 324 -62.20 38.93 -0.66
CA GLY H 324 -63.36 38.80 -1.53
C GLY H 324 -63.62 37.32 -1.85
N GLY H 325 -64.28 36.62 -0.94
CA GLY H 325 -64.71 35.27 -1.20
C GLY H 325 -64.80 34.43 0.06
N TRP H 326 -65.53 33.33 -0.07
CA TRP H 326 -65.91 32.48 1.04
C TRP H 326 -64.75 31.60 1.48
N GLN H 327 -64.81 31.19 2.76
CA GLN H 327 -63.79 30.37 3.38
C GLN H 327 -64.46 29.41 4.37
N PRO H 328 -63.96 28.17 4.49
CA PRO H 328 -64.53 27.25 5.46
C PRO H 328 -64.29 27.73 6.89
N MET H 329 -65.33 27.58 7.72
CA MET H 329 -65.20 27.82 9.14
C MET H 329 -64.48 26.65 9.75
N PRO H 330 -63.88 26.84 10.94
CA PRO H 330 -63.18 25.76 11.61
C PRO H 330 -63.99 24.48 11.66
N ALA H 331 -63.28 23.39 11.83
CA ALA H 331 -63.89 22.10 12.03
C ALA H 331 -62.92 21.28 12.86
N PRO H 332 -63.39 20.28 13.62
CA PRO H 332 -64.83 20.07 13.85
C PRO H 332 -65.44 21.14 14.78
N ARG H 333 -66.67 20.92 15.27
CA ARG H 333 -67.34 21.87 16.15
C ARG H 333 -67.45 21.28 17.56
N PHE H 334 -67.44 22.18 18.55
CA PHE H 334 -67.34 21.84 19.97
C PHE H 334 -68.54 22.41 20.75
N SER H 335 -69.03 21.66 21.76
CA SER H 335 -70.22 22.09 22.48
C SER H 335 -69.90 23.25 23.45
N ARG H 336 -68.95 23.05 24.38
CA ARG H 336 -68.55 24.11 25.30
C ARG H 336 -67.63 25.16 24.66
N THR H 337 -66.45 24.72 24.19
CA THR H 337 -65.37 25.61 23.84
C THR H 337 -65.35 25.87 22.34
N ALA H 338 -66.30 26.67 21.87
CA ALA H 338 -66.51 26.82 20.44
C ALA H 338 -65.42 27.70 19.85
N SER H 339 -64.96 27.32 18.66
CA SER H 339 -64.07 28.15 17.88
C SER H 339 -64.82 29.42 17.52
N SER H 340 -64.10 30.37 16.93
CA SER H 340 -64.69 31.60 16.44
C SER H 340 -64.23 31.85 15.01
N GLN H 341 -64.79 32.88 14.41
CA GLN H 341 -64.40 33.29 13.08
C GLN H 341 -62.88 33.31 13.11
N PRO H 342 -62.19 32.70 12.11
CA PRO H 342 -60.74 32.88 12.01
C PRO H 342 -60.39 34.36 11.85
N ARG H 343 -59.33 34.76 12.57
CA ARG H 343 -58.76 36.09 12.47
C ARG H 343 -57.97 36.14 11.16
N PRO H 344 -58.12 37.19 10.33
CA PRO H 344 -57.37 37.26 9.08
C PRO H 344 -55.85 37.30 9.25
N PRO H 345 -55.05 37.23 8.15
CA PRO H 345 -53.60 37.26 8.28
C PRO H 345 -53.06 38.58 8.86
N ALA H 346 -52.31 38.47 9.98
CA ALA H 346 -51.91 39.60 10.82
C ALA H 346 -50.47 40.04 10.56
N ALA H 347 -50.31 41.19 9.87
CA ALA H 347 -49.04 41.78 9.46
C ALA H 347 -47.92 41.54 10.48
N THR H 348 -46.67 41.72 10.00
CA THR H 348 -45.48 41.18 10.66
C THR H 348 -45.27 41.84 12.01
N ILE H 349 -45.69 41.17 13.07
CA ILE H 349 -45.32 41.64 14.39
C ILE H 349 -43.88 41.17 14.64
N ASP H 350 -43.19 41.85 15.55
CA ASP H 350 -41.76 41.65 15.77
C ASP H 350 -41.56 40.63 16.90
N ILE H 351 -40.52 39.80 16.74
CA ILE H 351 -40.35 38.57 17.50
C ILE H 351 -40.05 38.86 18.97
N GLU H 352 -39.67 40.10 19.27
CA GLU H 352 -39.48 40.55 20.64
C GLU H 352 -40.84 40.71 21.33
N ALA H 353 -41.74 41.46 20.68
CA ALA H 353 -43.10 41.69 21.14
C ALA H 353 -43.74 40.38 21.61
N VAL H 354 -43.51 39.32 20.83
CA VAL H 354 -44.06 38.00 21.14
C VAL H 354 -43.39 37.47 22.40
N LEU H 355 -42.07 37.63 22.48
CA LEU H 355 -41.29 37.14 23.61
C LEU H 355 -41.61 37.93 24.89
N THR H 356 -41.92 39.24 24.74
CA THR H 356 -42.53 40.05 25.80
C THR H 356 -43.74 39.28 26.33
N ASP H 357 -44.75 39.19 25.45
CA ASP H 357 -46.03 38.54 25.68
C ASP H 357 -45.84 37.12 26.24
N TRP H 358 -44.92 36.33 25.68
CA TRP H 358 -44.57 35.05 26.27
C TRP H 358 -43.41 35.25 27.27
N ASP H 359 -43.71 35.88 28.41
CA ASP H 359 -42.80 35.92 29.53
C ASP H 359 -41.36 36.03 29.03
N MET I 1 49.71 -39.68 -29.33
CA MET I 1 48.34 -40.24 -29.41
C MET I 1 47.94 -40.47 -30.88
N ALA I 2 47.77 -41.74 -31.25
CA ALA I 2 47.38 -42.18 -32.57
C ALA I 2 45.96 -41.72 -32.90
N GLY I 3 45.73 -41.38 -34.15
CA GLY I 3 44.38 -41.22 -34.65
C GLY I 3 44.27 -39.86 -35.33
N PRO I 4 43.23 -39.62 -36.14
CA PRO I 4 43.15 -38.36 -36.83
C PRO I 4 42.92 -37.15 -35.91
N LEU I 5 42.51 -37.38 -34.65
CA LEU I 5 42.21 -36.26 -33.76
C LEU I 5 43.34 -36.04 -32.76
N SER I 6 44.55 -36.56 -33.02
CA SER I 6 45.75 -36.19 -32.29
C SER I 6 45.81 -34.67 -32.15
N GLY I 7 46.01 -34.20 -30.92
CA GLY I 7 46.15 -32.77 -30.68
C GLY I 7 44.85 -32.05 -30.25
N LEU I 8 43.67 -32.66 -30.43
CA LEU I 8 42.42 -32.06 -29.99
C LEU I 8 42.32 -32.24 -28.48
N ARG I 9 41.92 -31.17 -27.79
CA ARG I 9 41.76 -31.21 -26.34
C ARG I 9 40.29 -31.07 -25.97
N VAL I 10 39.86 -32.04 -25.14
CA VAL I 10 38.45 -32.15 -24.81
C VAL I 10 38.32 -32.16 -23.28
N VAL I 11 37.41 -31.31 -22.79
CA VAL I 11 37.02 -31.40 -21.38
C VAL I 11 35.59 -31.97 -21.31
N GLU I 12 35.45 -33.02 -20.51
CA GLU I 12 34.18 -33.71 -20.31
C GLU I 12 33.70 -33.52 -18.87
N LEU I 13 32.56 -32.84 -18.70
CA LEU I 13 31.89 -32.79 -17.42
C LEU I 13 31.08 -34.07 -17.22
N ALA I 14 31.60 -34.92 -16.33
CA ALA I 14 31.09 -36.29 -16.14
C ALA I 14 29.56 -36.32 -16.05
N GLY I 15 28.96 -37.15 -16.93
CA GLY I 15 27.53 -37.33 -17.04
C GLY I 15 27.20 -38.81 -17.30
N ILE I 16 26.01 -39.12 -17.84
CA ILE I 16 25.71 -40.50 -18.19
C ILE I 16 25.18 -40.58 -19.63
N GLY I 17 25.52 -41.67 -20.33
CA GLY I 17 24.87 -41.98 -21.60
C GLY I 17 25.56 -41.29 -22.77
N PRO I 18 24.88 -40.38 -23.49
CA PRO I 18 25.48 -39.81 -24.71
C PRO I 18 26.79 -39.07 -24.48
N GLY I 19 26.85 -38.22 -23.45
CA GLY I 19 28.02 -37.40 -23.20
C GLY I 19 29.30 -38.25 -23.13
N PRO I 20 29.40 -39.24 -22.21
CA PRO I 20 30.57 -40.11 -22.16
C PRO I 20 30.82 -40.95 -23.42
N HIS I 21 29.78 -41.32 -24.16
CA HIS I 21 30.00 -42.11 -25.37
C HIS I 21 30.69 -41.23 -26.42
N ALA I 22 30.23 -39.99 -26.58
CA ALA I 22 30.88 -39.01 -27.44
C ALA I 22 32.34 -38.82 -27.05
N ALA I 23 32.57 -38.59 -25.76
CA ALA I 23 33.93 -38.34 -25.29
C ALA I 23 34.82 -39.53 -25.62
N MET I 24 34.26 -40.73 -25.41
CA MET I 24 34.93 -41.98 -25.68
C MET I 24 35.37 -42.04 -27.15
N ILE I 25 34.49 -41.67 -28.08
CA ILE I 25 34.81 -41.77 -29.50
C ILE I 25 35.89 -40.76 -29.88
N LEU I 26 35.81 -39.54 -29.36
CA LEU I 26 36.86 -38.56 -29.50
C LEU I 26 38.17 -39.15 -29.01
N GLY I 27 38.17 -39.77 -27.83
CA GLY I 27 39.40 -40.32 -27.28
C GLY I 27 39.92 -41.48 -28.14
N ASP I 28 38.98 -42.34 -28.54
CA ASP I 28 39.22 -43.44 -29.45
C ASP I 28 40.04 -42.99 -30.66
N LEU I 29 39.69 -41.83 -31.24
CA LEU I 29 40.34 -41.31 -32.43
C LEU I 29 41.54 -40.39 -32.10
N GLY I 30 42.09 -40.47 -30.88
CA GLY I 30 43.32 -39.81 -30.51
C GLY I 30 43.18 -38.38 -29.94
N ALA I 31 41.97 -37.96 -29.55
CA ALA I 31 41.80 -36.73 -28.79
C ALA I 31 42.30 -36.90 -27.36
N ASP I 32 42.77 -35.78 -26.80
CA ASP I 32 43.24 -35.70 -25.43
C ASP I 32 42.06 -35.29 -24.54
N VAL I 33 41.47 -36.28 -23.86
CA VAL I 33 40.15 -36.10 -23.25
C VAL I 33 40.32 -36.08 -21.74
N VAL I 34 39.90 -34.98 -21.11
CA VAL I 34 40.02 -34.84 -19.66
C VAL I 34 38.62 -34.77 -19.08
N ARG I 35 38.31 -35.78 -18.23
CA ARG I 35 36.97 -35.91 -17.66
C ARG I 35 36.95 -35.46 -16.20
N ILE I 36 36.18 -34.40 -15.92
CA ILE I 36 36.01 -33.90 -14.54
C ILE I 36 34.79 -34.59 -13.94
N ASP I 37 35.03 -35.42 -12.92
CA ASP I 37 33.96 -35.99 -12.11
C ASP I 37 33.92 -35.34 -10.72
N ARG I 38 32.87 -35.61 -9.92
CA ARG I 38 32.84 -35.22 -8.52
C ARG I 38 33.61 -36.22 -7.67
N PRO I 39 34.24 -35.81 -6.53
CA PRO I 39 34.83 -36.78 -5.59
C PRO I 39 33.79 -37.72 -4.97
N SER I 40 32.54 -37.26 -4.80
CA SER I 40 31.47 -38.11 -4.32
C SER I 40 31.48 -39.44 -5.09
N SER I 41 31.11 -39.42 -6.38
CA SER I 41 31.09 -40.63 -7.18
C SER I 41 32.43 -40.87 -7.87
N VAL I 42 33.52 -40.92 -7.10
CA VAL I 42 34.87 -41.17 -7.60
C VAL I 42 35.64 -41.97 -6.54
N ASP I 43 36.16 -43.12 -6.97
CA ASP I 43 36.38 -44.23 -6.07
C ASP I 43 37.21 -45.32 -6.76
N GLY I 44 38.54 -45.17 -6.76
CA GLY I 44 39.45 -46.21 -7.21
C GLY I 44 39.86 -46.08 -8.68
N ILE I 45 39.86 -47.21 -9.41
CA ILE I 45 40.06 -47.25 -10.86
C ILE I 45 38.74 -47.66 -11.51
N SER I 46 38.30 -46.94 -12.55
CA SER I 46 36.90 -46.98 -12.97
C SER I 46 36.49 -48.35 -13.52
N ARG I 47 35.20 -48.68 -13.31
CA ARG I 47 34.61 -49.96 -13.69
C ARG I 47 34.36 -50.03 -15.19
N ASP I 48 33.89 -48.91 -15.75
CA ASP I 48 33.15 -48.87 -17.01
C ASP I 48 34.13 -48.66 -18.18
N ALA I 49 34.24 -49.67 -19.06
CA ALA I 49 34.98 -49.53 -20.30
C ALA I 49 34.46 -48.39 -21.19
N MET I 50 33.31 -47.74 -20.87
CA MET I 50 32.91 -46.56 -21.63
C MET I 50 33.81 -45.37 -21.28
N LEU I 51 34.69 -45.54 -20.26
CA LEU I 51 35.57 -44.48 -19.80
C LEU I 51 37.02 -44.79 -20.21
N ARG I 52 37.17 -45.56 -21.29
CA ARG I 52 38.47 -45.80 -21.92
C ARG I 52 38.93 -44.49 -22.57
N ASN I 53 40.25 -44.40 -22.83
CA ASN I 53 40.82 -43.27 -23.57
C ASN I 53 40.55 -41.94 -22.87
N ARG I 54 40.67 -41.93 -21.55
CA ARG I 54 40.37 -40.77 -20.73
C ARG I 54 41.54 -40.49 -19.79
N ARG I 55 41.67 -39.23 -19.38
CA ARG I 55 42.24 -38.90 -18.07
C ARG I 55 41.13 -38.37 -17.15
N ILE I 56 41.03 -38.96 -15.95
CA ILE I 56 39.97 -38.66 -15.00
C ILE I 56 40.53 -37.73 -13.93
N VAL I 57 39.86 -36.59 -13.74
CA VAL I 57 40.16 -35.69 -12.63
C VAL I 57 38.91 -35.46 -11.80
N THR I 58 39.13 -35.05 -10.55
CA THR I 58 38.05 -34.89 -9.58
C THR I 58 38.01 -33.44 -9.11
N ALA I 59 36.80 -32.90 -8.95
CA ALA I 59 36.62 -31.52 -8.50
C ALA I 59 35.19 -31.30 -8.06
N ASP I 60 35.01 -30.55 -6.99
CA ASP I 60 33.72 -30.04 -6.61
C ASP I 60 33.53 -28.67 -7.27
N LEU I 61 32.63 -28.62 -8.26
CA LEU I 61 32.46 -27.44 -9.10
C LEU I 61 31.60 -26.40 -8.40
N LYS I 62 31.01 -26.80 -7.27
CA LYS I 62 30.22 -25.90 -6.44
C LYS I 62 31.18 -25.04 -5.60
N SER I 63 32.39 -25.55 -5.35
CA SER I 63 33.42 -24.83 -4.61
C SER I 63 34.05 -23.74 -5.48
N ASP I 64 34.91 -22.91 -4.90
CA ASP I 64 35.50 -21.79 -5.61
C ASP I 64 36.77 -22.23 -6.31
N GLN I 65 37.52 -23.10 -5.63
CA GLN I 65 38.74 -23.66 -6.17
C GLN I 65 38.40 -24.67 -7.27
N GLY I 66 37.27 -25.35 -7.10
CA GLY I 66 36.75 -26.22 -8.14
C GLY I 66 36.48 -25.44 -9.42
N LEU I 67 35.63 -24.40 -9.32
CA LEU I 67 35.28 -23.62 -10.49
C LEU I 67 36.52 -23.03 -11.16
N GLU I 68 37.56 -22.67 -10.39
CA GLU I 68 38.71 -21.98 -10.96
C GLU I 68 39.59 -22.95 -11.74
N LEU I 69 39.88 -24.12 -11.16
CA LEU I 69 40.70 -25.14 -11.81
C LEU I 69 40.04 -25.62 -13.11
N ALA I 70 38.71 -25.71 -13.10
CA ALA I 70 37.93 -26.11 -14.27
C ALA I 70 37.99 -25.04 -15.36
N LEU I 71 37.83 -23.77 -14.98
CA LEU I 71 37.95 -22.70 -15.96
C LEU I 71 39.38 -22.62 -16.54
N LYS I 72 40.37 -23.18 -15.84
CA LYS I 72 41.72 -23.21 -16.34
C LYS I 72 41.89 -24.31 -17.39
N LEU I 73 41.35 -25.51 -17.13
CA LEU I 73 41.33 -26.56 -18.13
C LEU I 73 40.62 -26.05 -19.37
N ILE I 74 39.48 -25.41 -19.19
CA ILE I 74 38.63 -25.12 -20.33
C ILE I 74 39.32 -24.06 -21.20
N ALA I 75 40.13 -23.22 -20.54
CA ALA I 75 40.79 -22.14 -21.23
C ALA I 75 41.82 -22.69 -22.22
N LYS I 76 42.41 -23.86 -21.90
CA LYS I 76 43.46 -24.48 -22.71
C LYS I 76 42.93 -25.60 -23.62
N ALA I 77 41.62 -25.63 -23.92
CA ALA I 77 40.99 -26.79 -24.54
C ALA I 77 40.20 -26.35 -25.76
N ASP I 78 39.92 -27.30 -26.68
CA ASP I 78 39.16 -26.99 -27.88
C ASP I 78 37.68 -27.24 -27.68
N VAL I 79 37.37 -28.26 -26.85
CA VAL I 79 36.01 -28.76 -26.73
C VAL I 79 35.62 -28.89 -25.25
N LEU I 80 34.41 -28.38 -24.97
CA LEU I 80 33.74 -28.73 -23.73
C LEU I 80 32.47 -29.52 -24.03
N ILE I 81 32.35 -30.68 -23.34
CA ILE I 81 31.14 -31.50 -23.36
C ILE I 81 30.43 -31.46 -22.00
N GLU I 82 29.13 -31.10 -21.99
CA GLU I 82 28.32 -31.26 -20.78
C GLU I 82 26.98 -31.90 -21.15
N GLY I 83 26.49 -32.78 -20.26
CA GLY I 83 25.19 -33.42 -20.45
C GLY I 83 24.24 -33.28 -19.26
N TYR I 84 24.23 -32.09 -18.63
CA TYR I 84 23.35 -31.81 -17.50
C TYR I 84 22.09 -31.19 -18.04
N ARG I 85 21.13 -30.92 -17.14
CA ARG I 85 19.91 -30.26 -17.58
C ARG I 85 20.31 -28.85 -17.97
N PRO I 86 19.53 -28.17 -18.82
CA PRO I 86 19.77 -26.77 -19.12
C PRO I 86 19.70 -25.95 -17.84
N GLY I 87 20.64 -25.01 -17.68
CA GLY I 87 20.66 -24.08 -16.58
C GLY I 87 21.76 -24.46 -15.61
N VAL I 88 22.21 -25.73 -15.64
CA VAL I 88 23.09 -26.23 -14.60
C VAL I 88 24.51 -25.68 -14.72
N THR I 89 25.06 -25.69 -15.92
CA THR I 89 26.39 -25.15 -16.09
C THR I 89 26.30 -23.63 -15.83
N GLU I 90 25.26 -22.96 -16.29
CA GLU I 90 25.12 -21.54 -16.00
C GLU I 90 25.32 -21.31 -14.51
N ARG I 91 24.49 -21.97 -13.68
CA ARG I 91 24.51 -21.83 -12.22
C ARG I 91 25.82 -22.28 -11.58
N LEU I 92 26.61 -23.16 -12.22
CA LEU I 92 27.92 -23.48 -11.67
C LEU I 92 28.97 -22.41 -12.03
N GLY I 93 28.57 -21.48 -12.91
CA GLY I 93 29.49 -20.52 -13.52
C GLY I 93 30.31 -21.09 -14.68
N LEU I 94 29.86 -22.21 -15.29
CA LEU I 94 30.58 -22.89 -16.37
C LEU I 94 29.71 -22.84 -17.62
N GLY I 95 28.81 -21.86 -17.68
CA GLY I 95 27.92 -21.71 -18.81
C GLY I 95 28.71 -21.22 -20.01
N PRO I 96 28.10 -21.20 -21.21
CA PRO I 96 28.83 -20.79 -22.39
C PRO I 96 29.37 -19.36 -22.28
N GLU I 97 28.57 -18.43 -21.76
CA GLU I 97 28.97 -17.03 -21.63
C GLU I 97 30.28 -16.89 -20.85
N GLU I 98 30.34 -17.53 -19.68
CA GLU I 98 31.52 -17.58 -18.85
C GLU I 98 32.71 -18.22 -19.56
N CYS I 99 32.47 -19.38 -20.19
CA CYS I 99 33.53 -20.13 -20.86
C CYS I 99 34.06 -19.27 -22.02
N ALA I 100 33.16 -18.55 -22.69
CA ALA I 100 33.45 -17.72 -23.85
C ALA I 100 34.31 -16.53 -23.47
N LYS I 101 34.28 -16.14 -22.19
CA LYS I 101 35.11 -15.09 -21.65
C LYS I 101 36.57 -15.52 -21.54
N VAL I 102 36.84 -16.79 -21.19
CA VAL I 102 38.20 -17.27 -21.01
C VAL I 102 38.75 -18.00 -22.26
N ASN I 103 37.97 -18.12 -23.34
CA ASN I 103 38.36 -18.94 -24.50
C ASN I 103 37.25 -18.90 -25.54
N ASP I 104 37.28 -17.89 -26.42
CA ASP I 104 36.29 -17.71 -27.48
C ASP I 104 36.59 -18.62 -28.68
N ARG I 105 37.56 -19.53 -28.52
CA ARG I 105 37.80 -20.54 -29.54
C ARG I 105 37.03 -21.82 -29.23
N LEU I 106 36.42 -21.90 -28.03
CA LEU I 106 35.86 -23.13 -27.49
C LEU I 106 34.65 -23.60 -28.29
N ILE I 107 34.61 -24.92 -28.50
CA ILE I 107 33.39 -25.59 -28.92
C ILE I 107 32.66 -26.08 -27.66
N TYR I 108 31.47 -25.49 -27.45
CA TYR I 108 30.71 -25.72 -26.23
C TYR I 108 29.60 -26.69 -26.60
N ALA I 109 29.77 -27.97 -26.21
CA ALA I 109 28.87 -29.01 -26.70
C ALA I 109 27.88 -29.43 -25.61
N ARG I 110 26.60 -29.20 -25.87
CA ARG I 110 25.51 -29.41 -24.91
C ARG I 110 24.65 -30.63 -25.28
N MET I 111 24.85 -31.72 -24.56
CA MET I 111 24.14 -32.97 -24.82
C MET I 111 22.88 -33.08 -23.97
N THR I 112 21.68 -32.84 -24.53
CA THR I 112 20.46 -33.16 -23.78
C THR I 112 19.58 -34.14 -24.54
N GLY I 113 18.40 -34.46 -23.96
CA GLY I 113 17.37 -35.19 -24.68
C GLY I 113 16.30 -34.28 -25.25
N TRP I 114 15.86 -33.31 -24.41
CA TRP I 114 14.75 -32.47 -24.82
C TRP I 114 15.26 -31.17 -25.46
N GLY I 115 16.54 -30.86 -25.24
CA GLY I 115 17.06 -29.57 -25.68
C GLY I 115 17.10 -28.49 -24.58
N GLN I 116 17.40 -27.25 -24.99
CA GLN I 116 17.77 -26.18 -24.07
C GLN I 116 16.56 -25.37 -23.67
N THR I 117 15.47 -25.44 -24.42
CA THR I 117 14.27 -24.71 -24.12
C THR I 117 13.04 -25.60 -24.34
N GLY I 118 11.91 -25.10 -23.88
CA GLY I 118 10.61 -25.64 -24.23
C GLY I 118 10.02 -26.39 -23.04
N PRO I 119 8.74 -26.83 -23.14
CA PRO I 119 7.99 -27.32 -21.98
C PRO I 119 8.56 -28.52 -21.24
N ARG I 120 9.31 -29.38 -21.94
CA ARG I 120 9.86 -30.58 -21.33
C ARG I 120 11.34 -30.40 -20.98
N SER I 121 11.90 -29.19 -21.16
CA SER I 121 13.35 -29.01 -21.04
C SER I 121 13.88 -29.37 -19.67
N GLN I 122 13.05 -29.29 -18.62
CA GLN I 122 13.55 -29.59 -17.29
C GLN I 122 13.13 -30.98 -16.81
N GLN I 123 12.32 -31.68 -17.59
CA GLN I 123 11.93 -33.03 -17.18
C GLN I 123 13.12 -33.99 -17.28
N ALA I 124 13.34 -34.76 -16.21
CA ALA I 124 14.17 -35.96 -16.25
C ALA I 124 13.65 -36.91 -17.32
N GLY I 125 14.58 -37.71 -17.80
CA GLY I 125 14.24 -38.64 -18.88
C GLY I 125 15.40 -39.51 -19.30
N HIS I 126 15.04 -40.47 -20.15
CA HIS I 126 15.96 -41.43 -20.70
C HIS I 126 15.56 -41.71 -22.14
N ASP I 127 16.42 -42.49 -22.79
CA ASP I 127 16.28 -42.82 -24.21
C ASP I 127 14.83 -43.05 -24.59
N ILE I 128 14.21 -44.02 -23.92
CA ILE I 128 12.86 -44.47 -24.22
C ILE I 128 11.88 -43.30 -24.25
N ASN I 129 12.05 -42.32 -23.35
CA ASN I 129 11.18 -41.14 -23.35
C ASN I 129 11.37 -40.25 -24.58
N TYR I 130 12.61 -39.97 -24.95
CA TYR I 130 12.87 -39.07 -26.07
C TYR I 130 12.39 -39.69 -27.38
N ILE I 131 12.57 -41.00 -27.54
CA ILE I 131 12.08 -41.61 -28.77
C ILE I 131 10.58 -41.90 -28.74
N SER I 132 9.92 -41.83 -27.55
CA SER I 132 8.47 -42.01 -27.53
C SER I 132 7.75 -40.83 -28.17
N LEU I 133 8.37 -39.64 -28.10
CA LEU I 133 7.70 -38.40 -28.43
C LEU I 133 7.73 -38.09 -29.94
N ASN I 134 8.66 -38.67 -30.69
CA ASN I 134 8.86 -38.25 -32.07
C ASN I 134 8.53 -39.37 -33.06
N GLY I 135 7.88 -40.43 -32.59
CA GLY I 135 7.24 -41.41 -33.46
C GLY I 135 8.02 -42.73 -33.59
N ILE I 136 9.28 -42.73 -33.11
CA ILE I 136 10.22 -43.82 -33.29
C ILE I 136 9.82 -45.05 -32.50
N LEU I 137 9.71 -44.92 -31.17
CA LEU I 137 9.35 -46.06 -30.33
C LEU I 137 8.07 -46.71 -30.85
N HIS I 138 7.09 -45.91 -31.28
CA HIS I 138 5.83 -46.47 -31.71
C HIS I 138 6.02 -47.44 -32.91
N ALA I 139 7.08 -47.22 -33.68
CA ALA I 139 7.24 -47.93 -34.94
C ALA I 139 8.02 -49.23 -34.76
N ILE I 140 8.45 -49.52 -33.52
CA ILE I 140 9.33 -50.64 -33.26
C ILE I 140 8.60 -51.75 -32.49
N GLY I 141 8.62 -52.95 -33.08
CA GLY I 141 8.13 -54.18 -32.44
C GLY I 141 7.06 -54.85 -33.29
N ARG I 142 6.51 -55.95 -32.78
CA ARG I 142 5.46 -56.66 -33.49
C ARG I 142 4.12 -55.93 -33.42
N GLY I 143 3.32 -56.14 -34.45
CA GLY I 143 2.09 -55.38 -34.64
C GLY I 143 1.02 -55.77 -33.63
N ASP I 144 1.10 -57.00 -33.11
CA ASP I 144 0.09 -57.50 -32.21
C ASP I 144 0.48 -57.25 -30.73
N GLU I 145 1.41 -56.32 -30.49
CA GLU I 145 2.01 -56.17 -29.17
C GLU I 145 2.43 -54.71 -28.94
N ARG I 146 2.80 -54.42 -27.70
CA ARG I 146 3.14 -53.08 -27.33
C ARG I 146 4.56 -52.75 -27.83
N PRO I 147 4.87 -51.47 -28.12
CA PRO I 147 6.16 -51.15 -28.73
C PRO I 147 7.30 -51.67 -27.88
N VAL I 148 8.43 -52.04 -28.48
CA VAL I 148 9.54 -52.52 -27.68
C VAL I 148 10.73 -51.59 -27.88
N PRO I 149 11.46 -51.26 -26.80
CA PRO I 149 12.61 -50.39 -26.93
C PRO I 149 13.79 -51.09 -27.58
N PRO I 150 14.38 -50.43 -28.60
CA PRO I 150 15.61 -50.90 -29.22
C PRO I 150 16.81 -50.56 -28.35
N LEU I 151 16.86 -51.19 -27.18
CA LEU I 151 17.79 -50.82 -26.12
C LEU I 151 17.80 -49.30 -26.03
N ASN I 152 18.96 -48.70 -25.73
CA ASN I 152 19.12 -47.26 -25.77
C ASN I 152 19.98 -46.83 -26.96
N LEU I 153 19.80 -47.47 -28.10
CA LEU I 153 20.71 -47.29 -29.23
C LEU I 153 20.33 -46.10 -30.09
N VAL I 154 19.05 -45.74 -30.11
CA VAL I 154 18.56 -44.82 -31.11
C VAL I 154 18.56 -43.39 -30.57
N GLY I 155 18.29 -43.24 -29.24
CA GLY I 155 18.20 -41.93 -28.60
C GLY I 155 19.53 -41.50 -27.98
N ASP I 156 20.10 -42.33 -27.10
CA ASP I 156 21.39 -42.07 -26.47
C ASP I 156 22.54 -41.99 -27.48
N PHE I 157 22.67 -42.99 -28.37
CA PHE I 157 23.85 -43.05 -29.22
C PHE I 157 23.56 -42.58 -30.67
N GLY I 158 22.79 -43.36 -31.45
CA GLY I 158 22.55 -43.03 -32.85
C GLY I 158 22.09 -41.59 -33.06
N GLY I 159 21.09 -41.18 -32.24
CA GLY I 159 20.48 -39.86 -32.36
C GLY I 159 20.97 -38.86 -31.29
N GLY I 160 21.94 -39.28 -30.48
CA GLY I 160 22.40 -38.50 -29.37
C GLY I 160 23.88 -38.16 -29.51
N SER I 161 24.72 -39.01 -28.95
CA SER I 161 26.16 -38.88 -28.96
C SER I 161 26.68 -38.68 -30.38
N MET I 162 26.17 -39.45 -31.35
CA MET I 162 26.75 -39.38 -32.67
C MET I 162 26.54 -37.97 -33.23
N PHE I 163 25.38 -37.36 -32.96
CA PHE I 163 25.08 -36.03 -33.46
C PHE I 163 25.87 -34.95 -32.74
N LEU I 164 26.17 -35.17 -31.44
CA LEU I 164 27.03 -34.29 -30.67
C LEU I 164 28.39 -34.24 -31.38
N LEU I 165 28.89 -35.44 -31.73
CA LEU I 165 30.16 -35.64 -32.40
C LEU I 165 30.18 -34.91 -33.74
N VAL I 166 29.12 -35.05 -34.52
CA VAL I 166 29.05 -34.35 -35.79
C VAL I 166 29.02 -32.82 -35.55
N GLY I 167 28.35 -32.36 -34.49
CA GLY I 167 28.34 -30.94 -34.12
C GLY I 167 29.74 -30.43 -33.80
N ILE I 168 30.43 -31.15 -32.91
CA ILE I 168 31.76 -30.80 -32.46
C ILE I 168 32.71 -30.67 -33.65
N LEU I 169 32.72 -31.69 -34.50
CA LEU I 169 33.69 -31.74 -35.58
C LEU I 169 33.29 -30.77 -36.68
N ALA I 170 31.99 -30.60 -36.91
CA ALA I 170 31.57 -29.59 -37.88
C ALA I 170 31.94 -28.19 -37.40
N ALA I 171 31.92 -27.97 -36.07
CA ALA I 171 32.14 -26.64 -35.54
C ALA I 171 33.63 -26.33 -35.60
N LEU I 172 34.46 -27.34 -35.31
CA LEU I 172 35.91 -27.27 -35.47
C LEU I 172 36.32 -26.92 -36.91
N TRP I 173 35.56 -27.40 -37.91
CA TRP I 173 35.83 -27.05 -39.30
C TRP I 173 35.58 -25.57 -39.55
N GLU I 174 34.37 -25.13 -39.16
CA GLU I 174 33.95 -23.74 -39.27
C GLU I 174 34.96 -22.81 -38.58
N ARG I 175 35.50 -23.22 -37.43
CA ARG I 175 36.45 -22.46 -36.65
C ARG I 175 37.72 -22.20 -37.45
N GLN I 176 38.10 -23.17 -38.32
CA GLN I 176 39.27 -23.00 -39.16
C GLN I 176 39.14 -21.69 -39.95
N SER I 177 37.95 -21.34 -40.48
CA SER I 177 37.70 -20.09 -41.20
C SER I 177 37.48 -18.87 -40.28
N SER I 178 36.89 -19.06 -39.09
CA SER I 178 36.27 -17.96 -38.38
C SER I 178 37.15 -17.47 -37.22
N GLY I 179 38.01 -18.35 -36.73
CA GLY I 179 38.80 -18.16 -35.51
C GLY I 179 37.97 -18.32 -34.23
N LYS I 180 36.67 -18.61 -34.38
CA LYS I 180 35.70 -18.49 -33.30
C LYS I 180 35.02 -19.84 -33.04
N GLY I 181 35.03 -20.24 -31.75
CA GLY I 181 34.20 -21.31 -31.23
C GLY I 181 32.71 -20.98 -31.35
N GLN I 182 31.87 -21.84 -30.76
CA GLN I 182 30.43 -21.64 -30.74
C GLN I 182 29.75 -22.72 -29.89
N VAL I 183 28.41 -22.60 -29.79
CA VAL I 183 27.66 -23.55 -28.99
C VAL I 183 26.94 -24.55 -29.90
N VAL I 184 27.06 -25.83 -29.51
CA VAL I 184 26.39 -26.93 -30.18
C VAL I 184 25.32 -27.53 -29.27
N ASP I 185 24.08 -27.41 -29.71
CA ASP I 185 22.94 -27.91 -28.97
C ASP I 185 22.45 -29.23 -29.61
N ALA I 186 22.88 -30.35 -29.01
CA ALA I 186 22.47 -31.68 -29.44
C ALA I 186 21.38 -32.27 -28.53
N ALA I 187 20.16 -32.30 -29.07
CA ALA I 187 19.01 -32.87 -28.37
C ALA I 187 18.64 -34.23 -28.98
N MET I 188 18.56 -35.27 -28.13
CA MET I 188 18.23 -36.63 -28.55
C MET I 188 16.94 -36.64 -29.35
N VAL I 189 16.01 -35.73 -29.07
CA VAL I 189 14.71 -35.80 -29.76
C VAL I 189 14.85 -35.32 -31.19
N ASP I 190 15.87 -34.46 -31.45
CA ASP I 190 16.16 -33.90 -32.75
C ASP I 190 17.02 -34.89 -33.56
N GLY I 191 18.11 -35.34 -32.94
CA GLY I 191 19.09 -36.19 -33.60
C GLY I 191 18.43 -37.50 -34.04
N SER I 192 17.61 -38.06 -33.15
CA SER I 192 16.92 -39.29 -33.44
C SER I 192 15.93 -39.04 -34.57
N SER I 193 15.35 -37.84 -34.68
CA SER I 193 14.43 -37.57 -35.78
C SER I 193 15.14 -37.55 -37.15
N VAL I 194 16.32 -36.93 -37.23
CA VAL I 194 17.08 -36.89 -38.47
C VAL I 194 17.56 -38.31 -38.81
N LEU I 195 17.97 -39.06 -37.78
CA LEU I 195 18.39 -40.44 -37.95
C LEU I 195 17.35 -41.26 -38.70
N ILE I 196 16.07 -40.97 -38.47
CA ILE I 196 14.97 -41.71 -39.05
C ILE I 196 14.33 -40.91 -40.18
N GLN I 197 15.06 -39.98 -40.81
CA GLN I 197 14.45 -39.17 -41.86
C GLN I 197 13.91 -40.03 -43.02
N MET I 198 14.51 -41.20 -43.25
CA MET I 198 14.06 -42.09 -44.33
C MET I 198 12.58 -42.44 -44.15
N MET I 199 12.16 -42.74 -42.90
CA MET I 199 10.77 -43.10 -42.66
C MET I 199 9.88 -41.89 -42.93
N TRP I 200 10.31 -40.69 -42.49
CA TRP I 200 9.52 -39.49 -42.71
C TRP I 200 9.39 -39.21 -44.21
N ALA I 201 10.41 -39.59 -44.98
CA ALA I 201 10.38 -39.44 -46.43
C ALA I 201 9.39 -40.40 -47.05
N MET I 202 9.51 -41.67 -46.66
CA MET I 202 8.66 -42.72 -47.22
C MET I 202 7.21 -42.47 -46.83
N ARG I 203 7.02 -41.97 -45.61
CA ARG I 203 5.68 -41.76 -45.11
C ARG I 203 4.97 -40.74 -46.02
N ALA I 204 5.69 -39.70 -46.44
CA ALA I 204 5.10 -38.60 -47.19
C ALA I 204 4.74 -39.01 -48.62
N THR I 205 5.39 -40.06 -49.15
CA THR I 205 5.12 -40.56 -50.50
C THR I 205 4.32 -41.86 -50.46
N GLY I 206 3.58 -42.12 -49.36
CA GLY I 206 2.72 -43.29 -49.28
C GLY I 206 3.44 -44.64 -49.11
N MET I 207 4.69 -44.67 -48.64
CA MET I 207 5.44 -45.91 -48.65
C MET I 207 5.80 -46.38 -47.25
N TRP I 208 5.18 -45.77 -46.23
CA TRP I 208 5.34 -46.20 -44.86
C TRP I 208 4.05 -45.89 -44.10
N THR I 209 3.47 -46.86 -43.37
CA THR I 209 2.31 -46.57 -42.52
C THR I 209 2.72 -46.51 -41.06
N ASP I 210 1.86 -45.81 -40.30
CA ASP I 210 1.93 -45.74 -38.85
C ASP I 210 1.57 -47.07 -38.20
N THR I 211 1.05 -48.04 -38.96
CA THR I 211 0.77 -49.37 -38.44
C THR I 211 2.05 -50.13 -38.16
N ARG I 212 2.20 -50.48 -36.87
CA ARG I 212 3.37 -51.17 -36.38
C ARG I 212 3.40 -52.57 -37.01
N GLY I 213 4.61 -52.98 -37.44
CA GLY I 213 4.84 -54.30 -38.01
C GLY I 213 4.16 -54.56 -39.36
N ALA I 214 3.96 -53.53 -40.18
CA ALA I 214 3.31 -53.71 -41.46
C ALA I 214 4.05 -52.95 -42.57
N ASN I 215 5.38 -52.88 -42.49
CA ASN I 215 6.17 -52.07 -43.40
C ASN I 215 7.35 -52.90 -43.93
N MET I 216 8.07 -52.34 -44.91
CA MET I 216 9.16 -53.06 -45.55
C MET I 216 10.25 -53.41 -44.55
N LEU I 217 10.51 -52.56 -43.53
CA LEU I 217 11.74 -52.67 -42.75
C LEU I 217 11.51 -52.85 -41.25
N ASP I 218 10.26 -53.03 -40.82
CA ASP I 218 9.96 -53.14 -39.40
C ASP I 218 9.67 -54.58 -39.02
N GLY I 219 9.82 -55.52 -39.97
CA GLY I 219 9.60 -56.92 -39.67
C GLY I 219 8.30 -57.40 -40.28
N GLY I 220 7.54 -56.47 -40.87
CA GLY I 220 6.31 -56.82 -41.56
C GLY I 220 6.52 -57.61 -42.86
N ALA I 221 7.62 -57.35 -43.58
CA ALA I 221 7.88 -58.03 -44.84
C ALA I 221 8.54 -59.38 -44.60
N PRO I 222 8.02 -60.49 -45.20
CA PRO I 222 8.60 -61.82 -45.00
C PRO I 222 10.05 -61.97 -45.44
N TYR I 223 10.51 -61.06 -46.29
CA TYR I 223 11.90 -61.10 -46.77
C TYR I 223 12.80 -60.15 -45.99
N TYR I 224 12.24 -59.47 -44.95
CA TYR I 224 13.03 -58.61 -44.10
C TYR I 224 12.62 -58.83 -42.64
N ASP I 225 13.18 -59.89 -42.05
CA ASP I 225 12.77 -60.33 -40.72
C ASP I 225 13.72 -61.41 -40.25
N THR I 226 13.57 -61.80 -38.97
CA THR I 226 14.20 -62.99 -38.42
C THR I 226 13.27 -64.20 -38.57
N TYR I 227 13.87 -65.39 -38.47
CA TYR I 227 13.12 -66.64 -38.55
C TYR I 227 13.78 -67.63 -37.63
N GLU I 228 12.94 -68.36 -36.90
CA GLU I 228 13.42 -69.39 -36.02
C GLU I 228 13.76 -70.67 -36.79
N CYS I 229 14.85 -71.30 -36.38
CA CYS I 229 15.40 -72.49 -37.00
C CYS I 229 15.07 -73.72 -36.13
N ALA I 230 15.47 -74.91 -36.60
CA ALA I 230 15.06 -76.15 -35.97
C ALA I 230 15.63 -76.28 -34.56
N ASP I 231 16.73 -75.59 -34.28
CA ASP I 231 17.38 -75.64 -32.98
C ASP I 231 16.91 -74.51 -32.06
N GLY I 232 15.89 -73.75 -32.44
CA GLY I 232 15.42 -72.63 -31.63
C GLY I 232 16.29 -71.38 -31.77
N ARG I 233 17.35 -71.42 -32.61
CA ARG I 233 18.15 -70.22 -32.87
C ARG I 233 17.62 -69.52 -34.12
N TYR I 234 18.18 -68.37 -34.49
CA TYR I 234 17.51 -67.56 -35.51
C TYR I 234 18.49 -67.21 -36.62
N VAL I 235 17.89 -67.01 -37.81
CA VAL I 235 18.59 -66.35 -38.88
C VAL I 235 17.91 -65.02 -39.16
N ALA I 236 18.66 -64.10 -39.79
CA ALA I 236 18.10 -62.87 -40.31
C ALA I 236 18.07 -62.91 -41.83
N VAL I 237 16.92 -62.46 -42.37
CA VAL I 237 16.67 -62.41 -43.79
C VAL I 237 16.50 -60.96 -44.17
N GLY I 238 17.35 -60.49 -45.12
CA GLY I 238 17.30 -59.13 -45.62
C GLY I 238 17.19 -59.05 -47.14
N ALA I 239 16.52 -60.01 -47.77
CA ALA I 239 16.58 -60.15 -49.21
C ALA I 239 15.59 -59.23 -49.92
N ILE I 240 15.86 -57.93 -49.87
CA ILE I 240 14.99 -56.93 -50.47
C ILE I 240 15.00 -57.05 -52.00
N GLU I 241 16.20 -57.07 -52.60
CA GLU I 241 16.32 -57.02 -54.05
C GLU I 241 15.89 -58.37 -54.62
N PRO I 242 15.08 -58.37 -55.69
CA PRO I 242 14.52 -59.59 -56.25
C PRO I 242 15.54 -60.67 -56.54
N GLN I 243 16.74 -60.26 -56.95
CA GLN I 243 17.74 -61.25 -57.36
C GLN I 243 18.28 -61.94 -56.12
N PHE I 244 18.34 -61.19 -55.00
CA PHE I 244 18.86 -61.77 -53.78
C PHE I 244 17.80 -62.69 -53.19
N TYR I 245 16.55 -62.19 -53.20
CA TYR I 245 15.40 -62.98 -52.79
C TYR I 245 15.35 -64.31 -53.57
N ALA I 246 15.53 -64.25 -54.89
CA ALA I 246 15.51 -65.46 -55.70
C ALA I 246 16.63 -66.42 -55.26
N ALA I 247 17.82 -65.91 -54.96
CA ALA I 247 18.87 -66.78 -54.49
C ALA I 247 18.46 -67.48 -53.21
N MET I 248 17.80 -66.70 -52.36
CA MET I 248 17.42 -67.23 -51.07
C MET I 248 16.43 -68.38 -51.26
N LEU I 249 15.42 -68.16 -52.11
CA LEU I 249 14.42 -69.20 -52.37
C LEU I 249 15.06 -70.50 -52.85
N ALA I 250 16.00 -70.38 -53.76
CA ALA I 250 16.65 -71.56 -54.31
C ALA I 250 17.43 -72.26 -53.19
N GLY I 251 18.07 -71.50 -52.30
CA GLY I 251 18.77 -72.12 -51.19
C GLY I 251 17.81 -72.81 -50.22
N LEU I 252 16.58 -72.33 -50.10
CA LEU I 252 15.61 -72.94 -49.20
C LEU I 252 14.98 -74.19 -49.79
N GLY I 253 15.16 -74.44 -51.10
CA GLY I 253 14.53 -75.58 -51.72
C GLY I 253 13.11 -75.25 -52.13
N LEU I 254 12.80 -73.97 -52.32
CA LEU I 254 11.44 -73.52 -52.59
C LEU I 254 11.37 -73.04 -54.03
N ASP I 255 10.32 -73.49 -54.70
CA ASP I 255 10.21 -73.26 -56.11
C ASP I 255 9.32 -72.02 -56.25
N ALA I 256 9.91 -70.97 -56.83
CA ALA I 256 9.25 -69.68 -56.96
C ALA I 256 7.83 -69.82 -57.50
N ALA I 257 7.56 -70.82 -58.36
CA ALA I 257 6.23 -70.92 -58.96
C ALA I 257 5.16 -71.25 -57.92
N GLU I 258 5.57 -71.85 -56.80
CA GLU I 258 4.65 -72.25 -55.75
C GLU I 258 4.37 -71.14 -54.74
N LEU I 259 5.08 -70.01 -54.79
CA LEU I 259 4.97 -68.99 -53.77
C LEU I 259 4.20 -67.83 -54.35
N PRO I 260 3.52 -67.00 -53.53
CA PRO I 260 3.04 -65.72 -54.01
C PRO I 260 4.20 -64.82 -54.44
N PRO I 261 3.92 -63.71 -55.17
CA PRO I 261 4.91 -62.67 -55.41
C PRO I 261 5.49 -62.10 -54.13
N GLN I 262 6.80 -61.79 -54.20
CA GLN I 262 7.57 -61.30 -53.09
C GLN I 262 6.89 -60.06 -52.49
N ASN I 263 6.38 -59.18 -53.35
CA ASN I 263 5.83 -57.90 -52.94
C ASN I 263 4.32 -57.86 -53.09
N ASP I 264 3.64 -59.01 -53.12
CA ASP I 264 2.19 -59.03 -53.01
C ASP I 264 1.83 -59.04 -51.52
N ARG I 265 1.69 -57.83 -50.94
CA ARG I 265 1.52 -57.65 -49.51
C ARG I 265 0.28 -58.38 -49.02
N ALA I 266 -0.75 -58.48 -49.87
CA ALA I 266 -2.00 -59.12 -49.50
C ALA I 266 -1.79 -60.62 -49.26
N ARG I 267 -0.71 -61.20 -49.78
CA ARG I 267 -0.44 -62.61 -49.54
C ARG I 267 0.85 -62.80 -48.74
N TRP I 268 1.32 -61.76 -48.06
CA TRP I 268 2.46 -61.94 -47.17
C TRP I 268 2.20 -63.04 -46.13
N PRO I 269 0.98 -63.22 -45.59
CA PRO I 269 0.73 -64.28 -44.61
C PRO I 269 1.04 -65.68 -45.15
N GLU I 270 0.55 -66.01 -46.33
CA GLU I 270 0.93 -67.25 -46.99
C GLU I 270 2.45 -67.35 -47.17
N LEU I 271 3.05 -66.26 -47.67
CA LEU I 271 4.48 -66.26 -47.99
C LEU I 271 5.28 -66.50 -46.70
N ARG I 272 4.88 -65.80 -45.62
CA ARG I 272 5.57 -65.95 -44.35
C ARG I 272 5.43 -67.38 -43.85
N ALA I 273 4.26 -67.99 -44.02
CA ALA I 273 4.08 -69.35 -43.53
C ALA I 273 5.00 -70.31 -44.29
N LEU I 274 5.17 -70.11 -45.59
CA LEU I 274 6.06 -70.97 -46.37
C LEU I 274 7.53 -70.81 -45.95
N LEU I 275 7.99 -69.56 -45.84
CA LEU I 275 9.37 -69.31 -45.41
C LEU I 275 9.64 -69.84 -44.01
N THR I 276 8.65 -69.69 -43.11
CA THR I 276 8.76 -70.15 -41.74
C THR I 276 9.00 -71.64 -41.73
N GLU I 277 8.17 -72.38 -42.48
CA GLU I 277 8.31 -73.83 -42.51
C GLU I 277 9.70 -74.18 -43.04
N ALA I 278 10.14 -73.51 -44.09
CA ALA I 278 11.43 -73.83 -44.67
C ALA I 278 12.58 -73.58 -43.69
N PHE I 279 12.65 -72.40 -43.06
CA PHE I 279 13.76 -72.14 -42.15
C PHE I 279 13.73 -73.04 -40.92
N ALA I 280 12.54 -73.46 -40.44
CA ALA I 280 12.44 -74.28 -39.25
C ALA I 280 12.96 -75.71 -39.51
N SER I 281 13.13 -76.07 -40.77
CA SER I 281 13.46 -77.46 -41.11
C SER I 281 14.93 -77.77 -40.85
N HIS I 282 15.81 -76.76 -40.79
CA HIS I 282 17.19 -76.99 -40.42
C HIS I 282 17.64 -75.98 -39.37
N ASP I 283 18.79 -76.28 -38.75
CA ASP I 283 19.29 -75.49 -37.66
C ASP I 283 20.02 -74.27 -38.22
N ARG I 284 20.29 -73.30 -37.34
CA ARG I 284 20.85 -72.02 -37.73
C ARG I 284 22.19 -72.23 -38.44
N ASP I 285 23.07 -73.08 -37.90
CA ASP I 285 24.40 -73.25 -38.47
C ASP I 285 24.30 -73.90 -39.85
N HIS I 286 23.29 -74.75 -40.07
CA HIS I 286 23.07 -75.27 -41.41
C HIS I 286 22.89 -74.11 -42.40
N TRP I 287 22.03 -73.14 -42.09
CA TRP I 287 21.74 -72.07 -43.03
C TRP I 287 22.97 -71.19 -43.21
N GLY I 288 23.78 -71.12 -42.15
CA GLY I 288 24.96 -70.28 -42.20
C GLY I 288 25.90 -70.75 -43.30
N ALA I 289 26.04 -72.09 -43.39
CA ALA I 289 26.87 -72.81 -44.36
C ALA I 289 26.31 -72.69 -45.78
N VAL I 290 25.08 -73.18 -45.94
CA VAL I 290 24.36 -73.07 -47.19
C VAL I 290 24.52 -71.67 -47.81
N PHE I 291 24.42 -70.61 -47.00
CA PHE I 291 24.38 -69.27 -47.59
C PHE I 291 25.71 -68.52 -47.48
N ALA I 292 26.75 -69.17 -46.94
CA ALA I 292 28.09 -68.59 -47.01
C ALA I 292 28.43 -68.21 -48.45
N ASN I 293 28.94 -66.99 -48.62
CA ASN I 293 29.36 -66.48 -49.92
C ASN I 293 28.17 -66.24 -50.87
N SER I 294 26.92 -66.29 -50.38
CA SER I 294 25.79 -65.97 -51.24
C SER I 294 25.34 -64.53 -51.07
N ASP I 295 24.61 -64.04 -52.07
CA ASP I 295 23.92 -62.77 -52.02
C ASP I 295 22.46 -62.95 -51.58
N ALA I 296 22.13 -64.08 -50.95
CA ALA I 296 20.80 -64.37 -50.44
C ALA I 296 20.38 -63.48 -49.25
N CYS I 297 21.33 -62.84 -48.57
CA CYS I 297 21.05 -61.91 -47.47
C CYS I 297 20.48 -62.70 -46.30
N VAL I 298 21.11 -63.83 -45.98
CA VAL I 298 20.71 -64.65 -44.85
C VAL I 298 21.94 -64.80 -43.98
N THR I 299 21.82 -64.39 -42.71
CA THR I 299 22.94 -64.44 -41.77
C THR I 299 22.43 -65.07 -40.48
N PRO I 300 23.30 -65.71 -39.72
CA PRO I 300 22.91 -66.19 -38.41
C PRO I 300 22.79 -65.03 -37.42
N VAL I 301 21.82 -65.11 -36.50
CA VAL I 301 21.70 -64.13 -35.44
C VAL I 301 22.53 -64.61 -34.25
N LEU I 302 23.70 -64.00 -34.07
CA LEU I 302 24.63 -64.37 -33.02
C LEU I 302 24.32 -63.56 -31.76
N ALA I 303 24.34 -64.26 -30.63
CA ALA I 303 24.31 -63.65 -29.32
C ALA I 303 25.70 -63.10 -29.00
N PHE I 304 25.78 -62.10 -28.11
CA PHE I 304 27.02 -61.42 -27.78
C PHE I 304 28.16 -62.43 -27.54
N GLY I 305 27.90 -63.45 -26.75
CA GLY I 305 28.90 -64.44 -26.36
C GLY I 305 29.48 -65.26 -27.51
N GLU I 306 28.80 -65.36 -28.67
CA GLU I 306 29.29 -66.12 -29.80
C GLU I 306 30.03 -65.25 -30.83
N VAL I 307 29.94 -63.93 -30.68
CA VAL I 307 30.43 -63.03 -31.71
C VAL I 307 31.93 -63.26 -31.93
N HIS I 308 32.67 -63.53 -30.84
CA HIS I 308 34.11 -63.69 -30.91
C HIS I 308 34.51 -64.93 -31.74
N ASN I 309 33.59 -65.87 -32.00
CA ASN I 309 33.89 -67.05 -32.80
C ASN I 309 33.57 -66.91 -34.28
N GLU I 310 33.16 -65.72 -34.76
CA GLU I 310 32.74 -65.54 -36.14
C GLU I 310 33.93 -65.07 -37.00
N PRO I 311 34.33 -65.88 -38.01
CA PRO I 311 35.53 -65.60 -38.78
C PRO I 311 35.60 -64.15 -39.27
N HIS I 312 34.49 -63.60 -39.76
CA HIS I 312 34.56 -62.25 -40.32
C HIS I 312 34.82 -61.21 -39.23
N ILE I 313 34.38 -61.48 -37.99
CA ILE I 313 34.63 -60.60 -36.85
C ILE I 313 36.09 -60.72 -36.44
N ILE I 314 36.59 -61.94 -36.27
CA ILE I 314 37.98 -62.20 -35.93
C ILE I 314 38.93 -61.60 -36.97
N GLU I 315 38.66 -61.76 -38.25
CA GLU I 315 39.68 -61.42 -39.23
C GLU I 315 39.79 -59.91 -39.47
N ARG I 316 38.74 -59.12 -39.20
CA ARG I 316 38.84 -57.68 -39.36
C ARG I 316 39.17 -56.99 -38.02
N ASN I 317 39.32 -57.76 -36.94
CA ASN I 317 39.62 -57.19 -35.64
C ASN I 317 38.58 -56.14 -35.23
N THR I 318 37.29 -56.49 -35.33
CA THR I 318 36.25 -55.57 -34.94
C THR I 318 36.24 -55.38 -33.41
N PHE I 319 36.78 -56.36 -32.67
CA PHE I 319 36.91 -56.36 -31.22
C PHE I 319 38.36 -56.59 -30.79
N TYR I 320 38.66 -56.23 -29.53
CA TYR I 320 39.88 -56.61 -28.83
C TYR I 320 39.47 -57.14 -27.46
N GLU I 321 40.37 -57.88 -26.80
CA GLU I 321 40.17 -58.40 -25.46
C GLU I 321 40.63 -57.39 -24.43
N ALA I 322 39.84 -57.16 -23.39
CA ALA I 322 40.24 -56.27 -22.32
C ALA I 322 39.68 -56.77 -21.00
N ASN I 323 40.56 -57.03 -20.02
CA ASN I 323 40.15 -57.21 -18.65
C ASN I 323 38.94 -58.15 -18.58
N GLY I 324 39.11 -59.40 -19.03
CA GLY I 324 38.01 -60.36 -19.07
C GLY I 324 36.78 -59.82 -19.80
N GLY I 325 36.74 -60.02 -21.12
CA GLY I 325 35.62 -59.56 -21.94
C GLY I 325 36.08 -58.83 -23.20
N TRP I 326 35.40 -59.10 -24.32
CA TRP I 326 35.66 -58.43 -25.58
C TRP I 326 35.04 -57.03 -25.57
N GLN I 327 35.68 -56.10 -26.29
CA GLN I 327 35.20 -54.74 -26.44
C GLN I 327 35.43 -54.31 -27.88
N PRO I 328 34.56 -53.45 -28.44
CA PRO I 328 34.72 -53.01 -29.83
C PRO I 328 35.88 -52.06 -30.07
N MET I 329 36.73 -52.42 -31.04
CA MET I 329 37.80 -51.54 -31.50
C MET I 329 37.19 -50.26 -32.03
N PRO I 330 37.97 -49.16 -32.06
CA PRO I 330 37.50 -47.89 -32.59
C PRO I 330 36.94 -47.95 -34.00
N ALA I 331 36.02 -47.04 -34.29
CA ALA I 331 35.45 -46.90 -35.61
C ALA I 331 35.15 -45.44 -35.87
N PRO I 332 35.14 -45.00 -37.16
CA PRO I 332 35.58 -45.85 -38.26
C PRO I 332 37.11 -45.97 -38.31
N ARG I 333 37.63 -46.46 -39.45
CA ARG I 333 39.05 -46.72 -39.64
C ARG I 333 39.64 -45.73 -40.63
N PHE I 334 40.95 -45.44 -40.45
CA PHE I 334 41.64 -44.40 -41.22
C PHE I 334 42.91 -45.00 -41.84
N SER I 335 43.08 -44.78 -43.15
CA SER I 335 44.18 -45.41 -43.89
C SER I 335 45.55 -44.94 -43.41
N ARG I 336 45.70 -43.63 -43.14
CA ARG I 336 46.99 -43.02 -42.84
C ARG I 336 47.17 -42.74 -41.35
N THR I 337 46.23 -42.04 -40.67
CA THR I 337 46.35 -41.85 -39.22
C THR I 337 45.41 -42.82 -38.48
N ALA I 338 45.87 -44.04 -38.31
CA ALA I 338 45.01 -45.09 -37.80
C ALA I 338 44.95 -45.03 -36.27
N SER I 339 43.77 -45.30 -35.70
CA SER I 339 43.60 -45.34 -34.26
C SER I 339 44.42 -46.50 -33.72
N SER I 340 44.77 -46.44 -32.43
CA SER I 340 45.30 -47.60 -31.75
C SER I 340 44.26 -48.17 -30.78
N GLN I 341 44.61 -49.33 -30.24
CA GLN I 341 43.80 -50.02 -29.27
C GLN I 341 43.54 -49.09 -28.10
N PRO I 342 42.28 -49.01 -27.59
CA PRO I 342 41.93 -48.15 -26.48
C PRO I 342 42.76 -48.35 -25.22
N ARG I 343 43.07 -47.25 -24.52
CA ARG I 343 43.71 -47.36 -23.21
C ARG I 343 42.64 -47.59 -22.15
N PRO I 344 42.86 -48.55 -21.23
CA PRO I 344 41.94 -48.76 -20.12
C PRO I 344 41.69 -47.49 -19.31
N PRO I 345 40.63 -47.45 -18.47
CA PRO I 345 40.46 -46.36 -17.53
C PRO I 345 41.57 -46.38 -16.49
N ALA I 346 42.26 -45.24 -16.35
CA ALA I 346 43.39 -45.07 -15.43
C ALA I 346 42.93 -44.33 -14.18
N ALA I 347 43.64 -44.55 -13.06
CA ALA I 347 43.33 -43.92 -11.79
C ALA I 347 43.29 -42.39 -11.93
N THR I 348 42.60 -41.75 -10.98
CA THR I 348 42.47 -40.30 -10.94
C THR I 348 43.86 -39.68 -10.99
N ILE I 349 43.97 -38.66 -11.83
CA ILE I 349 45.16 -37.83 -11.93
C ILE I 349 44.81 -36.54 -11.20
N ASP I 350 45.84 -35.82 -10.74
CA ASP I 350 45.63 -34.53 -10.12
C ASP I 350 45.41 -33.48 -11.20
N ILE I 351 44.37 -32.67 -11.04
CA ILE I 351 44.02 -31.65 -12.02
C ILE I 351 45.16 -30.65 -12.29
N GLU I 352 46.07 -30.50 -11.31
CA GLU I 352 47.22 -29.62 -11.47
C GLU I 352 48.19 -30.19 -12.51
N ALA I 353 48.50 -31.48 -12.37
CA ALA I 353 49.43 -32.20 -13.25
C ALA I 353 48.98 -32.10 -14.72
N VAL I 354 47.67 -31.99 -14.95
CA VAL I 354 47.12 -31.89 -16.30
C VAL I 354 47.42 -30.50 -16.85
N LEU I 355 47.18 -29.48 -16.01
CA LEU I 355 47.38 -28.08 -16.41
C LEU I 355 48.86 -27.82 -16.70
N THR I 356 49.73 -28.51 -15.95
CA THR I 356 51.15 -28.53 -16.25
C THR I 356 51.33 -28.98 -17.70
N ASP I 357 50.88 -30.23 -17.97
CA ASP I 357 51.03 -30.91 -19.24
C ASP I 357 50.56 -30.05 -20.42
N TRP I 358 49.49 -29.25 -20.25
CA TRP I 358 48.94 -28.43 -21.34
C TRP I 358 49.58 -27.04 -21.41
N ASP I 359 50.75 -26.87 -20.74
CA ASP I 359 51.40 -25.59 -20.46
C ASP I 359 50.78 -24.94 -19.22
N MET J 1 25.39 -20.31 -48.60
CA MET J 1 24.87 -21.54 -47.93
C MET J 1 25.08 -21.44 -46.42
N ALA J 2 23.99 -21.64 -45.67
CA ALA J 2 23.99 -21.51 -44.22
C ALA J 2 24.54 -22.78 -43.56
N GLY J 3 25.29 -22.61 -42.48
CA GLY J 3 25.62 -23.69 -41.57
C GLY J 3 27.12 -23.74 -41.35
N PRO J 4 27.60 -24.52 -40.36
CA PRO J 4 29.03 -24.61 -40.08
C PRO J 4 29.89 -25.26 -41.17
N LEU J 5 29.26 -25.96 -42.13
CA LEU J 5 30.04 -26.71 -43.11
C LEU J 5 30.07 -25.93 -44.43
N SER J 6 29.64 -24.66 -44.38
CA SER J 6 29.71 -23.76 -45.51
C SER J 6 31.09 -23.84 -46.14
N GLY J 7 31.12 -24.12 -47.46
CA GLY J 7 32.36 -24.14 -48.22
C GLY J 7 33.00 -25.53 -48.35
N LEU J 8 32.41 -26.54 -47.72
CA LEU J 8 32.85 -27.92 -47.91
C LEU J 8 32.20 -28.44 -49.18
N ARG J 9 33.01 -29.07 -50.02
CA ARG J 9 32.55 -29.63 -51.28
C ARG J 9 32.56 -31.15 -51.20
N VAL J 10 31.39 -31.74 -51.43
CA VAL J 10 31.25 -33.18 -51.34
C VAL J 10 30.75 -33.71 -52.67
N VAL J 11 31.38 -34.81 -53.10
CA VAL J 11 30.87 -35.58 -54.22
C VAL J 11 30.39 -36.92 -53.69
N GLU J 12 29.12 -37.21 -54.00
CA GLU J 12 28.42 -38.39 -53.55
C GLU J 12 28.12 -39.27 -54.77
N LEU J 13 28.68 -40.48 -54.78
CA LEU J 13 28.30 -41.51 -55.74
C LEU J 13 27.06 -42.25 -55.25
N ALA J 14 25.96 -42.01 -55.97
CA ALA J 14 24.64 -42.42 -55.54
C ALA J 14 24.61 -43.91 -55.18
N GLY J 15 24.11 -44.19 -53.97
CA GLY J 15 23.88 -45.54 -53.47
C GLY J 15 22.59 -45.56 -52.65
N ILE J 16 22.46 -46.51 -51.73
CA ILE J 16 21.24 -46.58 -50.93
C ILE J 16 21.61 -46.59 -49.46
N GLY J 17 20.76 -45.96 -48.62
CA GLY J 17 20.88 -46.14 -47.18
C GLY J 17 21.91 -45.20 -46.54
N PRO J 18 23.05 -45.70 -46.02
CA PRO J 18 23.96 -44.85 -45.27
C PRO J 18 24.65 -43.73 -46.09
N GLY J 19 25.14 -44.06 -47.30
CA GLY J 19 25.84 -43.07 -48.12
C GLY J 19 25.00 -41.82 -48.30
N PRO J 20 23.76 -41.94 -48.81
CA PRO J 20 22.91 -40.77 -48.97
C PRO J 20 22.51 -40.07 -47.66
N HIS J 21 22.49 -40.79 -46.54
CA HIS J 21 22.10 -40.16 -45.28
C HIS J 21 23.26 -39.29 -44.79
N ALA J 22 24.50 -39.79 -44.90
CA ALA J 22 25.67 -39.00 -44.55
C ALA J 22 25.75 -37.74 -45.44
N ALA J 23 25.47 -37.91 -46.72
CA ALA J 23 25.52 -36.81 -47.67
C ALA J 23 24.45 -35.78 -47.32
N MET J 24 23.27 -36.26 -46.90
CA MET J 24 22.19 -35.39 -46.50
C MET J 24 22.62 -34.50 -45.32
N ILE J 25 23.20 -35.11 -44.32
CA ILE J 25 23.52 -34.37 -43.11
C ILE J 25 24.58 -33.32 -43.44
N LEU J 26 25.63 -33.73 -44.17
CA LEU J 26 26.63 -32.78 -44.66
C LEU J 26 25.93 -31.63 -45.39
N GLY J 27 25.00 -31.94 -46.29
CA GLY J 27 24.25 -30.89 -46.98
C GLY J 27 23.40 -30.04 -46.05
N ASP J 28 22.85 -30.67 -44.99
CA ASP J 28 21.94 -30.02 -44.08
C ASP J 28 22.68 -28.87 -43.36
N LEU J 29 23.95 -29.13 -43.02
CA LEU J 29 24.82 -28.25 -42.27
C LEU J 29 25.63 -27.33 -43.20
N GLY J 30 25.29 -27.31 -44.49
CA GLY J 30 25.70 -26.27 -45.41
C GLY J 30 26.85 -26.66 -46.35
N ALA J 31 27.23 -27.94 -46.37
CA ALA J 31 28.19 -28.40 -47.36
C ALA J 31 27.55 -28.33 -48.74
N ASP J 32 28.41 -28.32 -49.75
CA ASP J 32 27.99 -28.23 -51.13
C ASP J 32 28.10 -29.63 -51.74
N VAL J 33 26.95 -30.28 -51.90
CA VAL J 33 26.96 -31.72 -52.15
C VAL J 33 26.47 -31.95 -53.58
N VAL J 34 27.31 -32.65 -54.35
CA VAL J 34 26.92 -32.97 -55.72
C VAL J 34 26.83 -34.48 -55.86
N ARG J 35 25.63 -34.94 -56.22
CA ARG J 35 25.37 -36.38 -56.29
C ARG J 35 25.38 -36.85 -57.74
N ILE J 36 26.24 -37.82 -58.05
CA ILE J 36 26.28 -38.44 -59.36
C ILE J 36 25.47 -39.74 -59.34
N ASP J 37 24.36 -39.75 -60.09
CA ASP J 37 23.58 -40.95 -60.30
C ASP J 37 23.75 -41.37 -61.76
N ARG J 38 23.38 -42.63 -62.05
CA ARG J 38 23.48 -43.14 -63.41
C ARG J 38 22.23 -42.69 -64.16
N PRO J 39 22.32 -42.47 -65.50
CA PRO J 39 21.26 -41.81 -66.24
C PRO J 39 19.91 -42.53 -66.20
N SER J 40 19.92 -43.85 -65.99
CA SER J 40 18.68 -44.61 -65.86
C SER J 40 18.04 -44.41 -64.48
N SER J 41 17.81 -43.16 -64.06
CA SER J 41 17.12 -42.87 -62.80
C SER J 41 16.31 -41.57 -62.93
N GLY J 44 12.59 -36.64 -63.43
CA GLY J 44 12.57 -35.24 -62.92
C GLY J 44 12.90 -35.16 -61.44
N ILE J 45 12.40 -34.09 -60.78
CA ILE J 45 12.53 -33.86 -59.36
C ILE J 45 12.28 -35.19 -58.63
N SER J 46 13.16 -35.58 -57.70
CA SER J 46 13.00 -36.80 -56.91
C SER J 46 11.95 -36.57 -55.81
N ARG J 47 11.34 -37.68 -55.38
CA ARG J 47 10.35 -37.65 -54.32
C ARG J 47 11.03 -37.82 -52.96
N ASP J 48 12.23 -38.44 -52.94
CA ASP J 48 12.85 -38.84 -51.68
C ASP J 48 13.60 -37.67 -51.04
N ALA J 49 12.98 -37.16 -49.97
CA ALA J 49 13.55 -36.08 -49.19
C ALA J 49 14.91 -36.46 -48.58
N MET J 50 15.32 -37.75 -48.64
CA MET J 50 16.68 -38.12 -48.23
C MET J 50 17.68 -37.48 -49.19
N LEU J 51 17.19 -36.98 -50.34
CA LEU J 51 18.01 -36.31 -51.36
C LEU J 51 17.90 -34.78 -51.29
N ARG J 52 17.57 -34.23 -50.12
CA ARG J 52 17.52 -32.80 -49.93
C ARG J 52 18.93 -32.26 -49.85
N ASN J 53 19.07 -30.95 -50.07
CA ASN J 53 20.33 -30.24 -49.93
C ASN J 53 21.39 -30.87 -50.81
N ARG J 54 21.06 -31.01 -52.11
CA ARG J 54 21.93 -31.64 -53.11
C ARG J 54 21.80 -30.96 -54.48
N ARG J 55 22.85 -31.04 -55.29
CA ARG J 55 22.67 -31.01 -56.73
C ARG J 55 22.88 -32.41 -57.29
N ILE J 56 21.94 -32.87 -58.14
CA ILE J 56 21.95 -34.19 -58.75
C ILE J 56 22.49 -34.02 -60.17
N VAL J 57 23.49 -34.82 -60.53
CA VAL J 57 23.95 -34.89 -61.91
C VAL J 57 23.92 -36.35 -62.32
N THR J 58 23.74 -36.60 -63.63
CA THR J 58 23.76 -37.97 -64.13
C THR J 58 25.07 -38.13 -64.92
N ALA J 59 25.54 -39.38 -65.01
CA ALA J 59 26.77 -39.70 -65.70
C ALA J 59 26.92 -41.22 -65.72
N ASP J 60 27.13 -41.78 -66.91
CA ASP J 60 27.53 -43.17 -67.05
C ASP J 60 29.03 -43.26 -66.76
N LEU J 61 29.36 -43.84 -65.60
CA LEU J 61 30.72 -43.87 -65.08
C LEU J 61 31.51 -44.97 -65.78
N LYS J 62 30.79 -45.92 -66.40
CA LYS J 62 31.42 -46.93 -67.23
C LYS J 62 32.03 -46.26 -68.47
N SER J 63 31.30 -45.31 -69.09
CA SER J 63 31.79 -44.60 -70.27
C SER J 63 33.09 -43.85 -69.95
N ASP J 64 33.74 -43.34 -71.00
CA ASP J 64 35.06 -42.72 -70.88
C ASP J 64 34.92 -41.28 -70.42
N GLN J 65 33.87 -40.64 -70.93
CA GLN J 65 33.65 -39.22 -70.74
C GLN J 65 32.87 -39.04 -69.44
N GLY J 66 31.99 -40.01 -69.14
CA GLY J 66 31.44 -40.17 -67.80
C GLY J 66 32.54 -40.16 -66.74
N LEU J 67 33.51 -41.07 -66.88
CA LEU J 67 34.59 -41.15 -65.91
C LEU J 67 35.39 -39.86 -65.84
N GLU J 68 35.56 -39.18 -66.97
CA GLU J 68 36.43 -38.03 -66.98
C GLU J 68 35.76 -36.87 -66.25
N LEU J 69 34.45 -36.69 -66.46
CA LEU J 69 33.71 -35.61 -65.81
C LEU J 69 33.69 -35.82 -64.28
N ALA J 70 33.62 -37.08 -63.83
CA ALA J 70 33.63 -37.45 -62.43
C ALA J 70 34.97 -37.09 -61.80
N LEU J 71 36.07 -37.44 -62.46
CA LEU J 71 37.38 -37.15 -61.93
C LEU J 71 37.61 -35.64 -61.88
N LYS J 72 36.92 -34.90 -62.75
CA LYS J 72 37.03 -33.46 -62.76
C LYS J 72 36.40 -32.90 -61.50
N LEU J 73 35.13 -33.29 -61.21
CA LEU J 73 34.45 -32.91 -59.97
C LEU J 73 35.29 -33.27 -58.75
N ILE J 74 35.79 -34.51 -58.72
CA ILE J 74 36.50 -34.96 -57.54
C ILE J 74 37.76 -34.15 -57.31
N ALA J 75 38.38 -33.68 -58.41
CA ALA J 75 39.63 -32.93 -58.36
C ALA J 75 39.44 -31.64 -57.56
N LYS J 76 38.25 -31.06 -57.68
CA LYS J 76 37.89 -29.80 -57.06
C LYS J 76 37.03 -29.99 -55.81
N ALA J 77 37.14 -31.14 -55.12
CA ALA J 77 36.25 -31.45 -54.00
C ALA J 77 37.08 -31.82 -52.78
N ASP J 78 36.45 -31.77 -51.58
CA ASP J 78 37.12 -32.11 -50.33
C ASP J 78 36.86 -33.56 -49.92
N VAL J 79 35.70 -34.07 -50.35
CA VAL J 79 35.17 -35.33 -49.83
C VAL J 79 34.52 -36.11 -50.96
N LEU J 80 34.84 -37.42 -50.99
CA LEU J 80 34.14 -38.37 -51.85
C LEU J 80 33.42 -39.41 -50.99
N ILE J 81 32.15 -39.64 -51.31
CA ILE J 81 31.37 -40.69 -50.67
C ILE J 81 31.00 -41.76 -51.71
N GLU J 82 31.35 -43.01 -51.40
CA GLU J 82 30.92 -44.14 -52.21
C GLU J 82 30.40 -45.24 -51.26
N GLY J 83 29.29 -45.90 -51.64
CA GLY J 83 28.81 -47.01 -50.83
C GLY J 83 28.52 -48.28 -51.63
N TYR J 84 29.46 -48.62 -52.53
CA TYR J 84 29.37 -49.81 -53.36
C TYR J 84 30.17 -50.89 -52.66
N ARG J 85 30.10 -52.14 -53.15
CA ARG J 85 30.92 -53.18 -52.54
C ARG J 85 32.37 -52.83 -52.84
N PRO J 86 33.32 -53.36 -52.05
CA PRO J 86 34.73 -53.12 -52.32
C PRO J 86 35.11 -53.60 -53.73
N GLY J 87 35.94 -52.81 -54.43
CA GLY J 87 36.43 -53.14 -55.76
C GLY J 87 35.64 -52.41 -56.83
N VAL J 88 34.45 -51.90 -56.49
CA VAL J 88 33.62 -51.32 -57.52
C VAL J 88 34.18 -49.98 -58.03
N THR J 89 34.59 -49.08 -57.13
CA THR J 89 35.14 -47.82 -57.61
C THR J 89 36.49 -48.08 -58.27
N GLU J 90 37.30 -48.98 -57.73
CA GLU J 90 38.55 -49.34 -58.39
C GLU J 90 38.29 -49.64 -59.87
N ARG J 91 37.38 -50.57 -60.16
CA ARG J 91 37.11 -51.02 -61.52
C ARG J 91 36.54 -49.90 -62.38
N LEU J 92 35.86 -48.91 -61.78
CA LEU J 92 35.39 -47.78 -62.56
C LEU J 92 36.53 -46.82 -62.90
N GLY J 93 37.70 -46.98 -62.28
CA GLY J 93 38.75 -45.97 -62.34
C GLY J 93 38.49 -44.79 -61.40
N LEU J 94 37.64 -44.98 -60.36
CA LEU J 94 37.38 -43.99 -59.31
C LEU J 94 37.85 -44.45 -57.93
N GLY J 95 38.86 -45.33 -57.88
CA GLY J 95 39.36 -45.84 -56.62
C GLY J 95 40.18 -44.79 -55.87
N PRO J 96 40.60 -45.09 -54.62
CA PRO J 96 41.37 -44.14 -53.83
C PRO J 96 42.67 -43.71 -54.51
N GLU J 97 43.40 -44.66 -55.13
CA GLU J 97 44.68 -44.36 -55.76
C GLU J 97 44.49 -43.44 -56.95
N GLU J 98 43.45 -43.69 -57.76
CA GLU J 98 43.19 -42.82 -58.90
C GLU J 98 42.72 -41.44 -58.45
N CYS J 99 41.93 -41.38 -57.38
CA CYS J 99 41.48 -40.09 -56.86
C CYS J 99 42.66 -39.36 -56.22
N ALA J 100 43.56 -40.09 -55.57
CA ALA J 100 44.74 -39.53 -54.93
C ALA J 100 45.60 -38.78 -55.95
N LYS J 101 45.60 -39.28 -57.20
CA LYS J 101 46.39 -38.71 -58.26
C LYS J 101 45.84 -37.36 -58.72
N VAL J 102 44.52 -37.17 -58.77
CA VAL J 102 44.03 -35.85 -59.17
C VAL J 102 43.80 -34.96 -57.94
N ASN J 103 44.14 -35.39 -56.70
CA ASN J 103 43.75 -34.63 -55.52
C ASN J 103 44.15 -35.39 -54.26
N ASP J 104 45.32 -35.06 -53.70
CA ASP J 104 45.78 -35.78 -52.51
C ASP J 104 45.26 -35.13 -51.22
N ARG J 105 44.35 -34.17 -51.36
CA ARG J 105 43.71 -33.59 -50.19
C ARG J 105 42.36 -34.26 -49.91
N LEU J 106 41.88 -35.10 -50.86
CA LEU J 106 40.55 -35.66 -50.83
C LEU J 106 40.38 -36.56 -49.60
N ILE J 107 39.21 -36.44 -48.96
CA ILE J 107 38.82 -37.41 -47.95
C ILE J 107 38.01 -38.50 -48.64
N TYR J 108 38.54 -39.73 -48.65
CA TYR J 108 37.94 -40.76 -49.47
C TYR J 108 37.10 -41.68 -48.58
N ALA J 109 35.78 -41.51 -48.66
CA ALA J 109 34.91 -42.10 -47.64
C ALA J 109 34.15 -43.31 -48.17
N ARG J 110 34.46 -44.48 -47.57
CA ARG J 110 33.94 -45.75 -48.04
C ARG J 110 32.95 -46.39 -47.02
N MET J 111 31.68 -46.43 -47.42
CA MET J 111 30.54 -46.86 -46.61
C MET J 111 30.08 -48.26 -47.00
N THR J 112 30.45 -49.27 -46.22
CA THR J 112 29.96 -50.62 -46.45
C THR J 112 29.31 -51.18 -45.19
N GLY J 113 28.75 -52.40 -45.30
CA GLY J 113 28.30 -53.10 -44.10
C GLY J 113 29.41 -53.97 -43.53
N TRP J 114 30.04 -54.78 -44.38
CA TRP J 114 30.99 -55.75 -43.90
C TRP J 114 32.41 -55.19 -43.85
N GLY J 115 32.66 -54.05 -44.51
CA GLY J 115 34.03 -53.54 -44.58
C GLY J 115 34.76 -53.95 -45.86
N GLN J 116 36.09 -53.70 -45.88
CA GLN J 116 36.81 -53.62 -47.14
C GLN J 116 37.43 -54.96 -47.48
N THR J 117 37.64 -55.81 -46.46
CA THR J 117 38.25 -57.11 -46.69
C THR J 117 37.57 -58.14 -45.79
N GLY J 118 37.94 -59.41 -45.99
CA GLY J 118 37.53 -60.49 -45.12
C GLY J 118 36.42 -61.31 -45.75
N PRO J 119 36.07 -62.45 -45.12
CA PRO J 119 35.22 -63.48 -45.75
C PRO J 119 33.88 -63.00 -46.30
N ARG J 120 33.27 -61.97 -45.68
CA ARG J 120 31.95 -61.58 -46.13
C ARG J 120 32.01 -60.29 -46.92
N SER J 121 33.21 -59.80 -47.32
CA SER J 121 33.32 -58.46 -47.90
C SER J 121 32.58 -58.29 -49.23
N GLN J 122 32.28 -59.40 -49.92
CA GLN J 122 31.58 -59.34 -51.21
C GLN J 122 30.12 -59.74 -51.11
N GLN J 123 29.69 -60.14 -49.92
CA GLN J 123 28.34 -60.63 -49.72
C GLN J 123 27.37 -59.46 -49.71
N ALA J 124 26.33 -59.55 -50.55
CA ALA J 124 25.27 -58.57 -50.48
C ALA J 124 24.63 -58.63 -49.10
N GLY J 125 24.09 -57.50 -48.65
CA GLY J 125 23.49 -57.47 -47.32
C GLY J 125 22.70 -56.20 -47.09
N HIS J 126 21.94 -56.22 -45.98
CA HIS J 126 21.24 -55.05 -45.51
C HIS J 126 21.40 -54.95 -43.99
N ASP J 127 20.87 -53.87 -43.43
CA ASP J 127 21.03 -53.51 -42.03
C ASP J 127 20.86 -54.73 -41.14
N ILE J 128 19.70 -55.39 -41.26
CA ILE J 128 19.40 -56.56 -40.48
C ILE J 128 20.53 -57.56 -40.45
N ASN J 129 21.21 -57.79 -41.59
CA ASN J 129 22.28 -58.77 -41.65
C ASN J 129 23.50 -58.27 -40.89
N TYR J 130 23.86 -56.99 -41.05
CA TYR J 130 25.04 -56.46 -40.38
C TYR J 130 24.84 -56.57 -38.88
N ILE J 131 23.64 -56.22 -38.42
CA ILE J 131 23.44 -56.25 -36.96
C ILE J 131 23.16 -57.66 -36.45
N SER J 132 22.91 -58.65 -37.33
CA SER J 132 22.73 -60.02 -36.85
C SER J 132 24.05 -60.60 -36.35
N LEU J 133 25.16 -60.11 -36.91
CA LEU J 133 26.47 -60.79 -36.77
C LEU J 133 27.22 -60.35 -35.51
N ASN J 134 26.88 -59.18 -34.98
CA ASN J 134 27.65 -58.60 -33.89
C ASN J 134 26.89 -58.59 -32.58
N GLY J 135 25.75 -59.29 -32.51
CA GLY J 135 25.09 -59.53 -31.23
C GLY J 135 23.91 -58.62 -30.96
N ILE J 136 23.81 -57.56 -31.76
CA ILE J 136 22.86 -56.49 -31.54
C ILE J 136 21.44 -56.99 -31.76
N LEU J 137 21.15 -57.50 -32.96
CA LEU J 137 19.81 -57.94 -33.32
C LEU J 137 19.30 -58.96 -32.30
N HIS J 138 20.18 -59.84 -31.80
CA HIS J 138 19.72 -60.89 -30.91
C HIS J 138 19.19 -60.28 -29.61
N ALA J 139 19.65 -59.08 -29.26
CA ALA J 139 19.32 -58.50 -27.96
C ALA J 139 18.03 -57.71 -28.00
N ILE J 140 17.36 -57.64 -29.17
CA ILE J 140 16.21 -56.78 -29.36
C ILE J 140 14.92 -57.58 -29.50
N GLY J 141 13.91 -57.23 -28.67
CA GLY J 141 12.58 -57.80 -28.70
C GLY J 141 12.22 -58.50 -27.39
N ARG J 142 10.97 -58.98 -27.29
CA ARG J 142 10.52 -59.76 -26.14
C ARG J 142 11.27 -61.10 -26.06
N GLY J 143 11.45 -61.59 -24.83
CA GLY J 143 12.24 -62.78 -24.57
C GLY J 143 11.58 -64.07 -25.09
N ASP J 144 10.26 -64.04 -25.28
CA ASP J 144 9.54 -65.24 -25.69
C ASP J 144 9.36 -65.29 -27.20
N GLU J 145 9.98 -64.39 -27.96
CA GLU J 145 9.66 -64.33 -29.38
C GLU J 145 10.96 -64.14 -30.14
N ARG J 146 10.86 -64.09 -31.46
CA ARG J 146 12.07 -64.03 -32.25
C ARG J 146 12.52 -62.56 -32.32
N PRO J 147 13.82 -62.29 -32.53
CA PRO J 147 14.30 -60.91 -32.50
C PRO J 147 13.52 -60.02 -33.47
N VAL J 148 13.37 -58.75 -33.11
CA VAL J 148 12.69 -57.82 -33.99
C VAL J 148 13.68 -56.78 -34.47
N PRO J 149 13.65 -56.43 -35.77
CA PRO J 149 14.55 -55.42 -36.29
C PRO J 149 14.14 -54.05 -35.79
N PRO J 150 15.11 -53.26 -35.31
CA PRO J 150 14.85 -51.88 -34.91
C PRO J 150 14.87 -50.97 -36.12
N LEU J 151 13.90 -51.21 -37.00
CA LEU J 151 13.91 -50.66 -38.35
C LEU J 151 15.32 -50.85 -38.90
N ASN J 152 15.81 -49.84 -39.64
CA ASN J 152 17.17 -49.86 -40.14
C ASN J 152 17.96 -48.74 -39.48
N LEU J 153 17.74 -48.55 -38.18
CA LEU J 153 18.20 -47.36 -37.50
C LEU J 153 19.61 -47.59 -36.95
N VAL J 154 19.96 -48.84 -36.65
CA VAL J 154 21.18 -49.12 -35.90
C VAL J 154 22.34 -49.44 -36.85
N GLY J 155 22.07 -50.14 -37.97
CA GLY J 155 23.13 -50.54 -38.90
C GLY J 155 23.41 -49.43 -39.92
N ASP J 156 22.37 -49.05 -40.64
CA ASP J 156 22.48 -48.04 -41.67
C ASP J 156 22.83 -46.67 -41.12
N PHE J 157 22.16 -46.24 -40.04
CA PHE J 157 22.26 -44.83 -39.67
C PHE J 157 23.13 -44.70 -38.44
N GLY J 158 22.64 -45.19 -37.30
CA GLY J 158 23.35 -45.04 -36.05
C GLY J 158 24.79 -45.51 -36.16
N GLY J 159 25.01 -46.69 -36.74
CA GLY J 159 26.35 -47.29 -36.74
C GLY J 159 26.94 -47.30 -38.16
N GLY J 160 26.32 -46.55 -39.06
CA GLY J 160 26.62 -46.55 -40.48
C GLY J 160 26.99 -45.13 -40.91
N SER J 161 26.00 -44.39 -41.39
CA SER J 161 26.16 -43.00 -41.82
C SER J 161 26.80 -42.14 -40.75
N MET J 162 26.49 -42.35 -39.46
CA MET J 162 26.95 -41.44 -38.42
C MET J 162 28.46 -41.60 -38.22
N PHE J 163 28.95 -42.84 -38.29
CA PHE J 163 30.39 -43.08 -38.20
C PHE J 163 31.12 -42.60 -39.46
N LEU J 164 30.49 -42.69 -40.63
CA LEU J 164 31.07 -42.16 -41.85
C LEU J 164 31.27 -40.66 -41.63
N LEU J 165 30.19 -40.00 -41.14
CA LEU J 165 30.21 -38.57 -40.82
C LEU J 165 31.35 -38.23 -39.86
N VAL J 166 31.48 -38.98 -38.78
CA VAL J 166 32.56 -38.71 -37.82
C VAL J 166 33.93 -38.94 -38.44
N GLY J 167 34.06 -39.99 -39.26
CA GLY J 167 35.31 -40.27 -39.93
C GLY J 167 35.70 -39.13 -40.88
N ILE J 168 34.77 -38.73 -41.73
CA ILE J 168 34.99 -37.63 -42.63
C ILE J 168 35.46 -36.39 -41.87
N LEU J 169 34.75 -36.01 -40.80
CA LEU J 169 34.97 -34.72 -40.17
C LEU J 169 36.25 -34.80 -39.35
N ALA J 170 36.50 -35.95 -38.76
CA ALA J 170 37.76 -36.14 -38.08
C ALA J 170 38.92 -36.00 -39.06
N ALA J 171 38.77 -36.56 -40.27
CA ALA J 171 39.86 -36.62 -41.23
C ALA J 171 40.16 -35.20 -41.75
N LEU J 172 39.10 -34.39 -41.94
CA LEU J 172 39.22 -32.97 -42.29
C LEU J 172 39.97 -32.17 -41.23
N TRP J 173 39.69 -32.44 -39.96
CA TRP J 173 40.47 -31.86 -38.89
C TRP J 173 41.94 -32.21 -39.09
N GLU J 174 42.22 -33.49 -39.35
CA GLU J 174 43.59 -33.96 -39.43
C GLU J 174 44.28 -33.35 -40.64
N ARG J 175 43.50 -33.11 -41.69
CA ARG J 175 44.01 -32.54 -42.92
C ARG J 175 44.48 -31.10 -42.68
N GLN J 176 43.94 -30.43 -41.66
CA GLN J 176 44.30 -29.05 -41.44
C GLN J 176 45.77 -28.99 -41.03
N SER J 177 46.32 -29.99 -40.35
CA SER J 177 47.71 -29.89 -39.98
C SER J 177 48.63 -30.80 -40.83
N SER J 178 48.08 -31.59 -41.79
CA SER J 178 48.90 -32.49 -42.61
C SER J 178 48.97 -32.06 -44.07
N GLY J 179 48.01 -31.28 -44.57
CA GLY J 179 47.92 -30.92 -45.96
C GLY J 179 47.36 -32.07 -46.80
N LYS J 180 47.01 -33.18 -46.13
CA LYS J 180 46.84 -34.50 -46.75
C LYS J 180 45.48 -35.12 -46.42
N GLY J 181 44.80 -35.60 -47.48
CA GLY J 181 43.60 -36.43 -47.37
C GLY J 181 43.95 -37.83 -46.88
N GLN J 182 42.96 -38.74 -46.82
CA GLN J 182 43.18 -40.16 -46.52
C GLN J 182 41.87 -40.91 -46.73
N VAL J 183 41.91 -42.23 -46.49
CA VAL J 183 40.75 -43.08 -46.75
C VAL J 183 40.06 -43.40 -45.42
N VAL J 184 38.74 -43.16 -45.40
CA VAL J 184 37.85 -43.51 -44.29
C VAL J 184 37.07 -44.77 -44.64
N ASP J 185 37.31 -45.84 -43.85
CA ASP J 185 36.60 -47.11 -43.99
C ASP J 185 35.56 -47.28 -42.86
N ALA J 186 34.30 -47.01 -43.20
CA ALA J 186 33.19 -47.11 -42.26
C ALA J 186 32.38 -48.36 -42.56
N ALA J 187 32.57 -49.36 -41.71
CA ALA J 187 31.75 -50.56 -41.84
C ALA J 187 30.66 -50.58 -40.76
N MET J 188 29.41 -50.74 -41.19
CA MET J 188 28.23 -50.87 -40.33
C MET J 188 28.38 -51.88 -39.20
N VAL J 189 29.09 -52.99 -39.43
CA VAL J 189 29.28 -53.98 -38.39
C VAL J 189 30.20 -53.45 -37.30
N ASP J 190 31.04 -52.48 -37.68
CA ASP J 190 32.02 -51.88 -36.81
C ASP J 190 31.36 -50.75 -36.02
N GLY J 191 30.81 -49.77 -36.73
CA GLY J 191 30.13 -48.62 -36.17
C GLY J 191 29.07 -49.04 -35.15
N SER J 192 28.25 -50.04 -35.54
CA SER J 192 27.15 -50.48 -34.71
C SER J 192 27.70 -51.17 -33.47
N SER J 193 28.91 -51.76 -33.56
CA SER J 193 29.52 -52.33 -32.39
C SER J 193 29.99 -51.25 -31.40
N VAL J 194 30.48 -50.11 -31.88
CA VAL J 194 30.92 -49.07 -30.96
C VAL J 194 29.69 -48.36 -30.39
N LEU J 195 28.66 -48.22 -31.21
CA LEU J 195 27.37 -47.69 -30.82
C LEU J 195 26.84 -48.43 -29.60
N ILE J 196 27.08 -49.75 -29.53
CA ILE J 196 26.53 -50.55 -28.45
C ILE J 196 27.61 -50.91 -27.44
N GLN J 197 28.68 -50.13 -27.36
CA GLN J 197 29.75 -50.46 -26.43
C GLN J 197 29.27 -50.54 -24.96
N MET J 198 28.26 -49.74 -24.59
CA MET J 198 27.76 -49.76 -23.22
C MET J 198 27.36 -51.19 -22.82
N MET J 199 26.66 -51.89 -23.73
CA MET J 199 26.24 -53.26 -23.43
C MET J 199 27.47 -54.15 -23.28
N TRP J 200 28.51 -53.92 -24.09
CA TRP J 200 29.69 -54.76 -23.98
C TRP J 200 30.40 -54.45 -22.64
N ALA J 201 30.30 -53.19 -22.18
CA ALA J 201 30.87 -52.79 -20.89
C ALA J 201 30.08 -53.40 -19.73
N MET J 202 28.75 -53.28 -19.76
CA MET J 202 27.93 -53.95 -18.76
C MET J 202 28.16 -55.46 -18.79
N ARG J 203 28.25 -56.04 -19.98
CA ARG J 203 28.41 -57.48 -20.04
C ARG J 203 29.67 -57.90 -19.31
N ALA J 204 30.75 -57.11 -19.42
CA ALA J 204 32.02 -57.50 -18.81
C ALA J 204 31.97 -57.43 -17.28
N THR J 205 31.07 -56.63 -16.71
CA THR J 205 30.97 -56.50 -15.26
C THR J 205 29.71 -57.19 -14.75
N GLY J 206 29.20 -58.19 -15.46
CA GLY J 206 28.06 -58.96 -14.98
C GLY J 206 26.73 -58.20 -14.93
N MET J 207 26.58 -57.08 -15.61
CA MET J 207 25.34 -56.32 -15.51
C MET J 207 24.49 -56.40 -16.78
N TRP J 208 24.83 -57.29 -17.71
CA TRP J 208 24.04 -57.46 -18.92
C TRP J 208 24.15 -58.92 -19.30
N THR J 209 23.02 -59.58 -19.63
CA THR J 209 23.11 -60.95 -20.11
C THR J 209 22.50 -61.10 -21.50
N ASP J 210 22.89 -62.23 -22.10
CA ASP J 210 22.58 -62.57 -23.47
C ASP J 210 21.13 -63.01 -23.61
N THR J 211 20.47 -63.28 -22.48
CA THR J 211 19.05 -63.59 -22.48
C THR J 211 18.27 -62.35 -22.86
N ARG J 212 17.45 -62.48 -23.88
CA ARG J 212 16.68 -61.39 -24.40
C ARG J 212 15.47 -61.12 -23.49
N GLY J 213 15.16 -59.84 -23.30
CA GLY J 213 14.05 -59.40 -22.45
C GLY J 213 14.30 -59.55 -20.94
N ALA J 214 15.56 -59.57 -20.48
CA ALA J 214 15.86 -59.78 -19.08
C ALA J 214 16.93 -58.81 -18.59
N ASN J 215 16.96 -57.60 -19.15
CA ASN J 215 18.00 -56.63 -18.86
C ASN J 215 17.37 -55.30 -18.49
N MET J 216 18.20 -54.37 -18.02
CA MET J 216 17.79 -53.04 -17.59
C MET J 216 17.19 -52.26 -18.76
N LEU J 217 17.70 -52.44 -19.98
CA LEU J 217 17.31 -51.52 -21.05
C LEU J 217 16.66 -52.19 -22.27
N ASP J 218 16.32 -53.49 -22.20
CA ASP J 218 15.76 -54.14 -23.37
C ASP J 218 14.25 -54.32 -23.25
N GLY J 219 13.66 -53.79 -22.18
CA GLY J 219 12.24 -53.96 -21.98
C GLY J 219 11.91 -54.98 -20.91
N GLY J 220 12.90 -55.73 -20.40
CA GLY J 220 12.72 -56.64 -19.27
C GLY J 220 12.44 -55.94 -17.93
N ALA J 221 12.98 -54.74 -17.72
CA ALA J 221 12.76 -53.99 -16.47
C ALA J 221 11.37 -53.36 -16.48
N PRO J 222 10.53 -53.62 -15.48
CA PRO J 222 9.22 -53.00 -15.39
C PRO J 222 9.22 -51.47 -15.41
N TYR J 223 10.35 -50.87 -15.02
CA TYR J 223 10.51 -49.42 -15.01
C TYR J 223 11.14 -48.84 -16.27
N TYR J 224 11.44 -49.68 -17.26
CA TYR J 224 12.01 -49.26 -18.54
C TYR J 224 11.35 -50.08 -19.65
N ASP J 225 10.15 -49.64 -20.03
CA ASP J 225 9.29 -50.36 -20.94
C ASP J 225 8.08 -49.49 -21.28
N THR J 226 7.30 -49.93 -22.27
CA THR J 226 5.98 -49.38 -22.55
C THR J 226 4.89 -50.13 -21.79
N TYR J 227 3.75 -49.47 -21.66
CA TYR J 227 2.54 -50.02 -21.07
C TYR J 227 1.34 -49.55 -21.92
N GLU J 228 0.37 -50.44 -22.06
CA GLU J 228 -0.88 -50.15 -22.73
C GLU J 228 -1.81 -49.49 -21.74
N CYS J 229 -2.49 -48.47 -22.24
CA CYS J 229 -3.40 -47.64 -21.46
C CYS J 229 -4.83 -48.05 -21.82
N ALA J 230 -5.83 -47.42 -21.18
CA ALA J 230 -7.24 -47.84 -21.27
C ALA J 230 -7.76 -47.69 -22.69
N ASP J 231 -7.23 -46.70 -23.42
CA ASP J 231 -7.64 -46.39 -24.78
C ASP J 231 -6.87 -47.26 -25.79
N GLY J 232 -5.99 -48.16 -25.35
CA GLY J 232 -5.23 -48.97 -26.29
C GLY J 232 -4.03 -48.22 -26.88
N ARG J 233 -3.76 -46.98 -26.43
CA ARG J 233 -2.52 -46.30 -26.80
C ARG J 233 -1.50 -46.58 -25.70
N TYR J 234 -0.26 -46.08 -25.87
CA TYR J 234 0.80 -46.49 -24.95
C TYR J 234 1.48 -45.32 -24.27
N VAL J 235 2.11 -45.65 -23.14
CA VAL J 235 3.07 -44.75 -22.54
C VAL J 235 4.41 -45.47 -22.47
N ALA J 236 5.45 -44.64 -22.40
CA ALA J 236 6.78 -45.11 -22.10
C ALA J 236 7.17 -44.73 -20.69
N VAL J 237 7.77 -45.71 -20.01
CA VAL J 237 8.28 -45.52 -18.66
C VAL J 237 9.79 -45.71 -18.70
N GLY J 238 10.53 -44.76 -18.14
CA GLY J 238 11.98 -44.79 -18.17
C GLY J 238 12.61 -44.38 -16.84
N ALA J 239 11.89 -44.67 -15.76
CA ALA J 239 12.25 -44.30 -14.41
C ALA J 239 13.34 -45.19 -13.82
N ILE J 240 14.58 -45.04 -14.31
CA ILE J 240 15.70 -45.80 -13.79
C ILE J 240 16.06 -45.36 -12.37
N GLU J 241 16.31 -44.06 -12.17
CA GLU J 241 16.80 -43.57 -10.89
C GLU J 241 15.70 -43.78 -9.83
N PRO J 242 16.05 -44.21 -8.62
CA PRO J 242 15.05 -44.52 -7.61
C PRO J 242 14.06 -43.39 -7.32
N GLN J 243 14.55 -42.13 -7.34
CA GLN J 243 13.73 -40.99 -6.98
C GLN J 243 12.68 -40.79 -8.06
N PHE J 244 13.07 -41.10 -9.31
CA PHE J 244 12.15 -40.92 -10.42
C PHE J 244 11.11 -42.03 -10.39
N TYR J 245 11.58 -43.25 -10.06
CA TYR J 245 10.69 -44.41 -9.90
C TYR J 245 9.67 -44.18 -8.77
N ALA J 246 10.16 -43.74 -7.61
CA ALA J 246 9.30 -43.36 -6.49
C ALA J 246 8.24 -42.35 -6.94
N ALA J 247 8.65 -41.35 -7.74
CA ALA J 247 7.67 -40.35 -8.16
C ALA J 247 6.61 -40.98 -9.05
N MET J 248 7.08 -41.86 -9.95
CA MET J 248 6.18 -42.53 -10.87
C MET J 248 5.14 -43.36 -10.09
N LEU J 249 5.60 -44.08 -9.06
CA LEU J 249 4.71 -44.91 -8.25
C LEU J 249 3.64 -44.06 -7.57
N ALA J 250 4.04 -42.94 -6.94
CA ALA J 250 3.07 -42.13 -6.24
C ALA J 250 2.04 -41.62 -7.22
N GLY J 251 2.47 -41.27 -8.43
CA GLY J 251 1.55 -40.76 -9.44
C GLY J 251 0.53 -41.81 -9.88
N LEU J 252 0.93 -43.08 -9.84
CA LEU J 252 0.06 -44.18 -10.20
C LEU J 252 -0.87 -44.53 -9.05
N GLY J 253 -0.66 -43.92 -7.89
CA GLY J 253 -1.45 -44.18 -6.71
C GLY J 253 -1.00 -45.47 -6.03
N LEU J 254 0.28 -45.81 -6.17
CA LEU J 254 0.76 -47.07 -5.66
C LEU J 254 1.68 -46.74 -4.49
N ASP J 255 1.51 -47.54 -3.44
CA ASP J 255 2.23 -47.38 -2.19
C ASP J 255 3.41 -48.34 -2.29
N ALA J 256 4.61 -47.79 -2.26
CA ALA J 256 5.84 -48.52 -2.47
C ALA J 256 6.03 -49.65 -1.45
N ALA J 257 5.44 -49.53 -0.27
CA ALA J 257 5.61 -50.52 0.78
C ALA J 257 4.84 -51.80 0.47
N GLU J 258 3.87 -51.73 -0.45
CA GLU J 258 3.11 -52.91 -0.85
C GLU J 258 3.69 -53.52 -2.13
N LEU J 259 4.85 -53.03 -2.62
CA LEU J 259 5.38 -53.48 -3.91
C LEU J 259 6.69 -54.20 -3.70
N PRO J 260 7.13 -55.06 -4.64
CA PRO J 260 8.46 -55.62 -4.56
C PRO J 260 9.53 -54.56 -4.83
N PRO J 261 10.78 -54.76 -4.38
CA PRO J 261 11.88 -53.84 -4.71
C PRO J 261 12.04 -53.60 -6.20
N GLN J 262 12.39 -52.35 -6.55
CA GLN J 262 12.53 -51.90 -7.93
C GLN J 262 13.45 -52.85 -8.68
N ASN J 263 14.52 -53.30 -8.03
CA ASN J 263 15.51 -54.09 -8.74
C ASN J 263 15.54 -55.53 -8.25
N ASP J 264 14.43 -56.03 -7.71
CA ASP J 264 14.33 -57.47 -7.48
C ASP J 264 13.82 -58.16 -8.75
N ARG J 265 14.78 -58.59 -9.58
CA ARG J 265 14.55 -59.19 -10.89
C ARG J 265 13.60 -60.38 -10.80
N ALA J 266 13.76 -61.23 -9.79
CA ALA J 266 12.89 -62.39 -9.59
C ALA J 266 11.40 -62.00 -9.44
N ARG J 267 11.14 -60.76 -8.99
CA ARG J 267 9.76 -60.34 -8.74
C ARG J 267 9.28 -59.35 -9.79
N TRP J 268 10.12 -59.08 -10.79
CA TRP J 268 9.73 -58.21 -11.88
C TRP J 268 8.40 -58.57 -12.52
N PRO J 269 8.04 -59.86 -12.75
CA PRO J 269 6.72 -60.17 -13.27
C PRO J 269 5.60 -59.60 -12.40
N GLU J 270 5.76 -59.73 -11.07
CA GLU J 270 4.78 -59.29 -10.08
C GLU J 270 4.66 -57.77 -10.10
N LEU J 271 5.82 -57.09 -10.15
CA LEU J 271 5.86 -55.64 -10.30
C LEU J 271 5.21 -55.19 -11.60
N ARG J 272 5.57 -55.86 -12.69
CA ARG J 272 5.03 -55.53 -14.00
C ARG J 272 3.51 -55.62 -13.97
N ALA J 273 2.98 -56.69 -13.38
CA ALA J 273 1.53 -56.86 -13.29
C ALA J 273 0.86 -55.67 -12.60
N LEU J 274 1.43 -55.22 -11.47
CA LEU J 274 0.84 -54.12 -10.71
C LEU J 274 0.89 -52.83 -11.53
N LEU J 275 2.03 -52.55 -12.18
CA LEU J 275 2.15 -51.37 -13.03
C LEU J 275 1.18 -51.48 -14.20
N THR J 276 1.08 -52.67 -14.80
CA THR J 276 0.21 -52.88 -15.95
C THR J 276 -1.24 -52.51 -15.61
N GLU J 277 -1.71 -53.03 -14.47
CA GLU J 277 -3.05 -52.72 -13.99
C GLU J 277 -3.26 -51.21 -13.80
N ALA J 278 -2.29 -50.52 -13.20
CA ALA J 278 -2.43 -49.09 -12.97
C ALA J 278 -2.49 -48.33 -14.30
N PHE J 279 -1.60 -48.63 -15.24
CA PHE J 279 -1.56 -47.77 -16.43
C PHE J 279 -2.79 -48.02 -17.29
N ALA J 280 -3.34 -49.24 -17.21
CA ALA J 280 -4.50 -49.61 -18.02
C ALA J 280 -5.78 -48.98 -17.47
N SER J 281 -5.72 -48.40 -16.27
CA SER J 281 -6.90 -47.82 -15.66
C SER J 281 -7.25 -46.43 -16.24
N HIS J 282 -6.38 -45.79 -16.99
CA HIS J 282 -6.71 -44.52 -17.64
C HIS J 282 -5.98 -44.39 -18.97
N ASP J 283 -6.46 -43.48 -19.84
CA ASP J 283 -5.98 -43.36 -21.20
C ASP J 283 -4.63 -42.64 -21.27
N ARG J 284 -3.96 -42.76 -22.42
CA ARG J 284 -2.60 -42.24 -22.57
C ARG J 284 -2.56 -40.76 -22.19
N ASP J 285 -3.54 -39.98 -22.62
CA ASP J 285 -3.48 -38.54 -22.45
C ASP J 285 -3.66 -38.17 -20.99
N HIS J 286 -4.42 -38.97 -20.24
CA HIS J 286 -4.49 -38.79 -18.81
C HIS J 286 -3.10 -38.89 -18.18
N TRP J 287 -2.32 -39.89 -18.55
CA TRP J 287 -1.02 -40.04 -17.95
C TRP J 287 -0.12 -38.87 -18.34
N GLY J 288 -0.31 -38.34 -19.55
CA GLY J 288 0.46 -37.20 -20.04
C GLY J 288 0.31 -35.95 -19.17
N ALA J 289 -0.95 -35.66 -18.79
CA ALA J 289 -1.28 -34.56 -17.90
C ALA J 289 -0.74 -34.77 -16.48
N VAL J 290 -1.07 -35.92 -15.90
CA VAL J 290 -0.60 -36.33 -14.60
C VAL J 290 0.90 -36.17 -14.45
N PHE J 291 1.68 -36.51 -15.49
CA PHE J 291 3.13 -36.53 -15.29
C PHE J 291 3.85 -35.39 -16.00
N ALA J 292 3.10 -34.46 -16.62
CA ALA J 292 3.68 -33.19 -17.03
C ALA J 292 4.36 -32.53 -15.82
N ASN J 293 5.59 -32.07 -16.10
CA ASN J 293 6.45 -31.33 -15.19
C ASN J 293 7.04 -32.23 -14.11
N SER J 294 6.90 -33.56 -14.23
CA SER J 294 7.49 -34.46 -13.25
C SER J 294 8.74 -35.13 -13.80
N ASP J 295 9.53 -35.64 -12.86
CA ASP J 295 10.70 -36.46 -13.11
C ASP J 295 10.36 -37.97 -13.08
N ALA J 296 9.07 -38.30 -13.27
CA ALA J 296 8.59 -39.67 -13.22
C ALA J 296 9.03 -40.46 -14.48
N CYS J 297 9.49 -39.76 -15.53
CA CYS J 297 10.01 -40.38 -16.73
C CYS J 297 8.91 -41.17 -17.42
N VAL J 298 7.74 -40.55 -17.59
CA VAL J 298 6.59 -41.17 -18.21
C VAL J 298 6.17 -40.24 -19.33
N THR J 299 6.03 -40.76 -20.56
CA THR J 299 5.73 -39.96 -21.72
C THR J 299 4.76 -40.72 -22.60
N PRO J 300 3.94 -40.00 -23.37
CA PRO J 300 3.10 -40.61 -24.35
C PRO J 300 3.94 -41.15 -25.51
N VAL J 301 3.57 -42.34 -26.00
CA VAL J 301 4.21 -42.92 -27.15
C VAL J 301 3.44 -42.41 -28.34
N LEU J 302 4.00 -41.45 -29.06
CA LEU J 302 3.23 -40.88 -30.16
C LEU J 302 3.54 -41.63 -31.45
N ALA J 303 2.48 -41.81 -32.27
CA ALA J 303 2.67 -42.24 -33.65
C ALA J 303 3.11 -41.05 -34.51
N PHE J 304 3.83 -41.36 -35.61
CA PHE J 304 4.39 -40.37 -36.52
C PHE J 304 3.32 -39.31 -36.79
N GLY J 305 2.12 -39.73 -37.18
CA GLY J 305 1.07 -38.82 -37.58
C GLY J 305 0.61 -37.89 -36.45
N GLU J 306 0.99 -38.15 -35.20
CA GLU J 306 0.52 -37.32 -34.08
C GLU J 306 1.60 -36.35 -33.60
N VAL J 307 2.84 -36.51 -34.09
CA VAL J 307 4.01 -35.80 -33.55
C VAL J 307 3.86 -34.30 -33.77
N HIS J 308 3.29 -33.90 -34.92
CA HIS J 308 3.17 -32.49 -35.26
C HIS J 308 2.31 -31.74 -34.24
N ASN J 309 1.53 -32.45 -33.40
CA ASN J 309 0.62 -31.81 -32.45
C ASN J 309 1.15 -31.78 -31.03
N GLU J 310 2.38 -32.24 -30.80
CA GLU J 310 2.98 -32.23 -29.48
C GLU J 310 3.63 -30.89 -29.22
N PRO J 311 3.24 -30.18 -28.12
CA PRO J 311 3.77 -28.86 -27.84
C PRO J 311 5.30 -28.76 -27.84
N HIS J 312 6.03 -29.70 -27.20
CA HIS J 312 7.47 -29.55 -27.13
C HIS J 312 8.13 -29.77 -28.51
N ILE J 313 7.43 -30.48 -29.40
CA ILE J 313 7.90 -30.63 -30.78
C ILE J 313 7.67 -29.32 -31.52
N ILE J 314 6.47 -28.75 -31.39
CA ILE J 314 6.07 -27.57 -32.14
C ILE J 314 6.99 -26.42 -31.79
N GLU J 315 7.28 -26.26 -30.50
CA GLU J 315 7.86 -25.04 -30.00
C GLU J 315 9.37 -25.04 -30.17
N ARG J 316 10.00 -26.19 -30.46
CA ARG J 316 11.41 -26.20 -30.79
C ARG J 316 11.64 -26.33 -32.30
N ASN J 317 10.58 -26.30 -33.10
CA ASN J 317 10.73 -26.45 -34.53
C ASN J 317 11.68 -27.62 -34.85
N THR J 318 11.39 -28.79 -34.29
CA THR J 318 12.13 -30.01 -34.59
C THR J 318 11.79 -30.47 -36.02
N PHE J 319 10.60 -30.12 -36.52
CA PHE J 319 10.15 -30.48 -37.85
C PHE J 319 9.80 -29.22 -38.63
N TYR J 320 9.75 -29.34 -39.97
CA TYR J 320 9.24 -28.32 -40.86
C TYR J 320 8.33 -29.02 -41.87
N GLU J 321 7.47 -28.24 -42.52
CA GLU J 321 6.52 -28.79 -43.47
C GLU J 321 7.09 -28.65 -44.88
N ALA J 322 7.15 -29.76 -45.61
CA ALA J 322 7.59 -29.78 -47.00
C ALA J 322 6.49 -30.39 -47.86
N ASN J 323 6.73 -30.38 -49.18
CA ASN J 323 6.20 -31.38 -50.10
C ASN J 323 4.90 -31.99 -49.58
N GLY J 324 4.99 -33.17 -48.96
CA GLY J 324 3.83 -33.96 -48.58
C GLY J 324 3.45 -33.72 -47.13
N GLY J 325 4.42 -33.85 -46.23
CA GLY J 325 4.23 -33.52 -44.84
C GLY J 325 5.55 -33.23 -44.14
N TRP J 326 5.61 -33.62 -42.87
CA TRP J 326 6.62 -33.10 -41.99
C TRP J 326 7.94 -33.82 -42.24
N GLN J 327 9.03 -33.09 -41.97
CA GLN J 327 10.36 -33.61 -42.12
C GLN J 327 11.23 -33.03 -41.03
N PRO J 328 12.20 -33.78 -40.50
CA PRO J 328 13.03 -33.27 -39.43
C PRO J 328 13.97 -32.17 -39.90
N MET J 329 14.06 -31.11 -39.10
CA MET J 329 15.02 -30.06 -39.36
C MET J 329 16.40 -30.58 -39.05
N PRO J 330 17.45 -29.94 -39.58
CA PRO J 330 18.81 -30.34 -39.28
C PRO J 330 19.15 -30.43 -37.81
N ALA J 331 20.05 -31.35 -37.52
CA ALA J 331 20.58 -31.50 -36.18
C ALA J 331 22.07 -31.75 -36.29
N PRO J 332 22.89 -31.44 -35.27
CA PRO J 332 22.45 -30.66 -34.11
C PRO J 332 22.32 -29.19 -34.49
N ARG J 333 22.20 -28.32 -33.48
CA ARG J 333 21.98 -26.89 -33.71
C ARG J 333 23.25 -26.12 -33.30
N PHE J 334 23.49 -24.99 -34.00
CA PHE J 334 24.71 -24.20 -33.82
C PHE J 334 24.33 -22.76 -33.43
N SER J 335 24.99 -22.21 -32.40
CA SER J 335 24.62 -20.89 -31.92
C SER J 335 24.94 -19.79 -32.95
N ARG J 336 26.13 -19.84 -33.55
CA ARG J 336 26.59 -18.75 -34.40
C ARG J 336 26.28 -18.98 -35.88
N THR J 337 26.68 -20.14 -36.43
CA THR J 337 26.44 -20.47 -37.82
C THR J 337 25.37 -21.55 -37.89
N ALA J 338 24.12 -21.12 -37.82
CA ALA J 338 22.99 -22.03 -37.75
C ALA J 338 22.68 -22.55 -39.15
N SER J 339 22.21 -23.80 -39.20
CA SER J 339 21.71 -24.34 -40.45
C SER J 339 20.44 -23.61 -40.84
N SER J 340 19.99 -23.80 -42.08
CA SER J 340 18.70 -23.31 -42.49
C SER J 340 17.80 -24.48 -42.94
N GLN J 341 16.57 -24.11 -43.30
CA GLN J 341 15.59 -25.05 -43.80
C GLN J 341 16.14 -25.76 -45.03
N PRO J 342 16.09 -27.10 -45.07
CA PRO J 342 16.59 -27.83 -46.22
C PRO J 342 15.93 -27.43 -47.53
N ARG J 343 16.73 -27.45 -48.59
CA ARG J 343 16.27 -27.17 -49.94
C ARG J 343 15.68 -28.47 -50.49
N PRO J 344 14.48 -28.42 -51.10
CA PRO J 344 13.86 -29.61 -51.65
C PRO J 344 14.76 -30.31 -52.67
N PRO J 345 14.50 -31.59 -52.96
CA PRO J 345 15.22 -32.27 -54.04
C PRO J 345 15.26 -31.42 -55.31
N ALA J 346 16.48 -31.10 -55.75
CA ALA J 346 16.69 -30.26 -56.93
C ALA J 346 16.51 -31.10 -58.20
N ALA J 347 16.16 -30.46 -59.32
CA ALA J 347 16.10 -31.12 -60.60
C ALA J 347 17.53 -31.30 -61.16
N THR J 348 17.69 -32.31 -62.04
CA THR J 348 19.00 -32.65 -62.56
C THR J 348 19.60 -31.41 -63.18
N ILE J 349 20.82 -31.10 -62.79
CA ILE J 349 21.56 -30.11 -63.52
C ILE J 349 22.63 -30.85 -64.31
N ASP J 350 23.32 -30.08 -65.17
CA ASP J 350 24.35 -30.60 -66.05
C ASP J 350 25.69 -30.50 -65.35
N ILE J 351 26.53 -31.54 -65.51
CA ILE J 351 27.75 -31.66 -64.73
C ILE J 351 28.74 -30.57 -65.12
N GLU J 352 28.64 -30.04 -66.36
CA GLU J 352 29.47 -28.94 -66.83
C GLU J 352 29.13 -27.65 -66.10
N ALA J 353 27.82 -27.39 -65.93
CA ALA J 353 27.34 -26.23 -65.18
C ALA J 353 28.00 -26.17 -63.80
N VAL J 354 28.13 -27.34 -63.16
CA VAL J 354 28.71 -27.44 -61.83
C VAL J 354 30.20 -27.13 -61.87
N LEU J 355 30.89 -27.70 -62.87
CA LEU J 355 32.33 -27.56 -62.99
C LEU J 355 32.71 -26.09 -63.18
N THR J 356 31.88 -25.40 -64.00
CA THR J 356 31.88 -23.94 -64.16
C THR J 356 31.84 -23.27 -62.79
N ASP J 357 30.70 -23.45 -62.11
CA ASP J 357 30.39 -22.85 -60.82
C ASP J 357 31.52 -23.07 -59.81
N TRP J 358 32.12 -24.28 -59.79
CA TRP J 358 33.27 -24.54 -58.93
C TRP J 358 34.55 -23.89 -59.49
N ASP J 359 34.36 -22.92 -60.41
CA ASP J 359 35.38 -22.12 -61.09
C ASP J 359 36.43 -23.04 -61.73
N MET K 1 -7.01 -47.21 26.94
CA MET K 1 -6.78 -45.93 26.20
C MET K 1 -5.62 -46.05 25.23
N ALA K 2 -5.94 -45.89 23.93
CA ALA K 2 -5.00 -46.06 22.83
C ALA K 2 -3.91 -45.00 22.88
N GLY K 3 -2.66 -45.36 22.53
CA GLY K 3 -1.62 -44.40 22.24
C GLY K 3 -0.38 -44.62 23.11
N PRO K 4 0.75 -43.97 22.78
CA PRO K 4 2.01 -44.17 23.50
C PRO K 4 2.08 -43.59 24.91
N LEU K 5 1.09 -42.77 25.29
CA LEU K 5 1.08 -42.17 26.62
C LEU K 5 -0.02 -42.82 27.46
N SER K 6 -0.52 -43.98 27.00
CA SER K 6 -1.39 -44.83 27.80
C SER K 6 -0.83 -44.93 29.22
N GLY K 7 -1.68 -44.63 30.21
CA GLY K 7 -1.33 -44.83 31.61
C GLY K 7 -0.88 -43.55 32.30
N LEU K 8 -0.41 -42.56 31.52
CA LEU K 8 0.00 -41.27 32.07
C LEU K 8 -1.22 -40.53 32.60
N ARG K 9 -1.07 -39.96 33.79
CA ARG K 9 -2.17 -39.25 34.42
C ARG K 9 -1.83 -37.76 34.51
N VAL K 10 -2.79 -36.94 34.09
CA VAL K 10 -2.54 -35.52 33.98
C VAL K 10 -3.68 -34.81 34.67
N VAL K 11 -3.31 -33.86 35.52
CA VAL K 11 -4.28 -32.91 36.07
C VAL K 11 -4.00 -31.55 35.44
N GLU K 12 -5.04 -30.98 34.81
CA GLU K 12 -4.99 -29.68 34.17
C GLU K 12 -5.87 -28.72 34.96
N LEU K 13 -5.26 -27.63 35.46
CA LEU K 13 -6.02 -26.51 36.01
C LEU K 13 -6.48 -25.62 34.88
N ALA K 14 -7.79 -25.64 34.62
CA ALA K 14 -8.43 -24.93 33.53
C ALA K 14 -7.83 -23.54 33.31
N GLY K 15 -7.40 -23.29 32.06
CA GLY K 15 -6.89 -22.00 31.60
C GLY K 15 -7.31 -21.74 30.16
N ILE K 16 -6.60 -20.86 29.45
CA ILE K 16 -6.88 -20.56 28.05
C ILE K 16 -5.60 -20.65 27.22
N GLY K 17 -5.73 -21.08 25.95
CA GLY K 17 -4.61 -21.06 25.03
C GLY K 17 -3.66 -22.25 25.24
N PRO K 18 -2.40 -22.03 25.61
CA PRO K 18 -1.40 -23.09 25.55
C PRO K 18 -1.68 -24.26 26.48
N GLY K 19 -2.12 -23.98 27.71
CA GLY K 19 -2.32 -25.02 28.70
C GLY K 19 -3.29 -26.08 28.19
N PRO K 20 -4.52 -25.69 27.81
CA PRO K 20 -5.47 -26.65 27.25
C PRO K 20 -5.04 -27.31 25.93
N HIS K 21 -4.09 -26.69 25.21
CA HIS K 21 -3.65 -27.25 23.95
C HIS K 21 -2.67 -28.38 24.25
N ALA K 22 -1.76 -28.13 25.19
CA ALA K 22 -0.87 -29.16 25.69
C ALA K 22 -1.66 -30.34 26.27
N ALA K 23 -2.59 -30.02 27.17
CA ALA K 23 -3.40 -31.06 27.77
C ALA K 23 -4.05 -31.88 26.66
N MET K 24 -4.58 -31.19 25.65
CA MET K 24 -5.31 -31.85 24.59
C MET K 24 -4.39 -32.88 23.93
N ILE K 25 -3.15 -32.49 23.66
CA ILE K 25 -2.25 -33.37 22.91
C ILE K 25 -1.90 -34.61 23.74
N LEU K 26 -1.71 -34.44 25.06
CA LEU K 26 -1.45 -35.55 25.95
C LEU K 26 -2.61 -36.54 25.86
N GLY K 27 -3.82 -36.03 26.01
CA GLY K 27 -5.02 -36.83 25.88
C GLY K 27 -5.15 -37.53 24.53
N ASP K 28 -4.82 -36.78 23.45
CA ASP K 28 -4.75 -37.27 22.08
C ASP K 28 -3.88 -38.53 22.03
N LEU K 29 -2.68 -38.47 22.61
CA LEU K 29 -1.75 -39.59 22.63
C LEU K 29 -2.06 -40.62 23.74
N GLY K 30 -3.20 -40.50 24.43
CA GLY K 30 -3.72 -41.57 25.28
C GLY K 30 -3.57 -41.35 26.79
N ALA K 31 -3.01 -40.20 27.19
CA ALA K 31 -2.95 -39.84 28.61
C ALA K 31 -4.35 -39.68 29.19
N ASP K 32 -4.47 -40.01 30.49
CA ASP K 32 -5.69 -39.83 31.26
C ASP K 32 -5.63 -38.42 31.85
N VAL K 33 -6.49 -37.53 31.32
CA VAL K 33 -6.38 -36.11 31.57
C VAL K 33 -7.63 -35.68 32.30
N VAL K 34 -7.41 -35.14 33.50
CA VAL K 34 -8.50 -34.63 34.32
C VAL K 34 -8.31 -33.13 34.41
N ARG K 35 -9.35 -32.41 33.99
CA ARG K 35 -9.30 -30.97 33.93
C ARG K 35 -10.17 -30.43 35.06
N ILE K 36 -9.57 -29.61 35.94
CA ILE K 36 -10.34 -28.98 37.02
C ILE K 36 -10.72 -27.59 36.57
N ASP K 37 -12.02 -27.36 36.36
CA ASP K 37 -12.56 -26.04 36.04
C ASP K 37 -13.39 -25.55 37.23
N ARG K 38 -13.66 -24.24 37.29
CA ARG K 38 -14.46 -23.69 38.36
C ARG K 38 -15.93 -23.89 38.00
N PRO K 39 -16.84 -24.09 39.00
CA PRO K 39 -18.25 -24.32 38.71
C PRO K 39 -18.93 -23.13 38.02
N SER K 40 -18.47 -21.91 38.36
CA SER K 40 -18.76 -20.70 37.59
C SER K 40 -18.77 -21.03 36.08
N SER K 41 -17.73 -21.72 35.60
CA SER K 41 -17.62 -22.19 34.22
C SER K 41 -18.02 -23.68 34.13
N SER K 46 -19.02 -29.21 27.15
CA SER K 46 -18.28 -28.11 26.46
C SER K 46 -18.45 -28.28 24.95
N ARG K 47 -18.45 -27.15 24.23
CA ARG K 47 -18.48 -27.21 22.78
C ARG K 47 -17.15 -26.70 22.22
N ASP K 48 -16.09 -26.70 23.04
CA ASP K 48 -14.73 -26.51 22.54
C ASP K 48 -14.07 -27.89 22.36
N ALA K 49 -13.80 -28.24 21.09
CA ALA K 49 -13.09 -29.47 20.75
C ALA K 49 -11.65 -29.42 21.26
N MET K 50 -11.16 -28.25 21.74
CA MET K 50 -9.87 -28.21 22.42
C MET K 50 -9.96 -28.94 23.76
N LEU K 51 -11.18 -29.26 24.21
CA LEU K 51 -11.36 -30.02 25.45
C LEU K 51 -11.71 -31.48 25.15
N ARG K 52 -11.35 -31.97 23.95
CA ARG K 52 -11.49 -33.37 23.61
C ARG K 52 -10.51 -34.17 24.47
N ASN K 53 -10.81 -35.45 24.68
CA ASN K 53 -9.93 -36.37 25.40
C ASN K 53 -9.68 -35.91 26.86
N ARG K 54 -10.75 -35.50 27.55
CA ARG K 54 -10.64 -35.03 28.93
C ARG K 54 -11.78 -35.61 29.77
N ARG K 55 -11.54 -35.75 31.08
CA ARG K 55 -12.67 -35.67 32.01
C ARG K 55 -12.66 -34.29 32.66
N ILE K 56 -13.82 -33.60 32.62
CA ILE K 56 -13.99 -32.30 33.27
C ILE K 56 -14.59 -32.51 34.67
N VAL K 57 -13.97 -31.92 35.70
CA VAL K 57 -14.57 -31.87 37.04
C VAL K 57 -14.51 -30.43 37.56
N THR K 58 -15.63 -29.94 38.15
CA THR K 58 -15.62 -28.64 38.79
C THR K 58 -15.29 -28.78 40.28
N ALA K 59 -14.70 -27.69 40.78
CA ALA K 59 -14.26 -27.55 42.16
C ALA K 59 -13.77 -26.12 42.33
N ASP K 60 -14.31 -25.44 43.36
CA ASP K 60 -13.87 -24.13 43.79
C ASP K 60 -12.61 -24.30 44.63
N LEU K 61 -11.46 -23.85 44.09
CA LEU K 61 -10.17 -24.09 44.71
C LEU K 61 -9.89 -23.07 45.83
N LYS K 62 -10.75 -22.06 45.91
CA LYS K 62 -10.66 -21.10 47.00
C LYS K 62 -11.17 -21.77 48.29
N SER K 63 -12.18 -22.65 48.18
CA SER K 63 -12.73 -23.35 49.33
C SER K 63 -11.70 -24.35 49.87
N ASP K 64 -12.02 -24.98 51.00
CA ASP K 64 -11.09 -25.87 51.66
C ASP K 64 -11.32 -27.29 51.17
N GLN K 65 -12.57 -27.56 50.78
CA GLN K 65 -12.92 -28.86 50.24
C GLN K 65 -12.51 -28.94 48.77
N GLY K 66 -12.72 -27.82 48.05
CA GLY K 66 -12.08 -27.62 46.75
C GLY K 66 -10.59 -27.91 46.78
N LEU K 67 -9.83 -27.27 47.68
CA LEU K 67 -8.38 -27.46 47.71
C LEU K 67 -8.03 -28.91 48.01
N GLU K 68 -8.71 -29.55 48.98
CA GLU K 68 -8.32 -30.87 49.44
C GLU K 68 -8.56 -31.91 48.34
N LEU K 69 -9.75 -31.86 47.74
CA LEU K 69 -10.10 -32.69 46.60
C LEU K 69 -9.05 -32.58 45.50
N ALA K 70 -8.57 -31.35 45.25
CA ALA K 70 -7.61 -31.12 44.18
C ALA K 70 -6.30 -31.81 44.53
N LEU K 71 -5.84 -31.61 45.78
CA LEU K 71 -4.58 -32.15 46.24
C LEU K 71 -4.59 -33.68 46.23
N LYS K 72 -5.78 -34.28 46.27
CA LYS K 72 -5.89 -35.72 46.22
C LYS K 72 -5.63 -36.25 44.82
N LEU K 73 -6.36 -35.70 43.81
CA LEU K 73 -6.12 -35.95 42.40
C LEU K 73 -4.63 -35.86 42.05
N ILE K 74 -4.00 -34.77 42.48
CA ILE K 74 -2.62 -34.48 42.16
C ILE K 74 -1.71 -35.53 42.78
N ALA K 75 -2.10 -36.00 43.97
CA ALA K 75 -1.32 -36.98 44.70
C ALA K 75 -1.11 -38.23 43.84
N LYS K 76 -2.17 -38.63 43.12
CA LYS K 76 -2.22 -39.81 42.29
C LYS K 76 -1.98 -39.50 40.81
N ALA K 77 -1.08 -38.56 40.48
CA ALA K 77 -0.93 -38.13 39.09
C ALA K 77 0.54 -37.94 38.78
N ASP K 78 0.86 -37.91 37.48
CA ASP K 78 2.24 -37.74 37.03
C ASP K 78 2.54 -36.29 36.68
N VAL K 79 1.53 -35.62 36.12
CA VAL K 79 1.73 -34.29 35.57
C VAL K 79 0.67 -33.34 36.10
N LEU K 80 1.11 -32.13 36.43
CA LEU K 80 0.21 -31.01 36.60
C LEU K 80 0.56 -29.91 35.61
N ILE K 81 -0.50 -29.39 34.99
CA ILE K 81 -0.45 -28.25 34.08
C ILE K 81 -1.22 -27.09 34.73
N GLU K 82 -0.54 -25.95 34.87
CA GLU K 82 -1.22 -24.72 35.21
C GLU K 82 -0.71 -23.61 34.30
N GLY K 83 -1.63 -22.72 33.92
CA GLY K 83 -1.34 -21.60 33.03
C GLY K 83 -1.87 -20.28 33.57
N TYR K 84 -1.71 -20.07 34.89
CA TYR K 84 -2.10 -18.84 35.56
C TYR K 84 -0.86 -17.97 35.71
N ARG K 85 -1.09 -16.71 36.10
CA ARG K 85 0.02 -15.80 36.40
C ARG K 85 0.84 -16.42 37.52
N PRO K 86 2.15 -16.13 37.61
CA PRO K 86 2.97 -16.63 38.72
C PRO K 86 2.42 -16.17 40.07
N GLY K 87 2.46 -17.06 41.09
CA GLY K 87 1.93 -16.81 42.42
C GLY K 87 0.47 -17.26 42.57
N VAL K 88 -0.23 -17.50 41.46
CA VAL K 88 -1.64 -17.82 41.58
C VAL K 88 -1.82 -19.19 42.25
N THR K 89 -1.00 -20.18 41.86
CA THR K 89 -1.19 -21.50 42.43
C THR K 89 -0.63 -21.49 43.85
N GLU K 90 0.48 -20.77 44.07
CA GLU K 90 1.06 -20.69 45.40
C GLU K 90 -0.03 -20.27 46.40
N ARG K 91 -0.76 -19.20 46.08
CA ARG K 91 -1.77 -18.63 46.95
C ARG K 91 -2.99 -19.53 47.07
N LEU K 92 -3.20 -20.44 46.12
CA LEU K 92 -4.28 -21.40 46.29
C LEU K 92 -3.91 -22.53 47.26
N GLY K 93 -2.62 -22.68 47.60
CA GLY K 93 -2.13 -23.85 48.29
C GLY K 93 -1.77 -24.98 47.32
N LEU K 94 -1.67 -24.65 46.01
CA LEU K 94 -1.40 -25.64 44.96
C LEU K 94 -0.05 -25.36 44.32
N GLY K 95 0.83 -24.60 44.98
CA GLY K 95 2.11 -24.24 44.41
C GLY K 95 3.01 -25.45 44.30
N PRO K 96 4.17 -25.38 43.59
CA PRO K 96 5.07 -26.51 43.51
C PRO K 96 5.26 -27.21 44.86
N GLU K 97 5.64 -26.44 45.89
CA GLU K 97 6.09 -26.98 47.16
C GLU K 97 4.98 -27.71 47.92
N GLU K 98 3.77 -27.16 47.94
CA GLU K 98 2.60 -27.87 48.43
C GLU K 98 2.38 -29.20 47.70
N CYS K 99 2.54 -29.19 46.37
CA CYS K 99 2.32 -30.38 45.55
C CYS K 99 3.44 -31.39 45.83
N ALA K 100 4.67 -30.92 46.00
CA ALA K 100 5.84 -31.76 46.30
C ALA K 100 5.73 -32.46 47.65
N LYS K 101 4.78 -32.03 48.49
CA LYS K 101 4.56 -32.68 49.76
C LYS K 101 3.73 -33.94 49.53
N VAL K 102 2.72 -33.86 48.68
CA VAL K 102 1.87 -35.03 48.50
C VAL K 102 2.33 -35.87 47.30
N ASN K 103 3.49 -35.59 46.69
CA ASN K 103 3.86 -36.24 45.43
C ASN K 103 5.20 -35.76 44.93
N ASP K 104 6.30 -36.30 45.44
CA ASP K 104 7.62 -35.82 45.05
C ASP K 104 8.01 -36.36 43.66
N ARG K 105 7.06 -36.99 42.97
CA ARG K 105 7.30 -37.52 41.62
C ARG K 105 6.66 -36.64 40.54
N LEU K 106 5.91 -35.60 40.96
CA LEU K 106 5.05 -34.82 40.07
C LEU K 106 5.90 -33.97 39.12
N ILE K 107 5.55 -34.03 37.84
CA ILE K 107 6.05 -33.02 36.90
C ILE K 107 5.12 -31.83 36.97
N TYR K 108 5.68 -30.70 37.42
CA TYR K 108 4.89 -29.50 37.71
C TYR K 108 5.11 -28.51 36.56
N ALA K 109 4.09 -28.37 35.70
CA ALA K 109 4.30 -27.67 34.42
C ALA K 109 3.64 -26.30 34.40
N ARG K 110 4.49 -25.26 34.35
CA ARG K 110 4.03 -23.86 34.46
C ARG K 110 4.10 -23.14 33.11
N MET K 111 2.91 -22.96 32.50
CA MET K 111 2.75 -22.37 31.18
C MET K 111 2.45 -20.87 31.27
N THR K 112 3.46 -20.00 31.04
CA THR K 112 3.22 -18.55 31.04
C THR K 112 3.69 -17.94 29.72
N GLY K 113 3.50 -16.63 29.61
CA GLY K 113 4.03 -15.89 28.47
C GLY K 113 5.35 -15.23 28.78
N TRP K 114 5.42 -14.56 29.94
CA TRP K 114 6.58 -13.76 30.27
C TRP K 114 7.54 -14.54 31.18
N GLY K 115 7.04 -15.67 31.71
CA GLY K 115 7.79 -16.46 32.67
C GLY K 115 7.45 -16.10 34.13
N GLN K 116 8.28 -16.65 35.03
CA GLN K 116 7.97 -16.75 36.44
C GLN K 116 8.47 -15.53 37.18
N THR K 117 9.48 -14.86 36.64
CA THR K 117 10.01 -13.68 37.30
C THR K 117 10.30 -12.61 36.28
N GLY K 118 10.74 -11.45 36.80
CA GLY K 118 11.23 -10.34 36.01
C GLY K 118 10.12 -9.31 35.78
N PRO K 119 10.47 -8.15 35.20
CA PRO K 119 9.61 -6.97 35.26
C PRO K 119 8.25 -7.11 34.60
N ARG K 120 8.06 -8.10 33.72
CA ARG K 120 6.80 -8.21 33.02
C ARG K 120 6.02 -9.41 33.52
N SER K 121 6.55 -10.12 34.53
CA SER K 121 5.96 -11.39 34.93
C SER K 121 4.53 -11.29 35.43
N GLN K 122 4.05 -10.09 35.83
CA GLN K 122 2.67 -9.99 36.26
C GLN K 122 1.76 -9.30 35.24
N GLN K 123 2.32 -8.80 34.12
CA GLN K 123 1.51 -8.19 33.08
C GLN K 123 0.66 -9.25 32.37
N ALA K 124 -0.63 -8.98 32.30
CA ALA K 124 -1.50 -9.65 31.35
C ALA K 124 -0.96 -9.48 29.93
N GLY K 125 -1.35 -10.42 29.08
CA GLY K 125 -0.87 -10.49 27.72
C GLY K 125 -1.48 -11.66 26.97
N HIS K 126 -1.27 -11.63 25.67
CA HIS K 126 -1.67 -12.70 24.77
C HIS K 126 -0.57 -12.90 23.73
N ASP K 127 -0.78 -13.89 22.86
CA ASP K 127 0.21 -14.29 21.88
C ASP K 127 0.89 -13.06 21.26
N ILE K 128 0.08 -12.13 20.72
CA ILE K 128 0.60 -11.01 19.95
C ILE K 128 1.63 -10.22 20.75
N ASN K 129 1.42 -10.13 22.06
CA ASN K 129 2.32 -9.40 22.93
C ASN K 129 3.66 -10.12 23.14
N TYR K 130 3.61 -11.41 23.45
CA TYR K 130 4.82 -12.19 23.68
C TYR K 130 5.70 -12.16 22.43
N ILE K 131 5.08 -12.28 21.23
CA ILE K 131 5.92 -12.34 20.02
C ILE K 131 6.36 -10.95 19.58
N SER K 132 5.77 -9.89 20.14
CA SER K 132 6.17 -8.56 19.71
C SER K 132 7.52 -8.21 20.34
N LEU K 133 7.82 -8.83 21.49
CA LEU K 133 8.94 -8.38 22.31
C LEU K 133 10.23 -9.04 21.89
N ASN K 134 10.16 -10.15 21.17
CA ASN K 134 11.36 -10.94 20.86
C ASN K 134 11.68 -10.93 19.36
N GLY K 135 11.17 -9.94 18.62
CA GLY K 135 11.50 -9.78 17.20
C GLY K 135 10.60 -10.49 16.19
N ILE K 136 9.81 -11.47 16.62
CA ILE K 136 9.08 -12.30 15.68
C ILE K 136 8.05 -11.47 14.94
N LEU K 137 7.22 -10.69 15.66
CA LEU K 137 6.06 -10.09 15.03
C LEU K 137 6.54 -9.09 13.99
N HIS K 138 7.63 -8.41 14.31
CA HIS K 138 8.19 -7.39 13.45
C HIS K 138 8.55 -7.95 12.09
N ALA K 139 8.89 -9.24 12.05
CA ALA K 139 9.39 -9.88 10.84
C ALA K 139 8.27 -10.37 9.92
N ILE K 140 7.01 -10.28 10.36
CA ILE K 140 5.91 -10.91 9.68
C ILE K 140 5.02 -9.88 9.00
N GLY K 141 4.87 -10.06 7.68
CA GLY K 141 3.96 -9.26 6.88
C GLY K 141 4.73 -8.60 5.75
N ARG K 142 4.00 -7.83 4.95
CA ARG K 142 4.55 -7.09 3.83
C ARG K 142 5.35 -5.90 4.33
N GLY K 143 6.38 -5.55 3.56
CA GLY K 143 7.35 -4.54 3.93
C GLY K 143 6.72 -3.16 4.01
N ASP K 144 5.75 -2.89 3.15
CA ASP K 144 5.17 -1.55 3.06
C ASP K 144 3.99 -1.36 4.02
N GLU K 145 3.87 -2.19 5.07
CA GLU K 145 2.65 -2.27 5.85
C GLU K 145 2.98 -2.68 7.28
N ARG K 146 1.99 -2.58 8.17
CA ARG K 146 2.27 -2.88 9.56
C ARG K 146 2.25 -4.38 9.75
N PRO K 147 3.02 -4.90 10.71
CA PRO K 147 3.13 -6.34 10.88
C PRO K 147 1.79 -7.02 11.15
N VAL K 148 1.70 -8.28 10.73
CA VAL K 148 0.45 -8.97 10.74
C VAL K 148 0.59 -10.17 11.67
N PRO K 149 -0.36 -10.38 12.60
CA PRO K 149 -0.25 -11.48 13.53
C PRO K 149 -0.45 -12.79 12.82
N PRO K 150 0.44 -13.76 13.01
CA PRO K 150 0.26 -15.09 12.45
C PRO K 150 -0.70 -15.93 13.28
N LEU K 151 -1.93 -15.42 13.33
CA LEU K 151 -2.93 -15.90 14.27
C LEU K 151 -2.23 -15.99 15.63
N ASN K 152 -2.67 -16.92 16.48
CA ASN K 152 -1.96 -17.21 17.73
C ASN K 152 -1.12 -18.47 17.58
N LEU K 153 -0.53 -18.69 16.42
CA LEU K 153 0.09 -19.97 16.15
C LEU K 153 1.49 -20.02 16.73
N VAL K 154 2.18 -18.87 16.83
CA VAL K 154 3.61 -18.92 17.15
C VAL K 154 3.87 -18.79 18.65
N GLY K 155 3.14 -17.92 19.37
CA GLY K 155 3.34 -17.70 20.80
C GLY K 155 2.63 -18.77 21.66
N ASP K 156 1.33 -18.93 21.43
CA ASP K 156 0.50 -19.87 22.20
C ASP K 156 0.83 -21.34 21.93
N PHE K 157 1.00 -21.72 20.65
CA PHE K 157 1.09 -23.13 20.31
C PHE K 157 2.53 -23.50 19.99
N GLY K 158 3.03 -23.10 18.81
CA GLY K 158 4.39 -23.42 18.42
C GLY K 158 5.42 -23.15 19.53
N GLY K 159 5.37 -21.95 20.11
CA GLY K 159 6.37 -21.56 21.08
C GLY K 159 5.85 -21.67 22.51
N GLY K 160 4.68 -22.28 22.65
CA GLY K 160 3.97 -22.26 23.91
C GLY K 160 3.73 -23.67 24.43
N SER K 161 2.55 -24.18 24.10
CA SER K 161 2.13 -25.52 24.40
C SER K 161 3.18 -26.54 23.97
N MET K 162 3.75 -26.40 22.77
CA MET K 162 4.65 -27.42 22.27
C MET K 162 5.89 -27.50 23.14
N PHE K 163 6.40 -26.40 23.64
CA PHE K 163 7.53 -26.43 24.55
C PHE K 163 7.13 -26.96 25.93
N LEU K 164 5.94 -26.61 26.41
CA LEU K 164 5.50 -27.21 27.67
C LEU K 164 5.54 -28.73 27.50
N LEU K 165 4.99 -29.22 26.36
CA LEU K 165 4.89 -30.64 26.05
C LEU K 165 6.28 -31.25 26.07
N VAL K 166 7.25 -30.59 25.44
CA VAL K 166 8.60 -31.11 25.38
C VAL K 166 9.16 -31.22 26.79
N GLY K 167 8.93 -30.20 27.61
CA GLY K 167 9.49 -30.16 28.95
C GLY K 167 8.90 -31.26 29.84
N ILE K 168 7.59 -31.42 29.79
CA ILE K 168 6.92 -32.45 30.53
C ILE K 168 7.49 -33.83 30.17
N LEU K 169 7.60 -34.10 28.86
CA LEU K 169 7.95 -35.43 28.39
C LEU K 169 9.43 -35.62 28.66
N ALA K 170 10.23 -34.56 28.53
CA ALA K 170 11.63 -34.70 28.89
C ALA K 170 11.80 -34.94 30.40
N ALA K 171 10.91 -34.36 31.21
CA ALA K 171 11.04 -34.48 32.64
C ALA K 171 10.67 -35.91 33.05
N LEU K 172 9.63 -36.48 32.42
CA LEU K 172 9.21 -37.86 32.61
C LEU K 172 10.32 -38.87 32.26
N TRP K 173 11.23 -38.49 31.36
CA TRP K 173 12.40 -39.29 31.06
C TRP K 173 13.43 -39.16 32.18
N GLU K 174 13.66 -37.94 32.65
CA GLU K 174 14.68 -37.71 33.66
C GLU K 174 14.26 -38.42 34.96
N ARG K 175 12.94 -38.45 35.19
CA ARG K 175 12.32 -39.09 36.34
C ARG K 175 12.66 -40.59 36.38
N GLN K 176 12.66 -41.28 35.23
CA GLN K 176 12.83 -42.73 35.21
C GLN K 176 14.18 -43.08 35.86
N SER K 177 15.16 -42.17 35.73
CA SER K 177 16.50 -42.35 36.25
C SER K 177 16.70 -41.80 37.67
N SER K 178 15.90 -40.83 38.13
CA SER K 178 16.22 -40.12 39.37
C SER K 178 15.17 -40.37 40.46
N GLY K 179 13.97 -40.86 40.09
CA GLY K 179 12.90 -41.12 41.03
C GLY K 179 12.04 -39.90 41.36
N LYS K 180 12.44 -38.69 40.91
CA LYS K 180 11.86 -37.44 41.39
C LYS K 180 11.31 -36.59 40.24
N GLY K 181 10.19 -35.89 40.52
CA GLY K 181 9.63 -34.86 39.65
C GLY K 181 10.45 -33.56 39.68
N GLN K 182 9.83 -32.48 39.20
CA GLN K 182 10.48 -31.16 39.10
C GLN K 182 9.56 -30.18 38.37
N VAL K 183 10.01 -28.92 38.26
CA VAL K 183 9.17 -27.83 37.76
C VAL K 183 9.60 -27.48 36.35
N VAL K 184 8.61 -27.49 35.45
CA VAL K 184 8.82 -27.05 34.08
C VAL K 184 8.24 -25.63 33.92
N ASP K 185 9.16 -24.70 33.64
CA ASP K 185 8.88 -23.29 33.42
C ASP K 185 8.92 -23.00 31.91
N ALA K 186 7.75 -23.15 31.25
CA ALA K 186 7.56 -22.82 29.83
C ALA K 186 7.01 -21.40 29.62
N ALA K 187 7.89 -20.47 29.24
CA ALA K 187 7.46 -19.13 28.83
C ALA K 187 7.42 -18.97 27.30
N MET K 188 6.27 -18.51 26.80
CA MET K 188 6.03 -18.32 25.38
C MET K 188 7.11 -17.42 24.77
N VAL K 189 7.64 -16.49 25.55
CA VAL K 189 8.66 -15.61 25.01
C VAL K 189 9.99 -16.35 24.79
N ASP K 190 10.19 -17.47 25.51
CA ASP K 190 11.40 -18.25 25.35
C ASP K 190 11.20 -19.28 24.25
N GLY K 191 10.12 -20.05 24.37
CA GLY K 191 9.74 -21.05 23.39
C GLY K 191 9.78 -20.50 21.97
N SER K 192 9.10 -19.37 21.76
CA SER K 192 8.94 -18.82 20.42
C SER K 192 10.30 -18.34 19.89
N SER K 193 11.16 -17.87 20.78
CA SER K 193 12.52 -17.50 20.42
C SER K 193 13.33 -18.71 19.96
N VAL K 194 13.11 -19.89 20.57
CA VAL K 194 13.84 -21.09 20.13
C VAL K 194 13.25 -21.56 18.80
N LEU K 195 11.93 -21.43 18.66
CA LEU K 195 11.19 -21.77 17.46
C LEU K 195 11.78 -21.04 16.25
N ILE K 196 12.30 -19.83 16.46
CA ILE K 196 12.77 -18.99 15.37
C ILE K 196 14.29 -18.98 15.41
N GLN K 197 14.92 -20.02 15.97
CA GLN K 197 16.38 -20.01 16.09
C GLN K 197 17.06 -19.89 14.71
N MET K 198 16.44 -20.44 13.66
CA MET K 198 17.01 -20.35 12.32
C MET K 198 17.27 -18.90 11.92
N MET K 199 16.33 -18.00 12.25
CA MET K 199 16.46 -16.62 11.81
C MET K 199 17.58 -15.95 12.56
N TRP K 200 17.71 -16.29 13.85
CA TRP K 200 18.84 -15.80 14.63
C TRP K 200 20.19 -16.32 14.07
N ALA K 201 20.25 -17.58 13.67
CA ALA K 201 21.43 -18.13 12.98
C ALA K 201 21.73 -17.32 11.72
N MET K 202 20.71 -17.14 10.86
CA MET K 202 20.91 -16.46 9.60
C MET K 202 21.31 -15.00 9.81
N ARG K 203 20.71 -14.30 10.78
CA ARG K 203 21.15 -12.95 11.10
C ARG K 203 22.63 -12.91 11.39
N ALA K 204 23.11 -13.90 12.14
CA ALA K 204 24.50 -13.94 12.62
C ALA K 204 25.46 -13.90 11.45
N THR K 205 25.12 -14.65 10.39
CA THR K 205 25.97 -14.84 9.23
C THR K 205 25.53 -13.98 8.05
N GLY K 206 24.81 -12.87 8.27
CA GLY K 206 24.56 -11.91 7.20
C GLY K 206 23.44 -12.32 6.23
N MET K 207 22.67 -13.33 6.60
CA MET K 207 21.75 -13.94 5.66
C MET K 207 20.30 -13.63 6.06
N TRP K 208 20.09 -12.68 6.99
CA TRP K 208 18.73 -12.24 7.27
C TRP K 208 18.74 -10.83 7.81
N THR K 209 17.91 -9.91 7.23
CA THR K 209 17.85 -8.54 7.68
C THR K 209 16.55 -8.28 8.44
N ASP K 210 16.61 -7.23 9.28
CA ASP K 210 15.50 -6.76 10.07
C ASP K 210 14.46 -6.05 9.21
N THR K 211 14.79 -5.75 7.95
CA THR K 211 13.80 -5.20 7.03
C THR K 211 12.77 -6.26 6.68
N ARG K 212 11.51 -5.94 6.98
CA ARG K 212 10.40 -6.83 6.72
C ARG K 212 10.11 -6.90 5.23
N GLY K 213 9.80 -8.10 4.73
CA GLY K 213 9.43 -8.30 3.34
C GLY K 213 10.61 -8.31 2.38
N ALA K 214 11.83 -8.48 2.89
CA ALA K 214 13.05 -8.44 2.09
C ALA K 214 13.92 -9.67 2.37
N ASN K 215 13.34 -10.81 2.70
CA ASN K 215 14.14 -11.97 3.01
C ASN K 215 13.67 -13.18 2.20
N MET K 216 14.42 -14.26 2.36
CA MET K 216 14.20 -15.45 1.58
C MET K 216 12.86 -16.07 1.94
N LEU K 217 12.47 -15.99 3.21
CA LEU K 217 11.35 -16.77 3.71
C LEU K 217 10.19 -15.92 4.26
N ASP K 218 10.24 -14.57 4.14
CA ASP K 218 9.19 -13.74 4.71
C ASP K 218 8.18 -13.27 3.66
N GLY K 219 8.36 -13.76 2.42
CA GLY K 219 7.56 -13.31 1.29
C GLY K 219 8.32 -12.38 0.33
N GLY K 220 9.48 -11.89 0.74
CA GLY K 220 10.29 -11.04 -0.11
C GLY K 220 10.77 -11.73 -1.38
N ALA K 221 11.04 -13.04 -1.29
CA ALA K 221 11.58 -13.77 -2.42
C ALA K 221 10.45 -14.16 -3.36
N PRO K 222 10.56 -13.83 -4.66
CA PRO K 222 9.53 -14.17 -5.62
C PRO K 222 9.34 -15.68 -5.78
N TYR K 223 10.30 -16.48 -5.32
CA TYR K 223 10.13 -17.94 -5.39
C TYR K 223 9.63 -18.52 -4.07
N TYR K 224 9.27 -17.66 -3.12
CA TYR K 224 8.77 -18.13 -1.83
C TYR K 224 7.69 -17.16 -1.37
N ASP K 225 6.49 -17.36 -1.90
CA ASP K 225 5.44 -16.37 -1.79
C ASP K 225 4.19 -16.95 -2.41
N THR K 226 3.05 -16.29 -2.18
CA THR K 226 1.80 -16.66 -2.82
C THR K 226 1.61 -15.79 -4.06
N TYR K 227 0.79 -16.28 -4.97
CA TYR K 227 0.50 -15.56 -6.19
C TYR K 227 -1.00 -15.71 -6.45
N GLU K 228 -1.62 -14.62 -6.92
CA GLU K 228 -3.02 -14.67 -7.25
C GLU K 228 -3.19 -15.20 -8.67
N CYS K 229 -4.22 -16.03 -8.85
CA CYS K 229 -4.50 -16.70 -10.12
C CYS K 229 -5.67 -15.98 -10.80
N ALA K 230 -6.02 -16.44 -12.00
CA ALA K 230 -7.06 -15.84 -12.81
C ALA K 230 -8.40 -15.79 -12.09
N ASP K 231 -8.65 -16.77 -11.21
CA ASP K 231 -9.97 -16.88 -10.58
C ASP K 231 -9.98 -16.15 -9.23
N GLY K 232 -8.94 -15.41 -8.88
CA GLY K 232 -8.93 -14.73 -7.60
C GLY K 232 -8.53 -15.65 -6.44
N ARG K 233 -8.33 -16.96 -6.70
CA ARG K 233 -7.71 -17.84 -5.70
C ARG K 233 -6.18 -17.81 -5.82
N TYR K 234 -5.48 -18.57 -4.99
CA TYR K 234 -4.04 -18.40 -4.82
C TYR K 234 -3.31 -19.72 -4.92
N VAL K 235 -2.03 -19.61 -5.34
CA VAL K 235 -1.08 -20.68 -5.20
C VAL K 235 0.05 -20.24 -4.31
N ALA K 236 0.72 -21.23 -3.73
CA ALA K 236 1.95 -21.03 -3.00
C ALA K 236 3.11 -21.62 -3.80
N VAL K 237 4.19 -20.84 -3.86
CA VAL K 237 5.41 -21.17 -4.54
C VAL K 237 6.50 -21.20 -3.51
N GLY K 238 7.24 -22.33 -3.48
CA GLY K 238 8.26 -22.54 -2.47
C GLY K 238 9.51 -23.15 -3.06
N ALA K 239 9.87 -22.68 -4.27
CA ALA K 239 10.89 -23.32 -5.08
C ALA K 239 12.25 -22.71 -4.78
N ILE K 240 12.86 -23.11 -3.67
CA ILE K 240 14.11 -22.53 -3.20
C ILE K 240 15.28 -23.13 -3.99
N GLU K 241 15.30 -24.46 -4.04
CA GLU K 241 16.41 -25.13 -4.72
C GLU K 241 16.39 -24.75 -6.20
N PRO K 242 17.55 -24.45 -6.80
CA PRO K 242 17.57 -24.04 -8.21
C PRO K 242 16.88 -25.01 -9.19
N GLN K 243 16.93 -26.33 -8.93
CA GLN K 243 16.40 -27.33 -9.85
C GLN K 243 14.88 -27.23 -9.82
N PHE K 244 14.35 -27.02 -8.62
CA PHE K 244 12.92 -26.90 -8.43
C PHE K 244 12.45 -25.58 -9.05
N TYR K 245 13.26 -24.53 -8.88
CA TYR K 245 12.88 -23.24 -9.45
C TYR K 245 12.83 -23.40 -10.97
N ALA K 246 13.85 -24.04 -11.54
CA ALA K 246 13.87 -24.29 -13.00
C ALA K 246 12.64 -25.05 -13.48
N ALA K 247 12.23 -26.09 -12.73
CA ALA K 247 11.05 -26.83 -13.12
C ALA K 247 9.82 -25.93 -13.09
N MET K 248 9.79 -25.03 -12.12
CA MET K 248 8.64 -24.13 -12.01
C MET K 248 8.57 -23.19 -13.22
N LEU K 249 9.71 -22.58 -13.59
CA LEU K 249 9.71 -21.71 -14.76
C LEU K 249 9.23 -22.46 -16.01
N ALA K 250 9.69 -23.69 -16.24
CA ALA K 250 9.28 -24.41 -17.45
C ALA K 250 7.78 -24.66 -17.41
N GLY K 251 7.26 -24.94 -16.21
CA GLY K 251 5.83 -25.18 -16.05
C GLY K 251 4.99 -23.96 -16.43
N LEU K 252 5.54 -22.76 -16.25
CA LEU K 252 4.81 -21.53 -16.52
C LEU K 252 5.04 -21.08 -17.95
N GLY K 253 5.87 -21.82 -18.68
CA GLY K 253 6.14 -21.45 -20.06
C GLY K 253 7.18 -20.35 -20.13
N LEU K 254 8.00 -20.17 -19.09
CA LEU K 254 8.95 -19.06 -19.04
C LEU K 254 10.34 -19.61 -19.28
N ASP K 255 11.12 -18.86 -20.05
CA ASP K 255 12.42 -19.31 -20.49
C ASP K 255 13.43 -18.66 -19.57
N ALA K 256 14.08 -19.48 -18.76
CA ALA K 256 15.08 -19.03 -17.80
C ALA K 256 16.00 -17.98 -18.41
N ALA K 257 16.29 -18.11 -19.71
CA ALA K 257 17.19 -17.24 -20.46
C ALA K 257 16.74 -15.78 -20.45
N GLU K 258 15.42 -15.51 -20.42
CA GLU K 258 14.89 -14.15 -20.50
C GLU K 258 14.60 -13.54 -19.13
N LEU K 259 15.00 -14.20 -18.03
CA LEU K 259 14.59 -13.76 -16.70
C LEU K 259 15.86 -13.35 -15.98
N PRO K 260 15.74 -12.43 -14.99
CA PRO K 260 16.86 -12.16 -14.11
C PRO K 260 17.22 -13.37 -13.26
N PRO K 261 18.43 -13.43 -12.67
CA PRO K 261 18.79 -14.54 -11.79
C PRO K 261 17.83 -14.69 -10.61
N GLN K 262 17.64 -15.94 -10.19
CA GLN K 262 16.75 -16.29 -9.09
C GLN K 262 17.08 -15.45 -7.86
N ASN K 263 18.37 -15.26 -7.53
CA ASN K 263 18.77 -14.65 -6.27
C ASN K 263 19.43 -13.29 -6.49
N ASP K 264 19.17 -12.64 -7.62
CA ASP K 264 19.56 -11.24 -7.76
C ASP K 264 18.48 -10.36 -7.12
N ARG K 265 18.69 -10.02 -5.86
CA ARG K 265 17.70 -9.36 -5.01
C ARG K 265 17.32 -8.02 -5.64
N ALA K 266 18.24 -7.34 -6.31
CA ALA K 266 17.93 -6.05 -6.90
C ALA K 266 16.82 -6.17 -7.95
N ARG K 267 16.72 -7.35 -8.60
CA ARG K 267 15.76 -7.52 -9.70
C ARG K 267 14.53 -8.33 -9.30
N TRP K 268 14.40 -8.58 -8.00
CA TRP K 268 13.25 -9.33 -7.52
C TRP K 268 11.94 -8.66 -7.95
N PRO K 269 11.79 -7.32 -7.88
CA PRO K 269 10.56 -6.69 -8.37
C PRO K 269 10.19 -7.13 -9.79
N GLU K 270 11.16 -7.06 -10.68
CA GLU K 270 10.99 -7.40 -12.08
C GLU K 270 10.62 -8.88 -12.20
N LEU K 271 11.30 -9.72 -11.42
CA LEU K 271 11.05 -11.16 -11.45
C LEU K 271 9.63 -11.47 -10.96
N ARG K 272 9.23 -10.89 -9.83
CA ARG K 272 7.89 -11.08 -9.31
C ARG K 272 6.85 -10.69 -10.36
N ALA K 273 7.16 -9.62 -11.11
CA ALA K 273 6.25 -9.05 -12.09
C ALA K 273 5.97 -10.10 -13.16
N LEU K 274 7.04 -10.75 -13.64
CA LEU K 274 6.88 -11.79 -14.67
C LEU K 274 6.13 -13.03 -14.16
N LEU K 275 6.46 -13.49 -12.95
CA LEU K 275 5.76 -14.60 -12.33
C LEU K 275 4.30 -14.25 -12.07
N THR K 276 4.04 -12.99 -11.66
CA THR K 276 2.68 -12.55 -11.37
C THR K 276 1.83 -12.64 -12.63
N GLU K 277 2.36 -12.15 -13.75
CA GLU K 277 1.65 -12.25 -15.01
C GLU K 277 1.37 -13.71 -15.37
N ALA K 278 2.37 -14.59 -15.24
CA ALA K 278 2.18 -15.99 -15.62
C ALA K 278 1.08 -16.67 -14.78
N PHE K 279 1.19 -16.59 -13.45
CA PHE K 279 0.22 -17.21 -12.56
C PHE K 279 -1.19 -16.63 -12.77
N ALA K 280 -1.30 -15.33 -13.10
CA ALA K 280 -2.60 -14.73 -13.30
C ALA K 280 -3.24 -15.21 -14.60
N SER K 281 -2.51 -15.92 -15.45
CA SER K 281 -3.06 -16.26 -16.76
C SER K 281 -4.02 -17.47 -16.66
N HIS K 282 -4.04 -18.20 -15.53
CA HIS K 282 -4.87 -19.39 -15.44
C HIS K 282 -5.36 -19.52 -14.00
N ASP K 283 -6.33 -20.41 -13.77
CA ASP K 283 -6.97 -20.48 -12.47
C ASP K 283 -6.19 -21.43 -11.57
N ARG K 284 -6.48 -21.37 -10.27
CA ARG K 284 -5.71 -22.09 -9.28
C ARG K 284 -5.64 -23.59 -9.60
N ASP K 285 -6.78 -24.15 -9.98
CA ASP K 285 -6.84 -25.59 -10.19
C ASP K 285 -6.05 -26.01 -11.43
N HIS K 286 -6.01 -25.16 -12.47
CA HIS K 286 -5.08 -25.35 -13.57
C HIS K 286 -3.67 -25.58 -13.04
N TRP K 287 -3.17 -24.70 -12.18
CA TRP K 287 -1.79 -24.85 -11.72
C TRP K 287 -1.61 -26.09 -10.85
N GLY K 288 -2.65 -26.49 -10.11
CA GLY K 288 -2.58 -27.70 -9.31
C GLY K 288 -2.42 -28.94 -10.18
N ALA K 289 -3.18 -29.01 -11.27
CA ALA K 289 -3.06 -30.05 -12.27
C ALA K 289 -1.66 -30.07 -12.94
N VAL K 290 -1.25 -28.91 -13.45
CA VAL K 290 -0.01 -28.76 -14.19
C VAL K 290 1.20 -29.18 -13.35
N PHE K 291 1.17 -28.86 -12.05
CA PHE K 291 2.33 -29.19 -11.25
C PHE K 291 2.12 -30.40 -10.34
N ALA K 292 1.02 -31.15 -10.47
CA ALA K 292 0.94 -32.43 -9.79
C ALA K 292 2.11 -33.31 -10.22
N ASN K 293 2.70 -33.96 -9.23
CA ASN K 293 3.77 -34.92 -9.39
C ASN K 293 5.09 -34.24 -9.70
N SER K 294 5.15 -32.90 -9.63
CA SER K 294 6.40 -32.22 -9.91
C SER K 294 7.06 -31.75 -8.62
N ASP K 295 8.33 -31.41 -8.77
CA ASP K 295 9.16 -30.80 -7.76
C ASP K 295 9.20 -29.27 -7.90
N ALA K 296 8.20 -28.70 -8.56
CA ALA K 296 8.13 -27.25 -8.77
C ALA K 296 7.77 -26.50 -7.49
N CYS K 297 7.35 -27.21 -6.43
CA CYS K 297 6.97 -26.61 -5.15
C CYS K 297 5.87 -25.57 -5.32
N VAL K 298 4.83 -25.93 -6.07
CA VAL K 298 3.70 -25.08 -6.32
C VAL K 298 2.50 -25.84 -5.79
N THR K 299 1.69 -25.24 -4.89
CA THR K 299 0.53 -25.90 -4.32
C THR K 299 -0.65 -24.94 -4.33
N PRO K 300 -1.89 -25.45 -4.40
CA PRO K 300 -3.06 -24.59 -4.23
C PRO K 300 -3.17 -24.14 -2.79
N VAL K 301 -3.58 -22.89 -2.60
CA VAL K 301 -3.78 -22.35 -1.27
C VAL K 301 -5.24 -22.62 -0.93
N LEU K 302 -5.48 -23.65 -0.11
CA LEU K 302 -6.85 -24.02 0.25
C LEU K 302 -7.33 -23.25 1.49
N ALA K 303 -8.57 -22.82 1.40
CA ALA K 303 -9.34 -22.36 2.54
C ALA K 303 -9.82 -23.55 3.35
N PHE K 304 -9.93 -23.37 4.68
CA PHE K 304 -10.41 -24.39 5.61
C PHE K 304 -11.56 -25.23 5.03
N GLY K 305 -12.59 -24.56 4.51
CA GLY K 305 -13.79 -25.24 4.00
C GLY K 305 -13.52 -26.16 2.81
N GLU K 306 -12.37 -26.01 2.14
CA GLU K 306 -12.01 -26.81 0.98
C GLU K 306 -11.10 -27.98 1.33
N VAL K 307 -10.47 -27.98 2.50
CA VAL K 307 -9.43 -28.95 2.82
C VAL K 307 -9.96 -30.39 2.79
N HIS K 308 -11.24 -30.59 3.18
CA HIS K 308 -11.84 -31.91 3.25
C HIS K 308 -11.96 -32.57 1.86
N ASN K 309 -11.85 -31.77 0.79
CA ASN K 309 -12.00 -32.25 -0.58
C ASN K 309 -10.67 -32.50 -1.29
N GLU K 310 -9.53 -32.34 -0.60
CA GLU K 310 -8.23 -32.54 -1.22
C GLU K 310 -7.75 -33.98 -1.04
N PRO K 311 -7.50 -34.72 -2.15
CA PRO K 311 -7.08 -36.12 -2.08
C PRO K 311 -6.04 -36.43 -1.04
N HIS K 312 -4.96 -35.66 -1.01
CA HIS K 312 -3.88 -36.03 -0.11
C HIS K 312 -4.33 -35.86 1.34
N ILE K 313 -5.30 -34.97 1.59
CA ILE K 313 -5.80 -34.81 2.95
C ILE K 313 -6.68 -36.03 3.28
N ILE K 314 -7.59 -36.36 2.35
CA ILE K 314 -8.58 -37.41 2.55
C ILE K 314 -7.86 -38.74 2.81
N GLU K 315 -6.93 -39.06 1.92
CA GLU K 315 -6.36 -40.40 1.85
C GLU K 315 -5.45 -40.68 3.04
N ARG K 316 -4.82 -39.67 3.63
CA ARG K 316 -4.05 -39.95 4.84
C ARG K 316 -4.86 -39.72 6.13
N ASN K 317 -6.15 -39.39 6.03
CA ASN K 317 -6.99 -39.23 7.21
C ASN K 317 -6.37 -38.21 8.17
N THR K 318 -5.99 -37.03 7.68
CA THR K 318 -5.44 -36.01 8.55
C THR K 318 -6.56 -35.44 9.44
N PHE K 319 -7.84 -35.55 9.03
CA PHE K 319 -9.01 -35.04 9.72
C PHE K 319 -10.09 -36.12 9.90
N TYR K 320 -10.96 -35.95 10.92
CA TYR K 320 -12.16 -36.76 11.11
C TYR K 320 -13.34 -35.81 11.31
N GLU K 321 -14.58 -36.28 11.11
CA GLU K 321 -15.76 -35.45 11.32
C GLU K 321 -16.23 -35.54 12.76
N ALA K 322 -16.75 -34.44 13.30
CA ALA K 322 -17.21 -34.35 14.68
C ALA K 322 -18.32 -33.31 14.79
N ASN K 323 -19.57 -33.76 14.69
CA ASN K 323 -20.77 -32.94 14.92
C ASN K 323 -20.62 -31.57 14.30
N GLY K 324 -20.86 -31.48 12.97
CA GLY K 324 -20.87 -30.21 12.25
C GLY K 324 -19.48 -29.57 12.11
N GLY K 325 -18.49 -30.36 11.67
CA GLY K 325 -17.18 -29.81 11.33
C GLY K 325 -16.06 -30.84 11.44
N TRP K 326 -15.09 -30.71 10.53
CA TRP K 326 -13.90 -31.54 10.54
C TRP K 326 -12.95 -31.07 11.63
N GLN K 327 -12.09 -31.97 12.10
CA GLN K 327 -11.15 -31.63 13.14
C GLN K 327 -9.89 -32.44 12.89
N PRO K 328 -8.69 -31.98 13.28
CA PRO K 328 -7.47 -32.73 13.01
C PRO K 328 -7.32 -33.95 13.90
N MET K 329 -6.88 -35.06 13.31
CA MET K 329 -6.55 -36.26 14.05
C MET K 329 -5.25 -36.03 14.77
N PRO K 330 -4.96 -36.81 15.82
CA PRO K 330 -3.73 -36.68 16.56
C PRO K 330 -2.51 -36.69 15.68
N ALA K 331 -1.45 -36.09 16.22
CA ALA K 331 -0.16 -36.07 15.60
C ALA K 331 0.85 -35.99 16.72
N PRO K 332 2.09 -36.50 16.50
CA PRO K 332 2.40 -37.27 15.30
C PRO K 332 1.71 -38.64 15.29
N ARG K 333 2.15 -39.50 14.34
CA ARG K 333 1.58 -40.84 14.17
C ARG K 333 2.60 -41.90 14.62
N PHE K 334 2.06 -43.04 15.10
CA PHE K 334 2.86 -44.06 15.80
C PHE K 334 2.56 -45.44 15.22
N SER K 335 3.62 -46.20 14.87
CA SER K 335 3.47 -47.49 14.20
C SER K 335 2.82 -48.53 15.13
N ARG K 336 3.33 -48.65 16.36
CA ARG K 336 2.87 -49.67 17.28
C ARG K 336 1.68 -49.15 18.10
N THR K 337 1.87 -48.08 18.89
CA THR K 337 0.82 -47.66 19.81
C THR K 337 0.05 -46.47 19.21
N ALA K 338 -0.82 -46.77 18.25
CA ALA K 338 -1.49 -45.75 17.46
C ALA K 338 -2.55 -45.06 18.30
N SER K 339 -2.53 -43.73 18.26
CA SER K 339 -3.59 -42.94 18.88
C SER K 339 -4.92 -43.36 18.27
N SER K 340 -6.04 -43.11 18.94
CA SER K 340 -7.32 -43.25 18.26
C SER K 340 -8.08 -41.93 18.13
N GLN K 341 -9.17 -41.98 17.35
CA GLN K 341 -10.07 -40.86 17.13
C GLN K 341 -10.44 -40.21 18.46
N PRO K 342 -10.15 -38.90 18.67
CA PRO K 342 -10.47 -38.25 19.93
C PRO K 342 -11.91 -38.45 20.36
N ARG K 343 -12.08 -38.65 21.69
CA ARG K 343 -13.40 -38.64 22.28
C ARG K 343 -13.81 -37.19 22.51
N PRO K 344 -15.09 -36.82 22.27
CA PRO K 344 -15.54 -35.46 22.57
C PRO K 344 -15.47 -35.16 24.07
N PRO K 345 -15.54 -33.87 24.48
CA PRO K 345 -15.34 -33.52 25.89
C PRO K 345 -16.30 -34.22 26.85
N ALA K 346 -15.76 -34.89 27.87
CA ALA K 346 -16.57 -35.73 28.74
C ALA K 346 -17.41 -34.88 29.70
N ALA K 347 -18.70 -34.67 29.35
CA ALA K 347 -19.68 -34.09 30.25
C ALA K 347 -19.26 -34.27 31.71
N THR K 348 -19.62 -33.31 32.58
CA THR K 348 -18.95 -33.15 33.88
C THR K 348 -19.03 -34.44 34.70
N ILE K 349 -17.90 -35.16 34.76
CA ILE K 349 -17.70 -36.24 35.70
C ILE K 349 -17.62 -35.64 37.10
N ASP K 350 -17.72 -36.49 38.14
CA ASP K 350 -17.69 -36.03 39.52
C ASP K 350 -16.37 -36.40 40.17
N ILE K 351 -15.74 -35.45 40.88
CA ILE K 351 -14.34 -35.60 41.26
C ILE K 351 -14.11 -36.82 42.15
N GLU K 352 -15.09 -37.13 43.00
CA GLU K 352 -15.02 -38.32 43.84
C GLU K 352 -14.91 -39.57 42.96
N ALA K 353 -15.74 -39.65 41.90
CA ALA K 353 -15.75 -40.79 40.99
C ALA K 353 -14.37 -41.03 40.37
N VAL K 354 -13.65 -39.95 40.03
CA VAL K 354 -12.33 -40.02 39.44
C VAL K 354 -11.35 -40.57 40.48
N LEU K 355 -11.46 -40.11 41.72
CA LEU K 355 -10.54 -40.54 42.77
C LEU K 355 -10.67 -42.04 43.05
N THR K 356 -11.92 -42.54 43.00
CA THR K 356 -12.23 -43.96 43.00
C THR K 356 -11.40 -44.65 41.92
N ASP K 357 -11.79 -44.39 40.66
CA ASP K 357 -11.22 -45.00 39.46
C ASP K 357 -9.69 -44.97 39.56
N TRP K 358 -9.14 -43.86 40.03
CA TRP K 358 -7.72 -43.80 40.36
C TRP K 358 -7.48 -44.43 41.73
N MET L 1 26.91 -33.85 30.88
CA MET L 1 25.95 -33.12 30.02
C MET L 1 24.70 -32.74 30.81
N ALA L 2 24.47 -31.43 30.98
CA ALA L 2 23.37 -30.89 31.78
C ALA L 2 22.05 -31.04 31.05
N GLY L 3 20.98 -31.27 31.82
CA GLY L 3 19.63 -31.14 31.31
C GLY L 3 18.89 -32.44 31.50
N PRO L 4 17.55 -32.45 31.40
CA PRO L 4 16.78 -33.64 31.73
C PRO L 4 16.96 -34.82 30.76
N LEU L 5 17.56 -34.57 29.60
CA LEU L 5 17.69 -35.62 28.60
C LEU L 5 19.09 -36.21 28.66
N SER L 6 19.89 -35.82 29.66
CA SER L 6 21.23 -36.36 29.85
C SER L 6 21.27 -37.86 29.60
N GLY L 7 22.23 -38.31 28.80
CA GLY L 7 22.39 -39.73 28.52
C GLY L 7 21.41 -40.30 27.49
N LEU L 8 20.44 -39.51 26.99
CA LEU L 8 19.69 -39.93 25.82
C LEU L 8 20.64 -39.86 24.62
N ARG L 9 20.64 -40.92 23.79
CA ARG L 9 21.50 -40.98 22.61
C ARG L 9 20.72 -40.92 21.30
N VAL L 10 21.17 -40.01 20.43
CA VAL L 10 20.41 -39.64 19.25
C VAL L 10 21.33 -39.64 18.03
N VAL L 11 20.86 -40.34 16.98
CA VAL L 11 21.50 -40.29 15.68
C VAL L 11 20.63 -39.47 14.71
N GLU L 12 21.28 -38.45 14.13
CA GLU L 12 20.61 -37.54 13.21
C GLU L 12 21.18 -37.67 11.79
N LEU L 13 20.35 -38.11 10.84
CA LEU L 13 20.75 -38.10 9.43
C LEU L 13 20.53 -36.70 8.86
N ALA L 14 21.63 -35.99 8.58
CA ALA L 14 21.57 -34.59 8.20
C ALA L 14 20.52 -34.36 7.10
N GLY L 15 19.51 -33.54 7.46
CA GLY L 15 18.55 -32.94 6.54
C GLY L 15 18.57 -31.42 6.64
N ILE L 16 17.45 -30.79 6.24
CA ILE L 16 17.29 -29.35 6.44
C ILE L 16 15.98 -29.08 7.16
N GLY L 17 15.96 -28.04 8.00
CA GLY L 17 14.71 -27.55 8.54
C GLY L 17 14.29 -28.28 9.81
N PRO L 18 13.14 -28.98 9.80
CA PRO L 18 12.62 -29.55 11.03
C PRO L 18 13.57 -30.52 11.71
N GLY L 19 14.17 -31.39 10.89
CA GLY L 19 14.98 -32.50 11.39
C GLY L 19 16.10 -31.97 12.27
N PRO L 20 16.94 -31.04 11.77
CA PRO L 20 17.95 -30.40 12.61
C PRO L 20 17.39 -29.62 13.81
N HIS L 21 16.19 -29.04 13.68
CA HIS L 21 15.70 -28.19 14.75
C HIS L 21 15.34 -29.09 15.92
N ALA L 22 14.66 -30.19 15.62
CA ALA L 22 14.32 -31.20 16.60
C ALA L 22 15.61 -31.70 17.25
N ALA L 23 16.59 -32.10 16.44
CA ALA L 23 17.82 -32.60 17.01
C ALA L 23 18.47 -31.55 17.92
N MET L 24 18.45 -30.27 17.50
CA MET L 24 19.01 -29.17 18.28
C MET L 24 18.38 -29.10 19.68
N ILE L 25 17.06 -29.19 19.75
CA ILE L 25 16.34 -29.07 21.02
C ILE L 25 16.68 -30.28 21.89
N LEU L 26 16.77 -31.48 21.31
CA LEU L 26 17.19 -32.67 22.05
C LEU L 26 18.55 -32.43 22.67
N GLY L 27 19.50 -31.94 21.89
CA GLY L 27 20.82 -31.66 22.42
C GLY L 27 20.78 -30.52 23.43
N ASP L 28 19.91 -29.53 23.21
CA ASP L 28 19.84 -28.35 24.06
C ASP L 28 19.58 -28.80 25.50
N LEU L 29 18.69 -29.79 25.65
CA LEU L 29 18.23 -30.36 26.91
C LEU L 29 19.06 -31.55 27.43
N GLY L 30 20.32 -31.71 26.95
CA GLY L 30 21.25 -32.67 27.55
C GLY L 30 21.56 -33.90 26.68
N ALA L 31 20.70 -34.27 25.73
CA ALA L 31 20.87 -35.47 24.93
C ALA L 31 22.18 -35.46 24.14
N ASP L 32 22.68 -36.67 23.88
CA ASP L 32 23.91 -36.92 23.13
C ASP L 32 23.59 -37.13 21.64
N VAL L 33 23.93 -36.13 20.83
CA VAL L 33 23.38 -36.08 19.48
C VAL L 33 24.52 -36.25 18.47
N VAL L 34 24.41 -37.30 17.64
CA VAL L 34 25.43 -37.50 16.62
C VAL L 34 24.78 -37.33 15.24
N ARG L 35 25.34 -36.36 14.51
CA ARG L 35 24.79 -35.98 13.22
C ARG L 35 25.68 -36.56 12.12
N ILE L 36 25.12 -37.50 11.33
CA ILE L 36 25.81 -38.04 10.16
C ILE L 36 25.48 -37.17 8.94
N ASP L 37 26.45 -36.37 8.49
CA ASP L 37 26.34 -35.67 7.23
C ASP L 37 27.14 -36.41 6.16
N ARG L 38 26.92 -36.05 4.89
CA ARG L 38 27.62 -36.66 3.77
C ARG L 38 28.93 -35.90 3.61
N PRO L 39 30.06 -36.57 3.25
CA PRO L 39 31.37 -35.91 3.20
C PRO L 39 31.42 -34.72 2.24
N SER L 40 30.64 -34.79 1.14
CA SER L 40 30.50 -33.70 0.18
C SER L 40 30.27 -32.36 0.88
N SER L 41 29.10 -32.19 1.51
CA SER L 41 28.61 -30.87 1.89
C SER L 41 29.26 -30.37 3.19
N VAL L 42 29.77 -31.28 4.02
CA VAL L 42 30.51 -30.93 5.22
C VAL L 42 31.85 -30.31 4.82
N ASP L 43 32.20 -29.18 5.45
CA ASP L 43 33.18 -28.27 4.87
C ASP L 43 33.72 -27.31 5.93
N GLY L 44 34.68 -27.77 6.74
CA GLY L 44 35.29 -26.96 7.79
C GLY L 44 34.50 -27.04 9.10
N ILE L 45 34.35 -25.90 9.78
CA ILE L 45 33.62 -25.81 11.04
C ILE L 45 32.32 -25.03 10.77
N SER L 46 31.16 -25.66 10.98
CA SER L 46 29.87 -25.17 10.50
C SER L 46 29.42 -23.91 11.25
N ARG L 47 28.94 -22.90 10.51
CA ARG L 47 28.57 -21.63 11.13
C ARG L 47 27.04 -21.47 11.19
N ASP L 48 26.29 -22.59 11.13
CA ASP L 48 24.87 -22.59 11.46
C ASP L 48 24.70 -22.98 12.94
N ALA L 49 24.37 -21.97 13.75
CA ALA L 49 24.10 -22.16 15.15
C ALA L 49 22.93 -23.12 15.36
N MET L 50 22.21 -23.51 14.30
CA MET L 50 21.18 -24.54 14.47
C MET L 50 21.83 -25.91 14.68
N LEU L 51 23.15 -26.02 14.43
CA LEU L 51 23.89 -27.26 14.60
C LEU L 51 24.68 -27.23 15.90
N ARG L 52 24.21 -26.43 16.85
CA ARG L 52 24.81 -26.39 18.18
C ARG L 52 24.42 -27.68 18.90
N ASN L 53 25.22 -28.04 19.94
CA ASN L 53 24.97 -29.20 20.80
C ASN L 53 25.00 -30.50 19.98
N ARG L 54 26.01 -30.63 19.13
CA ARG L 54 26.14 -31.78 18.24
C ARG L 54 27.56 -32.33 18.27
N ARG L 55 27.68 -33.62 17.97
CA ARG L 55 28.89 -34.10 17.33
C ARG L 55 28.56 -34.42 15.87
N ILE L 56 29.40 -33.90 14.95
CA ILE L 56 29.21 -34.13 13.52
C ILE L 56 30.16 -35.23 13.01
N VAL L 57 29.65 -36.14 12.19
CA VAL L 57 30.47 -37.12 11.49
C VAL L 57 30.01 -37.25 10.04
N THR L 58 30.95 -37.66 9.16
CA THR L 58 30.73 -37.74 7.71
C THR L 58 30.75 -39.22 7.32
N ALA L 59 29.91 -39.61 6.36
CA ALA L 59 29.80 -41.00 5.95
C ALA L 59 28.95 -41.12 4.69
N ASP L 60 29.58 -41.63 3.62
CA ASP L 60 28.88 -41.97 2.39
C ASP L 60 28.06 -43.23 2.64
N LEU L 61 26.74 -43.07 2.72
CA LEU L 61 25.86 -44.13 3.17
C LEU L 61 25.45 -45.01 1.99
N LYS L 62 25.82 -44.61 0.77
CA LYS L 62 25.65 -45.48 -0.39
C LYS L 62 26.84 -46.44 -0.51
N SER L 63 28.00 -46.06 0.06
CA SER L 63 29.13 -46.98 0.20
C SER L 63 28.81 -48.05 1.25
N ASP L 64 29.53 -49.18 1.20
CA ASP L 64 29.30 -50.30 2.08
C ASP L 64 29.87 -50.06 3.48
N GLN L 65 30.96 -49.29 3.57
CA GLN L 65 31.54 -49.01 4.87
C GLN L 65 30.64 -48.03 5.64
N GLY L 66 30.29 -46.92 4.99
CA GLY L 66 29.35 -45.95 5.53
C GLY L 66 28.11 -46.65 6.07
N LEU L 67 27.42 -47.46 5.25
CA LEU L 67 26.18 -48.09 5.68
C LEU L 67 26.39 -48.85 6.99
N GLU L 68 27.58 -49.42 7.18
CA GLU L 68 27.76 -50.38 8.24
C GLU L 68 28.23 -49.67 9.51
N LEU L 69 29.00 -48.57 9.37
CA LEU L 69 29.29 -47.69 10.49
C LEU L 69 28.01 -47.11 11.09
N ALA L 70 27.21 -46.45 10.23
CA ALA L 70 25.94 -45.87 10.63
C ALA L 70 25.05 -46.91 11.32
N LEU L 71 25.06 -48.17 10.85
CA LEU L 71 24.20 -49.19 11.43
C LEU L 71 24.68 -49.52 12.85
N LYS L 72 25.95 -49.22 13.16
CA LYS L 72 26.50 -49.54 14.47
C LYS L 72 26.10 -48.48 15.49
N LEU L 73 26.25 -47.20 15.13
CA LEU L 73 25.71 -46.08 15.88
C LEU L 73 24.26 -46.34 16.20
N ILE L 74 23.45 -46.51 15.16
CA ILE L 74 22.03 -46.75 15.37
C ILE L 74 21.80 -47.88 16.39
N ALA L 75 22.66 -48.91 16.40
CA ALA L 75 22.49 -50.04 17.29
C ALA L 75 22.67 -49.61 18.74
N LYS L 76 23.59 -48.66 19.00
CA LYS L 76 23.86 -48.14 20.34
C LYS L 76 23.10 -46.85 20.67
N ALA L 77 22.02 -46.48 19.95
CA ALA L 77 21.39 -45.19 20.18
C ALA L 77 19.93 -45.41 20.52
N ASP L 78 19.30 -44.44 21.19
CA ASP L 78 17.89 -44.54 21.52
C ASP L 78 17.00 -44.06 20.38
N VAL L 79 17.50 -43.07 19.64
CA VAL L 79 16.65 -42.37 18.69
C VAL L 79 17.41 -42.13 17.39
N LEU L 80 16.67 -42.38 16.30
CA LEU L 80 17.10 -41.96 14.97
C LEU L 80 16.15 -40.90 14.41
N ILE L 81 16.74 -39.81 13.92
CA ILE L 81 16.02 -38.78 13.17
C ILE L 81 16.43 -38.78 11.69
N GLU L 82 15.44 -38.89 10.80
CA GLU L 82 15.70 -38.71 9.37
C GLU L 82 14.62 -37.82 8.76
N GLY L 83 15.06 -36.93 7.85
CA GLY L 83 14.17 -35.97 7.22
C GLY L 83 14.11 -36.06 5.69
N TYR L 84 14.51 -37.22 5.11
CA TYR L 84 14.46 -37.43 3.67
C TYR L 84 13.06 -37.80 3.21
N ARG L 85 12.86 -37.84 1.89
CA ARG L 85 11.61 -38.26 1.33
C ARG L 85 11.36 -39.71 1.71
N PRO L 86 10.09 -40.15 1.78
CA PRO L 86 9.81 -41.54 2.10
C PRO L 86 10.52 -42.44 1.10
N GLY L 87 10.98 -43.61 1.57
CA GLY L 87 11.68 -44.58 0.74
C GLY L 87 13.19 -44.37 0.77
N VAL L 88 13.67 -43.19 1.14
CA VAL L 88 15.08 -42.93 0.92
C VAL L 88 15.92 -43.77 1.89
N THR L 89 15.50 -43.87 3.16
CA THR L 89 16.32 -44.58 4.13
C THR L 89 16.22 -46.08 3.81
N GLU L 90 15.04 -46.54 3.39
CA GLU L 90 14.86 -47.89 2.93
C GLU L 90 15.94 -48.24 1.90
N ARG L 91 15.99 -47.48 0.80
CA ARG L 91 16.90 -47.73 -0.30
C ARG L 91 18.35 -47.76 0.19
N LEU L 92 18.69 -46.94 1.18
CA LEU L 92 20.06 -46.93 1.70
C LEU L 92 20.28 -48.11 2.63
N GLY L 93 19.22 -48.86 2.94
CA GLY L 93 19.31 -49.92 3.94
C GLY L 93 19.34 -49.42 5.40
N LEU L 94 18.79 -48.21 5.64
CA LEU L 94 18.58 -47.69 6.99
C LEU L 94 17.08 -47.54 7.28
N GLY L 95 16.24 -48.34 6.62
CA GLY L 95 14.81 -48.33 6.84
C GLY L 95 14.49 -48.65 8.29
N PRO L 96 13.22 -48.51 8.71
CA PRO L 96 12.83 -48.96 10.04
C PRO L 96 13.19 -50.42 10.27
N GLU L 97 12.97 -51.26 9.25
CA GLU L 97 13.11 -52.69 9.39
C GLU L 97 14.56 -53.12 9.57
N GLU L 98 15.48 -52.55 8.80
CA GLU L 98 16.89 -52.88 8.97
C GLU L 98 17.37 -52.45 10.35
N CYS L 99 16.84 -51.31 10.82
CA CYS L 99 17.21 -50.73 12.09
C CYS L 99 16.70 -51.62 13.24
N ALA L 100 15.46 -52.12 13.10
CA ALA L 100 14.79 -52.98 14.08
C ALA L 100 15.50 -54.32 14.27
N LYS L 101 16.15 -54.81 13.20
CA LYS L 101 16.96 -56.01 13.30
C LYS L 101 18.10 -55.77 14.27
N VAL L 102 18.70 -54.57 14.29
CA VAL L 102 19.92 -54.39 15.07
C VAL L 102 19.65 -53.66 16.39
N ASN L 103 18.38 -53.28 16.65
CA ASN L 103 18.03 -52.48 17.82
C ASN L 103 16.52 -52.30 17.94
N ASP L 104 15.84 -53.22 18.65
CA ASP L 104 14.38 -53.17 18.69
C ASP L 104 13.92 -52.18 19.77
N ARG L 105 14.84 -51.42 20.37
CA ARG L 105 14.50 -50.36 21.31
C ARG L 105 14.46 -48.99 20.60
N LEU L 106 14.83 -48.96 19.31
CA LEU L 106 15.07 -47.72 18.58
C LEU L 106 13.76 -46.96 18.46
N ILE L 107 13.83 -45.65 18.73
CA ILE L 107 12.78 -44.75 18.29
C ILE L 107 13.20 -44.19 16.93
N TYR L 108 12.35 -44.52 15.96
CA TYR L 108 12.63 -44.30 14.57
C TYR L 108 11.78 -43.11 14.12
N ALA L 109 12.43 -41.95 14.01
CA ALA L 109 11.69 -40.68 13.90
C ALA L 109 11.77 -40.11 12.47
N ARG L 110 10.61 -40.11 11.81
CA ARG L 110 10.53 -39.76 10.41
C ARG L 110 9.85 -38.40 10.20
N MET L 111 10.66 -37.39 9.86
CA MET L 111 10.26 -36.01 9.66
C MET L 111 9.97 -35.69 8.18
N THR L 112 8.72 -35.58 7.77
CA THR L 112 8.45 -35.13 6.42
C THR L 112 7.44 -33.99 6.44
N GLY L 113 7.11 -33.51 5.23
CA GLY L 113 6.06 -32.52 5.09
C GLY L 113 4.73 -33.20 4.84
N TRP L 114 4.71 -34.10 3.86
CA TRP L 114 3.49 -34.65 3.33
C TRP L 114 3.17 -36.00 3.99
N GLY L 115 4.17 -36.61 4.62
CA GLY L 115 3.93 -37.89 5.26
C GLY L 115 4.53 -39.05 4.46
N GLN L 116 4.17 -40.28 4.86
CA GLN L 116 4.91 -41.45 4.39
C GLN L 116 4.25 -42.04 3.17
N THR L 117 2.94 -41.81 3.02
CA THR L 117 2.19 -42.27 1.87
C THR L 117 1.30 -41.12 1.37
N GLY L 118 0.68 -41.31 0.21
CA GLY L 118 -0.33 -40.43 -0.33
C GLY L 118 0.14 -39.77 -1.61
N PRO L 119 -0.78 -39.17 -2.39
CA PRO L 119 -0.46 -38.66 -3.71
C PRO L 119 0.65 -37.62 -3.74
N ARG L 120 0.85 -36.86 -2.67
CA ARG L 120 1.88 -35.82 -2.70
C ARG L 120 3.15 -36.29 -2.02
N SER L 121 3.18 -37.56 -1.59
CA SER L 121 4.24 -38.04 -0.71
C SER L 121 5.63 -37.95 -1.34
N GLN L 122 5.77 -37.90 -2.69
CA GLN L 122 7.12 -37.83 -3.25
C GLN L 122 7.48 -36.43 -3.79
N GLN L 123 6.57 -35.48 -3.65
CA GLN L 123 6.77 -34.17 -4.23
C GLN L 123 7.63 -33.34 -3.27
N ALA L 124 8.71 -32.76 -3.80
CA ALA L 124 9.49 -31.76 -3.08
C ALA L 124 8.56 -30.65 -2.56
N GLY L 125 9.03 -30.02 -1.49
CA GLY L 125 8.23 -28.98 -0.89
C GLY L 125 8.95 -28.24 0.21
N HIS L 126 8.34 -27.12 0.62
CA HIS L 126 8.79 -26.40 1.80
C HIS L 126 7.59 -25.98 2.65
N ASP L 127 7.91 -25.31 3.76
CA ASP L 127 6.94 -24.90 4.75
C ASP L 127 5.70 -24.32 4.08
N ILE L 128 5.91 -23.32 3.22
CA ILE L 128 4.80 -22.63 2.55
C ILE L 128 3.85 -23.59 1.86
N ASN L 129 4.41 -24.69 1.29
CA ASN L 129 3.59 -25.68 0.59
C ASN L 129 2.73 -26.49 1.56
N TYR L 130 3.32 -26.97 2.67
CA TYR L 130 2.57 -27.81 3.59
C TYR L 130 1.42 -27.04 4.26
N ILE L 131 1.64 -25.76 4.62
CA ILE L 131 0.57 -24.95 5.21
C ILE L 131 -0.42 -24.38 4.18
N SER L 132 -0.11 -24.50 2.88
CA SER L 132 -1.04 -24.05 1.87
C SER L 132 -2.21 -25.02 1.78
N LEU L 133 -1.96 -26.29 2.08
CA LEU L 133 -2.92 -27.34 1.78
C LEU L 133 -3.93 -27.55 2.90
N ASN L 134 -3.63 -27.05 4.11
CA ASN L 134 -4.43 -27.41 5.28
C ASN L 134 -5.14 -26.19 5.84
N GLY L 135 -5.17 -25.08 5.09
CA GLY L 135 -6.02 -23.97 5.45
C GLY L 135 -5.26 -22.85 6.15
N ILE L 136 -4.06 -23.16 6.68
CA ILE L 136 -3.33 -22.25 7.54
C ILE L 136 -2.90 -21.00 6.77
N LEU L 137 -2.23 -21.19 5.64
CA LEU L 137 -1.66 -20.07 4.88
C LEU L 137 -2.79 -19.15 4.42
N HIS L 138 -3.90 -19.72 3.93
CA HIS L 138 -5.02 -18.92 3.49
C HIS L 138 -5.52 -17.98 4.59
N ALA L 139 -5.26 -18.32 5.86
CA ALA L 139 -5.83 -17.58 6.97
C ALA L 139 -4.94 -16.41 7.44
N ILE L 140 -3.73 -16.29 6.87
CA ILE L 140 -2.74 -15.35 7.36
C ILE L 140 -2.58 -14.16 6.40
N GLY L 141 -2.75 -12.95 6.95
CA GLY L 141 -2.50 -11.70 6.25
C GLY L 141 -3.72 -10.79 6.28
N ARG L 142 -3.55 -9.58 5.73
CA ARG L 142 -4.67 -8.68 5.58
C ARG L 142 -5.67 -9.23 4.57
N GLY L 143 -6.93 -8.79 4.67
CA GLY L 143 -8.01 -9.31 3.85
C GLY L 143 -8.02 -8.75 2.41
N ASP L 144 -7.43 -7.58 2.20
CA ASP L 144 -7.44 -7.02 0.85
C ASP L 144 -6.27 -7.53 -0.01
N GLU L 145 -5.46 -8.45 0.52
CA GLU L 145 -4.17 -8.80 -0.05
C GLU L 145 -4.02 -10.31 -0.09
N ARG L 146 -2.97 -10.78 -0.76
CA ARG L 146 -2.77 -12.21 -0.93
C ARG L 146 -2.13 -12.74 0.33
N PRO L 147 -2.31 -14.02 0.67
CA PRO L 147 -1.82 -14.55 1.92
C PRO L 147 -0.32 -14.29 2.08
N VAL L 148 0.13 -14.14 3.32
CA VAL L 148 1.53 -13.90 3.55
C VAL L 148 2.07 -15.01 4.44
N PRO L 149 3.25 -15.54 4.10
CA PRO L 149 3.85 -16.59 4.89
C PRO L 149 4.34 -16.10 6.23
N PRO L 150 3.98 -16.85 7.29
CA PRO L 150 4.46 -16.57 8.62
C PRO L 150 5.85 -17.15 8.81
N LEU L 151 6.81 -16.60 8.05
CA LEU L 151 8.11 -17.21 7.86
C LEU L 151 7.93 -18.72 7.68
N ASN L 152 8.90 -19.51 8.15
CA ASN L 152 8.72 -20.95 8.18
C ASN L 152 8.50 -21.45 9.61
N LEU L 153 7.67 -20.75 10.39
CA LEU L 153 7.54 -21.00 11.81
C LEU L 153 6.50 -22.09 12.06
N VAL L 154 5.48 -22.13 11.22
CA VAL L 154 4.32 -22.92 11.51
C VAL L 154 4.46 -24.35 10.97
N GLY L 155 5.09 -24.48 9.79
CA GLY L 155 5.16 -25.78 9.13
C GLY L 155 6.38 -26.55 9.61
N ASP L 156 7.55 -25.99 9.36
CA ASP L 156 8.82 -26.53 9.83
C ASP L 156 8.91 -26.71 11.34
N PHE L 157 8.59 -25.69 12.16
CA PHE L 157 8.96 -25.75 13.57
C PHE L 157 7.75 -26.07 14.43
N GLY L 158 6.79 -25.14 14.55
CA GLY L 158 5.62 -25.37 15.37
C GLY L 158 4.96 -26.70 15.05
N GLY L 159 4.73 -26.93 13.75
CA GLY L 159 3.88 -28.01 13.31
C GLY L 159 4.69 -29.21 12.80
N GLY L 160 6.00 -29.14 12.97
CA GLY L 160 6.93 -30.07 12.32
C GLY L 160 7.88 -30.69 13.34
N SER L 161 9.03 -30.04 13.54
CA SER L 161 10.03 -30.40 14.53
C SER L 161 9.41 -30.60 15.92
N MET L 162 8.51 -29.70 16.32
CA MET L 162 8.01 -29.77 17.68
C MET L 162 7.17 -31.04 17.85
N PHE L 163 6.45 -31.46 16.80
CA PHE L 163 5.66 -32.66 16.87
C PHE L 163 6.56 -33.91 16.80
N LEU L 164 7.72 -33.78 16.16
CA LEU L 164 8.70 -34.84 16.11
C LEU L 164 9.21 -35.05 17.52
N LEU L 165 9.53 -33.94 18.19
CA LEU L 165 9.96 -34.00 19.58
C LEU L 165 8.90 -34.66 20.46
N VAL L 166 7.65 -34.23 20.34
CA VAL L 166 6.62 -34.80 21.20
C VAL L 166 6.51 -36.30 20.92
N GLY L 167 6.62 -36.70 19.64
CA GLY L 167 6.52 -38.08 19.23
C GLY L 167 7.66 -38.93 19.80
N ILE L 168 8.90 -38.45 19.62
CA ILE L 168 10.09 -39.08 20.15
C ILE L 168 9.91 -39.33 21.65
N LEU L 169 9.56 -38.24 22.36
CA LEU L 169 9.59 -38.28 23.82
C LEU L 169 8.42 -39.10 24.32
N ALA L 170 7.27 -39.09 23.63
CA ALA L 170 6.16 -39.94 24.02
C ALA L 170 6.46 -41.43 23.80
N ALA L 171 7.13 -41.76 22.68
CA ALA L 171 7.52 -43.13 22.36
C ALA L 171 8.55 -43.64 23.38
N LEU L 172 9.44 -42.75 23.84
CA LEU L 172 10.37 -43.07 24.91
C LEU L 172 9.64 -43.41 26.22
N TRP L 173 8.54 -42.71 26.52
CA TRP L 173 7.82 -43.03 27.75
C TRP L 173 7.16 -44.41 27.63
N GLU L 174 6.48 -44.63 26.48
CA GLU L 174 5.90 -45.91 26.13
C GLU L 174 6.97 -47.01 26.21
N ARG L 175 8.19 -46.73 25.74
CA ARG L 175 9.27 -47.69 25.76
C ARG L 175 9.58 -48.19 27.18
N GLN L 176 9.39 -47.33 28.19
CA GLN L 176 9.74 -47.67 29.56
C GLN L 176 8.96 -48.89 30.04
N SER L 177 7.67 -49.00 29.71
CA SER L 177 6.94 -50.17 30.14
C SER L 177 6.98 -51.32 29.11
N SER L 178 7.22 -51.07 27.81
CA SER L 178 7.07 -52.13 26.83
C SER L 178 8.41 -52.73 26.38
N GLY L 179 9.56 -52.10 26.70
CA GLY L 179 10.89 -52.55 26.31
C GLY L 179 11.22 -52.27 24.84
N LYS L 180 10.21 -51.81 24.08
CA LYS L 180 10.24 -51.72 22.61
C LYS L 180 10.17 -50.28 22.10
N GLY L 181 11.02 -49.99 21.09
CA GLY L 181 10.91 -48.80 20.26
C GLY L 181 9.72 -48.89 19.30
N GLN L 182 9.65 -47.94 18.35
CA GLN L 182 8.64 -47.90 17.29
C GLN L 182 8.98 -46.76 16.32
N VAL L 183 8.11 -46.63 15.31
CA VAL L 183 8.25 -45.59 14.29
C VAL L 183 7.31 -44.42 14.60
N VAL L 184 7.90 -43.22 14.55
CA VAL L 184 7.19 -41.95 14.64
C VAL L 184 7.13 -41.26 13.28
N ASP L 185 5.92 -41.15 12.73
CA ASP L 185 5.64 -40.46 11.48
C ASP L 185 5.11 -39.04 11.76
N ALA L 186 6.02 -38.04 11.76
CA ALA L 186 5.69 -36.63 11.94
C ALA L 186 5.68 -35.90 10.59
N ALA L 187 4.45 -35.64 10.11
CA ALA L 187 4.19 -34.85 8.90
C ALA L 187 3.78 -33.41 9.24
N MET L 188 4.50 -32.44 8.66
CA MET L 188 4.22 -31.02 8.84
C MET L 188 2.76 -30.70 8.53
N VAL L 189 2.16 -31.40 7.58
CA VAL L 189 0.78 -31.06 7.23
C VAL L 189 -0.19 -31.54 8.31
N ASP L 190 0.22 -32.57 9.08
CA ASP L 190 -0.61 -33.06 10.18
C ASP L 190 -0.37 -32.22 11.46
N GLY L 191 0.90 -32.12 11.90
CA GLY L 191 1.27 -31.37 13.09
C GLY L 191 0.76 -29.93 13.09
N SER L 192 0.88 -29.26 11.94
CA SER L 192 0.46 -27.87 11.79
C SER L 192 -1.07 -27.82 11.91
N SER L 193 -1.74 -28.87 11.46
CA SER L 193 -3.19 -28.99 11.58
C SER L 193 -3.60 -29.04 13.05
N VAL L 194 -2.82 -29.73 13.89
CA VAL L 194 -3.15 -29.86 15.30
C VAL L 194 -2.76 -28.57 16.01
N LEU L 195 -1.64 -27.99 15.54
CA LEU L 195 -1.25 -26.67 15.96
C LEU L 195 -2.44 -25.71 15.91
N ILE L 196 -3.25 -25.75 14.85
CA ILE L 196 -4.33 -24.78 14.66
C ILE L 196 -5.69 -25.36 15.05
N GLN L 197 -5.71 -26.33 15.96
CA GLN L 197 -6.97 -27.00 16.30
C GLN L 197 -8.02 -25.99 16.80
N MET L 198 -7.55 -24.93 17.48
CA MET L 198 -8.43 -23.90 18.02
C MET L 198 -9.33 -23.34 16.92
N MET L 199 -8.76 -23.14 15.73
CA MET L 199 -9.50 -22.51 14.66
C MET L 199 -10.52 -23.49 14.09
N TRP L 200 -10.12 -24.77 13.94
CA TRP L 200 -11.09 -25.81 13.59
C TRP L 200 -12.21 -25.88 14.64
N ALA L 201 -11.85 -25.81 15.92
CA ALA L 201 -12.87 -25.76 16.97
C ALA L 201 -13.80 -24.56 16.81
N MET L 202 -13.23 -23.35 16.72
CA MET L 202 -14.04 -22.15 16.57
C MET L 202 -14.89 -22.20 15.29
N ARG L 203 -14.35 -22.77 14.23
CA ARG L 203 -15.07 -22.75 12.96
C ARG L 203 -16.33 -23.59 13.09
N ALA L 204 -16.17 -24.77 13.71
CA ALA L 204 -17.27 -25.65 14.07
C ALA L 204 -18.40 -24.90 14.80
N THR L 205 -18.09 -23.91 15.64
CA THR L 205 -19.15 -23.30 16.43
C THR L 205 -19.49 -21.90 15.91
N GLY L 206 -19.21 -21.60 14.65
CA GLY L 206 -19.61 -20.32 14.08
C GLY L 206 -18.74 -19.13 14.52
N MET L 207 -17.58 -19.38 15.15
CA MET L 207 -16.77 -18.31 15.71
C MET L 207 -15.48 -18.04 14.91
N TRP L 208 -15.36 -18.59 13.70
CA TRP L 208 -14.24 -18.26 12.84
C TRP L 208 -14.69 -18.43 11.38
N THR L 209 -14.49 -17.42 10.52
CA THR L 209 -14.80 -17.60 9.10
C THR L 209 -13.52 -17.74 8.31
N ASP L 210 -13.69 -18.33 7.13
CA ASP L 210 -12.62 -18.52 6.19
C ASP L 210 -12.21 -17.20 5.55
N THR L 211 -12.93 -16.12 5.82
CA THR L 211 -12.49 -14.82 5.29
C THR L 211 -11.23 -14.34 6.03
N ARG L 212 -10.22 -14.03 5.24
CA ARG L 212 -8.96 -13.53 5.76
C ARG L 212 -9.15 -12.13 6.36
N GLY L 213 -8.57 -11.90 7.54
CA GLY L 213 -8.52 -10.57 8.12
C GLY L 213 -9.85 -10.10 8.74
N ALA L 214 -10.75 -11.02 9.10
CA ALA L 214 -12.04 -10.65 9.67
C ALA L 214 -12.38 -11.47 10.91
N ASN L 215 -11.36 -11.89 11.68
CA ASN L 215 -11.57 -12.73 12.84
C ASN L 215 -10.96 -12.10 14.10
N MET L 216 -11.14 -12.76 15.24
CA MET L 216 -10.70 -12.25 16.52
C MET L 216 -9.17 -12.17 16.57
N LEU L 217 -8.46 -13.16 15.99
CA LEU L 217 -7.02 -13.32 16.18
C LEU L 217 -6.21 -13.20 14.89
N ASP L 218 -6.80 -12.75 13.78
CA ASP L 218 -6.04 -12.68 12.56
C ASP L 218 -5.62 -11.26 12.22
N GLY L 219 -5.90 -10.30 13.09
CA GLY L 219 -5.70 -8.90 12.74
C GLY L 219 -6.99 -8.14 12.41
N GLY L 220 -8.12 -8.82 12.27
CA GLY L 220 -9.36 -8.13 11.95
C GLY L 220 -9.99 -7.42 13.15
N ALA L 221 -9.68 -7.84 14.38
CA ALA L 221 -10.22 -7.17 15.56
C ALA L 221 -9.37 -5.95 15.91
N PRO L 222 -9.96 -4.75 16.08
CA PRO L 222 -9.18 -3.57 16.42
C PRO L 222 -8.39 -3.69 17.75
N TYR L 223 -8.80 -4.61 18.63
CA TYR L 223 -8.12 -4.80 19.91
C TYR L 223 -7.13 -5.96 19.87
N TYR L 224 -6.92 -6.56 18.69
CA TYR L 224 -5.92 -7.60 18.54
C TYR L 224 -5.20 -7.38 17.21
N ASP L 225 -4.22 -6.46 17.20
CA ASP L 225 -3.56 -6.07 15.96
C ASP L 225 -2.33 -5.23 16.28
N THR L 226 -1.55 -4.86 15.26
CA THR L 226 -0.51 -3.86 15.44
C THR L 226 -1.01 -2.49 15.04
N TYR L 227 -0.36 -1.44 15.55
CA TYR L 227 -0.75 -0.08 15.22
C TYR L 227 0.52 0.71 14.94
N GLU L 228 0.50 1.57 13.92
CA GLU L 228 1.61 2.45 13.63
C GLU L 228 1.56 3.69 14.52
N CYS L 229 2.73 4.06 15.06
CA CYS L 229 2.86 5.15 15.99
C CYS L 229 3.49 6.31 15.25
N ALA L 230 3.70 7.41 15.97
CA ALA L 230 4.06 8.66 15.36
C ALA L 230 5.43 8.58 14.68
N ASP L 231 6.30 7.73 15.20
CA ASP L 231 7.66 7.61 14.69
C ASP L 231 7.72 6.58 13.56
N GLY L 232 6.59 6.01 13.14
CA GLY L 232 6.60 4.93 12.14
C GLY L 232 6.99 3.56 12.72
N ARG L 233 7.21 3.44 14.03
CA ARG L 233 7.35 2.13 14.66
C ARG L 233 5.96 1.64 15.09
N TYR L 234 5.87 0.41 15.62
CA TYR L 234 4.59 -0.19 15.92
C TYR L 234 4.47 -0.62 17.37
N VAL L 235 3.21 -0.67 17.82
CA VAL L 235 2.84 -1.39 19.02
C VAL L 235 1.93 -2.56 18.62
N ALA L 236 1.93 -3.56 19.51
CA ALA L 236 1.00 -4.68 19.49
C ALA L 236 -0.04 -4.47 20.58
N VAL L 237 -1.30 -4.68 20.20
CA VAL L 237 -2.45 -4.60 21.08
C VAL L 237 -3.08 -5.98 21.10
N GLY L 238 -3.18 -6.58 22.29
CA GLY L 238 -3.92 -7.81 22.45
C GLY L 238 -4.94 -7.76 23.59
N ALA L 239 -5.65 -6.64 23.68
CA ALA L 239 -6.56 -6.42 24.80
C ALA L 239 -7.90 -7.10 24.53
N ILE L 240 -7.91 -8.44 24.70
CA ILE L 240 -9.11 -9.20 24.42
C ILE L 240 -10.14 -9.01 25.54
N GLU L 241 -9.70 -9.23 26.78
CA GLU L 241 -10.61 -9.18 27.92
C GLU L 241 -11.07 -7.74 28.15
N PRO L 242 -12.39 -7.55 28.40
CA PRO L 242 -12.96 -6.22 28.60
C PRO L 242 -12.19 -5.33 29.56
N GLN L 243 -11.75 -5.89 30.70
CA GLN L 243 -11.03 -5.16 31.73
C GLN L 243 -9.68 -4.66 31.21
N PHE L 244 -9.04 -5.43 30.33
CA PHE L 244 -7.76 -5.04 29.77
C PHE L 244 -7.98 -3.95 28.73
N TYR L 245 -8.97 -4.17 27.89
CA TYR L 245 -9.35 -3.21 26.87
C TYR L 245 -9.66 -1.87 27.51
N ALA L 246 -10.43 -1.87 28.61
CA ALA L 246 -10.78 -0.61 29.28
C ALA L 246 -9.52 0.09 29.78
N ALA L 247 -8.59 -0.68 30.34
CA ALA L 247 -7.33 -0.10 30.76
C ALA L 247 -6.59 0.51 29.58
N MET L 248 -6.69 -0.14 28.43
CA MET L 248 -6.00 0.37 27.26
C MET L 248 -6.58 1.73 26.88
N LEU L 249 -7.91 1.77 26.78
CA LEU L 249 -8.64 2.99 26.40
C LEU L 249 -8.28 4.17 27.31
N ALA L 250 -8.16 3.89 28.61
CA ALA L 250 -7.84 4.96 29.56
C ALA L 250 -6.43 5.48 29.30
N GLY L 251 -5.49 4.60 28.96
CA GLY L 251 -4.13 5.03 28.69
C GLY L 251 -4.03 5.79 27.37
N LEU L 252 -5.00 5.56 26.49
CA LEU L 252 -5.04 6.23 25.20
C LEU L 252 -5.73 7.58 25.32
N GLY L 253 -6.46 7.76 26.42
CA GLY L 253 -7.19 8.99 26.66
C GLY L 253 -8.53 8.98 25.93
N LEU L 254 -9.05 7.82 25.58
CA LEU L 254 -10.33 7.81 24.88
C LEU L 254 -11.41 7.43 25.87
N ASP L 255 -12.59 8.05 25.79
CA ASP L 255 -13.67 7.74 26.70
C ASP L 255 -14.51 6.63 26.09
N ALA L 256 -14.83 5.60 26.87
CA ALA L 256 -15.71 4.53 26.41
C ALA L 256 -16.93 5.13 25.71
N ALA L 257 -17.53 6.18 26.31
CA ALA L 257 -18.73 6.82 25.81
C ALA L 257 -18.65 7.29 24.34
N GLU L 258 -17.46 7.66 23.87
CA GLU L 258 -17.32 8.20 22.53
C GLU L 258 -17.06 7.09 21.50
N LEU L 259 -17.10 5.81 21.91
CA LEU L 259 -16.49 4.74 21.11
C LEU L 259 -17.56 3.71 20.80
N PRO L 260 -17.57 3.03 19.65
CA PRO L 260 -18.44 1.88 19.51
C PRO L 260 -18.11 0.83 20.58
N PRO L 261 -19.00 -0.15 20.84
CA PRO L 261 -18.66 -1.27 21.71
C PRO L 261 -17.49 -2.08 21.14
N GLN L 262 -16.65 -2.59 22.06
CA GLN L 262 -15.46 -3.35 21.72
C GLN L 262 -15.76 -4.47 20.74
N ASN L 263 -16.89 -5.18 20.92
CA ASN L 263 -17.23 -6.34 20.10
C ASN L 263 -18.46 -6.12 19.21
N ASP L 264 -18.84 -4.88 18.91
CA ASP L 264 -19.77 -4.66 17.82
C ASP L 264 -18.99 -4.71 16.49
N ARG L 265 -18.79 -5.93 15.94
CA ARG L 265 -18.01 -6.16 14.72
C ARG L 265 -18.45 -5.21 13.61
N ALA L 266 -19.76 -4.92 13.54
CA ALA L 266 -20.28 -4.09 12.46
C ALA L 266 -19.71 -2.68 12.50
N ARG L 267 -19.21 -2.21 13.65
CA ARG L 267 -18.63 -0.88 13.78
C ARG L 267 -17.12 -0.90 14.04
N TRP L 268 -16.47 -2.03 13.86
CA TRP L 268 -15.02 -2.13 13.91
C TRP L 268 -14.31 -1.07 13.04
N PRO L 269 -14.80 -0.74 11.83
CA PRO L 269 -14.18 0.30 11.02
C PRO L 269 -14.01 1.63 11.75
N GLU L 270 -15.10 2.14 12.33
CA GLU L 270 -15.05 3.34 13.16
C GLU L 270 -14.08 3.16 14.33
N LEU L 271 -14.20 2.00 15.02
CA LEU L 271 -13.40 1.70 16.18
C LEU L 271 -11.91 1.74 15.83
N ARG L 272 -11.54 1.06 14.73
CA ARG L 272 -10.17 1.03 14.28
C ARG L 272 -9.67 2.44 13.90
N ALA L 273 -10.54 3.26 13.31
CA ALA L 273 -10.13 4.62 12.98
C ALA L 273 -9.82 5.41 14.26
N LEU L 274 -10.59 5.19 15.31
CA LEU L 274 -10.34 5.96 16.53
C LEU L 274 -9.05 5.50 17.20
N LEU L 275 -8.83 4.18 17.24
CA LEU L 275 -7.63 3.67 17.87
C LEU L 275 -6.41 4.09 17.07
N THR L 276 -6.56 4.05 15.74
CA THR L 276 -5.45 4.32 14.82
C THR L 276 -4.96 5.74 15.07
N GLU L 277 -5.91 6.69 15.20
CA GLU L 277 -5.55 8.09 15.42
C GLU L 277 -4.84 8.24 16.77
N ALA L 278 -5.38 7.59 17.82
CA ALA L 278 -4.78 7.71 19.14
C ALA L 278 -3.34 7.18 19.15
N PHE L 279 -3.09 5.97 18.61
CA PHE L 279 -1.74 5.43 18.66
C PHE L 279 -0.80 6.23 17.79
N ALA L 280 -1.30 6.77 16.69
CA ALA L 280 -0.48 7.59 15.79
C ALA L 280 -0.02 8.91 16.42
N SER L 281 -0.64 9.35 17.53
CA SER L 281 -0.32 10.65 18.09
C SER L 281 0.92 10.63 18.98
N HIS L 282 1.49 9.47 19.31
CA HIS L 282 2.71 9.42 20.09
C HIS L 282 3.56 8.29 19.55
N ASP L 283 4.85 8.32 19.89
CA ASP L 283 5.81 7.38 19.35
C ASP L 283 5.77 6.08 20.15
N ARG L 284 6.39 5.03 19.61
CA ARG L 284 6.27 3.72 20.19
C ARG L 284 6.73 3.76 21.65
N ASP L 285 7.83 4.47 21.91
CA ASP L 285 8.51 4.32 23.19
C ASP L 285 7.70 5.07 24.24
N HIS L 286 6.97 6.09 23.82
CA HIS L 286 6.01 6.72 24.68
C HIS L 286 5.01 5.67 25.16
N TRP L 287 4.35 4.98 24.22
CA TRP L 287 3.32 4.05 24.63
C TRP L 287 3.89 2.99 25.55
N GLY L 288 5.15 2.62 25.31
CA GLY L 288 5.84 1.59 26.06
C GLY L 288 6.02 2.01 27.52
N ALA L 289 6.22 3.31 27.74
CA ALA L 289 6.36 3.82 29.09
C ALA L 289 4.98 3.89 29.73
N VAL L 290 4.04 4.57 29.08
CA VAL L 290 2.66 4.67 29.54
C VAL L 290 2.08 3.32 30.00
N PHE L 291 2.39 2.22 29.30
CA PHE L 291 1.72 0.97 29.61
C PHE L 291 2.61 -0.06 30.31
N ALA L 292 3.87 0.26 30.64
CA ALA L 292 4.60 -0.69 31.48
C ALA L 292 3.84 -0.95 32.79
N ASN L 293 3.84 -2.20 33.23
CA ASN L 293 3.20 -2.66 34.45
C ASN L 293 1.68 -2.65 34.32
N SER L 294 1.14 -2.51 33.10
CA SER L 294 -0.30 -2.43 32.95
C SER L 294 -0.83 -3.74 32.39
N ASP L 295 -2.11 -4.01 32.61
CA ASP L 295 -2.82 -5.11 31.97
C ASP L 295 -3.49 -4.70 30.66
N ALA L 296 -3.05 -3.58 30.07
CA ALA L 296 -3.63 -3.04 28.85
C ALA L 296 -3.29 -3.90 27.61
N CYS L 297 -2.28 -4.77 27.73
CA CYS L 297 -1.86 -5.67 26.66
C CYS L 297 -1.40 -4.85 25.46
N VAL L 298 -0.60 -3.81 25.72
CA VAL L 298 0.04 -3.03 24.69
C VAL L 298 1.53 -3.22 24.90
N THR L 299 2.24 -3.67 23.87
CA THR L 299 3.67 -3.89 23.95
C THR L 299 4.31 -3.27 22.73
N PRO L 300 5.59 -2.84 22.82
CA PRO L 300 6.32 -2.41 21.65
C PRO L 300 6.67 -3.58 20.72
N VAL L 301 6.55 -3.36 19.40
CA VAL L 301 6.99 -4.33 18.41
C VAL L 301 8.47 -4.09 18.14
N LEU L 302 9.32 -4.90 18.76
CA LEU L 302 10.75 -4.74 18.63
C LEU L 302 11.27 -5.49 17.39
N ALA L 303 12.23 -4.87 16.73
CA ALA L 303 13.04 -5.53 15.72
C ALA L 303 14.09 -6.40 16.42
N PHE L 304 14.49 -7.50 15.74
CA PHE L 304 15.52 -8.41 16.24
C PHE L 304 16.68 -7.64 16.86
N GLY L 305 17.11 -6.58 16.16
CA GLY L 305 18.28 -5.81 16.54
C GLY L 305 18.12 -5.11 17.89
N GLU L 306 16.88 -4.85 18.32
CA GLU L 306 16.64 -4.09 19.55
C GLU L 306 16.37 -5.01 20.75
N VAL L 307 16.16 -6.30 20.50
CA VAL L 307 15.65 -7.22 21.51
C VAL L 307 16.63 -7.35 22.69
N HIS L 308 17.94 -7.27 22.41
CA HIS L 308 18.99 -7.40 23.42
C HIS L 308 18.90 -6.26 24.44
N ASN L 309 18.23 -5.15 24.08
CA ASN L 309 18.09 -4.00 24.99
C ASN L 309 16.78 -3.99 25.78
N GLU L 310 15.92 -5.00 25.64
CA GLU L 310 14.66 -4.96 26.37
C GLU L 310 14.87 -5.54 27.77
N PRO L 311 14.58 -4.81 28.87
CA PRO L 311 14.92 -5.28 30.21
C PRO L 311 14.42 -6.69 30.51
N HIS L 312 13.17 -6.99 30.13
CA HIS L 312 12.60 -8.28 30.48
C HIS L 312 13.40 -9.38 29.77
N ILE L 313 13.92 -9.10 28.58
CA ILE L 313 14.67 -10.09 27.82
C ILE L 313 15.99 -10.33 28.54
N ILE L 314 16.64 -9.25 28.92
CA ILE L 314 17.95 -9.35 29.52
C ILE L 314 17.83 -10.15 30.81
N GLU L 315 16.92 -9.70 31.66
CA GLU L 315 16.90 -10.19 33.01
C GLU L 315 16.63 -11.68 33.03
N ARG L 316 15.85 -12.24 32.08
CA ARG L 316 15.51 -13.65 32.20
C ARG L 316 16.54 -14.52 31.46
N ASN L 317 17.55 -13.86 30.88
CA ASN L 317 18.54 -14.48 30.02
C ASN L 317 17.86 -15.33 28.96
N THR L 318 16.96 -14.70 28.21
CA THR L 318 16.31 -15.38 27.11
C THR L 318 17.36 -15.71 26.01
N PHE L 319 18.32 -14.81 25.80
CA PHE L 319 19.38 -15.00 24.84
C PHE L 319 20.75 -15.09 25.54
N TYR L 320 21.74 -15.65 24.82
CA TYR L 320 23.16 -15.57 25.17
C TYR L 320 23.91 -15.06 23.94
N GLU L 321 25.05 -14.39 24.16
CA GLU L 321 25.86 -13.87 23.08
C GLU L 321 26.84 -14.95 22.66
N ALA L 322 26.73 -15.42 21.41
CA ALA L 322 27.70 -16.34 20.81
C ALA L 322 28.49 -15.62 19.72
N ASN L 323 29.33 -16.39 19.01
CA ASN L 323 29.65 -16.19 17.60
C ASN L 323 29.72 -14.70 17.25
N GLY L 324 28.95 -14.25 16.25
CA GLY L 324 28.72 -12.83 16.02
C GLY L 324 27.23 -12.49 16.12
N GLY L 325 26.66 -12.62 17.34
CA GLY L 325 25.31 -12.15 17.62
C GLY L 325 24.53 -13.08 18.55
N TRP L 326 23.41 -12.54 19.05
CA TRP L 326 22.61 -13.18 20.07
C TRP L 326 21.95 -14.44 19.54
N GLN L 327 21.68 -15.37 20.45
CA GLN L 327 21.07 -16.64 20.11
C GLN L 327 20.19 -17.04 21.30
N PRO L 328 19.08 -17.75 21.07
CA PRO L 328 18.19 -18.12 22.16
C PRO L 328 18.66 -19.26 23.05
N MET L 329 18.56 -19.03 24.38
CA MET L 329 18.86 -20.02 25.37
C MET L 329 17.86 -21.17 25.25
N PRO L 330 18.20 -22.39 25.73
CA PRO L 330 17.29 -23.50 25.68
C PRO L 330 15.94 -23.18 26.30
N ALA L 331 14.89 -23.82 25.82
CA ALA L 331 13.57 -23.68 26.39
C ALA L 331 12.92 -25.05 26.32
N PRO L 332 11.97 -25.42 27.21
CA PRO L 332 11.64 -24.63 28.38
C PRO L 332 12.73 -24.78 29.44
N ARG L 333 12.42 -24.37 30.69
CA ARG L 333 13.40 -24.41 31.77
C ARG L 333 12.99 -25.44 32.83
N PHE L 334 14.03 -25.96 33.51
CA PHE L 334 13.89 -27.04 34.48
C PHE L 334 14.48 -26.59 35.82
N SER L 335 13.67 -26.73 36.89
CA SER L 335 14.10 -26.35 38.25
C SER L 335 15.33 -27.15 38.71
N ARG L 336 15.26 -28.48 38.64
CA ARG L 336 16.33 -29.37 39.13
C ARG L 336 17.43 -29.60 38.08
N THR L 337 17.15 -30.33 36.98
CA THR L 337 18.17 -30.63 35.96
C THR L 337 18.15 -29.55 34.89
N ALA L 338 18.80 -28.42 35.17
CA ALA L 338 18.73 -27.26 34.30
C ALA L 338 19.66 -27.48 33.11
N SER L 339 19.20 -27.04 31.92
CA SER L 339 20.02 -27.03 30.72
C SER L 339 21.19 -26.10 30.94
N SER L 340 22.25 -26.27 30.15
CA SER L 340 23.35 -25.33 30.19
C SER L 340 23.41 -24.59 28.85
N GLN L 341 24.35 -23.65 28.80
CA GLN L 341 24.55 -22.84 27.62
C GLN L 341 24.96 -23.75 26.48
N PRO L 342 24.42 -23.60 25.25
CA PRO L 342 24.77 -24.47 24.14
C PRO L 342 26.24 -24.41 23.71
N ARG L 343 26.76 -25.59 23.35
CA ARG L 343 28.11 -25.74 22.81
C ARG L 343 28.05 -25.39 21.33
N PRO L 344 28.94 -24.49 20.84
CA PRO L 344 29.03 -24.22 19.40
C PRO L 344 29.23 -25.50 18.59
N PRO L 345 28.99 -25.50 17.26
CA PRO L 345 29.33 -26.67 16.46
C PRO L 345 30.85 -26.91 16.42
N ALA L 346 31.24 -28.18 16.61
CA ALA L 346 32.64 -28.56 16.79
C ALA L 346 33.13 -29.37 15.59
N ALA L 347 34.31 -29.01 15.06
CA ALA L 347 34.85 -29.64 13.84
C ALA L 347 34.57 -31.13 13.82
N THR L 348 34.45 -31.68 12.60
CA THR L 348 34.09 -33.09 12.41
C THR L 348 34.97 -33.93 13.33
N ILE L 349 34.34 -34.93 13.95
CA ILE L 349 35.10 -36.00 14.57
C ILE L 349 34.83 -37.25 13.74
N ASP L 350 35.70 -38.24 13.88
CA ASP L 350 35.60 -39.47 13.11
C ASP L 350 34.72 -40.48 13.86
N ILE L 351 33.89 -41.22 13.10
CA ILE L 351 32.78 -42.02 13.62
C ILE L 351 33.23 -43.20 14.49
N GLU L 352 34.48 -43.66 14.33
CA GLU L 352 35.06 -44.67 15.21
C GLU L 352 35.26 -44.08 16.62
N ALA L 353 35.91 -42.89 16.70
CA ALA L 353 36.11 -42.17 17.96
C ALA L 353 34.82 -42.10 18.78
N VAL L 354 33.69 -41.91 18.09
CA VAL L 354 32.38 -41.89 18.75
C VAL L 354 32.05 -43.31 19.20
N LEU L 355 32.20 -44.29 18.28
CA LEU L 355 31.81 -45.68 18.57
C LEU L 355 32.53 -46.20 19.81
N THR L 356 33.77 -45.73 20.06
CA THR L 356 34.53 -46.02 21.28
C THR L 356 33.78 -45.53 22.52
N ASP L 357 33.82 -44.20 22.73
CA ASP L 357 33.03 -43.50 23.72
C ASP L 357 31.75 -44.25 24.08
N TRP L 358 30.89 -44.54 23.09
CA TRP L 358 29.73 -45.39 23.34
C TRP L 358 30.20 -46.85 23.48
C4 A1IZD M . 36.88 20.38 -26.91
C14 A1IZD M . 29.30 20.00 -25.93
C5 A1IZD M . 35.61 20.44 -26.05
C6 A1IZD M . 35.27 18.03 -25.64
C11 A1IZD M . 30.75 19.52 -25.80
C7 A1IZD M . 35.19 16.92 -24.62
C8 A1IZD M . 33.96 16.01 -24.75
C9 A1IZD M . 31.96 17.45 -24.82
C10 A1IZD M . 30.81 17.95 -25.70
C12 A1IZD M . 31.19 20.22 -24.51
C13 A1IZD M . 31.63 19.96 -26.98
N1 A1IZD M . 35.47 19.27 -25.15
N2 A1IZD M . 32.84 16.64 -25.43
C3 A1IZD M . 37.87 23.00 -27.22
N3 A1IZD M . 24.97 13.17 -32.86
C1 A1IZD M . 39.21 25.11 -27.50
C2 A1IZD M . 37.91 24.40 -27.89
O1 A1IZD M . 38.35 22.89 -26.06
S1 A1IZD M . 37.07 21.69 -28.18
O2 A1IZD M . 35.16 17.82 -26.88
O3 A1IZD M . 32.04 17.80 -23.63
O4 A1IZD M . 30.86 17.42 -27.02
O5 A1IZD M . 28.63 19.29 -27.01
P1 A1IZD M . 27.05 18.96 -27.08
O6 A1IZD M . 26.39 18.74 -25.76
O7 A1IZD M . 26.62 19.91 -28.14
O8 A1IZD M . 27.24 17.48 -27.68
P2 A1IZD M . 27.41 16.05 -26.97
O9 A1IZD M . 27.03 16.00 -25.53
O10 A1IZD M . 28.75 15.44 -27.23
O11 A1IZD M . 26.34 15.25 -27.86
C15 A1IZD M . 26.09 15.65 -29.23
C16 A1IZD M . 25.52 14.45 -29.94
O12 A1IZD M . 24.95 14.83 -31.21
C17 A1IZD M . 24.28 13.63 -31.66
C18 A1IZD M . 26.32 13.04 -33.10
N4 A1IZD M . 26.61 12.67 -34.32
C19 A1IZD M . 25.38 12.57 -34.95
C20 A1IZD M . 25.01 12.23 -36.27
N5 A1IZD M . 25.87 11.94 -37.24
N6 A1IZD M . 23.69 12.27 -36.57
C21 A1IZD M . 22.81 12.57 -35.60
N7 A1IZD M . 23.04 12.89 -34.33
C22 A1IZD M . 24.36 12.89 -34.07
C23 A1IZD M . 24.23 12.64 -30.48
O13 A1IZD M . 23.02 11.92 -30.46
C24 A1IZD M . 24.38 13.62 -29.32
O14 A1IZD M . 23.16 14.35 -29.11
P3 A1IZD M . 22.04 14.18 -27.93
O15 A1IZD M . 21.27 12.91 -28.14
O16 A1IZD M . 21.25 15.47 -28.11
O17 A1IZD M . 22.60 13.99 -26.52
C25 A1IZD M . 37.55 24.33 -29.37
C26 A1IZD M . 38.23 23.52 -30.25
C27 A1IZD M . 37.87 23.47 -31.59
C28 A1IZD M . 36.82 24.23 -32.05
C29 A1IZD M . 36.11 25.06 -31.20
C30 A1IZD M . 34.99 25.91 -31.70
O18 A1IZD M . 33.98 26.02 -31.01
C31 A1IZD M . 35.09 26.62 -33.02
C32 A1IZD M . 36.33 26.88 -33.64
C33 A1IZD M . 36.39 27.52 -34.87
C34 A1IZD M . 35.23 27.93 -35.49
C35 A1IZD M . 34.00 27.69 -34.90
C36 A1IZD M . 33.93 27.04 -33.67
C37 A1IZD M . 36.47 25.09 -29.85
H6 A1IZD M . 36.90 19.51 -27.37
H5 A1IZD M . 37.65 20.42 -26.32
H24 A1IZD M . 28.82 19.85 -25.10
H23 A1IZD M . 29.30 20.96 -26.12
H8 A1IZD M . 35.62 21.24 -25.51
H7 A1IZD M . 34.82 20.48 -26.63
H11 A1IZD M . 36.00 16.38 -24.70
H10 A1IZD M . 35.19 17.32 -23.74
H13 A1IZD M . 34.22 15.21 -25.25
H12 A1IZD M . 33.69 15.73 -23.85
H15 A1IZD M . 29.95 17.66 -25.28
H18 A1IZD M . 30.73 19.83 -23.74
H19 A1IZD M . 30.97 21.17 -24.55
H17 A1IZD M . 32.15 20.13 -24.39
H21 A1IZD M . 31.17 19.75 -27.82
H22 A1IZD M . 32.49 19.50 -26.95
H20 A1IZD M . 31.79 20.93 -26.92
H9 A1IZD M . 35.53 19.40 -24.29
H14 A1IZD M . 32.72 16.45 -26.28
H1 A1IZD M . 39.24 25.98 -27.93
H2 A1IZD M . 39.98 24.59 -27.80
H3 A1IZD M . 39.26 25.22 -26.54
H4 A1IZD M . 37.21 24.94 -27.46
H16 A1IZD M . 30.20 17.73 -27.47
H26 A1IZD M . 25.45 16.41 -29.25
H25 A1IZD M . 26.94 15.93 -29.66
H27 A1IZD M . 26.28 13.84 -30.12
H28 A1IZD M . 23.33 13.90 -31.90
H29 A1IZD M . 26.97 13.19 -32.43
H30 A1IZD M . 25.57 11.75 -38.04
H31 A1IZD M . 26.73 11.95 -37.08
H32 A1IZD M . 21.90 12.56 -35.86
H33 A1IZD M . 25.00 12.03 -30.52
H34 A1IZD M . 22.96 11.44 -29.84
H35 A1IZD M . 24.68 13.16 -28.50
H36 A1IZD M . 38.95 22.99 -29.93
H37 A1IZD M . 38.35 22.91 -32.18
H38 A1IZD M . 36.59 24.19 -32.97
H39 A1IZD M . 37.13 26.60 -33.23
H40 A1IZD M . 37.23 27.69 -35.27
H41 A1IZD M . 35.27 28.37 -36.32
H42 A1IZD M . 33.21 27.97 -35.32
H43 A1IZD M . 33.09 26.88 -33.27
H44 A1IZD M . 36.00 25.66 -29.25
C4 A1IZD N . 65.55 20.48 -24.41
C14 A1IZD N . 72.98 20.77 -24.90
C5 A1IZD N . 66.86 21.09 -24.93
C6 A1IZD N . 67.34 19.69 -26.86
C11 A1IZD N . 71.71 20.91 -25.77
C7 A1IZD N . 67.52 19.61 -28.36
C8 A1IZD N . 68.67 18.74 -28.81
C9 A1IZD N . 70.60 19.95 -27.90
C10 A1IZD N . 71.74 19.83 -26.89
C12 A1IZD N . 70.48 20.78 -24.86
C13 A1IZD N . 71.72 22.31 -26.40
N1 A1IZD N . 67.03 20.90 -26.35
N2 A1IZD N . 69.83 18.86 -27.93
C3 A1IZD N . 64.52 22.35 -22.63
N3 A1IZD N . 77.93 12.04 -24.06
C1 A1IZD N . 63.18 23.87 -21.02
C2 A1IZD N . 64.46 23.11 -21.28
O1 A1IZD N . 64.05 22.90 -23.66
S1 A1IZD N . 65.35 20.72 -22.60
O2 A1IZD N . 67.46 18.68 -26.13
O3 A1IZD N . 70.45 20.95 -28.63
O4 A1IZD N . 71.73 18.49 -26.41
O5 A1IZD N . 74.21 20.83 -25.73
P1 A1IZD N . 75.54 20.04 -25.30
O6 A1IZD N . 76.54 20.66 -26.20
O7 A1IZD N . 75.71 20.02 -23.84
O8 A1IZD N . 75.35 18.48 -25.69
P2 A1IZD N . 75.28 17.79 -27.12
O9 A1IZD N . 73.99 17.21 -27.55
O10 A1IZD N . 75.83 18.80 -28.04
O11 A1IZD N . 76.31 16.57 -26.94
C15 A1IZD N . 76.83 16.27 -25.61
C16 A1IZD N . 77.27 14.83 -25.65
O12 A1IZD N . 77.79 14.39 -24.38
C17 A1IZD N . 78.53 13.21 -24.69
C18 A1IZD N . 76.62 11.67 -24.10
N4 A1IZD N . 76.37 10.56 -23.45
C19 A1IZD N . 77.60 10.17 -22.98
C20 A1IZD N . 78.00 9.05 -22.23
N5 A1IZD N . 77.16 8.10 -21.82
N6 A1IZD N . 79.32 8.95 -21.91
C21 A1IZD N . 80.15 9.90 -22.34
N7 A1IZD N . 79.89 11.00 -23.05
C22 A1IZD N . 78.58 11.06 -23.35
C23 A1IZD N . 78.45 12.96 -26.19
O13 A1IZD N . 79.55 12.20 -26.64
C24 A1IZD N . 78.35 14.41 -26.65
O14 A1IZD N . 79.63 14.99 -26.47
P3 A1IZD N . 80.56 15.80 -27.56
O15 A1IZD N . 81.19 16.77 -26.57
O16 A1IZD N . 81.47 14.82 -28.26
O17 A1IZD N . 79.89 16.32 -28.81
C25 A1IZD N . 64.82 22.17 -20.15
C26 A1IZD N . 64.09 21.01 -19.95
C27 A1IZD N . 64.42 20.13 -18.93
C28 A1IZD N . 65.48 20.41 -18.10
C29 A1IZD N . 66.23 21.57 -18.27
C30 A1IZD N . 67.34 21.87 -17.33
O18 A1IZD N . 68.37 22.38 -17.79
C31 A1IZD N . 67.18 21.57 -15.88
C32 A1IZD N . 68.28 21.49 -15.02
C33 A1IZD N . 68.11 21.21 -13.67
C34 A1IZD N . 66.84 20.99 -13.15
C35 A1IZD N . 65.75 21.06 -13.98
C36 A1IZD N . 65.91 21.36 -15.33
C37 A1IZD N . 65.90 22.44 -19.30
H6 A1IZD N . 65.54 19.51 -24.59
H5 A1IZD N . 64.80 20.88 -24.87
H24 A1IZD N . 73.00 21.48 -24.24
H23 A1IZD N . 72.95 19.91 -24.43
H8 A1IZD N . 66.87 22.05 -24.73
H7 A1IZD N . 67.61 20.68 -24.45
H11 A1IZD N . 66.70 19.28 -28.76
H10 A1IZD N . 67.67 20.52 -28.70
H13 A1IZD N . 68.39 17.80 -28.83
H12 A1IZD N . 68.93 18.99 -29.72
H15 A1IZD N . 72.59 19.96 -27.39
H18 A1IZD N . 69.68 20.93 -25.38
H19 A1IZD N . 70.53 21.43 -24.14
H17 A1IZD N . 70.46 19.87 -24.47
H21 A1IZD N . 70.82 22.55 -26.68
H22 A1IZD N . 72.31 22.32 -27.17
H20 A1IZD N . 72.03 22.97 -25.74
H9 A1IZD N . 66.95 21.59 -26.88
H14 A1IZD N . 70.01 18.19 -27.40
H1 A1IZD N . 63.20 24.27 -20.14
H2 A1IZD N . 62.41 23.26 -21.07
H3 A1IZD N . 63.06 24.57 -21.68
H4 A1IZD N . 65.17 23.80 -21.30
H16 A1IZD N . 72.38 18.39 -25.84
H26 A1IZD N . 77.60 16.85 -25.40
H25 A1IZD N . 76.13 16.40 -24.92
H27 A1IZD N . 76.46 14.30 -25.83
H28 A1IZD N . 79.51 13.29 -24.41
H29 A1IZD N . 75.95 12.18 -24.53
H30 A1IZD N . 77.47 7.42 -21.35
H31 A1IZD N . 76.31 8.16 -22.03
H32 A1IZD N . 81.06 9.79 -22.09
H33 A1IZD N . 77.61 12.49 -26.42
H34 A1IZD N . 79.50 12.07 -27.46
H35 A1IZD N . 78.04 14.49 -27.58
H36 A1IZD N . 63.37 20.80 -20.53
H37 A1IZD N . 63.93 19.34 -18.81
H38 A1IZD N . 65.69 19.81 -17.40
H39 A1IZD N . 69.15 21.63 -15.35
H40 A1IZD N . 68.86 21.16 -13.10
H41 A1IZD N . 66.74 20.80 -12.23
H42 A1IZD N . 64.88 20.93 -13.63
H43 A1IZD N . 65.15 21.41 -15.88
H44 A1IZD N . 66.39 23.24 -19.42
C4 A1IZD O . -12.11 -0.38 47.88
C14 A1IZD O . -11.14 -4.44 43.08
C5 A1IZD O . -11.49 0.84 47.27
C6 A1IZD O . -12.91 1.04 45.22
C11 A1IZD O . -11.13 -2.90 43.26
C7 A1IZD O . -12.93 1.82 43.92
C8 A1IZD O . -13.72 1.13 42.82
C9 A1IZD O . -12.25 -0.73 42.24
C10 A1IZD O . -12.13 -2.25 42.23
C12 A1IZD O . -11.50 -2.64 44.72
C13 A1IZD O . -9.72 -2.32 43.06
N1 A1IZD O . -11.73 1.03 45.84
N2 A1IZD O . -13.41 -0.28 42.71
C3 A1IZD O . -10.62 0.47 50.40
N3 A1IZD O . -19.13 -9.62 39.59
C1 A1IZD O . -9.37 0.58 52.57
C2 A1IZD O . -9.92 -0.36 51.50
O1 A1IZD O . -10.07 1.54 50.09
S1 A1IZD O . -12.09 -0.36 49.71
O2 A1IZD O . -13.96 0.48 45.67
O3 A1IZD O . -11.33 0.00 41.83
O4 A1IZD O . -13.47 -2.71 42.39
O5 A1IZD O . -11.05 -4.76 41.66
P1 A1IZD O . -11.62 -6.11 41.02
O6 A1IZD O . -10.78 -6.10 39.80
O7 A1IZD O . -11.63 -7.22 42.01
O8 A1IZD O . -13.16 -5.79 40.62
P2 A1IZD O . -13.90 -4.89 39.50
O9 A1IZD O . -14.77 -3.85 40.07
O10 A1IZD O . -12.92 -4.41 38.47
O11 A1IZD O . -14.90 -5.97 38.87
C15 A1IZD O . -15.33 -7.10 39.68
C16 A1IZD O . -16.60 -7.66 39.10
O12 A1IZD O . -16.87 -8.99 39.60
C17 A1IZD O . -17.92 -9.50 38.78
C18 A1IZD O . -19.65 -8.69 40.45
N4 A1IZD O . -20.74 -9.08 41.06
C19 A1IZD O . -20.96 -10.35 40.55
C20 A1IZD O . -21.96 -11.30 40.79
N5 A1IZD O . -22.97 -11.12 41.64
N6 A1IZD O . -21.89 -12.48 40.13
C21 A1IZD O . -20.87 -12.66 39.29
N7 A1IZD O . -19.87 -11.85 38.98
C22 A1IZD O . -19.97 -10.70 39.65
C23 A1IZD O . -18.13 -8.51 37.61
O13 A1IZD O . -18.44 -9.13 36.40
C24 A1IZD O . -16.76 -7.84 37.59
O14 A1IZD O . -15.81 -8.75 37.00
P3 A1IZD O . -15.24 -8.75 35.48
O15 A1IZD O . -16.42 -9.16 34.62
O16 A1IZD O . -14.84 -7.36 34.95
O17 A1IZD O . -14.07 -9.70 35.62
C25 A1IZD O . -10.77 -1.53 51.99
C26 A1IZD O . -12.04 -1.37 52.52
C27 A1IZD O . -12.78 -2.45 52.96
C28 A1IZD O . -12.25 -3.73 52.87
C29 A1IZD O . -10.99 -3.94 52.32
C30 A1IZD O . -10.38 -5.30 52.26
O18 A1IZD O . -9.72 -5.62 51.27
C31 A1IZD O . -10.49 -6.20 53.44
C32 A1IZD O . -10.37 -7.59 53.33
C33 A1IZD O . -10.46 -8.39 54.46
C34 A1IZD O . -10.68 -7.83 55.70
C35 A1IZD O . -10.81 -6.47 55.84
C36 A1IZD O . -10.70 -5.65 54.72
C37 A1IZD O . -10.25 -2.83 51.91
H6 A1IZD O . -11.61 -1.18 47.58
H5 A1IZD O . -13.03 -0.47 47.58
H24 A1IZD O . -10.39 -4.83 43.57
H23 A1IZD O . -11.96 -4.81 43.46
H8 A1IZD O . -11.83 1.62 47.74
H7 A1IZD O . -10.52 0.81 47.43
H11 A1IZD O . -13.32 2.70 44.08
H10 A1IZD O . -12.01 1.95 43.62
H13 A1IZD O . -14.68 1.24 43.00
H12 A1IZD O . -13.53 1.57 41.96
H15 A1IZD O . -11.82 -2.53 41.33
H18 A1IZD O . -11.47 -1.68 44.91
H19 A1IZD O . -10.86 -3.10 45.31
H17 A1IZD O . -12.39 -2.98 44.91
H21 A1IZD O . -9.70 -1.39 43.37
H22 A1IZD O . -9.50 -2.34 42.11
H20 A1IZD O . -9.08 -2.85 43.56
H9 A1IZD O . -11.04 1.26 45.36
H14 A1IZD O . -14.00 -0.86 42.98
H1 A1IZD O . -9.05 0.06 53.32
H2 A1IZD O . -10.07 1.18 52.88
H3 A1IZD O . -8.64 1.10 52.20
H4 A1IZD O . -9.12 -0.76 51.09
H16 A1IZD O . -13.49 -3.55 42.41
H26 A1IZD O . -14.62 -7.79 39.69
H25 A1IZD O . -15.50 -6.80 40.61
H27 A1IZD O . -17.34 -7.07 39.41
H28 A1IZD O . -17.67 -10.40 38.40
H29 A1IZD O . -19.26 -7.84 40.60
H30 A1IZD O . -23.58 -11.75 41.76
H31 A1IZD O . -23.04 -10.36 42.08
H32 A1IZD O . -20.86 -13.51 38.84
H33 A1IZD O . -18.83 -7.85 37.86
H34 A1IZD O . -18.58 -8.53 35.83
H35 A1IZD O . -16.76 -6.99 37.10
H36 A1IZD O . -12.41 -0.50 52.58
H37 A1IZD O . -13.64 -2.32 53.31
H38 A1IZD O . -12.76 -4.47 53.18
H39 A1IZD O . -10.22 -7.97 52.49
H40 A1IZD O . -10.38 -9.32 54.37
H41 A1IZD O . -10.76 -8.39 56.47
H42 A1IZD O . -10.96 -6.09 56.69
H43 A1IZD O . -10.78 -4.73 54.82
H44 A1IZD O . -9.38 -2.95 51.56
C4 A1IZD P . -16.44 23.16 65.82
C14 A1IZD P . -18.04 28.41 70.91
C5 A1IZD P . -16.55 23.63 67.29
C6 A1IZD P . -18.85 23.11 67.73
C11 A1IZD P . -18.06 26.90 70.74
C7 A1IZD P . -19.88 22.44 68.60
C8 A1IZD P . -20.99 23.41 69.01
C9 A1IZD P . -19.79 24.92 70.51
C10 A1IZD P . -19.52 26.38 70.89
C12 A1IZD P . -17.19 26.20 71.81
C13 A1IZD P . -17.46 26.54 69.37
N1 A1IZD P . -17.56 22.92 68.05
N2 A1IZD P . -20.48 24.73 69.39
C3 A1IZD P . -13.74 22.96 65.15
N3 A1IZD P . -25.06 34.92 69.09
C1 A1IZD P . -11.32 22.48 64.34
C2 A1IZD P . -12.34 23.54 64.77
O1 A1IZD P . -13.84 21.84 65.71
S1 A1IZD P . -15.16 24.03 64.86
O2 A1IZD P . -19.18 23.87 66.79
O3 A1IZD P . -19.46 24.02 71.30
O4 A1IZD P . -20.42 27.19 70.15
O5 A1IZD P . -18.73 28.74 72.16
P1 A1IZD P . -19.30 30.21 72.50
O6 A1IZD P . -19.32 30.12 73.98
O7 A1IZD P . -18.51 31.18 71.70
O8 A1IZD P . -20.78 30.12 71.88
P2 A1IZD P . -22.11 29.41 72.42
O9 A1IZD P . -22.59 28.26 71.62
O10 A1IZD P . -22.09 29.28 73.90
O11 A1IZD P . -23.14 30.57 71.98
C15 A1IZD P . -22.60 31.73 71.25
C16 A1IZD P . -23.75 32.66 70.99
O12 A1IZD P . -23.37 33.89 70.35
C17 A1IZD P . -24.58 34.67 70.43
C18 A1IZD P . -25.11 34.07 68.02
N4 A1IZD P . -25.59 34.62 66.92
C19 A1IZD P . -25.88 35.92 67.30
C20 A1IZD P . -26.41 37.01 66.60
N5 A1IZD P . -26.73 36.98 65.32
N6 A1IZD P . -26.57 38.17 67.28
C21 A1IZD P . -26.24 38.21 68.58
N7 A1IZD P . -25.73 37.24 69.34
C22 A1IZD P . -25.57 36.11 68.64
C23 A1IZD P . -25.57 33.89 71.30
O13 A1IZD P . -26.45 34.66 72.07
C24 A1IZD P . -24.57 33.15 72.17
O14 A1IZD P . -23.87 34.10 73.00
P3 A1IZD P . -24.38 34.37 74.54
O15 A1IZD P . -23.76 35.60 75.09
O16 A1IZD P . -24.14 33.10 75.37
O17 A1IZD P . -25.85 34.62 74.47
C25 A1IZD P . -12.54 24.73 63.85
C26 A1IZD P . -13.25 24.60 62.66
C27 A1IZD P . -13.45 25.69 61.84
C28 A1IZD P . -12.96 26.93 62.18
C29 A1IZD P . -12.25 27.11 63.36
C30 A1IZD P . -11.68 28.44 63.74
O18 A1IZD P . -11.86 28.84 64.88
C31 A1IZD P . -10.84 29.23 62.79
C32 A1IZD P . -10.86 29.05 61.40
C33 A1IZD P . -10.04 29.80 60.57
C34 A1IZD P . -9.18 30.74 61.11
C35 A1IZD P . -9.14 30.92 62.49
C36 A1IZD P . -9.96 30.17 63.32
C37 A1IZD P . -12.06 26.01 64.20
H6 A1IZD P . -17.30 23.29 65.37
H5 A1IZD P . -16.24 22.19 65.81
H24 A1IZD P . -17.12 28.73 70.95
H23 A1IZD P . -18.49 28.84 70.16
H8 A1IZD P . -15.68 23.52 67.72
H7 A1IZD P . -16.76 24.60 67.30
H11 A1IZD P . -20.27 21.69 68.10
H10 A1IZD P . -19.45 22.08 69.40
H13 A1IZD P . -21.62 23.52 68.26
H12 A1IZD P . -21.49 23.03 69.76
H15 A1IZD P . -19.75 26.49 71.84
H18 A1IZD P . -17.57 26.37 72.69
H19 A1IZD P . -16.29 26.55 71.76
H17 A1IZD P . -17.19 25.24 71.64
H21 A1IZD P . -18.06 26.85 68.66
H22 A1IZD P . -17.33 25.58 69.31
H20 A1IZD P . -16.59 26.99 69.27
H9 A1IZD P . -17.32 22.38 68.70
H14 A1IZD P . -20.66 25.40 68.86
H1 A1IZD P . -10.45 22.90 64.25
H2 A1IZD P . -11.58 22.10 63.49
H3 A1IZD P . -11.28 21.78 65.02
H4 A1IZD P . -11.95 23.92 65.60
H16 A1IZD P . -20.30 28.01 70.35
H26 A1IZD P . -21.91 32.19 71.79
H25 A1IZD P . -22.20 31.43 70.40
H27 A1IZD P . -24.36 32.17 70.38
H28 A1IZD P . -24.38 35.55 70.90
H29 A1IZD P . -24.81 33.18 68.05
H30 A1IZD P . -27.04 37.69 64.93
H31 A1IZD P . -26.62 36.22 64.86
H32 A1IZD P . -26.37 39.04 69.01
H33 A1IZD P . -26.08 33.24 70.74
H34 A1IZD P . -26.99 34.17 72.48
H35 A1IZD P . -24.96 32.43 72.70
H36 A1IZD P . -13.60 23.75 62.42
H37 A1IZD P . -13.93 25.58 61.02
H38 A1IZD P . -13.10 27.66 61.60
H39 A1IZD P . -11.44 28.42 61.02
H40 A1IZD P . -10.07 29.68 59.63
H41 A1IZD P . -8.62 31.26 60.55
H42 A1IZD P . -8.56 31.56 62.86
H43 A1IZD P . -9.92 30.31 64.25
H44 A1IZD P . -11.57 26.10 65.00
C4 A1IZD Q . -18.31 24.94 -9.54
C14 A1IZD Q . -24.97 24.79 -7.25
C5 A1IZD Q . -19.34 23.82 -9.51
C6 A1IZD Q . -20.45 24.51 -11.63
C11 A1IZD Q . -24.05 24.31 -8.41
C7 A1IZD Q . -21.24 24.05 -12.84
C8 A1IZD Q . -22.61 24.73 -13.03
C9 A1IZD Q . -23.94 24.14 -11.02
C10 A1IZD Q . -24.65 24.72 -9.80
C12 A1IZD Q . -22.67 24.94 -8.17
C13 A1IZD Q . -23.85 22.78 -8.35
N1 A1IZD Q . -19.99 23.56 -10.79
N2 A1IZD Q . -23.31 25.04 -11.79
C3 A1IZD Q . -16.47 23.72 -7.90
N3 A1IZD Q . -29.66 34.18 -8.35
C1 A1IZD Q . -14.62 22.54 -6.65
C2 A1IZD Q . -15.90 23.36 -6.49
O1 A1IZD Q . -16.25 22.99 -8.88
S1 A1IZD Q . -17.45 25.24 -7.96
O2 A1IZD Q . -20.26 25.74 -11.43
O3 A1IZD Q . -24.01 22.94 -11.28
O4 A1IZD Q . -24.67 26.14 -9.95
O5 A1IZD Q . -26.40 24.77 -7.64
P1 A1IZD Q . -27.51 25.84 -7.18
O6 A1IZD Q . -27.27 26.33 -5.80
O7 A1IZD Q . -28.77 25.09 -7.42
O8 A1IZD Q . -27.48 27.16 -8.17
P2 A1IZD Q . -27.99 27.47 -9.68
O9 A1IZD Q . -26.91 27.89 -10.61
O10 A1IZD Q . -28.74 26.28 -10.19
O11 A1IZD Q . -28.99 28.70 -9.45
C15 A1IZD Q . -28.69 29.67 -8.42
C16 A1IZD Q . -29.31 30.98 -8.84
O12 A1IZD Q . -29.45 31.89 -7.74
C17 A1IZD Q . -30.35 32.90 -8.21
C18 A1IZD Q . -28.42 34.45 -8.86
N4 A1IZD Q . -28.11 35.72 -8.84
C19 A1IZD Q . -29.24 36.33 -8.28
C20 A1IZD Q . -29.54 37.67 -7.98
N5 A1IZD Q . -28.72 38.70 -8.21
N6 A1IZD Q . -30.75 37.94 -7.44
C21 A1IZD Q . -31.58 36.91 -7.21
N7 A1IZD Q . -31.40 35.62 -7.44
C22 A1IZD Q . -30.20 35.38 -7.98
C23 A1IZD Q . -30.86 32.48 -9.58
O13 A1IZD Q . -32.12 33.09 -9.70
C24 A1IZD Q . -30.72 30.97 -9.43
O14 A1IZD Q . -31.64 30.37 -8.50
P3 A1IZD Q . -33.13 29.74 -8.73
O15 A1IZD Q . -33.24 28.39 -8.02
O16 A1IZD Q . -33.52 29.65 -10.20
O17 A1IZD Q . -33.88 30.79 -7.97
C25 A1IZD Q . -15.75 24.64 -5.68
C26 A1IZD Q . -14.97 25.65 -6.25
C27 A1IZD Q . -14.81 26.86 -5.62
C28 A1IZD Q . -15.41 27.08 -4.40
C29 A1IZD Q . -16.21 26.11 -3.80
C30 A1IZD Q . -16.76 26.47 -2.48
O18 A1IZD Q . -17.86 26.03 -2.14
C31 A1IZD Q . -15.90 27.29 -1.57
C32 A1IZD Q . -15.35 26.70 -0.44
C33 A1IZD Q . -14.52 27.44 0.40
C34 A1IZD Q . -14.19 28.75 0.09
C35 A1IZD Q . -14.69 29.34 -1.04
C36 A1IZD Q . -15.54 28.61 -1.87
C37 A1IZD Q . -16.38 24.88 -4.45
H6 A1IZD Q . -18.76 25.77 -9.80
H5 A1IZD Q . -17.63 24.74 -10.23
H24 A1IZD Q . -24.84 24.22 -6.47
H23 A1IZD Q . -24.73 25.70 -6.99
H8 A1IZD Q . -18.90 22.99 -9.21
H7 A1IZD Q . -20.03 24.04 -8.85
H11 A1IZD Q . -20.70 24.21 -13.64
H10 A1IZD Q . -21.37 23.09 -12.77
H13 A1IZD Q . -22.48 25.56 -13.54
H12 A1IZD Q . -23.18 24.14 -13.58
H15 A1IZD Q . -25.59 24.39 -9.81
H18 A1IZD Q . -22.08 24.72 -8.92
H19 A1IZD Q . -22.29 24.59 -7.34
H17 A1IZD Q . -22.76 25.90 -8.10
H21 A1IZD Q . -23.06 22.54 -8.87
H22 A1IZD Q . -24.63 22.33 -8.72
H20 A1IZD Q . -23.72 22.50 -7.43
H9 A1IZD Q . -20.11 22.74 -11.03
H14 A1IZD Q . -23.30 25.87 -11.53
H1 A1IZD Q . -14.24 22.38 -5.78
H2 A1IZD Q . -13.99 23.03 -7.19
H3 A1IZD Q . -14.83 21.69 -7.07
H4 A1IZD Q . -16.55 22.80 -6.02
H16 A1IZD Q . -25.10 26.49 -9.27
H26 A1IZD Q . -29.07 29.38 -7.55
H25 A1IZD Q . -27.71 29.78 -8.31
H27 A1IZD Q . -28.69 31.39 -9.51
H28 A1IZD Q . -31.13 33.00 -7.56
H29 A1IZD Q . -27.84 33.78 -9.19
H30 A1IZD Q . -28.96 39.51 -7.96
H31 A1IZD Q . -27.95 38.56 -8.61
H32 A1IZD Q . -32.41 37.15 -6.82
H33 A1IZD Q . -30.25 32.81 -10.29
H34 A1IZD Q . -32.46 32.92 -10.44
H35 A1IZD Q . -30.75 30.51 -10.31
H36 A1IZD Q . -14.56 25.51 -7.09
H37 A1IZD Q . -14.28 27.53 -6.01
H38 A1IZD Q . -15.29 27.91 -3.98
H39 A1IZD Q . -15.57 25.82 -0.21
H40 A1IZD Q . -14.17 27.04 1.19
H41 A1IZD Q . -13.64 29.23 0.66
H42 A1IZD Q . -14.48 30.23 -1.25
H43 A1IZD Q . -15.88 29.02 -2.65
H44 A1IZD Q . -16.91 24.20 -4.06
C4 A1IZD R . 7.99 21.57 -21.81
C14 A1IZD R . 14.90 21.55 -24.48
C5 A1IZD R . 9.51 21.66 -21.61
C6 A1IZD R . 9.83 23.98 -22.23
C11 A1IZD R . 14.06 22.31 -23.47
C7 A1IZD R . 10.30 25.36 -21.79
C8 A1IZD R . 11.22 26.13 -22.76
C9 A1IZD R . 13.23 24.68 -22.92
C10 A1IZD R . 14.03 23.82 -23.87
C12 A1IZD R . 14.60 22.22 -22.05
C13 A1IZD R . 12.67 21.68 -23.55
N1 A1IZD R . 9.94 23.02 -21.30
N2 A1IZD R . 12.15 25.27 -23.47
C3 A1IZD R . 7.11 19.13 -20.79
N3 A1IZD R . 16.38 24.52 -33.74
C1 A1IZD R . 6.16 17.11 -19.59
C2 A1IZD R . 7.07 17.57 -20.71
O1 A1IZD R . 6.96 19.70 -19.70
S1 A1IZD R . 7.43 19.93 -22.42
O2 A1IZD R . 9.40 23.74 -23.40
O3 A1IZD R . 13.60 24.82 -21.73
O4 A1IZD R . 13.52 23.91 -25.18
O5 A1IZD R . 16.20 22.16 -24.49
P1 A1IZD R . 17.19 22.08 -25.75
O6 A1IZD R . 18.43 22.58 -25.10
O7 A1IZD R . 16.99 20.77 -26.41
O8 A1IZD R . 16.67 23.19 -26.79
P2 A1IZD R . 16.80 24.78 -26.77
O9 A1IZD R . 15.43 25.36 -26.69
O10 A1IZD R . 17.77 25.37 -25.79
O11 A1IZD R . 17.40 25.05 -28.23
C15 A1IZD R . 17.34 24.00 -29.24
C16 A1IZD R . 17.28 24.68 -30.59
O12 A1IZD R . 17.28 23.72 -31.69
C17 A1IZD R . 17.52 24.55 -32.84
C18 A1IZD R . 15.03 24.65 -33.50
N4 A1IZD R . 14.31 24.54 -34.58
C19 A1IZD R . 15.22 24.37 -35.60
C20 A1IZD R . 15.09 24.19 -36.99
N5 A1IZD R . 13.92 24.15 -37.63
N6 A1IZD R . 16.22 24.05 -37.71
C21 A1IZD R . 17.40 24.07 -37.09
N7 A1IZD R . 17.64 24.21 -35.80
C22 A1IZD R . 16.51 24.36 -35.09
C23 A1IZD R . 17.75 25.99 -32.37
O13 A1IZD R . 18.53 26.69 -33.32
C24 A1IZD R . 18.35 25.70 -31.00
O14 A1IZD R . 19.73 25.25 -31.06
P3 A1IZD R . 20.96 25.89 -30.20
O15 A1IZD R . 20.64 26.03 -28.72
O16 A1IZD R . 21.99 24.84 -30.44
O17 A1IZD R . 21.34 27.29 -30.67
C25 A1IZD R . 6.86 17.01 -22.11
C26 A1IZD R . 5.78 17.40 -22.89
C27 A1IZD R . 5.63 16.91 -24.18
C28 A1IZD R . 6.56 16.04 -24.71
C29 A1IZD R . 7.65 15.63 -23.95
C30 A1IZD R . 8.64 14.66 -24.51
O18 A1IZD R . 9.84 14.85 -24.33
C31 A1IZD R . 8.14 13.44 -25.22
C32 A1IZD R . 9.09 12.56 -25.73
C33 A1IZD R . 8.67 11.41 -26.41
C34 A1IZD R . 7.33 11.14 -26.56
C35 A1IZD R . 6.38 12.01 -26.05
C36 A1IZD R . 6.78 13.15 -25.39
C37 A1IZD R . 7.81 16.14 -22.65
H6 A1IZD R . 7.70 22.24 -22.45
H5 A1IZD R . 7.54 21.75 -20.95
H24 A1IZD R . 14.97 20.61 -24.21
H23 A1IZD R . 14.50 21.60 -25.37
H8 A1IZD R . 9.78 21.07 -20.88
H7 A1IZD R . 9.96 21.36 -22.43
H11 A1IZD R . 9.50 25.91 -21.63
H10 A1IZD R . 10.75 25.28 -20.94
H13 A1IZD R . 10.66 26.60 -23.41
H12 A1IZD R . 11.72 26.79 -22.25
H15 A1IZD R . 14.97 24.15 -23.87
H18 A1IZD R . 15.29 22.89 -21.91
H19 A1IZD R . 14.99 21.33 -21.90
H17 A1IZD R . 13.88 22.36 -21.40
H21 A1IZD R . 12.32 21.76 -24.46
H22 A1IZD R . 12.07 22.14 -22.93
H20 A1IZD R . 12.72 20.74 -23.31
H9 A1IZD R . 10.25 23.20 -20.51
H14 A1IZD R . 11.99 25.12 -24.31
H1 A1IZD R . 6.04 16.15 -19.65
H2 A1IZD R . 5.31 17.57 -19.66
H3 A1IZD R . 6.58 17.32 -18.73
H4 A1IZD R . 7.97 17.28 -20.45
H16 A1IZD R . 13.97 23.42 -25.71
H26 A1IZD R . 18.13 23.42 -29.19
H25 A1IZD R . 16.53 23.45 -29.12
H27 A1IZD R . 16.41 25.15 -30.62
H28 A1IZD R . 18.35 24.22 -33.32
H29 A1IZD R . 14.68 24.75 -32.65
H30 A1IZD R . 13.90 24.04 -38.50
H31 A1IZD R . 13.17 24.25 -37.17
H32 A1IZD R . 18.16 23.96 -37.64
H33 A1IZD R . 16.88 26.45 -32.25
H34 A1IZD R . 18.63 27.48 -33.13
H35 A1IZD R . 18.28 26.50 -30.43
H36 A1IZD R . 5.15 18.01 -22.54
H37 A1IZD R . 4.90 17.18 -24.69
H38 A1IZD R . 6.43 15.71 -25.58
H39 A1IZD R . 10.01 12.73 -25.63
H40 A1IZD R . 9.31 10.82 -26.75
H41 A1IZD R . 7.06 10.36 -27.00
H42 A1IZD R . 5.47 11.82 -26.15
H43 A1IZD R . 6.14 13.73 -25.04
H44 A1IZD R . 8.55 15.86 -22.14
C4 A1IZD S . -70.67 6.89 5.54
C14 A1IZD S . -78.17 5.15 7.00
C5 A1IZD S . -72.20 6.89 5.51
C6 A1IZD S . -72.68 8.20 7.52
C11 A1IZD S . -76.82 5.87 7.12
C7 A1IZD S . -73.28 9.47 8.08
C8 A1IZD S . -74.15 9.19 9.30
C9 A1IZD S . -76.06 7.87 8.48
C10 A1IZD S . -76.75 6.51 8.54
C12 A1IZD S . -75.59 4.99 6.89
C13 A1IZD S . -76.89 6.87 5.96
N1 A1IZD S . -72.76 8.05 6.19
N2 A1IZD S . -74.94 7.97 9.20
C3 A1IZD S . -69.68 5.76 3.28
N3 A1IZD S . -78.81 0.08 16.28
C1 A1IZD S . -68.61 5.10 1.13
C2 A1IZD S . -69.51 4.62 2.27
O1 A1IZD S . -69.68 6.96 2.90
S1 A1IZD S . -69.95 5.30 5.00
O2 A1IZD S . -72.17 7.32 8.28
O3 A1IZD S . -76.54 8.79 7.79
O4 A1IZD S . -76.08 5.68 9.50
O5 A1IZD S . -78.30 4.14 8.00
P1 A1IZD S . -79.68 3.65 8.66
O6 A1IZD S . -79.55 2.20 8.35
O7 A1IZD S . -80.73 4.68 8.50
O8 A1IZD S . -79.43 3.72 10.24
P2 A1IZD S . -79.40 4.95 11.28
O9 A1IZD S . -78.01 5.43 11.51
O10 A1IZD S . -80.38 6.02 10.93
O11 A1IZD S . -79.80 4.17 12.62
C15 A1IZD S . -79.69 2.71 12.66
C16 A1IZD S . -79.72 2.29 14.11
O12 A1IZD S . -79.69 0.85 14.24
C17 A1IZD S . -79.99 0.63 15.61
C18 A1IZD S . -77.49 0.43 16.17
N4 A1IZD S . -76.69 -0.29 16.90
C19 A1IZD S . -77.54 -1.20 17.53
C20 A1IZD S . -77.30 -2.25 18.44
N5 A1IZD S . -76.09 -2.60 18.89
N6 A1IZD S . -78.38 -2.96 18.86
C21 A1IZD S . -79.59 -2.62 18.41
N7 A1IZD S . -79.93 -1.66 17.56
C22 A1IZD S . -78.84 -0.98 17.15
C23 A1IZD S . -80.42 1.95 16.23
O13 A1IZD S . -81.42 1.69 17.16
C24 A1IZD S . -80.91 2.68 14.99
O14 A1IZD S . -82.17 2.19 14.50
P3 A1IZD S . -83.64 2.91 14.43
O15 A1IZD S . -84.38 1.94 13.54
O16 A1IZD S . -84.24 3.17 15.81
O17 A1IZD S . -83.56 4.31 13.90
C25 A1IZD S . -69.06 3.29 2.87
C26 A1IZD S . -67.93 3.25 3.67
C27 A1IZD S . -67.52 2.05 4.23
C28 A1IZD S . -68.20 0.87 3.95
C29 A1IZD S . -69.33 0.89 3.14
C30 A1IZD S . -70.00 -0.41 2.87
O18 A1IZD S . -71.08 -0.45 2.29
C31 A1IZD S . -69.31 -1.68 3.27
C32 A1IZD S . -68.20 -2.12 2.56
C33 A1IZD S . -67.53 -3.27 2.96
C34 A1IZD S . -67.94 -3.99 4.07
C35 A1IZD S . -69.04 -3.56 4.80
C36 A1IZD S . -69.72 -2.40 4.41
C37 A1IZD S . -69.75 2.10 2.60
H6 A1IZD S . -70.37 7.07 6.46
H5 A1IZD S . -70.34 7.60 4.97
H24 A1IZD S . -78.91 5.80 7.08
H23 A1IZD S . -78.25 4.74 6.12
H8 A1IZD S . -72.51 6.88 4.58
H7 A1IZD S . -72.53 6.07 5.94
H11 A1IZD S . -72.56 10.08 8.32
H10 A1IZD S . -73.82 9.89 7.39
H13 A1IZD S . -73.57 9.13 10.09
H12 A1IZD S . -74.75 9.95 9.43
H15 A1IZD S . -77.67 6.64 8.85
H18 A1IZD S . -74.79 5.49 7.13
H19 A1IZD S . -75.54 4.73 5.94
H17 A1IZD S . -75.65 4.19 7.44
H21 A1IZD S . -76.04 7.33 5.88
H22 A1IZD S . -77.60 7.51 6.12
H20 A1IZD S . -77.08 6.39 5.13
H9 A1IZD S . -73.14 8.67 5.71
H14 A1IZD S . -74.67 7.28 9.65
H1 A1IZD S . -68.41 4.37 0.55
H2 A1IZD S . -67.79 5.47 1.50
H3 A1IZD S . -69.07 5.80 0.63
H4 A1IZD S . -70.38 4.45 1.86
H16 A1IZD S . -76.50 4.93 9.54
H26 A1IZD S . -80.43 2.29 12.16
H25 A1IZD S . -78.83 2.42 12.25
H27 A1IZD S . -78.90 2.64 14.52
H28 A1IZD S . -80.76 -0.04 15.69
H29 A1IZD S . -77.20 1.14 15.62
H30 A1IZD S . -76.01 -3.27 19.45
H31 A1IZD S . -75.38 -2.15 18.63
H32 A1IZD S . -80.30 -3.14 18.74
H33 A1IZD S . -79.64 2.41 16.64
H34 A1IZD S . -81.65 2.33 17.56
H35 A1IZD S . -80.94 3.66 15.13
H36 A1IZD S . -67.46 4.03 3.88
H37 A1IZD S . -66.75 2.02 4.79
H38 A1IZD S . -67.90 0.07 4.33
H39 A1IZD S . -67.90 -1.64 1.81
H40 A1IZD S . -66.78 -3.57 2.46
H41 A1IZD S . -67.48 -4.76 4.33
H42 A1IZD S . -69.32 -4.04 5.56
H43 A1IZD S . -70.46 -2.11 4.91
H44 A1IZD S . -70.50 2.13 2.02
C4 A1IZD T . -45.37 19.93 -0.04
C14 A1IZD T . -38.66 22.05 -1.66
C5 A1IZD T . -44.13 19.44 -0.75
C6 A1IZD T . -42.92 18.72 1.27
C11 A1IZD T . -39.45 20.78 -1.21
C7 A1IZD T . -42.12 17.61 1.93
C8 A1IZD T . -40.79 18.01 2.60
C9 A1IZD T . -39.51 18.97 0.66
C10 A1IZD T . -38.87 20.25 0.14
C12 A1IZD T . -40.92 21.19 -1.07
C13 A1IZD T . -39.40 19.68 -2.29
N1 A1IZD T . -43.38 18.46 0.04
N2 A1IZD T . -40.06 19.06 1.88
C3 A1IZD T . -47.12 20.07 -2.34
N3 A1IZD T . -34.63 28.35 5.32
C1 A1IZD T . -48.94 20.07 -4.11
C2 A1IZD T . -47.76 20.86 -3.55
O1 A1IZD T . -47.16 18.81 -2.35
S1 A1IZD T . -46.37 21.10 -1.04
O2 A1IZD T . -43.15 19.81 1.85
O3 A1IZD T . -39.51 17.94 -0.07
O4 A1IZD T . -38.95 21.25 1.16
O5 A1IZD T . -37.22 21.85 -1.58
P1 A1IZD T . -36.16 23.03 -1.31
O6 A1IZD T . -34.88 22.49 -1.87
O7 A1IZD T . -36.68 24.32 -1.80
O8 A1IZD T . -36.07 23.21 0.31
P2 A1IZD T . -35.58 22.41 1.63
O9 A1IZD T . -36.68 22.10 2.59
O10 A1IZD T . -34.70 21.28 1.22
O11 A1IZD T . -34.68 23.55 2.29
C15 A1IZD T . -35.13 24.93 2.24
C16 A1IZD T . -34.65 25.60 3.51
O12 A1IZD T . -34.63 27.03 3.36
C17 A1IZD T . -33.81 27.53 4.43
C18 A1IZD T . -35.87 28.12 5.82
N4 A1IZD T . -36.32 29.05 6.62
C19 A1IZD T . -35.28 29.97 6.66
C20 A1IZD T . -35.13 31.20 7.33
N5 A1IZD T . -36.04 31.74 8.14
N6 A1IZD T . -33.97 31.86 7.15
C21 A1IZD T . -33.04 31.33 6.35
N7 A1IZD T . -33.07 30.20 5.67
C22 A1IZD T . -34.23 29.55 5.87
C23 A1IZD T . -33.24 26.31 5.15
O13 A1IZD T . -31.96 26.52 5.72
C24 A1IZD T . -33.23 25.32 4.00
O14 A1IZD T . -32.29 25.72 3.01
P3 A1IZD T . -30.74 25.25 2.81
O15 A1IZD T . -30.28 26.53 2.14
O16 A1IZD T . -30.12 24.79 4.10
O17 A1IZD T . -30.63 24.11 1.86
C25 A1IZD T . -47.99 22.35 -3.25
C26 A1IZD T . -48.74 22.74 -2.15
C27 A1IZD T . -48.92 24.08 -1.86
C28 A1IZD T . -48.38 25.06 -2.67
C29 A1IZD T . -47.61 24.70 -3.77
C30 A1IZD T . -47.04 25.77 -4.65
O18 A1IZD T . -45.87 25.68 -5.03
C31 A1IZD T . -47.89 26.91 -5.10
C32 A1IZD T . -49.23 27.07 -4.71
C33 A1IZD T . -49.96 28.16 -5.14
C34 A1IZD T . -49.40 29.09 -5.99
C35 A1IZD T . -48.10 28.94 -6.40
C36 A1IZD T . -47.34 27.86 -5.96
C37 A1IZD T . -47.41 23.35 -4.05
H6 A1IZD T . -45.13 20.38 0.79
H5 A1IZD T . -45.93 19.16 0.18
H24 A1IZD T . -38.91 22.28 -2.59
H23 A1IZD T . -38.92 22.80 -1.10
H8 A1IZD T . -44.38 19.05 -1.61
H7 A1IZD T . -43.54 20.21 -0.94
H11 A1IZD T . -42.68 17.20 2.60
H10 A1IZD T . -41.93 16.93 1.26
H13 A1IZD T . -40.98 18.32 3.50
H12 A1IZD T . -40.22 17.22 2.66
H15 A1IZD T . -37.92 20.07 -0.01
H18 A1IZD T . -41.45 20.42 -0.75
H19 A1IZD T . -41.28 21.47 -1.93
H17 A1IZD T . -41.00 21.92 -0.43
H21 A1IZD T . -40.16 19.07 -2.18
H22 A1IZD T . -38.56 19.18 -2.20
H20 A1IZD T . -39.44 20.08 -3.17
H9 A1IZD T . -43.23 17.68 -0.33
H14 A1IZD T . -39.98 19.83 2.30
H1 A1IZD T . -49.38 20.60 -4.79
H2 A1IZD T . -49.56 19.88 -3.39
H3 A1IZD T . -48.62 19.23 -4.49
H4 A1IZD T . -47.09 20.85 -4.28
H16 A1IZD T . -38.56 21.97 0.89
H26 A1IZD T . -34.75 25.38 1.45
H25 A1IZD T . -36.12 24.96 2.20
H27 A1IZD T . -35.29 25.36 4.23
H28 A1IZD T . -33.05 28.09 4.04
H29 A1IZD T . -36.38 27.35 5.61
H30 A1IZD T . -35.87 32.51 8.54
H31 A1IZD T . -36.81 31.33 8.28
H32 A1IZD T . -32.25 31.84 6.25
H33 A1IZD T . -33.87 26.00 5.85
H34 A1IZD T . -31.79 25.90 6.20
H35 A1IZD T . -33.10 24.39 4.27
H36 A1IZD T . -49.11 22.09 -1.58
H37 A1IZD T . -49.43 24.34 -1.11
H38 A1IZD T . -48.51 25.96 -2.46
H39 A1IZD T . -49.62 26.45 -4.13
H40 A1IZD T . -50.86 28.27 -4.87
H41 A1IZD T . -49.91 29.83 -6.30
H42 A1IZD T . -47.70 29.58 -6.98
H43 A1IZD T . -46.45 27.77 -6.24
H44 A1IZD T . -46.91 23.09 -4.81
C4 A1IZD U . 20.68 -40.03 -20.58
C14 A1IZD U . 19.76 -36.62 -14.10
C5 A1IZD U . 19.82 -39.30 -19.52
C6 A1IZD U . 20.21 -37.04 -20.18
C11 A1IZD U . 19.32 -36.54 -15.59
C7 A1IZD U . 19.65 -35.73 -20.67
C8 A1IZD U . 20.14 -34.51 -19.89
C9 A1IZD U . 19.27 -34.92 -17.63
C10 A1IZD U . 19.67 -35.14 -16.18
C12 A1IZD U . 20.04 -37.65 -16.35
C13 A1IZD U . 17.82 -36.78 -15.77
N1 A1IZD U . 19.32 -38.03 -19.99
N2 A1IZD U . 20.29 -34.75 -18.47
C3 A1IZD U . 19.95 -42.72 -20.65
N3 A1IZD U . 27.27 -31.48 -10.20
C1 A1IZD U . 19.36 -45.15 -21.01
C2 A1IZD U . 19.91 -44.14 -20.00
O1 A1IZD U . 19.06 -42.38 -21.46
S1 A1IZD U . 21.30 -41.66 -20.06
O2 A1IZD U . 21.43 -37.20 -19.93
O3 A1IZD U . 18.05 -34.89 -17.98
O4 A1IZD U . 21.10 -34.96 -16.09
O5 A1IZD U . 19.29 -35.46 -13.36
P1 A1IZD U . 19.92 -34.91 -11.99
O6 A1IZD U . 20.77 -35.91 -11.32
O7 A1IZD U . 18.78 -34.13 -11.43
O8 A1IZD U . 21.07 -33.91 -12.50
P2 A1IZD U . 21.04 -32.49 -13.23
O9 A1IZD U . 19.73 -31.81 -13.20
O10 A1IZD U . 21.63 -32.62 -14.60
O11 A1IZD U . 22.16 -31.77 -12.32
C15 A1IZD U . 23.10 -32.59 -11.56
C16 A1IZD U . 24.25 -31.71 -11.16
O12 A1IZD U . 25.10 -32.29 -10.15
C17 A1IZD U . 25.92 -31.19 -9.75
C18 A1IZD U . 27.69 -31.96 -11.42
N4 A1IZD U . 28.99 -32.12 -11.49
C19 A1IZD U . 29.44 -31.71 -10.26
C20 A1IZD U . 30.73 -31.64 -9.72
N5 A1IZD U . 31.84 -32.02 -10.35
N6 A1IZD U . 30.84 -31.19 -8.45
C21 A1IZD U . 29.74 -30.82 -7.79
N7 A1IZD U . 28.47 -30.83 -8.21
C22 A1IZD U . 28.39 -31.31 -9.46
C23 A1IZD U . 25.39 -29.90 -10.40
O13 A1IZD U . 25.39 -28.72 -9.64
C24 A1IZD U . 23.95 -30.34 -10.55
O14 A1IZD U . 23.40 -30.36 -9.23
P3 A1IZD U . 22.31 -29.30 -8.68
O15 A1IZD U . 22.37 -29.77 -7.27
O16 A1IZD U . 22.68 -27.86 -9.06
O17 A1IZD U . 20.99 -29.53 -9.37
C25 A1IZD U . 21.23 -44.48 -19.33
C26 A1IZD U . 22.43 -44.40 -20.04
C27 A1IZD U . 23.64 -44.69 -19.43
C28 A1IZD U . 23.67 -45.08 -18.10
C29 A1IZD U . 22.49 -45.17 -17.36
C30 A1IZD U . 22.53 -45.61 -15.93
O18 A1IZD U . 21.87 -45.00 -15.11
C31 A1IZD U . 23.38 -46.78 -15.52
C32 A1IZD U . 23.50 -47.10 -14.17
C33 A1IZD U . 24.28 -48.18 -13.77
C34 A1IZD U . 24.95 -48.95 -14.69
C35 A1IZD U . 24.85 -48.65 -16.02
C36 A1IZD U . 24.06 -47.59 -16.45
C37 A1IZD U . 21.27 -44.86 -17.98
H6 A1IZD U . 21.44 -39.46 -20.82
H5 A1IZD U . 20.14 -40.15 -21.39
H24 A1IZD U . 19.41 -37.43 -13.69
H23 A1IZD U . 20.74 -36.66 -14.06
H8 A1IZD U . 19.08 -39.87 -19.27
H7 A1IZD U . 20.38 -39.16 -18.72
H11 A1IZD U . 19.89 -35.62 -21.61
H10 A1IZD U . 18.67 -35.76 -20.62
H13 A1IZD U . 21.00 -34.23 -20.26
H12 A1IZD U . 19.50 -33.77 -20.03
H15 A1IZD U . 19.24 -34.46 -15.61
H18 A1IZD U . 19.82 -37.59 -17.30
H19 A1IZD U . 19.77 -38.52 -16.01
H17 A1IZD U . 21.01 -37.55 -16.24
H21 A1IZD U . 17.64 -37.06 -16.69
H22 A1IZD U . 17.33 -35.95 -15.58
H20 A1IZD U . 17.51 -37.47 -15.15
H9 A1IZD U . 18.47 -37.92 -20.15
H14 A1IZD U . 21.10 -34.79 -18.15
H1 A1IZD U . 19.39 -46.04 -20.61
H2 A1IZD U . 19.89 -45.15 -21.82
H3 A1IZD U . 18.44 -44.93 -21.22
H4 A1IZD U . 19.24 -44.11 -19.28
H16 A1IZD U . 21.34 -35.08 -15.28
H26 A1IZD U . 22.66 -32.96 -10.75
H25 A1IZD U . 23.44 -33.34 -12.11
H27 A1IZD U . 24.79 -31.57 -11.98
H28 A1IZD U . 25.91 -31.10 -8.74
H29 A1IZD U . 27.09 -32.18 -12.12
H30 A1IZD U . 32.62 -31.96 -9.95
H31 A1IZD U . 31.78 -32.33 -11.18
H32 A1IZD U . 29.87 -30.50 -6.91
H33 A1IZD U . 25.81 -29.76 -11.28
H34 A1IZD U . 25.08 -28.10 -10.09
H35 A1IZD U . 23.42 -29.75 -11.15
H36 A1IZD U . 22.42 -44.13 -20.94
H37 A1IZD U . 24.44 -44.63 -19.92
H38 A1IZD U . 24.49 -45.29 -17.69
H39 A1IZD U . 23.05 -46.58 -13.52
H40 A1IZD U . 24.35 -48.38 -12.85
H41 A1IZD U . 25.47 -49.67 -14.41
H42 A1IZD U . 25.30 -49.18 -16.66
H43 A1IZD U . 24.00 -47.40 -17.36
H44 A1IZD U . 20.47 -44.92 -17.50
C4 A1IZD V . 22.16 -50.89 -48.41
C14 A1IZD V . 23.77 -53.76 -53.94
C5 A1IZD V . 22.95 -51.68 -47.49
C6 A1IZD V . 25.19 -51.47 -48.48
C11 A1IZD V . 24.34 -53.80 -52.52
C7 A1IZD V . 26.54 -52.10 -48.33
C8 A1IZD V . 27.51 -51.80 -49.47
C9 A1IZD V . 26.52 -53.27 -51.19
C10 A1IZD V . 25.82 -53.28 -52.55
C12 A1IZD V . 23.48 -52.89 -51.64
C13 A1IZD V . 24.18 -55.21 -51.95
N1 A1IZD V . 24.16 -52.23 -48.06
N2 A1IZD V . 26.91 -52.07 -50.77
C3 A1IZD V . 19.94 -51.07 -46.36
N3 A1IZD V . 27.46 -48.24 -61.21
C1 A1IZD V . 17.77 -51.44 -45.23
C2 A1IZD V . 18.45 -51.21 -46.58
O1 A1IZD V . 20.42 -51.70 -45.43
S1 A1IZD V . 20.81 -50.02 -47.55
O2 A1IZD V . 25.03 -50.34 -48.93
O3 A1IZD V . 26.71 -54.31 -50.56
O4 A1IZD V . 25.86 -51.94 -53.10
O5 A1IZD V . 24.62 -54.59 -54.82
P1 A1IZD V . 24.72 -54.30 -56.39
O6 A1IZD V . 25.37 -55.55 -56.88
O7 A1IZD V . 23.38 -53.80 -56.78
O8 A1IZD V . 25.80 -53.13 -56.46
P2 A1IZD V . 27.37 -53.06 -56.17
O9 A1IZD V . 27.67 -52.02 -55.16
O10 A1IZD V . 27.98 -54.41 -55.94
O11 A1IZD V . 27.78 -52.51 -57.61
C15 A1IZD V . 26.81 -51.79 -58.40
C16 A1IZD V . 27.57 -50.85 -59.29
O12 A1IZD V . 26.73 -50.28 -60.31
C17 A1IZD V . 27.65 -49.68 -61.21
C18 A1IZD V . 27.32 -47.42 -60.12
N4 A1IZD V . 27.14 -46.16 -60.42
C19 A1IZD V . 27.16 -46.14 -61.81
C20 A1IZD V . 27.02 -45.10 -62.74
N5 A1IZD V . 26.81 -43.84 -62.38
N6 A1IZD V . 27.07 -45.41 -64.06
C21 A1IZD V . 27.27 -46.69 -64.40
N7 A1IZD V . 27.42 -47.76 -63.62
C22 A1IZD V . 27.35 -47.41 -62.31
C23 A1IZD V . 29.06 -50.07 -60.79
O13 A1IZD V . 29.90 -50.21 -61.91
C24 A1IZD V . 28.74 -51.39 -60.10
O14 A1IZD V . 28.33 -52.46 -61.00
P3 A1IZD V . 29.34 -53.63 -61.52
O15 A1IZD V . 30.60 -53.84 -60.67
O16 A1IZD V . 29.76 -53.04 -62.83
O17 A1IZD V . 28.62 -54.93 -61.75
C25 A1IZD V . 17.89 -50.09 -47.44
C26 A1IZD V . 18.08 -48.74 -47.13
C27 A1IZD V . 17.59 -47.75 -47.97
C28 A1IZD V . 16.87 -48.10 -49.10
C29 A1IZD V . 16.66 -49.45 -49.43
C30 A1IZD V . 15.85 -49.85 -50.60
O18 A1IZD V . 16.13 -50.85 -51.25
C31 A1IZD V . 14.62 -49.06 -50.93
C32 A1IZD V . 14.02 -48.26 -49.95
C33 A1IZD V . 12.89 -47.50 -50.24
C34 A1IZD V . 12.33 -47.56 -51.50
C35 A1IZD V . 12.91 -48.36 -52.48
C36 A1IZD V . 14.04 -49.11 -52.20
C37 A1IZD V . 17.19 -50.43 -48.59
H6 A1IZD V . 21.77 -51.48 -49.10
H5 A1IZD V . 22.72 -50.23 -48.85
H24 A1IZD V . 22.85 -54.12 -53.94
H23 A1IZD V . 23.74 -52.85 -54.28
H8 A1IZD V . 23.19 -51.12 -46.72
H7 A1IZD V . 22.40 -52.42 -47.15
H11 A1IZD V . 26.94 -51.80 -47.50
H10 A1IZD V . 26.44 -53.07 -48.26
H13 A1IZD V . 27.78 -50.86 -49.43
H12 A1IZD V . 28.31 -52.36 -49.37
H15 A1IZD V . 26.32 -53.88 -53.16
H18 A1IZD V . 23.80 -52.90 -50.72
H19 A1IZD V . 22.55 -53.20 -51.66
H17 A1IZD V . 23.51 -51.98 -51.98
H21 A1IZD V . 24.33 -55.20 -50.99
H22 A1IZD V . 24.82 -55.81 -52.38
H20 A1IZD V . 23.27 -55.52 -52.12
H9 A1IZD V . 24.29 -53.09 -47.99
H14 A1IZD V . 26.79 -51.38 -51.30
H1 A1IZD V . 16.81 -51.40 -45.35
H2 A1IZD V . 18.05 -50.77 -44.60
H3 A1IZD V . 18.02 -52.33 -44.89
H4 A1IZD V . 18.30 -52.04 -47.08
H16 A1IZD V . 25.48 -51.95 -53.87
H26 A1IZD V . 26.28 -52.43 -58.95
H25 A1IZD V . 26.19 -51.28 -57.81
H27 A1IZD V . 27.90 -50.11 -58.72
H28 A1IZD V . 27.48 -50.04 -62.16
H29 A1IZD V . 27.36 -47.74 -59.24
H30 A1IZD V . 26.72 -43.21 -63.00
H31 A1IZD V . 26.76 -43.62 -61.53
H32 A1IZD V . 27.30 -46.86 -65.32
H33 A1IZD V . 29.43 -49.42 -60.14
H34 A1IZD V . 30.66 -50.43 -61.66
H35 A1IZD V . 29.47 -51.68 -59.52
H36 A1IZD V . 18.59 -48.50 -46.37
H37 A1IZD V . 17.73 -46.84 -47.76
H38 A1IZD V . 16.51 -47.42 -49.65
H39 A1IZD V . 14.39 -48.21 -49.09
H40 A1IZD V . 12.49 -46.96 -49.57
H41 A1IZD V . 11.57 -47.05 -51.70
H42 A1IZD V . 12.53 -48.39 -53.34
H43 A1IZD V . 14.43 -49.64 -52.87
H44 A1IZD V . 17.03 -51.35 -48.78
C4 A1IZD W . -2.84 -16.97 26.50
C14 A1IZD W . -5.82 -13.86 32.47
C5 A1IZD W . -3.04 -15.93 27.59
C6 A1IZD W . -1.55 -16.73 29.32
C11 A1IZD W . -4.40 -13.99 31.87
C7 A1IZD W . -0.29 -16.46 30.10
C8 A1IZD W . -0.38 -16.61 31.63
C9 A1IZD W . -2.00 -14.90 32.35
C10 A1IZD W . -3.42 -14.69 32.88
C12 A1IZD W . -4.54 -14.89 30.62
C13 A1IZD W . -3.89 -12.60 31.47
N1 A1IZD W . -1.86 -15.80 28.40
N2 A1IZD W . -1.68 -16.18 32.14
C3 A1IZD W . -3.93 -16.12 24.10
N3 A1IZD W . -9.07 -19.59 39.97
C1 A1IZD W . -4.68 -15.51 21.77
C2 A1IZD W . -5.12 -15.71 23.22
O1 A1IZD W . -2.81 -15.63 23.83
S1 A1IZD W . -4.33 -17.25 25.48
O2 A1IZD W . -2.29 -17.74 29.52
O3 A1IZD W . -1.22 -13.96 32.18
O4 A1IZD W . -3.99 -15.94 33.27
O5 A1IZD W . -5.68 -13.15 33.74
P1 A1IZD W . -6.65 -13.34 35.00
O6 A1IZD W . -6.20 -12.19 35.81
O7 A1IZD W . -8.06 -13.58 34.59
O8 A1IZD W . -6.20 -14.69 35.75
P2 A1IZD W . -4.93 -15.01 36.65
O9 A1IZD W . -4.02 -16.04 36.09
O10 A1IZD W . -4.20 -13.80 37.13
O11 A1IZD W . -5.67 -15.68 37.90
C15 A1IZD W . -7.04 -16.14 37.75
C16 A1IZD W . -7.28 -17.14 38.84
O12 A1IZD W . -8.67 -17.48 38.99
C17 A1IZD W . -8.72 -18.20 40.23
C18 A1IZD W . -8.52 -20.45 39.06
N4 A1IZD W . -9.08 -21.64 39.05
C19 A1IZD W . -10.06 -21.55 40.03
C20 A1IZD W . -11.00 -22.48 40.51
N5 A1IZD W . -11.15 -23.70 40.03
N6 A1IZD W . -11.84 -22.06 41.49
C21 A1IZD W . -11.72 -20.81 41.96
N7 A1IZD W . -10.86 -19.86 41.59
C22 A1IZD W . -10.05 -20.29 40.60
C23 A1IZD W . -7.35 -18.11 40.89
O13 A1IZD W . -7.46 -18.10 42.28
C24 A1IZD W . -6.87 -16.81 40.28
O14 A1IZD W . -7.62 -15.76 40.89
P3 A1IZD W . -7.16 -14.49 41.82
O15 A1IZD W . -8.37 -13.68 41.39
O16 A1IZD W . -7.14 -14.87 43.28
O17 A1IZD W . -5.75 -14.00 41.59
C25 A1IZD W . -6.29 -16.66 23.45
C26 A1IZD W . -6.18 -18.05 23.39
C27 A1IZD W . -7.26 -18.88 23.63
C28 A1IZD W . -8.48 -18.32 23.95
C29 A1IZD W . -8.63 -16.94 24.03
C30 A1IZD W . -9.92 -16.28 24.33
O18 A1IZD W . -9.94 -15.31 25.08
C31 A1IZD W . -11.19 -16.79 23.70
C32 A1IZD W . -12.43 -16.42 24.19
C33 A1IZD W . -13.59 -16.91 23.60
C34 A1IZD W . -13.51 -17.79 22.54
C35 A1IZD W . -12.29 -18.17 22.05
C36 A1IZD W . -11.13 -17.67 22.62
C37 A1IZD W . -7.53 -16.11 23.79
H6 A1IZD W . -2.58 -17.83 26.91
H5 A1IZD W . -2.11 -16.69 25.92
H24 A1IZD W . -6.39 -13.36 31.86
H23 A1IZD W . -6.21 -14.75 32.62
H8 A1IZD W . -3.25 -15.07 27.18
H7 A1IZD W . -3.80 -16.18 28.15
H11 A1IZD W . 0.40 -17.07 29.77
H10 A1IZD W . 0.01 -15.55 29.89
H13 A1IZD W . -0.24 -17.54 31.86
H12 A1IZD W . 0.32 -16.08 32.04
H15 A1IZD W . -3.36 -14.11 33.68
H18 A1IZD W . -3.68 -14.94 30.17
H19 A1IZD W . -5.19 -14.50 30.03
H17 A1IZD W . -4.82 -15.78 30.89
H21 A1IZD W . -3.12 -12.69 30.88
H22 A1IZD W . -3.63 -12.11 32.28
H20 A1IZD W . -4.60 -12.11 31.01
H9 A1IZD W . -1.34 -15.10 28.28
H14 A1IZD W . -2.27 -16.80 32.31
H1 A1IZD W . -5.47 -15.33 21.22
H2 A1IZD W . -4.23 -16.30 21.44
H3 A1IZD W . -4.08 -14.74 21.72
H4 A1IZD W . -5.43 -14.83 23.52
H16 A1IZD W . -4.79 -15.81 33.56
H26 A1IZD W . -7.67 -15.38 37.83
H25 A1IZD W . -7.16 -16.57 36.86
H27 A1IZD W . -6.79 -17.96 38.58
H28 A1IZD W . -9.42 -17.79 40.84
H29 A1IZD W . -7.81 -20.21 38.48
H30 A1IZD W . -11.77 -24.24 40.36
H31 A1IZD W . -10.63 -23.99 39.37
H32 A1IZD W . -12.32 -20.57 42.65
H33 A1IZD W . -6.76 -18.86 40.59
H34 A1IZD W . -6.71 -18.05 42.63
H35 A1IZD W . -5.91 -16.66 40.37
H36 A1IZD W . -5.34 -18.43 23.18
H37 A1IZD W . -7.17 -19.81 23.58
H38 A1IZD W . -9.22 -18.88 24.10
H39 A1IZD W . -12.49 -15.82 24.92
H40 A1IZD W . -14.43 -16.65 23.94
H41 A1IZD W . -14.31 -18.12 22.15
H42 A1IZD W . -12.24 -18.76 21.32
H43 A1IZD W . -10.30 -17.95 22.27
H44 A1IZD W . -7.62 -15.17 23.84
C4 A1IZD X . 11.96 -28.56 4.72
C14 A1IZD X . 15.06 -32.30 -1.03
C5 A1IZD X . 12.00 -29.30 3.38
C6 A1IZD X . 11.24 -31.56 3.93
C11 A1IZD X . 13.80 -32.16 -0.18
C7 A1IZD X . 10.31 -32.70 3.62
C8 A1IZD X . 11.01 -34.04 3.35
C9 A1IZD X . 12.09 -33.61 1.19
C10 A1IZD X . 13.42 -33.54 0.44
C12 A1IZD X . 14.17 -31.13 0.91
C13 A1IZD X . 12.61 -31.59 -0.97
N1 A1IZD X . 11.01 -30.39 3.32
N2 A1IZD X . 12.19 -33.93 2.48
C3 A1IZD X . 11.95 -25.82 4.57
N3 A1IZD X . 22.03 -39.00 0.80
C1 A1IZD X . 11.72 -23.37 4.82
C2 A1IZD X . 12.60 -24.46 4.23
O1 A1IZD X . 10.70 -25.91 4.56
S1 A1IZD X . 13.11 -27.16 4.89
O2 A1IZD X . 12.21 -31.71 4.69
O3 A1IZD X . 11.00 -33.40 0.62
O4 A1IZD X . 14.47 -33.91 1.33
O5 A1IZD X . 15.01 -33.49 -1.87
P1 A1IZD X . 16.31 -34.20 -2.49
O6 A1IZD X . 17.51 -33.33 -2.35
O7 A1IZD X . 15.74 -34.69 -3.77
O8 A1IZD X . 16.52 -35.40 -1.44
P2 A1IZD X . 15.69 -36.73 -1.03
O9 A1IZD X . 14.77 -37.26 -2.05
O10 A1IZD X . 15.10 -36.66 0.34
O11 A1IZD X . 16.99 -37.63 -0.85
C15 A1IZD X . 18.29 -37.00 -0.72
C16 A1IZD X . 19.25 -38.13 -0.42
O12 A1IZD X . 20.62 -37.75 -0.61
C17 A1IZD X . 21.29 -39.00 -0.45
C18 A1IZD X . 21.61 -38.57 2.04
N4 A1IZD X . 22.53 -38.68 2.96
C19 A1IZD X . 23.62 -39.22 2.30
C20 A1IZD X . 24.91 -39.58 2.73
N5 A1IZD X . 25.33 -39.44 3.99
N6 A1IZD X . 25.76 -40.10 1.82
C21 A1IZD X . 25.34 -40.24 0.56
N7 A1IZD X . 24.15 -39.94 0.03
C22 A1IZD X . 23.32 -39.42 0.96
C23 A1IZD X . 20.27 -40.13 -0.50
O13 A1IZD X . 20.75 -41.26 -1.20
C24 A1IZD X . 19.16 -39.41 -1.25
O14 A1IZD X . 19.45 -39.20 -2.65
P3 A1IZD X . 19.29 -40.20 -3.92
O15 A1IZD X . 20.33 -39.64 -4.86
O16 A1IZD X . 17.90 -40.16 -4.54
O17 A1IZD X . 19.48 -41.66 -3.48
C25 A1IZD X . 14.08 -24.40 4.60
C26 A1IZD X . 14.48 -24.63 5.90
C27 A1IZD X . 15.82 -24.59 6.24
C28 A1IZD X . 16.78 -24.33 5.29
C29 A1IZD X . 16.42 -24.10 3.98
C30 A1IZD X . 17.45 -23.75 2.96
O18 A1IZD X . 17.31 -24.18 1.83
C31 A1IZD X . 18.58 -22.81 3.31
C32 A1IZD X . 19.56 -22.55 2.35
C33 A1IZD X . 20.61 -21.68 2.64
C34 A1IZD X . 20.69 -21.06 3.87
C35 A1IZD X . 19.73 -21.32 4.83
C36 A1IZD X . 18.67 -22.17 4.54
C37 A1IZD X . 15.06 -24.15 3.63
H6 A1IZD X . 12.16 -29.21 5.44
H5 A1IZD X . 11.05 -28.23 4.87
H24 A1IZD X . 15.18 -31.51 -1.59
H23 A1IZD X . 15.85 -32.37 -0.45
H8 A1IZD X . 11.82 -28.65 2.66
H7 A1IZD X . 12.90 -29.66 3.23
H11 A1IZD X . 9.69 -32.81 4.36
H10 A1IZD X . 9.78 -32.47 2.83
H13 A1IZD X . 11.28 -34.44 4.20
H12 A1IZD X . 10.37 -34.67 2.93
H15 A1IZD X . 13.39 -34.20 -0.30
H18 A1IZD X . 13.42 -31.03 1.52
H19 A1IZD X . 14.37 -30.28 0.50
H17 A1IZD X . 14.95 -31.45 1.41
H21 A1IZD X . 11.97 -31.20 -0.35
H22 A1IZD X . 12.20 -32.30 -1.48
H20 A1IZD X . 12.94 -30.89 -1.58
H9 A1IZD X . 10.29 -30.27 2.83
H14 A1IZD X . 12.97 -34.07 2.83
H1 A1IZD X . 12.12 -22.51 4.65
H2 A1IZD X . 11.62 -23.50 5.77
H3 A1IZD X . 10.85 -23.40 4.39
H4 A1IZD X . 12.55 -24.34 3.25
H16 A1IZD X . 15.19 -33.89 0.89
H26 A1IZD X . 18.55 -36.54 -1.56
H25 A1IZD X . 18.29 -36.35 0.02
H27 A1IZD X . 19.11 -38.36 0.53
H28 A1IZD X . 21.95 -39.12 -1.22
H29 A1IZD X . 20.76 -38.22 2.20
H30 A1IZD X . 26.15 -39.70 4.20
H31 A1IZD X . 24.79 -39.11 4.60
H32 A1IZD X . 25.96 -40.61 -0.05
H33 A1IZD X . 19.98 -40.38 0.41
H34 A1IZD X . 20.17 -41.84 -1.20
H35 A1IZD X . 18.29 -39.87 -1.13
H36 A1IZD X . 13.84 -24.84 6.56
H37 A1IZD X . 16.08 -24.77 7.12
H38 A1IZD X . 17.69 -24.31 5.54
H39 A1IZD X . 19.52 -22.96 1.51
H40 A1IZD X . 21.27 -21.52 1.98
H41 A1IZD X . 21.41 -20.47 4.06
H42 A1IZD X . 19.78 -20.88 5.66
H43 A1IZD X . 18.03 -22.32 5.20
H44 A1IZD X . 14.79 -23.97 2.75
#